data_6WA1
#
_entry.id   6WA1
#
_entity_poly.entity_id   1
_entity_poly.type   'polypeptide(L)'
_entity_poly.pdbx_seq_one_letter_code
;DNQKALEEQMNSINSVNDKLNKGKGKLSLSMNGNQLKATSSNAGYGISYEDKNWGIFVNGEKVYTFNEKSTVGNISNDIN
KLNIKGMYIEIKQI
;
_entity_poly.pdbx_strand_id   A,B
#
# COMPACT_ATOMS: atom_id res chain seq x y z
N ASP A 1 -18.37 -20.70 -4.93
CA ASP A 1 -16.96 -21.06 -4.62
C ASP A 1 -16.08 -19.83 -4.79
N ASN A 2 -16.37 -19.04 -5.81
CA ASN A 2 -15.59 -17.82 -6.08
C ASN A 2 -16.09 -16.67 -5.22
N GLN A 3 -17.09 -16.94 -4.39
CA GLN A 3 -17.65 -15.91 -3.52
C GLN A 3 -16.56 -15.30 -2.65
N LYS A 4 -15.46 -16.02 -2.48
CA LYS A 4 -14.35 -15.53 -1.68
C LYS A 4 -14.03 -14.09 -2.06
N ALA A 5 -14.65 -13.60 -3.13
CA ALA A 5 -14.43 -12.25 -3.60
C ALA A 5 -14.69 -11.24 -2.50
N LEU A 6 -15.88 -11.31 -1.90
CA LEU A 6 -16.23 -10.38 -0.83
C LEU A 6 -15.07 -10.24 0.15
N GLU A 7 -14.76 -11.32 0.85
CA GLU A 7 -13.67 -11.32 1.82
C GLU A 7 -12.52 -10.44 1.34
N GLU A 8 -12.05 -10.68 0.13
CA GLU A 8 -10.94 -9.93 -0.41
C GLU A 8 -11.34 -8.49 -0.69
N GLN A 9 -12.62 -8.27 -0.81
CA GLN A 9 -13.14 -6.93 -1.06
C GLN A 9 -13.27 -6.18 0.26
N MET A 10 -12.91 -4.89 0.25
CA MET A 10 -12.98 -4.09 1.46
C MET A 10 -13.77 -2.80 1.22
N ASN A 11 -14.76 -2.58 2.05
CA ASN A 11 -15.61 -1.38 1.95
C ASN A 11 -14.86 -0.20 1.32
N SER A 12 -13.53 -0.23 1.36
CA SER A 12 -12.73 0.84 0.80
C SER A 12 -12.88 0.84 -0.71
N ILE A 13 -12.93 -0.34 -1.30
CA ILE A 13 -13.06 -0.47 -2.72
C ILE A 13 -14.37 0.15 -3.19
N ASN A 14 -15.22 0.50 -2.23
CA ASN A 14 -16.51 1.09 -2.55
C ASN A 14 -16.40 2.60 -2.76
N SER A 15 -16.12 3.32 -1.68
CA SER A 15 -15.98 4.76 -1.77
C SER A 15 -15.14 5.11 -2.98
N VAL A 16 -14.08 4.33 -3.18
CA VAL A 16 -13.19 4.53 -4.30
C VAL A 16 -13.97 4.38 -5.60
N ASN A 17 -14.49 3.19 -5.81
CA ASN A 17 -15.28 2.90 -7.00
C ASN A 17 -16.16 4.08 -7.38
N ASP A 18 -16.80 4.65 -6.37
CA ASP A 18 -17.69 5.79 -6.60
C ASP A 18 -16.88 7.07 -6.75
N LYS A 19 -15.71 7.11 -6.14
CA LYS A 19 -14.85 8.28 -6.22
C LYS A 19 -14.35 8.48 -7.66
N LEU A 20 -13.56 7.52 -8.14
CA LEU A 20 -13.01 7.58 -9.48
C LEU A 20 -14.11 7.90 -10.52
N ASN A 21 -15.35 8.04 -10.06
CA ASN A 21 -16.46 8.32 -10.95
C ASN A 21 -17.48 9.21 -10.26
N LYS A 22 -17.51 10.48 -10.62
CA LYS A 22 -18.44 11.42 -10.01
C LYS A 22 -19.03 12.39 -11.03
N GLY A 23 -19.16 11.98 -12.28
CA GLY A 23 -19.74 12.85 -13.29
C GLY A 23 -19.14 12.63 -14.68
N LYS A 24 -18.26 11.66 -14.82
CA LYS A 24 -17.65 11.40 -16.11
C LYS A 24 -18.74 11.07 -17.12
N GLY A 25 -18.60 9.95 -17.80
CA GLY A 25 -19.59 9.54 -18.77
C GLY A 25 -20.57 8.57 -18.15
N LYS A 26 -21.16 7.74 -18.98
CA LYS A 26 -22.09 6.76 -18.49
C LYS A 26 -21.31 5.50 -18.21
N LEU A 27 -20.93 5.30 -16.95
CA LEU A 27 -20.14 4.16 -16.59
C LEU A 27 -20.60 3.56 -15.27
N SER A 28 -20.71 2.25 -15.22
CA SER A 28 -21.14 1.56 -14.00
C SER A 28 -20.16 0.45 -13.64
N LEU A 29 -19.42 0.66 -12.56
CA LEU A 29 -18.45 -0.31 -12.11
C LEU A 29 -19.07 -1.34 -11.19
N SER A 30 -18.37 -2.46 -11.04
CA SER A 30 -18.81 -3.51 -10.14
C SER A 30 -17.66 -3.79 -9.17
N MET A 31 -17.98 -4.23 -7.97
CA MET A 31 -16.93 -4.46 -6.99
C MET A 31 -16.68 -5.93 -6.72
N ASN A 32 -15.54 -6.38 -7.22
CA ASN A 32 -15.10 -7.74 -7.00
C ASN A 32 -13.70 -7.66 -6.37
N GLY A 33 -13.57 -8.20 -5.16
CA GLY A 33 -12.29 -8.14 -4.45
C GLY A 33 -11.10 -7.91 -5.37
N ASN A 34 -10.72 -8.94 -6.11
CA ASN A 34 -9.57 -8.85 -6.99
C ASN A 34 -9.92 -8.40 -8.41
N GLN A 35 -11.14 -7.93 -8.63
CA GLN A 35 -11.52 -7.49 -9.97
C GLN A 35 -12.46 -6.31 -9.99
N LEU A 36 -12.30 -5.49 -11.02
CA LEU A 36 -13.17 -4.36 -11.25
C LEU A 36 -13.91 -4.71 -12.53
N LYS A 37 -15.11 -4.22 -12.70
CA LYS A 37 -15.84 -4.54 -13.91
C LYS A 37 -16.88 -3.49 -14.15
N ALA A 38 -16.81 -2.91 -15.31
CA ALA A 38 -17.69 -1.85 -15.65
C ALA A 38 -17.98 -1.80 -17.15
N THR A 39 -18.88 -0.90 -17.50
CA THR A 39 -19.24 -0.68 -18.89
C THR A 39 -19.55 0.80 -19.05
N SER A 40 -19.32 1.40 -20.22
CA SER A 40 -19.60 2.83 -20.32
C SER A 40 -19.81 3.36 -21.73
N SER A 41 -20.26 4.62 -21.79
CA SER A 41 -20.45 5.35 -23.04
C SER A 41 -19.50 6.55 -23.02
N ASN A 42 -19.03 6.95 -24.20
CA ASN A 42 -18.07 8.05 -24.28
C ASN A 42 -18.69 9.33 -24.86
N ALA A 43 -19.90 9.63 -24.46
CA ALA A 43 -20.57 10.82 -24.96
C ALA A 43 -20.31 12.05 -24.10
N GLY A 44 -20.63 11.94 -22.83
CA GLY A 44 -20.46 13.03 -21.88
C GLY A 44 -19.38 12.69 -20.89
N TYR A 45 -18.51 11.83 -21.33
CA TYR A 45 -17.40 11.36 -20.52
C TYR A 45 -16.53 12.48 -19.97
N GLY A 46 -16.00 12.27 -18.77
CA GLY A 46 -15.12 13.23 -18.12
C GLY A 46 -15.11 14.58 -18.82
N ILE A 47 -16.20 15.31 -18.69
CA ILE A 47 -16.32 16.61 -19.30
C ILE A 47 -15.78 17.69 -18.38
N SER A 48 -16.60 18.01 -17.39
CA SER A 48 -16.22 19.01 -16.40
C SER A 48 -14.84 18.69 -15.91
N TYR A 49 -14.53 17.41 -16.00
CA TYR A 49 -13.25 16.90 -15.56
C TYR A 49 -12.24 16.90 -16.71
N GLU A 50 -11.48 17.99 -16.80
CA GLU A 50 -10.47 18.14 -17.85
C GLU A 50 -9.47 16.99 -17.81
N ASP A 51 -8.22 17.28 -18.11
CA ASP A 51 -7.17 16.28 -18.11
C ASP A 51 -6.51 16.20 -16.73
N LYS A 52 -7.04 15.33 -15.88
CA LYS A 52 -6.49 15.16 -14.54
C LYS A 52 -5.93 13.75 -14.41
N ASN A 53 -4.96 13.56 -13.53
CA ASN A 53 -4.33 12.27 -13.39
C ASN A 53 -4.77 11.48 -12.16
N TRP A 54 -4.73 10.16 -12.30
CA TRP A 54 -5.06 9.25 -11.25
C TRP A 54 -3.94 8.21 -11.15
N GLY A 55 -3.77 7.65 -9.97
CA GLY A 55 -2.74 6.64 -9.79
C GLY A 55 -3.17 5.61 -8.77
N ILE A 56 -3.24 4.37 -9.20
CA ILE A 56 -3.64 3.30 -8.34
C ILE A 56 -2.42 2.53 -7.83
N PHE A 57 -2.38 2.21 -6.53
CA PHE A 57 -1.21 1.50 -5.96
C PHE A 57 -1.59 0.29 -5.12
N VAL A 58 -1.05 -0.85 -5.54
CA VAL A 58 -1.28 -2.10 -4.83
C VAL A 58 -0.03 -2.47 -4.04
N ASN A 59 -0.19 -3.14 -2.91
CA ASN A 59 0.98 -3.50 -2.12
C ASN A 59 1.87 -2.26 -1.96
N GLY A 60 1.31 -1.11 -2.33
CA GLY A 60 2.05 0.14 -2.27
C GLY A 60 2.88 0.32 -3.51
N GLU A 61 2.34 -0.21 -4.60
CA GLU A 61 2.98 -0.16 -5.88
C GLU A 61 1.95 0.13 -6.95
N LYS A 62 2.30 0.95 -7.92
CA LYS A 62 1.38 1.22 -9.00
C LYS A 62 0.67 -0.09 -9.35
N VAL A 63 -0.40 0.01 -10.10
CA VAL A 63 -1.16 -1.14 -10.53
C VAL A 63 -1.98 -0.78 -11.75
N TYR A 64 -2.09 0.53 -11.97
CA TYR A 64 -2.87 1.03 -13.10
C TYR A 64 -2.90 2.56 -13.10
N THR A 65 -2.67 3.17 -14.25
CA THR A 65 -2.65 4.63 -14.33
C THR A 65 -3.54 5.16 -15.46
N PHE A 66 -4.43 6.09 -15.12
CA PHE A 66 -5.30 6.70 -16.09
C PHE A 66 -5.60 8.16 -15.76
N ASN A 67 -5.83 8.89 -16.82
CA ASN A 67 -6.18 10.29 -16.76
C ASN A 67 -7.69 10.42 -16.67
N GLU A 68 -8.16 11.61 -16.34
CA GLU A 68 -9.59 11.84 -16.23
C GLU A 68 -10.21 12.07 -17.61
N LYS A 69 -9.37 12.50 -18.57
CA LYS A 69 -9.83 12.71 -19.92
C LYS A 69 -9.85 11.37 -20.65
N SER A 70 -8.84 10.56 -20.39
CA SER A 70 -8.74 9.24 -21.00
C SER A 70 -10.02 8.46 -20.76
N THR A 71 -10.96 9.10 -20.07
CA THR A 71 -12.23 8.47 -19.73
C THR A 71 -11.99 7.01 -19.35
N VAL A 72 -11.60 6.82 -18.09
CA VAL A 72 -11.32 5.48 -17.58
C VAL A 72 -12.29 4.45 -18.14
N GLY A 73 -13.56 4.83 -18.22
CA GLY A 73 -14.59 3.92 -18.66
C GLY A 73 -14.02 3.00 -19.71
N ASN A 74 -13.36 3.62 -20.67
CA ASN A 74 -12.72 2.92 -21.73
C ASN A 74 -11.56 2.12 -21.18
N ILE A 75 -10.80 2.79 -20.33
CA ILE A 75 -9.65 2.19 -19.70
C ILE A 75 -10.04 1.11 -18.71
N SER A 76 -10.57 1.54 -17.56
CA SER A 76 -10.97 0.60 -16.53
C SER A 76 -11.38 -0.72 -17.15
N ASN A 77 -11.95 -0.63 -18.36
CA ASN A 77 -12.34 -1.84 -19.07
C ASN A 77 -11.16 -2.77 -19.18
N ASP A 78 -10.21 -2.39 -20.00
CA ASP A 78 -9.01 -3.19 -20.18
C ASP A 78 -8.43 -3.56 -18.82
N ILE A 79 -8.13 -2.54 -18.05
CA ILE A 79 -7.60 -2.67 -16.71
C ILE A 79 -8.12 -3.91 -15.97
N ASN A 80 -9.38 -3.90 -15.63
CA ASN A 80 -9.97 -5.01 -14.87
C ASN A 80 -9.29 -6.33 -15.23
N LYS A 81 -8.78 -6.43 -16.44
CA LYS A 81 -8.14 -7.66 -16.89
C LYS A 81 -6.94 -8.03 -15.99
N LEU A 82 -6.40 -7.08 -15.24
CA LEU A 82 -5.27 -7.41 -14.37
C LEU A 82 -5.78 -7.93 -13.02
N ASN A 83 -7.07 -8.25 -12.99
CA ASN A 83 -7.69 -8.76 -11.79
C ASN A 83 -6.96 -8.28 -10.53
N ILE A 84 -7.23 -7.03 -10.18
CA ILE A 84 -6.63 -6.43 -9.01
C ILE A 84 -6.71 -7.38 -7.82
N LYS A 85 -6.33 -6.88 -6.67
CA LYS A 85 -6.37 -7.66 -5.44
C LYS A 85 -7.11 -6.87 -4.37
N GLY A 86 -7.19 -7.41 -3.15
CA GLY A 86 -7.91 -6.73 -2.11
C GLY A 86 -6.99 -5.96 -1.18
N MET A 87 -6.48 -6.64 -0.15
CA MET A 87 -5.67 -6.02 0.84
C MET A 87 -4.20 -6.44 0.85
N TYR A 88 -3.34 -5.57 0.35
CA TYR A 88 -1.91 -5.84 0.38
C TYR A 88 -1.14 -4.55 0.42
N ILE A 89 -0.28 -4.46 1.40
CA ILE A 89 0.55 -3.29 1.58
C ILE A 89 1.98 -3.77 1.78
N GLU A 90 2.99 -2.90 1.89
CA GLU A 90 4.31 -3.48 2.06
C GLU A 90 5.44 -2.49 2.25
N ILE A 91 6.60 -3.11 2.20
CA ILE A 91 7.88 -2.46 2.33
C ILE A 91 8.80 -3.01 1.24
N LYS A 92 9.77 -2.22 0.79
CA LYS A 92 10.68 -2.71 -0.24
C LYS A 92 11.99 -3.16 0.39
N GLN A 93 12.50 -4.26 -0.11
CA GLN A 93 13.74 -4.83 0.41
C GLN A 93 14.87 -4.73 -0.60
N ILE A 94 15.81 -3.83 -0.34
CA ILE A 94 16.96 -3.66 -1.19
C ILE A 94 16.70 -4.18 -2.61
N ASP B 1 -6.15 -2.05 27.38
CA ASP B 1 -6.97 -1.15 26.53
C ASP B 1 -6.24 -0.88 25.22
N ASN B 2 -4.92 -0.72 25.30
CA ASN B 2 -4.11 -0.45 24.11
C ASN B 2 -3.77 -1.76 23.40
N GLN B 3 -4.26 -2.87 23.94
CA GLN B 3 -3.99 -4.17 23.34
C GLN B 3 -4.45 -4.20 21.88
N LYS B 4 -5.34 -3.28 21.52
CA LYS B 4 -5.84 -3.20 20.17
C LYS B 4 -4.67 -3.27 19.18
N ALA B 5 -3.46 -3.18 19.70
CA ALA B 5 -2.26 -3.23 18.88
C ALA B 5 -2.24 -4.48 18.00
N LEU B 6 -2.39 -5.64 18.62
CA LEU B 6 -2.39 -6.89 17.88
C LEU B 6 -3.26 -6.76 16.63
N GLU B 7 -4.55 -6.59 16.84
CA GLU B 7 -5.49 -6.46 15.72
C GLU B 7 -4.86 -5.69 14.56
N GLU B 8 -4.33 -4.51 14.86
CA GLU B 8 -3.72 -3.68 13.84
C GLU B 8 -2.45 -4.31 13.31
N GLN B 9 -1.88 -5.20 14.09
CA GLN B 9 -0.66 -5.88 13.69
C GLN B 9 -1.00 -7.08 12.80
N MET B 10 -0.21 -7.28 11.76
CA MET B 10 -0.46 -8.37 10.85
C MET B 10 0.79 -9.22 10.66
N ASN B 11 0.65 -10.53 10.87
CA ASN B 11 1.75 -11.48 10.73
C ASN B 11 2.80 -10.99 9.72
N SER B 12 2.40 -10.10 8.83
CA SER B 12 3.31 -9.58 7.82
C SER B 12 4.39 -8.73 8.49
N ILE B 13 3.97 -7.97 9.50
CA ILE B 13 4.89 -7.11 10.20
C ILE B 13 5.97 -7.94 10.88
N ASN B 14 5.79 -9.26 10.86
CA ASN B 14 6.73 -10.16 11.50
C ASN B 14 7.88 -10.49 10.56
N SER B 15 7.59 -11.24 9.50
CA SER B 15 8.60 -11.62 8.54
C SER B 15 9.44 -10.40 8.20
N VAL B 16 8.77 -9.26 8.05
CA VAL B 16 9.43 -8.02 7.75
C VAL B 16 10.42 -7.68 8.85
N ASN B 17 9.87 -7.47 10.04
CA ASN B 17 10.68 -7.15 11.22
C ASN B 17 11.98 -7.96 11.20
N ASP B 18 11.85 -9.24 10.90
CA ASP B 18 13.02 -10.12 10.87
C ASP B 18 13.80 -9.93 9.58
N LYS B 19 13.11 -9.53 8.52
CA LYS B 19 13.75 -9.31 7.24
C LYS B 19 14.73 -8.14 7.31
N LEU B 20 14.19 -6.95 7.57
CA LEU B 20 15.00 -5.73 7.67
C LEU B 20 16.21 -5.95 8.59
N ASN B 21 16.30 -7.14 9.18
CA ASN B 21 17.40 -7.46 10.09
C ASN B 21 17.81 -8.92 9.97
N LYS B 22 18.93 -9.16 9.32
CA LYS B 22 19.40 -10.53 9.14
C LYS B 22 20.92 -10.66 9.30
N GLY B 23 21.51 -9.79 10.13
CA GLY B 23 22.95 -9.87 10.36
C GLY B 23 23.58 -8.51 10.62
N LYS B 24 22.78 -7.46 10.68
CA LYS B 24 23.32 -6.14 10.93
C LYS B 24 24.06 -6.13 12.25
N GLY B 25 23.71 -5.20 13.12
CA GLY B 25 24.36 -5.13 14.42
C GLY B 25 23.51 -5.84 15.45
N LYS B 26 23.66 -5.43 16.69
CA LYS B 26 22.89 -6.01 17.76
C LYS B 26 21.64 -5.19 17.91
N LEU B 27 20.55 -5.66 17.31
CA LEU B 27 19.31 -4.92 17.34
C LEU B 27 18.12 -5.87 17.53
N SER B 28 17.21 -5.48 18.42
CA SER B 28 16.03 -6.30 18.69
C SER B 28 14.77 -5.46 18.58
N LEU B 29 13.98 -5.70 17.53
CA LEU B 29 12.76 -4.95 17.32
C LEU B 29 11.59 -5.60 18.04
N SER B 30 10.54 -4.81 18.22
CA SER B 30 9.31 -5.30 18.83
C SER B 30 8.18 -5.01 17.86
N MET B 31 7.14 -5.83 17.89
CA MET B 31 6.05 -5.65 16.96
C MET B 31 4.78 -5.10 17.61
N ASN B 32 4.51 -3.85 17.31
CA ASN B 32 3.32 -3.18 17.78
C ASN B 32 2.59 -2.66 16.55
N GLY B 33 1.37 -3.12 16.33
CA GLY B 33 0.59 -2.72 15.15
C GLY B 33 1.07 -1.41 14.56
N ASN B 34 0.76 -0.31 15.23
CA ASN B 34 1.12 1.02 14.73
C ASN B 34 2.49 1.50 15.21
N GLN B 35 3.28 0.62 15.84
CA GLN B 35 4.58 1.06 16.33
C GLN B 35 5.66 -0.02 16.23
N LEU B 36 6.86 0.45 15.99
CA LEU B 36 8.02 -0.41 15.96
C LEU B 36 8.85 0.01 17.16
N LYS B 37 9.62 -0.88 17.74
CA LYS B 37 10.40 -0.50 18.88
C LYS B 37 11.55 -1.45 19.02
N ALA B 38 12.72 -0.87 19.05
CA ALA B 38 13.91 -1.65 19.11
C ALA B 38 15.03 -0.93 19.84
N THR B 39 16.13 -1.65 20.02
CA THR B 39 17.31 -1.12 20.66
C THR B 39 18.52 -1.76 20.00
N SER B 40 19.66 -1.08 19.92
CA SER B 40 20.79 -1.72 19.24
C SER B 40 22.17 -1.16 19.58
N SER B 41 23.18 -1.90 19.10
CA SER B 41 24.59 -1.50 19.25
C SER B 41 25.16 -1.30 17.85
N ASN B 42 26.11 -0.39 17.72
CA ASN B 42 26.68 -0.06 16.41
C ASN B 42 28.10 -0.59 16.25
N ALA B 43 28.35 -1.79 16.72
CA ALA B 43 29.68 -2.37 16.62
C ALA B 43 29.88 -3.17 15.34
N GLY B 44 29.02 -4.14 15.15
CA GLY B 44 29.08 -5.02 13.99
C GLY B 44 27.89 -4.79 13.10
N TYR B 45 27.38 -3.59 13.21
CA TYR B 45 26.21 -3.17 12.45
C TYR B 45 26.40 -3.34 10.95
N GLY B 46 25.30 -3.64 10.26
CA GLY B 46 25.28 -3.79 8.81
C GLY B 46 26.70 -3.84 8.23
N ILE B 47 27.39 -4.93 8.46
CA ILE B 47 28.73 -5.10 7.95
C ILE B 47 28.70 -5.70 6.56
N SER B 48 28.47 -7.00 6.53
CA SER B 48 28.38 -7.73 5.28
C SER B 48 27.47 -6.96 4.34
N TYR B 49 26.57 -6.24 4.98
CA TYR B 49 25.59 -5.44 4.27
C TYR B 49 26.11 -4.03 4.01
N GLU B 50 26.73 -3.85 2.84
CA GLU B 50 27.28 -2.55 2.47
C GLU B 50 26.20 -1.47 2.50
N ASP B 51 26.28 -0.53 1.57
CA ASP B 51 25.31 0.57 1.50
C ASP B 51 24.16 0.18 0.58
N LYS B 52 23.12 -0.41 1.16
CA LYS B 52 21.96 -0.81 0.39
C LYS B 52 20.76 0.00 0.84
N ASN B 53 19.77 0.18 -0.04
CA ASN B 53 18.63 1.00 0.32
C ASN B 53 17.37 0.20 0.64
N TRP B 54 16.54 0.80 1.48
CA TRP B 54 15.28 0.23 1.89
C TRP B 54 14.22 1.31 1.74
N GLY B 55 12.99 0.90 1.53
CA GLY B 55 11.90 1.85 1.40
C GLY B 55 10.61 1.30 1.96
N ILE B 56 10.07 1.97 2.96
CA ILE B 56 8.86 1.53 3.57
C ILE B 56 7.66 2.33 3.03
N PHE B 57 6.54 1.66 2.72
CA PHE B 57 5.37 2.36 2.16
C PHE B 57 4.07 2.01 2.86
N VAL B 58 3.42 3.06 3.37
CA VAL B 58 2.15 2.91 4.04
C VAL B 58 1.04 3.40 3.12
N ASN B 59 -0.15 2.82 3.22
CA ASN B 59 -1.23 3.26 2.35
C ASN B 59 -0.72 3.32 0.92
N GLY B 60 0.47 2.76 0.71
CA GLY B 60 1.08 2.77 -0.61
C GLY B 60 1.84 4.06 -0.80
N GLU B 61 2.36 4.56 0.30
CA GLU B 61 3.09 5.80 0.32
C GLU B 61 4.28 5.66 1.24
N LYS B 62 5.41 6.21 0.86
CA LYS B 62 6.57 6.15 1.73
C LYS B 62 6.08 6.36 3.16
N VAL B 63 6.95 6.06 4.10
CA VAL B 63 6.64 6.23 5.51
C VAL B 63 7.93 6.29 6.30
N TYR B 64 9.02 5.89 5.64
CA TYR B 64 10.32 5.89 6.27
C TYR B 64 11.38 5.31 5.33
N THR B 65 12.53 5.98 5.23
CA THR B 65 13.58 5.51 4.33
C THR B 65 14.94 5.42 5.02
N PHE B 66 15.57 4.24 4.92
CA PHE B 66 16.88 4.03 5.49
C PHE B 66 17.73 3.10 4.66
N ASN B 67 19.02 3.35 4.75
CA ASN B 67 20.02 2.56 4.08
C ASN B 67 20.45 1.42 4.99
N GLU B 68 21.16 0.45 4.44
CA GLU B 68 21.62 -0.69 5.22
C GLU B 68 22.87 -0.31 6.01
N LYS B 69 23.59 0.70 5.54
CA LYS B 69 24.79 1.16 6.24
C LYS B 69 24.38 2.09 7.37
N SER B 70 23.36 2.92 7.09
CA SER B 70 22.84 3.85 8.09
C SER B 70 22.48 3.10 9.35
N THR B 71 22.69 1.79 9.33
CA THR B 71 22.35 0.93 10.46
C THR B 71 21.04 1.38 11.07
N VAL B 72 19.95 0.93 10.45
CA VAL B 72 18.61 1.28 10.91
C VAL B 72 18.53 1.34 12.43
N GLY B 73 19.18 0.38 13.07
CA GLY B 73 19.12 0.28 14.51
C GLY B 73 19.05 1.66 15.11
N ASN B 74 19.95 2.49 14.63
CA ASN B 74 20.03 3.85 15.04
C ASN B 74 18.80 4.60 14.55
N ILE B 75 18.48 4.34 13.29
CA ILE B 75 17.35 4.96 12.65
C ILE B 75 16.04 4.46 13.23
N SER B 76 15.69 3.22 12.88
CA SER B 76 14.45 2.63 13.34
C SER B 76 14.08 3.21 14.69
N ASN B 77 15.09 3.55 15.47
CA ASN B 77 14.86 4.16 16.77
C ASN B 77 13.98 5.39 16.61
N ASP B 78 14.56 6.42 16.02
CA ASP B 78 13.81 7.66 15.79
C ASP B 78 12.48 7.32 15.12
N ILE B 79 12.59 6.67 13.96
CA ILE B 79 11.45 6.25 13.19
C ILE B 79 10.24 5.88 14.04
N ASN B 80 10.33 4.77 14.76
CA ASN B 80 9.21 4.31 15.57
C ASN B 80 8.36 5.47 16.08
N LYS B 81 8.99 6.62 16.25
CA LYS B 81 8.28 7.80 16.75
C LYS B 81 7.10 8.19 15.84
N LEU B 82 7.10 7.74 14.59
CA LEU B 82 6.00 8.09 13.70
C LEU B 82 4.86 7.08 13.86
N ASN B 83 4.95 6.29 14.91
CA ASN B 83 3.95 5.28 15.21
C ASN B 83 3.25 4.82 13.94
N ILE B 84 3.93 3.97 13.20
CA ILE B 84 3.40 3.42 11.97
C ILE B 84 1.96 2.96 12.19
N LYS B 85 1.41 2.33 11.16
CA LYS B 85 0.06 1.81 11.23
C LYS B 85 0.06 0.33 10.82
N GLY B 86 -1.11 -0.29 10.76
CA GLY B 86 -1.16 -1.70 10.41
C GLY B 86 -1.50 -1.92 8.94
N MET B 87 -2.80 -1.97 8.65
CA MET B 87 -3.26 -2.27 7.33
C MET B 87 -3.92 -1.11 6.60
N TYR B 88 -3.21 -0.52 5.66
CA TYR B 88 -3.79 0.54 4.84
C TYR B 88 -3.13 0.58 3.49
N ILE B 89 -3.96 0.53 2.48
CA ILE B 89 -3.49 0.56 1.11
C ILE B 89 -4.33 1.59 0.38
N GLU B 90 -4.06 1.90 -0.89
CA GLU B 90 -4.93 2.91 -1.50
C GLU B 90 -4.66 3.21 -2.96
N ILE B 91 -5.35 4.27 -3.34
CA ILE B 91 -5.34 4.82 -4.66
C ILE B 91 -5.21 6.35 -4.53
N LYS B 92 -4.60 7.01 -5.51
CA LYS B 92 -4.48 8.46 -5.43
C LYS B 92 -5.55 9.12 -6.27
N GLN B 93 -6.11 10.19 -5.73
CA GLN B 93 -7.17 10.92 -6.41
C GLN B 93 -6.71 12.30 -6.86
N ILE B 94 -6.51 12.45 -8.16
CA ILE B 94 -6.12 13.72 -8.74
C ILE B 94 -5.44 14.61 -7.70
N ASP A 1 -16.22 -17.76 9.50
CA ASP A 1 -17.19 -18.05 8.39
C ASP A 1 -18.03 -16.81 8.10
N ASN A 2 -17.89 -15.80 8.95
CA ASN A 2 -18.64 -14.56 8.79
C ASN A 2 -17.69 -13.37 8.68
N GLN A 3 -16.66 -13.35 9.53
CA GLN A 3 -15.69 -12.27 9.52
C GLN A 3 -14.97 -12.22 8.17
N LYS A 4 -14.99 -13.34 7.46
CA LYS A 4 -14.35 -13.44 6.17
C LYS A 4 -14.95 -12.43 5.20
N ALA A 5 -16.21 -12.08 5.42
CA ALA A 5 -16.90 -11.12 4.57
C ALA A 5 -16.13 -9.80 4.51
N LEU A 6 -15.32 -9.55 5.52
CA LEU A 6 -14.54 -8.32 5.57
C LEU A 6 -13.17 -8.55 4.93
N GLU A 7 -12.57 -9.69 5.20
CA GLU A 7 -11.27 -10.02 4.63
C GLU A 7 -11.35 -10.07 3.11
N GLU A 8 -12.55 -10.31 2.60
CA GLU A 8 -12.77 -10.39 1.17
C GLU A 8 -13.16 -9.04 0.60
N GLN A 9 -13.08 -8.01 1.43
CA GLN A 9 -13.42 -6.66 1.00
C GLN A 9 -12.78 -5.62 1.91
N MET A 10 -12.24 -4.55 1.33
CA MET A 10 -11.60 -3.51 2.13
C MET A 10 -12.43 -2.23 2.13
N ASN A 11 -12.81 -1.79 3.31
CA ASN A 11 -13.60 -0.58 3.47
C ASN A 11 -13.18 0.46 2.44
N SER A 12 -11.97 0.30 1.91
CA SER A 12 -11.45 1.23 0.93
C SER A 12 -12.07 0.96 -0.43
N ILE A 13 -12.06 -0.30 -0.84
CA ILE A 13 -12.61 -0.68 -2.12
C ILE A 13 -13.99 -0.07 -2.30
N ASN A 14 -14.54 0.49 -1.22
CA ASN A 14 -15.85 1.11 -1.29
C ASN A 14 -15.75 2.59 -1.63
N SER A 15 -15.24 3.37 -0.69
CA SER A 15 -15.09 4.79 -0.90
C SER A 15 -14.38 5.05 -2.22
N VAL A 16 -13.35 4.26 -2.47
CA VAL A 16 -12.59 4.38 -3.70
C VAL A 16 -13.52 4.17 -4.89
N ASN A 17 -14.09 2.97 -4.96
CA ASN A 17 -15.01 2.63 -6.03
C ASN A 17 -15.85 3.85 -6.43
N ASP A 18 -16.35 4.57 -5.42
CA ASP A 18 -17.18 5.73 -5.67
C ASP A 18 -16.31 6.97 -5.94
N LYS A 19 -15.12 7.00 -5.35
CA LYS A 19 -14.22 8.12 -5.53
C LYS A 19 -13.72 8.19 -6.97
N LEU A 20 -12.99 7.16 -7.40
CA LEU A 20 -12.45 7.11 -8.74
C LEU A 20 -13.53 7.42 -9.78
N ASN A 21 -14.76 7.63 -9.31
CA ASN A 21 -15.86 7.92 -10.22
C ASN A 21 -16.64 9.14 -9.75
N LYS A 22 -16.30 10.28 -10.32
CA LYS A 22 -16.97 11.54 -9.97
C LYS A 22 -17.75 12.09 -11.15
N GLY A 23 -17.04 12.44 -12.21
CA GLY A 23 -17.67 13.01 -13.40
C GLY A 23 -17.38 12.16 -14.64
N LYS A 24 -16.10 12.11 -15.01
CA LYS A 24 -15.67 11.36 -16.17
C LYS A 24 -16.87 11.03 -17.06
N GLY A 25 -17.00 9.77 -17.37
CA GLY A 25 -18.11 9.30 -18.21
C GLY A 25 -19.05 8.42 -17.40
N LYS A 26 -19.92 7.68 -18.08
CA LYS A 26 -20.83 6.80 -17.37
C LYS A 26 -20.12 5.50 -17.09
N LEU A 27 -19.83 5.23 -15.82
CA LEU A 27 -19.11 4.03 -15.45
C LEU A 27 -19.61 3.49 -14.11
N SER A 28 -19.98 2.21 -14.09
CA SER A 28 -20.48 1.59 -12.86
C SER A 28 -19.60 0.42 -12.43
N LEU A 29 -18.81 0.64 -11.39
CA LEU A 29 -17.92 -0.38 -10.87
C LEU A 29 -18.63 -1.34 -9.94
N SER A 30 -17.96 -2.46 -9.70
CA SER A 30 -18.43 -3.47 -8.78
C SER A 30 -17.27 -3.80 -7.86
N MET A 31 -17.55 -4.37 -6.69
CA MET A 31 -16.44 -4.66 -5.78
C MET A 31 -16.43 -6.12 -5.35
N ASN A 32 -15.46 -6.85 -5.89
CA ASN A 32 -15.29 -8.24 -5.55
C ASN A 32 -13.86 -8.47 -5.05
N GLY A 33 -13.70 -8.47 -3.74
CA GLY A 33 -12.39 -8.67 -3.10
C GLY A 33 -11.22 -8.25 -3.99
N ASN A 34 -10.55 -9.23 -4.59
CA ASN A 34 -9.37 -8.98 -5.41
C ASN A 34 -9.72 -8.71 -6.88
N GLN A 35 -10.91 -8.21 -7.14
CA GLN A 35 -11.29 -7.92 -8.51
C GLN A 35 -12.24 -6.73 -8.61
N LEU A 36 -12.02 -5.93 -9.65
CA LEU A 36 -12.88 -4.81 -9.94
C LEU A 36 -13.69 -5.20 -11.16
N LYS A 37 -14.85 -4.62 -11.34
CA LYS A 37 -15.66 -4.97 -12.48
C LYS A 37 -16.61 -3.84 -12.74
N ALA A 38 -16.54 -3.32 -13.92
CA ALA A 38 -17.34 -2.21 -14.28
C ALA A 38 -17.70 -2.20 -15.76
N THR A 39 -18.53 -1.24 -16.10
CA THR A 39 -18.97 -1.03 -17.48
C THR A 39 -19.06 0.47 -17.66
N SER A 40 -18.86 0.99 -18.87
CA SER A 40 -18.89 2.43 -18.98
C SER A 40 -18.97 2.96 -20.42
N SER A 41 -19.37 4.24 -20.52
CA SER A 41 -19.41 4.94 -21.80
C SER A 41 -18.39 6.06 -21.77
N ASN A 42 -17.87 6.44 -22.94
CA ASN A 42 -16.87 7.49 -22.99
C ASN A 42 -17.39 8.72 -23.74
N ALA A 43 -18.68 9.00 -23.59
CA ALA A 43 -19.27 10.14 -24.26
C ALA A 43 -19.10 11.43 -23.48
N GLY A 44 -19.57 11.40 -22.25
CA GLY A 44 -19.46 12.55 -21.37
C GLY A 44 -18.30 12.34 -20.44
N TYR A 45 -17.36 11.58 -20.93
CA TYR A 45 -16.18 11.25 -20.18
C TYR A 45 -15.45 12.50 -19.70
N GLY A 46 -14.44 12.33 -18.87
CA GLY A 46 -13.65 13.44 -18.36
C GLY A 46 -13.71 14.69 -19.24
N ILE A 47 -14.68 15.57 -18.97
CA ILE A 47 -14.83 16.79 -19.73
C ILE A 47 -14.01 17.92 -19.12
N SER A 48 -14.53 18.46 -18.03
CA SER A 48 -13.88 19.56 -17.33
C SER A 48 -12.49 19.15 -16.92
N TYR A 49 -12.36 17.88 -16.69
CA TYR A 49 -11.09 17.31 -16.27
C TYR A 49 -10.08 17.34 -17.42
N GLU A 50 -9.48 18.51 -17.61
CA GLU A 50 -8.49 18.68 -18.67
C GLU A 50 -7.61 17.43 -18.76
N ASP A 51 -6.58 17.38 -17.92
CA ASP A 51 -5.68 16.23 -17.92
C ASP A 51 -5.01 16.08 -16.56
N LYS A 52 -5.69 15.38 -15.65
CA LYS A 52 -5.13 15.15 -14.32
C LYS A 52 -4.57 13.73 -14.25
N ASN A 53 -3.72 13.46 -13.27
CA ASN A 53 -3.12 12.15 -13.15
C ASN A 53 -3.65 11.34 -11.97
N TRP A 54 -3.50 10.03 -12.07
CA TRP A 54 -3.92 9.13 -11.03
C TRP A 54 -2.82 8.11 -10.80
N GLY A 55 -2.65 7.72 -9.56
CA GLY A 55 -1.64 6.73 -9.22
C GLY A 55 -2.24 5.67 -8.32
N ILE A 56 -2.20 4.44 -8.79
CA ILE A 56 -2.77 3.36 -8.04
C ILE A 56 -1.69 2.45 -7.48
N PHE A 57 -1.72 2.20 -6.17
CA PHE A 57 -0.73 1.33 -5.53
C PHE A 57 -1.33 0.35 -4.56
N VAL A 58 -0.85 -0.87 -4.68
CA VAL A 58 -1.30 -1.92 -3.79
C VAL A 58 -0.07 -2.58 -3.17
N ASN A 59 -0.23 -3.30 -2.09
CA ASN A 59 0.93 -3.90 -1.46
C ASN A 59 2.01 -2.83 -1.31
N GLY A 60 1.60 -1.56 -1.33
CA GLY A 60 2.54 -0.47 -1.18
C GLY A 60 3.32 -0.28 -2.47
N GLU A 61 2.72 -0.71 -3.57
CA GLU A 61 3.35 -0.62 -4.85
C GLU A 61 2.35 -0.27 -5.92
N LYS A 62 2.75 0.52 -6.89
CA LYS A 62 1.85 0.83 -7.97
C LYS A 62 1.17 -0.47 -8.39
N VAL A 63 0.22 -0.36 -9.27
CA VAL A 63 -0.50 -1.51 -9.80
C VAL A 63 -1.23 -1.10 -11.06
N TYR A 64 -1.40 0.21 -11.21
CA TYR A 64 -2.11 0.78 -12.36
C TYR A 64 -1.87 2.29 -12.42
N THR A 65 -2.11 2.91 -13.57
CA THR A 65 -1.91 4.35 -13.72
C THR A 65 -2.70 4.91 -14.90
N PHE A 66 -3.55 5.91 -14.60
CA PHE A 66 -4.34 6.55 -15.61
C PHE A 66 -4.47 8.04 -15.35
N ASN A 67 -5.03 8.70 -16.33
CA ASN A 67 -5.25 10.13 -16.29
C ASN A 67 -6.75 10.40 -16.53
N GLU A 68 -7.15 11.65 -16.36
CA GLU A 68 -8.55 12.03 -16.53
C GLU A 68 -9.01 11.88 -17.99
N LYS A 69 -8.28 12.51 -18.92
CA LYS A 69 -8.66 12.45 -20.33
C LYS A 69 -8.70 11.01 -20.80
N SER A 70 -7.68 10.24 -20.45
CA SER A 70 -7.62 8.84 -20.84
C SER A 70 -8.95 8.17 -20.49
N THR A 71 -9.82 8.93 -19.85
CA THR A 71 -11.12 8.43 -19.44
C THR A 71 -10.99 7.00 -18.96
N VAL A 72 -10.56 6.85 -17.71
CA VAL A 72 -10.37 5.54 -17.12
C VAL A 72 -11.35 4.54 -17.71
N GLY A 73 -12.57 5.02 -17.92
CA GLY A 73 -13.62 4.17 -18.41
C GLY A 73 -13.07 3.08 -19.32
N ASN A 74 -12.35 3.51 -20.36
CA ASN A 74 -11.74 2.57 -21.28
C ASN A 74 -10.57 1.88 -20.60
N ILE A 75 -9.92 2.59 -19.69
CA ILE A 75 -8.79 2.03 -18.99
C ILE A 75 -9.25 1.04 -17.91
N SER A 76 -9.77 1.58 -16.81
CA SER A 76 -10.24 0.76 -15.71
C SER A 76 -10.75 -0.55 -16.26
N ASN A 77 -11.26 -0.46 -17.47
CA ASN A 77 -11.76 -1.60 -18.17
C ASN A 77 -10.69 -2.68 -18.23
N ASP A 78 -9.59 -2.38 -18.90
CA ASP A 78 -8.49 -3.33 -18.97
C ASP A 78 -8.07 -3.69 -17.55
N ILE A 79 -7.62 -2.67 -16.83
CA ILE A 79 -7.20 -2.81 -15.45
C ILE A 79 -7.96 -3.90 -14.71
N ASN A 80 -9.21 -3.64 -14.48
CA ASN A 80 -10.05 -4.60 -13.76
C ASN A 80 -9.69 -6.04 -14.13
N LYS A 81 -8.93 -6.18 -15.21
CA LYS A 81 -8.54 -7.51 -15.69
C LYS A 81 -7.29 -8.08 -14.99
N LEU A 82 -6.49 -7.25 -14.32
CA LEU A 82 -5.29 -7.78 -13.66
C LEU A 82 -5.65 -8.33 -12.29
N ASN A 83 -6.94 -8.47 -12.06
CA ASN A 83 -7.41 -9.02 -10.79
C ASN A 83 -6.72 -8.34 -9.61
N ILE A 84 -7.06 -7.08 -9.39
CA ILE A 84 -6.50 -6.32 -8.30
C ILE A 84 -6.52 -7.13 -7.01
N LYS A 85 -6.02 -6.52 -5.96
CA LYS A 85 -5.99 -7.15 -4.66
C LYS A 85 -7.03 -6.55 -3.73
N GLY A 86 -7.03 -7.00 -2.49
CA GLY A 86 -7.99 -6.50 -1.53
C GLY A 86 -7.30 -6.08 -0.24
N MET A 87 -6.57 -7.00 0.38
CA MET A 87 -5.91 -6.74 1.61
C MET A 87 -4.40 -6.92 1.52
N TYR A 88 -3.70 -6.03 0.82
CA TYR A 88 -2.26 -6.17 0.75
C TYR A 88 -1.55 -4.86 0.75
N ILE A 89 -0.67 -4.71 1.72
CA ILE A 89 0.13 -3.53 1.86
C ILE A 89 1.56 -4.00 1.98
N GLU A 90 2.55 -3.12 1.86
CA GLU A 90 3.91 -3.63 1.98
C GLU A 90 4.96 -2.55 1.88
N ILE A 91 6.16 -3.05 1.73
CA ILE A 91 7.34 -2.22 1.63
C ILE A 91 8.35 -2.88 0.66
N LYS A 92 9.30 -2.10 0.14
CA LYS A 92 10.27 -2.65 -0.78
C LYS A 92 11.60 -2.96 -0.10
N GLN A 93 12.25 -4.02 -0.55
CA GLN A 93 13.52 -4.44 0.00
C GLN A 93 14.66 -4.24 -0.99
N ILE A 94 15.51 -3.25 -0.73
CA ILE A 94 16.66 -2.98 -1.58
C ILE A 94 16.60 -3.76 -2.90
N ASP B 1 -14.47 -10.72 18.55
CA ASP B 1 -13.68 -10.57 19.80
C ASP B 1 -12.42 -11.42 19.71
N ASN B 2 -12.33 -12.22 18.65
CA ASN B 2 -11.17 -13.08 18.44
C ASN B 2 -10.52 -12.78 17.09
N GLN B 3 -11.35 -12.63 16.07
CA GLN B 3 -10.84 -12.34 14.72
C GLN B 3 -10.08 -11.02 14.73
N LYS B 4 -10.38 -10.17 15.71
CA LYS B 4 -9.72 -8.89 15.83
C LYS B 4 -8.21 -9.06 15.96
N ALA B 5 -7.81 -10.20 16.52
CA ALA B 5 -6.39 -10.48 16.71
C ALA B 5 -5.64 -10.39 15.39
N LEU B 6 -6.36 -10.56 14.28
CA LEU B 6 -5.75 -10.49 12.96
C LEU B 6 -5.82 -9.07 12.42
N GLU B 7 -6.95 -8.41 12.64
CA GLU B 7 -7.12 -7.04 12.18
C GLU B 7 -6.10 -6.12 12.85
N GLU B 8 -5.62 -6.54 14.00
CA GLU B 8 -4.65 -5.76 14.74
C GLU B 8 -3.22 -6.16 14.37
N GLN B 9 -3.10 -6.99 13.35
CA GLN B 9 -1.80 -7.45 12.90
C GLN B 9 -1.86 -7.97 11.46
N MET B 10 -0.87 -7.61 10.65
CA MET B 10 -0.86 -8.05 9.26
C MET B 10 0.24 -9.08 9.02
N ASN B 11 -0.17 -10.25 8.56
CA ASN B 11 0.76 -11.32 8.27
C ASN B 11 2.07 -10.77 7.71
N SER B 12 2.00 -9.55 7.20
CA SER B 12 3.18 -8.91 6.63
C SER B 12 4.08 -8.37 7.74
N ILE B 13 3.48 -7.65 8.68
CA ILE B 13 4.22 -7.11 9.78
C ILE B 13 5.13 -8.15 10.40
N ASN B 14 4.93 -9.41 10.01
CA ASN B 14 5.73 -10.50 10.53
C ASN B 14 6.96 -10.75 9.67
N SER B 15 6.72 -11.27 8.47
CA SER B 15 7.82 -11.55 7.56
C SER B 15 8.70 -10.33 7.42
N VAL B 16 8.06 -9.18 7.31
CA VAL B 16 8.78 -7.92 7.19
C VAL B 16 9.68 -7.74 8.41
N ASN B 17 9.05 -7.65 9.57
CA ASN B 17 9.78 -7.49 10.82
C ASN B 17 11.10 -8.26 10.78
N ASP B 18 11.04 -9.49 10.28
CA ASP B 18 12.24 -10.32 10.20
C ASP B 18 13.04 -10.01 8.94
N LYS B 19 12.35 -9.57 7.90
CA LYS B 19 13.01 -9.24 6.64
C LYS B 19 13.91 -8.01 6.80
N LEU B 20 13.30 -6.88 7.12
CA LEU B 20 14.04 -5.64 7.30
C LEU B 20 15.23 -5.84 8.22
N ASN B 21 15.38 -7.05 8.76
CA ASN B 21 16.48 -7.35 9.66
C ASN B 21 17.20 -8.62 9.25
N LYS B 22 18.29 -8.44 8.51
CA LYS B 22 19.08 -9.58 8.04
C LYS B 22 20.47 -9.57 8.68
N GLY B 23 21.25 -8.54 8.37
CA GLY B 23 22.60 -8.43 8.90
C GLY B 23 22.78 -7.15 9.70
N LYS B 24 22.67 -6.01 9.01
CA LYS B 24 22.84 -4.71 9.64
C LYS B 24 23.52 -4.86 10.99
N GLY B 25 22.89 -4.30 12.01
CA GLY B 25 23.43 -4.37 13.36
C GLY B 25 22.52 -5.20 14.24
N LYS B 26 22.69 -5.11 15.56
CA LYS B 26 21.84 -5.86 16.46
C LYS B 26 20.56 -5.08 16.68
N LEU B 27 19.45 -5.58 16.18
CA LEU B 27 18.19 -4.88 16.30
C LEU B 27 17.04 -5.87 16.47
N SER B 28 16.23 -5.68 17.52
CA SER B 28 15.10 -6.57 17.77
C SER B 28 13.78 -5.82 17.75
N LEU B 29 13.01 -6.01 16.69
CA LEU B 29 11.73 -5.34 16.52
C LEU B 29 10.62 -6.08 17.25
N SER B 30 9.52 -5.36 17.41
CA SER B 30 8.32 -5.90 18.02
C SER B 30 7.17 -5.56 17.08
N MET B 31 6.06 -6.27 17.18
CA MET B 31 4.95 -5.99 16.28
C MET B 31 3.66 -5.71 17.02
N ASN B 32 3.28 -4.45 17.02
CA ASN B 32 2.04 -4.04 17.65
C ASN B 32 1.17 -3.30 16.63
N GLY B 33 0.24 -4.01 16.03
CA GLY B 33 -0.66 -3.43 15.03
C GLY B 33 -0.07 -2.23 14.30
N ASN B 34 -0.52 -1.04 14.70
CA ASN B 34 -0.10 0.21 14.05
C ASN B 34 1.17 0.80 14.67
N GLN B 35 2.00 -0.04 15.27
CA GLN B 35 3.24 0.45 15.87
C GLN B 35 4.37 -0.57 15.79
N LEU B 36 5.56 -0.05 15.55
CA LEU B 36 6.76 -0.87 15.53
C LEU B 36 7.52 -0.50 16.79
N LYS B 37 8.33 -1.40 17.29
CA LYS B 37 9.09 -1.12 18.48
C LYS B 37 10.28 -2.02 18.52
N ALA B 38 11.42 -1.41 18.60
CA ALA B 38 12.64 -2.14 18.57
C ALA B 38 13.74 -1.47 19.37
N THR B 39 14.85 -2.17 19.47
CA THR B 39 16.03 -1.68 20.15
C THR B 39 17.21 -2.17 19.35
N SER B 40 18.33 -1.45 19.34
CA SER B 40 19.43 -1.93 18.50
C SER B 40 20.78 -1.27 18.76
N SER B 41 21.83 -1.94 18.27
CA SER B 41 23.19 -1.42 18.36
C SER B 41 23.68 -1.15 16.94
N ASN B 42 24.60 -0.19 16.80
CA ASN B 42 25.10 0.15 15.48
C ASN B 42 26.58 -0.18 15.34
N ALA B 43 27.01 -1.27 15.97
CA ALA B 43 28.41 -1.66 15.92
C ALA B 43 28.72 -2.49 14.69
N GLY B 44 27.99 -3.57 14.57
CA GLY B 44 28.14 -4.48 13.44
C GLY B 44 27.08 -4.19 12.43
N TYR B 45 26.64 -2.97 12.46
CA TYR B 45 25.60 -2.50 11.57
C TYR B 45 25.96 -2.76 10.11
N GLY B 46 25.00 -2.52 9.22
CA GLY B 46 25.22 -2.71 7.79
C GLY B 46 26.70 -2.64 7.38
N ILE B 47 27.37 -3.80 7.39
CA ILE B 47 28.77 -3.86 7.01
C ILE B 47 28.93 -4.09 5.51
N SER B 48 28.69 -5.34 5.11
CA SER B 48 28.80 -5.73 3.71
C SER B 48 27.89 -4.88 2.86
N TYR B 49 26.82 -4.47 3.49
CA TYR B 49 25.82 -3.65 2.83
C TYR B 49 26.36 -2.26 2.55
N GLU B 50 27.14 -2.14 1.49
CA GLU B 50 27.72 -0.85 1.11
C GLU B 50 26.69 0.26 1.33
N ASP B 51 25.83 0.46 0.36
CA ASP B 51 24.80 1.49 0.46
C ASP B 51 23.60 1.15 -0.41
N LYS B 52 22.67 0.36 0.13
CA LYS B 52 21.47 0.00 -0.60
C LYS B 52 20.30 0.85 -0.12
N ASN B 53 19.23 0.91 -0.90
CA ASN B 53 18.09 1.73 -0.53
C ASN B 53 16.88 0.91 -0.10
N TRP B 54 16.01 1.55 0.64
CA TRP B 54 14.78 0.94 1.11
C TRP B 54 13.64 1.92 0.92
N GLY B 55 12.49 1.40 0.57
CA GLY B 55 11.32 2.23 0.38
C GLY B 55 10.12 1.65 1.11
N ILE B 56 9.59 2.40 2.03
CA ILE B 56 8.49 1.94 2.81
C ILE B 56 7.20 2.66 2.43
N PHE B 57 6.15 1.89 2.12
CA PHE B 57 4.86 2.49 1.75
C PHE B 57 3.68 1.82 2.41
N VAL B 58 2.80 2.67 2.89
CA VAL B 58 1.60 2.19 3.52
C VAL B 58 0.41 2.89 2.86
N ASN B 59 -0.80 2.35 3.01
CA ASN B 59 -1.93 2.98 2.36
C ASN B 59 -1.57 3.23 0.90
N GLY B 60 -0.58 2.49 0.39
CA GLY B 60 -0.17 2.67 -0.99
C GLY B 60 0.64 3.94 -1.14
N GLU B 61 1.24 4.37 -0.05
CA GLU B 61 2.02 5.58 -0.06
C GLU B 61 3.23 5.43 0.82
N LYS B 62 4.33 6.03 0.42
CA LYS B 62 5.50 5.98 1.24
C LYS B 62 5.07 6.26 2.68
N VAL B 63 5.99 6.11 3.60
CA VAL B 63 5.74 6.36 5.01
C VAL B 63 7.07 6.51 5.72
N TYR B 64 8.12 6.01 5.07
CA TYR B 64 9.46 6.04 5.63
C TYR B 64 10.49 5.70 4.54
N THR B 65 11.76 6.03 4.76
CA THR B 65 12.79 5.75 3.76
C THR B 65 14.19 5.72 4.40
N PHE B 66 14.89 4.61 4.23
CA PHE B 66 16.23 4.46 4.75
C PHE B 66 17.10 3.66 3.81
N ASN B 67 18.36 3.67 4.14
CA ASN B 67 19.38 2.97 3.38
C ASN B 67 20.12 1.99 4.32
N GLU B 68 20.96 1.15 3.75
CA GLU B 68 21.70 0.17 4.53
C GLU B 68 22.71 0.82 5.47
N LYS B 69 23.59 1.67 4.94
CA LYS B 69 24.59 2.33 5.77
C LYS B 69 23.93 3.12 6.89
N SER B 70 22.90 3.88 6.54
CA SER B 70 22.18 4.67 7.53
C SER B 70 21.83 3.79 8.72
N THR B 71 22.14 2.49 8.59
CA THR B 71 21.86 1.53 9.63
C THR B 71 20.51 1.83 10.26
N VAL B 72 19.45 1.40 9.58
CA VAL B 72 18.10 1.64 10.06
C VAL B 72 18.07 1.69 11.57
N GLY B 73 18.85 0.81 12.19
CA GLY B 73 18.87 0.70 13.62
C GLY B 73 18.59 2.05 14.27
N ASN B 74 19.40 3.04 13.91
CA ASN B 74 19.23 4.39 14.44
C ASN B 74 17.98 5.01 13.82
N ILE B 75 17.69 4.62 12.59
CA ILE B 75 16.54 5.16 11.90
C ILE B 75 15.25 4.53 12.42
N SER B 76 15.02 3.28 12.02
CA SER B 76 13.82 2.57 12.43
C SER B 76 13.42 3.04 13.81
N ASN B 77 14.44 3.41 14.56
CA ASN B 77 14.25 3.93 15.89
C ASN B 77 13.26 5.09 15.86
N ASP B 78 13.65 6.16 15.18
CA ASP B 78 12.76 7.30 15.05
C ASP B 78 11.44 6.83 14.46
N ILE B 79 11.54 6.32 13.25
CA ILE B 79 10.40 5.79 12.51
C ILE B 79 9.35 5.20 13.43
N ASN B 80 9.69 4.09 14.03
CA ASN B 80 8.76 3.41 14.92
C ASN B 80 7.93 4.42 15.73
N LYS B 81 8.36 5.67 15.72
CA LYS B 81 7.67 6.72 16.48
C LYS B 81 6.49 7.33 15.71
N LEU B 82 6.40 7.17 14.39
CA LEU B 82 5.28 7.77 13.67
C LEU B 82 4.06 6.86 13.73
N ASN B 83 4.13 5.88 14.61
CA ASN B 83 3.02 4.95 14.79
C ASN B 83 2.51 4.44 13.45
N ILE B 84 3.32 3.61 12.80
CA ILE B 84 2.96 3.04 11.52
C ILE B 84 1.53 2.50 11.55
N LYS B 85 1.11 1.96 10.43
CA LYS B 85 -0.21 1.40 10.32
C LYS B 85 -0.15 -0.12 10.29
N GLY B 86 -1.31 -0.74 10.11
CA GLY B 86 -1.37 -2.18 10.08
C GLY B 86 -2.13 -2.67 8.86
N MET B 87 -3.37 -2.22 8.71
CA MET B 87 -4.20 -2.65 7.62
C MET B 87 -4.66 -1.48 6.75
N TYR B 88 -3.74 -0.88 5.98
CA TYR B 88 -4.17 0.21 5.12
C TYR B 88 -3.44 0.22 3.80
N ILE B 89 -4.23 0.15 2.75
CA ILE B 89 -3.71 0.20 1.41
C ILE B 89 -4.49 1.27 0.69
N GLU B 90 -4.06 1.71 -0.49
CA GLU B 90 -4.84 2.76 -1.13
C GLU B 90 -4.30 3.15 -2.48
N ILE B 91 -4.86 4.25 -2.93
CA ILE B 91 -4.52 4.83 -4.21
C ILE B 91 -4.57 6.36 -4.12
N LYS B 92 -3.94 7.06 -5.06
CA LYS B 92 -3.94 8.52 -5.02
C LYS B 92 -4.95 9.09 -5.99
N GLN B 93 -5.54 10.22 -5.59
CA GLN B 93 -6.53 10.90 -6.40
C GLN B 93 -6.02 12.24 -6.92
N ILE B 94 -5.73 12.30 -8.21
CA ILE B 94 -5.26 13.53 -8.84
C ILE B 94 -4.90 14.60 -7.82
N ASP A 1 -4.93 -19.33 7.11
CA ASP A 1 -4.45 -18.25 6.22
C ASP A 1 -4.63 -16.89 6.92
N ASN A 2 -4.10 -15.84 6.32
CA ASN A 2 -4.22 -14.51 6.89
C ASN A 2 -5.42 -13.77 6.30
N GLN A 3 -5.60 -12.52 6.71
CA GLN A 3 -6.72 -11.72 6.21
C GLN A 3 -6.64 -11.56 4.69
N LYS A 4 -5.45 -11.76 4.14
CA LYS A 4 -5.25 -11.64 2.71
C LYS A 4 -6.34 -12.40 1.95
N ALA A 5 -7.10 -13.22 2.67
CA ALA A 5 -8.17 -13.98 2.06
C ALA A 5 -9.26 -13.07 1.52
N LEU A 6 -9.14 -11.78 1.81
CA LEU A 6 -10.13 -10.81 1.35
C LEU A 6 -10.42 -11.02 -0.14
N GLU A 7 -9.54 -11.79 -0.79
CA GLU A 7 -9.70 -12.08 -2.20
C GLU A 7 -11.14 -12.45 -2.51
N GLU A 8 -11.78 -13.18 -1.59
CA GLU A 8 -13.14 -13.60 -1.77
C GLU A 8 -14.12 -12.68 -1.05
N GLN A 9 -13.58 -11.60 -0.50
CA GLN A 9 -14.41 -10.63 0.22
C GLN A 9 -13.94 -9.21 -0.07
N MET A 10 -14.71 -8.50 -0.89
CA MET A 10 -14.38 -7.12 -1.25
C MET A 10 -15.64 -6.38 -1.68
N ASN A 11 -15.75 -5.11 -1.29
CA ASN A 11 -16.89 -4.30 -1.63
C ASN A 11 -16.95 -3.05 -0.77
N SER A 12 -16.64 -3.22 0.50
CA SER A 12 -16.64 -2.11 1.43
C SER A 12 -15.66 -1.06 0.95
N ILE A 13 -14.61 -1.54 0.31
CA ILE A 13 -13.59 -0.68 -0.19
C ILE A 13 -13.99 -0.05 -1.52
N ASN A 14 -14.94 -0.69 -2.20
CA ASN A 14 -15.41 -0.19 -3.49
C ASN A 14 -15.89 1.24 -3.39
N SER A 15 -16.68 1.52 -2.37
CA SER A 15 -17.21 2.87 -2.19
C SER A 15 -16.22 3.87 -2.77
N VAL A 16 -14.94 3.54 -2.65
CA VAL A 16 -13.90 4.38 -3.19
C VAL A 16 -13.94 4.30 -4.71
N ASN A 17 -13.76 3.09 -5.22
CA ASN A 17 -13.80 2.86 -6.66
C ASN A 17 -15.02 3.54 -7.27
N ASP A 18 -16.17 3.39 -6.62
CA ASP A 18 -17.39 4.02 -7.10
C ASP A 18 -17.16 5.52 -7.09
N LYS A 19 -16.33 5.95 -6.15
CA LYS A 19 -15.98 7.34 -6.02
C LYS A 19 -15.24 7.81 -7.26
N LEU A 20 -14.34 6.97 -7.77
CA LEU A 20 -13.56 7.28 -8.95
C LEU A 20 -14.50 7.56 -10.13
N ASN A 21 -15.76 7.15 -9.98
CA ASN A 21 -16.76 7.34 -11.03
C ASN A 21 -17.92 8.19 -10.52
N LYS A 22 -19.09 7.57 -10.38
CA LYS A 22 -20.29 8.27 -9.90
C LYS A 22 -20.76 9.32 -10.91
N GLY A 23 -19.86 9.77 -11.78
CA GLY A 23 -20.23 10.78 -12.76
C GLY A 23 -20.01 10.28 -14.17
N LYS A 24 -19.01 10.87 -14.82
CA LYS A 24 -18.65 10.54 -16.17
C LYS A 24 -19.85 10.03 -16.94
N GLY A 25 -19.56 9.39 -18.04
CA GLY A 25 -20.60 8.84 -18.87
C GLY A 25 -21.25 7.65 -18.17
N LYS A 26 -21.67 6.65 -18.93
CA LYS A 26 -22.31 5.48 -18.35
C LYS A 26 -21.31 4.36 -18.05
N LEU A 27 -20.91 4.22 -16.78
CA LEU A 27 -19.98 3.19 -16.39
C LEU A 27 -20.18 2.81 -14.92
N SER A 28 -20.38 1.52 -14.65
CA SER A 28 -20.57 1.04 -13.28
C SER A 28 -19.51 -0.01 -12.96
N LEU A 29 -18.64 0.26 -11.99
CA LEU A 29 -17.60 -0.66 -11.65
C LEU A 29 -17.99 -1.58 -10.51
N SER A 30 -17.27 -2.70 -10.46
CA SER A 30 -17.43 -3.69 -9.43
C SER A 30 -16.06 -4.26 -9.14
N MET A 31 -15.83 -4.71 -7.93
CA MET A 31 -14.52 -5.22 -7.60
C MET A 31 -14.58 -6.59 -6.96
N ASN A 32 -13.64 -7.42 -7.35
CA ASN A 32 -13.53 -8.76 -6.81
C ASN A 32 -12.13 -8.94 -6.22
N GLY A 33 -12.02 -8.75 -4.91
CA GLY A 33 -10.74 -8.87 -4.23
C GLY A 33 -9.65 -8.07 -4.94
N ASN A 34 -9.16 -8.61 -6.05
CA ASN A 34 -8.09 -7.96 -6.79
C ASN A 34 -8.54 -7.53 -8.19
N GLN A 35 -9.61 -8.13 -8.70
CA GLN A 35 -10.08 -7.81 -10.04
C GLN A 35 -11.17 -6.75 -10.04
N LEU A 36 -11.21 -5.98 -11.11
CA LEU A 36 -12.23 -4.97 -11.30
C LEU A 36 -13.17 -5.46 -12.38
N LYS A 37 -14.40 -4.98 -12.40
CA LYS A 37 -15.34 -5.38 -13.40
C LYS A 37 -16.40 -4.33 -13.49
N ALA A 38 -16.63 -3.89 -14.68
CA ALA A 38 -17.58 -2.84 -14.90
C ALA A 38 -18.30 -3.00 -16.22
N THR A 39 -19.28 -2.16 -16.40
CA THR A 39 -20.06 -2.12 -17.62
C THR A 39 -20.22 -0.67 -18.00
N SER A 40 -20.24 -0.37 -19.28
CA SER A 40 -20.35 1.03 -19.68
C SER A 40 -21.02 1.21 -21.03
N SER A 41 -21.38 2.46 -21.30
CA SER A 41 -22.00 2.83 -22.57
C SER A 41 -21.66 4.27 -22.88
N ASN A 42 -21.18 4.52 -24.09
CA ASN A 42 -20.80 5.88 -24.48
C ASN A 42 -20.07 6.52 -23.30
N ALA A 43 -19.63 5.67 -22.39
CA ALA A 43 -18.92 6.08 -21.20
C ALA A 43 -17.65 6.85 -21.55
N GLY A 44 -17.46 7.04 -22.82
CA GLY A 44 -16.28 7.73 -23.31
C GLY A 44 -16.17 9.14 -22.77
N TYR A 45 -16.60 9.41 -21.53
CA TYR A 45 -16.48 10.77 -21.07
C TYR A 45 -16.23 10.92 -19.58
N GLY A 46 -16.11 12.18 -19.19
CA GLY A 46 -15.86 12.59 -17.82
C GLY A 46 -16.34 14.03 -17.61
N ILE A 47 -17.60 14.14 -17.24
CA ILE A 47 -18.24 15.41 -17.04
C ILE A 47 -18.17 15.88 -15.61
N SER A 48 -18.99 15.23 -14.79
CA SER A 48 -19.09 15.55 -13.37
C SER A 48 -17.96 16.49 -12.94
N TYR A 49 -16.74 16.14 -13.34
CA TYR A 49 -15.59 16.97 -13.03
C TYR A 49 -14.75 17.18 -14.28
N GLU A 50 -14.29 18.41 -14.48
CA GLU A 50 -13.49 18.74 -15.65
C GLU A 50 -12.30 17.80 -15.78
N ASP A 51 -11.17 18.33 -16.24
CA ASP A 51 -9.97 17.52 -16.43
C ASP A 51 -9.11 17.50 -15.17
N LYS A 52 -9.26 16.44 -14.39
CA LYS A 52 -8.48 16.28 -13.18
C LYS A 52 -7.72 14.95 -13.25
N ASN A 53 -6.68 14.82 -12.44
CA ASN A 53 -5.87 13.59 -12.48
C ASN A 53 -6.16 12.66 -11.30
N TRP A 54 -5.81 11.39 -11.53
CA TRP A 54 -5.97 10.35 -10.53
C TRP A 54 -4.68 9.55 -10.44
N GLY A 55 -4.41 9.01 -9.27
CA GLY A 55 -3.22 8.19 -9.06
C GLY A 55 -3.55 6.99 -8.21
N ILE A 56 -3.35 5.81 -8.76
CA ILE A 56 -3.62 4.60 -8.05
C ILE A 56 -2.32 3.84 -7.75
N PHE A 57 -2.16 3.34 -6.51
CA PHE A 57 -0.91 2.62 -6.15
C PHE A 57 -1.15 1.36 -5.33
N VAL A 58 -0.37 0.34 -5.69
CA VAL A 58 -0.44 -0.96 -5.02
C VAL A 58 0.91 -1.34 -4.43
N ASN A 59 0.87 -2.20 -3.42
CA ASN A 59 2.10 -2.66 -2.79
C ASN A 59 3.06 -1.52 -2.49
N GLY A 60 2.63 -0.26 -2.66
CA GLY A 60 3.54 0.83 -2.40
C GLY A 60 4.01 1.47 -3.69
N GLU A 61 3.32 1.12 -4.77
CA GLU A 61 3.69 1.61 -6.09
C GLU A 61 2.47 1.91 -6.94
N LYS A 62 2.62 2.83 -7.88
CA LYS A 62 1.53 3.09 -8.79
C LYS A 62 0.99 1.75 -9.24
N VAL A 63 -0.17 1.76 -9.86
CA VAL A 63 -0.78 0.54 -10.34
C VAL A 63 -1.64 0.88 -11.53
N TYR A 64 -1.78 2.18 -11.75
CA TYR A 64 -2.61 2.70 -12.83
C TYR A 64 -2.65 4.23 -12.72
N THR A 65 -3.07 4.93 -13.77
CA THR A 65 -3.12 6.39 -13.74
C THR A 65 -4.03 6.91 -14.83
N PHE A 66 -5.03 7.70 -14.46
CA PHE A 66 -5.95 8.25 -15.42
C PHE A 66 -6.44 9.63 -15.06
N ASN A 67 -6.84 10.30 -16.12
CA ASN A 67 -7.38 11.63 -16.07
C ASN A 67 -8.90 11.55 -16.16
N GLU A 68 -9.59 12.31 -15.32
CA GLU A 68 -11.04 12.30 -15.31
C GLU A 68 -11.61 12.56 -16.71
N LYS A 69 -10.83 13.22 -17.55
CA LYS A 69 -11.27 13.50 -18.91
C LYS A 69 -10.93 12.33 -19.80
N SER A 70 -9.84 11.65 -19.48
CA SER A 70 -9.43 10.48 -20.26
C SER A 70 -10.54 9.45 -20.19
N THR A 71 -11.59 9.80 -19.45
CA THR A 71 -12.72 8.91 -19.26
C THR A 71 -12.21 7.51 -18.98
N VAL A 72 -12.00 7.21 -17.70
CA VAL A 72 -11.50 5.91 -17.32
C VAL A 72 -12.14 4.81 -18.17
N GLY A 73 -13.42 5.00 -18.44
CA GLY A 73 -14.19 4.02 -19.18
C GLY A 73 -13.32 3.29 -20.18
N ASN A 74 -12.72 4.05 -21.10
CA ASN A 74 -11.85 3.44 -22.09
C ASN A 74 -10.58 2.94 -21.40
N ILE A 75 -10.16 3.66 -20.37
CA ILE A 75 -8.99 3.29 -19.64
C ILE A 75 -9.23 2.03 -18.82
N SER A 76 -9.98 2.19 -17.73
CA SER A 76 -10.29 1.08 -16.85
C SER A 76 -10.32 -0.21 -17.67
N ASN A 77 -10.74 -0.08 -18.93
CA ASN A 77 -10.79 -1.23 -19.81
C ASN A 77 -9.45 -1.95 -19.77
N ASP A 78 -8.44 -1.28 -20.30
CA ASP A 78 -7.08 -1.84 -20.31
C ASP A 78 -6.71 -2.25 -18.89
N ILE A 79 -6.74 -1.28 -18.00
CA ILE A 79 -6.44 -1.51 -16.60
C ILE A 79 -6.90 -2.87 -16.15
N ASN A 80 -8.20 -3.04 -16.20
CA ASN A 80 -8.83 -4.29 -15.82
C ASN A 80 -8.00 -5.49 -16.27
N LYS A 81 -7.01 -5.26 -17.11
CA LYS A 81 -6.18 -6.34 -17.63
C LYS A 81 -4.90 -6.58 -16.79
N LEU A 82 -4.51 -5.63 -15.94
CA LEU A 82 -3.30 -5.84 -15.14
C LEU A 82 -3.65 -6.52 -13.82
N ASN A 83 -4.85 -7.09 -13.78
CA ASN A 83 -5.30 -7.79 -12.59
C ASN A 83 -5.04 -6.96 -11.34
N ILE A 84 -5.78 -5.87 -11.19
CA ILE A 84 -5.64 -4.99 -10.05
C ILE A 84 -5.52 -5.77 -8.75
N LYS A 85 -5.52 -5.02 -7.66
CA LYS A 85 -5.40 -5.59 -6.32
C LYS A 85 -6.55 -5.17 -5.42
N GLY A 86 -6.52 -5.64 -4.17
CA GLY A 86 -7.52 -5.28 -3.21
C GLY A 86 -6.83 -4.54 -2.07
N MET A 87 -6.22 -5.30 -1.17
CA MET A 87 -5.53 -4.76 -0.05
C MET A 87 -4.07 -5.21 -0.04
N TYR A 88 -3.18 -4.46 -0.67
CA TYR A 88 -1.78 -4.86 -0.67
C TYR A 88 -0.84 -3.69 -0.61
N ILE A 89 0.04 -3.76 0.37
CA ILE A 89 1.04 -2.76 0.60
C ILE A 89 2.38 -3.45 0.68
N GLU A 90 3.50 -2.74 0.85
CA GLU A 90 4.74 -3.53 0.93
C GLU A 90 5.99 -2.74 1.21
N ILE A 91 7.03 -3.55 1.21
CA ILE A 91 8.38 -3.14 1.44
C ILE A 91 9.28 -3.96 0.50
N LYS A 92 10.29 -3.35 -0.10
CA LYS A 92 11.16 -4.12 -0.98
C LYS A 92 12.42 -4.51 -0.26
N GLN A 93 12.65 -5.81 -0.18
CA GLN A 93 13.81 -6.35 0.50
C GLN A 93 15.00 -6.45 -0.45
N ILE A 94 16.05 -5.69 -0.16
CA ILE A 94 17.24 -5.74 -0.96
C ILE A 94 16.96 -6.26 -2.37
N ASP B 1 -16.85 -0.87 12.80
CA ASP B 1 -15.62 -0.38 12.12
C ASP B 1 -15.13 -1.42 11.14
N ASN B 2 -14.12 -1.06 10.34
CA ASN B 2 -13.56 -1.98 9.36
C ASN B 2 -12.35 -2.71 9.94
N GLN B 3 -11.71 -3.54 9.13
CA GLN B 3 -10.54 -4.29 9.57
C GLN B 3 -9.43 -3.34 9.99
N LYS B 4 -9.49 -2.10 9.51
CA LYS B 4 -8.49 -1.11 9.85
C LYS B 4 -8.21 -1.11 11.36
N ALA B 5 -9.07 -1.78 12.11
CA ALA B 5 -8.91 -1.86 13.54
C ALA B 5 -7.64 -2.60 13.92
N LEU B 6 -6.97 -3.17 12.91
CA LEU B 6 -5.74 -3.90 13.15
C LEU B 6 -4.81 -3.09 14.04
N GLU B 7 -5.12 -1.80 14.18
CA GLU B 7 -4.31 -0.92 15.01
C GLU B 7 -3.98 -1.58 16.35
N GLU B 8 -4.95 -2.33 16.88
CA GLU B 8 -4.77 -3.00 18.14
C GLU B 8 -4.37 -4.47 17.94
N GLN B 9 -4.14 -4.84 16.69
CA GLN B 9 -3.75 -6.21 16.37
C GLN B 9 -2.69 -6.21 15.27
N MET B 10 -1.45 -6.49 15.66
CA MET B 10 -0.34 -6.54 14.71
C MET B 10 0.79 -7.40 15.26
N ASN B 11 1.42 -8.17 14.38
CA ASN B 11 2.51 -9.04 14.79
C ASN B 11 2.80 -10.07 13.71
N SER B 12 1.74 -10.59 13.12
CA SER B 12 1.88 -11.59 12.08
C SER B 12 2.66 -10.99 10.93
N ILE B 13 2.49 -9.69 10.76
CA ILE B 13 3.17 -8.98 9.71
C ILE B 13 4.61 -8.66 10.09
N ASN B 14 4.87 -8.64 11.40
CA ASN B 14 6.22 -8.34 11.89
C ASN B 14 7.25 -9.24 11.28
N SER B 15 6.95 -10.54 11.25
CA SER B 15 7.89 -11.50 10.71
C SER B 15 8.73 -10.82 9.62
N VAL B 16 8.09 -9.90 8.91
CA VAL B 16 8.76 -9.14 7.88
C VAL B 16 9.75 -8.19 8.54
N ASN B 17 9.22 -7.30 9.37
CA ASN B 17 10.05 -6.34 10.09
C ASN B 17 11.24 -7.05 10.72
N ASP B 18 10.99 -8.20 11.35
CA ASP B 18 12.07 -8.95 11.96
C ASP B 18 13.04 -9.35 10.86
N LYS B 19 12.48 -9.52 9.68
CA LYS B 19 13.26 -9.87 8.50
C LYS B 19 14.23 -8.74 8.17
N LEU B 20 13.76 -7.50 8.29
CA LEU B 20 14.59 -6.34 8.02
C LEU B 20 15.81 -6.34 8.92
N ASN B 21 15.75 -7.16 9.98
CA ASN B 21 16.86 -7.25 10.93
C ASN B 21 17.40 -8.68 10.99
N LYS B 22 17.18 -9.35 12.12
CA LYS B 22 17.64 -10.72 12.32
C LYS B 22 19.17 -10.80 12.36
N GLY B 23 19.84 -9.80 11.80
CA GLY B 23 21.29 -9.80 11.79
C GLY B 23 21.84 -8.57 12.49
N LYS B 24 22.44 -7.69 11.69
CA LYS B 24 23.03 -6.47 12.17
C LYS B 24 23.51 -6.62 13.59
N GLY B 25 23.74 -5.51 14.21
CA GLY B 25 24.20 -5.51 15.58
C GLY B 25 23.06 -5.96 16.51
N LYS B 26 23.00 -5.41 17.71
CA LYS B 26 21.97 -5.80 18.65
C LYS B 26 20.74 -4.88 18.57
N LEU B 27 19.68 -5.36 17.90
CA LEU B 27 18.46 -4.59 17.77
C LEU B 27 17.26 -5.52 17.59
N SER B 28 16.25 -5.36 18.43
CA SER B 28 15.04 -6.18 18.34
C SER B 28 13.82 -5.28 18.16
N LEU B 29 13.13 -5.39 17.03
CA LEU B 29 11.99 -4.54 16.78
C LEU B 29 10.67 -5.19 17.19
N SER B 30 9.69 -4.33 17.38
CA SER B 30 8.36 -4.72 17.73
C SER B 30 7.41 -3.76 17.04
N MET B 31 6.22 -4.20 16.71
CA MET B 31 5.31 -3.32 16.02
C MET B 31 3.95 -3.26 16.69
N ASN B 32 3.40 -2.08 16.72
CA ASN B 32 2.08 -1.86 17.27
C ASN B 32 1.20 -1.20 16.21
N GLY B 33 0.41 -2.02 15.52
CA GLY B 33 -0.46 -1.52 14.47
C GLY B 33 0.28 -0.61 13.50
N ASN B 34 0.55 0.62 13.93
CA ASN B 34 1.22 1.58 13.07
C ASN B 34 2.58 2.01 13.64
N GLN B 35 2.78 1.81 14.93
CA GLN B 35 4.04 2.21 15.56
C GLN B 35 5.05 1.07 15.64
N LEU B 36 6.32 1.43 15.59
CA LEU B 36 7.40 0.49 15.71
C LEU B 36 8.04 0.70 17.08
N LYS B 37 8.70 -0.31 17.60
CA LYS B 37 9.34 -0.19 18.88
C LYS B 37 10.41 -1.24 18.98
N ALA B 38 11.58 -0.80 19.31
CA ALA B 38 12.68 -1.70 19.38
C ALA B 38 13.66 -1.30 20.46
N THR B 39 14.62 -2.17 20.67
CA THR B 39 15.66 -1.95 21.63
C THR B 39 16.97 -2.35 20.97
N SER B 40 18.05 -1.67 21.29
CA SER B 40 19.30 -2.00 20.64
C SER B 40 20.52 -1.68 21.49
N SER B 41 21.66 -2.21 21.05
CA SER B 41 22.93 -1.97 21.72
C SER B 41 24.05 -2.05 20.69
N ASN B 42 24.92 -1.06 20.68
CA ASN B 42 26.01 -1.04 19.72
C ASN B 42 25.47 -1.51 18.36
N ALA B 43 24.15 -1.48 18.26
CA ALA B 43 23.45 -1.89 17.07
C ALA B 43 23.87 -1.07 15.86
N GLY B 44 24.83 -0.21 16.08
CA GLY B 44 25.33 0.66 15.04
C GLY B 44 25.90 -0.11 13.87
N TYR B 45 25.36 -1.28 13.52
CA TYR B 45 25.95 -1.99 12.41
C TYR B 45 24.98 -2.81 11.59
N GLY B 46 25.56 -3.43 10.56
CA GLY B 46 24.84 -4.26 9.61
C GLY B 46 25.80 -5.23 8.95
N ILE B 47 25.96 -6.38 9.60
CA ILE B 47 26.87 -7.41 9.15
C ILE B 47 26.21 -8.43 8.27
N SER B 48 25.41 -9.28 8.92
CA SER B 48 24.69 -10.35 8.24
C SER B 48 24.76 -10.18 6.73
N TYR B 49 24.47 -8.97 6.27
CA TYR B 49 24.53 -8.67 4.85
C TYR B 49 25.32 -7.38 4.62
N GLU B 50 26.17 -7.39 3.61
CA GLU B 50 26.99 -6.22 3.31
C GLU B 50 26.12 -4.98 3.14
N ASP B 51 26.52 -4.10 2.22
CA ASP B 51 25.78 -2.87 1.99
C ASP B 51 24.68 -3.06 0.94
N LYS B 52 23.46 -3.26 1.41
CA LYS B 52 22.32 -3.44 0.52
C LYS B 52 21.27 -2.39 0.87
N ASN B 53 20.36 -2.12 -0.06
CA ASN B 53 19.34 -1.11 0.18
C ASN B 53 17.97 -1.71 0.50
N TRP B 54 17.16 -0.87 1.15
CA TRP B 54 15.81 -1.23 1.54
C TRP B 54 14.86 -0.11 1.13
N GLY B 55 13.63 -0.47 0.85
CA GLY B 55 12.62 0.52 0.48
C GLY B 55 11.29 0.19 1.13
N ILE B 56 10.81 1.11 1.95
CA ILE B 56 9.56 0.91 2.63
C ILE B 56 8.50 1.89 2.10
N PHE B 57 7.28 1.40 1.84
CA PHE B 57 6.22 2.29 1.31
C PHE B 57 4.85 2.07 1.94
N VAL B 58 4.18 3.21 2.21
CA VAL B 58 2.86 3.21 2.81
C VAL B 58 1.85 3.90 1.90
N ASN B 59 0.59 3.55 2.09
CA ASN B 59 -0.48 4.16 1.31
C ASN B 59 -0.15 4.22 -0.18
N GLY B 60 0.94 3.58 -0.61
CA GLY B 60 1.28 3.64 -2.01
C GLY B 60 2.49 4.55 -2.24
N GLU B 61 3.16 4.89 -1.14
CA GLU B 61 4.29 5.78 -1.20
C GLU B 61 5.38 5.38 -0.25
N LYS B 62 6.61 5.74 -0.55
CA LYS B 62 7.70 5.46 0.36
C LYS B 62 7.21 5.86 1.74
N VAL B 63 7.94 5.45 2.75
CA VAL B 63 7.59 5.77 4.12
C VAL B 63 8.86 5.81 4.94
N TYR B 64 9.93 5.38 4.30
CA TYR B 64 11.23 5.30 4.95
C TYR B 64 12.22 4.65 3.96
N THR B 65 13.52 4.77 4.22
CA THR B 65 14.51 4.19 3.32
C THR B 65 15.86 4.06 4.02
N PHE B 66 16.41 2.85 4.06
CA PHE B 66 17.67 2.62 4.70
C PHE B 66 18.51 1.56 4.03
N ASN B 67 19.78 1.70 4.29
CA ASN B 67 20.82 0.82 3.80
C ASN B 67 21.21 -0.15 4.92
N GLU B 68 21.34 -1.42 4.58
CA GLU B 68 21.69 -2.42 5.58
C GLU B 68 22.96 -2.02 6.33
N LYS B 69 23.80 -1.19 5.69
CA LYS B 69 25.02 -0.75 6.33
C LYS B 69 24.73 0.48 7.18
N SER B 70 23.76 1.27 6.75
CA SER B 70 23.39 2.45 7.50
C SER B 70 22.90 2.03 8.88
N THR B 71 22.93 0.72 9.09
CA THR B 71 22.48 0.14 10.34
C THR B 71 21.19 0.82 10.77
N VAL B 72 20.06 0.27 10.34
CA VAL B 72 18.78 0.84 10.68
C VAL B 72 18.77 1.33 12.11
N GLY B 73 19.41 0.56 12.97
CA GLY B 73 19.44 0.84 14.38
C GLY B 73 19.40 2.34 14.63
N ASN B 74 20.37 3.05 14.11
CA ASN B 74 20.41 4.50 14.26
C ASN B 74 19.27 5.11 13.47
N ILE B 75 18.96 4.49 12.34
CA ILE B 75 17.91 4.98 11.49
C ILE B 75 16.55 4.75 12.13
N SER B 76 16.11 3.49 12.13
CA SER B 76 14.83 3.13 12.70
C SER B 76 14.51 4.08 13.85
N ASN B 77 15.55 4.54 14.53
CA ASN B 77 15.37 5.48 15.62
C ASN B 77 14.50 6.64 15.14
N ASP B 78 15.06 7.43 14.25
CA ASP B 78 14.34 8.56 13.68
C ASP B 78 12.99 8.09 13.15
N ILE B 79 13.06 7.15 12.21
CA ILE B 79 11.87 6.56 11.62
C ILE B 79 10.77 6.45 12.63
N ASN B 80 11.02 5.64 13.62
CA ASN B 80 10.05 5.42 14.70
C ASN B 80 9.32 6.71 15.07
N LYS B 81 9.79 7.84 14.55
CA LYS B 81 9.19 9.13 14.87
C LYS B 81 8.13 9.57 13.84
N LEU B 82 8.10 8.96 12.66
CA LEU B 82 7.10 9.36 11.66
C LEU B 82 5.83 8.54 11.84
N ASN B 83 5.71 7.89 12.98
CA ASN B 83 4.54 7.08 13.28
C ASN B 83 4.20 6.18 12.10
N ILE B 84 5.04 5.19 11.88
CA ILE B 84 4.84 4.25 10.78
C ILE B 84 3.38 3.79 10.69
N LYS B 85 3.17 2.83 9.81
CA LYS B 85 1.83 2.29 9.58
C LYS B 85 1.81 0.78 9.76
N GLY B 86 0.64 0.18 9.55
CA GLY B 86 0.48 -1.24 9.64
C GLY B 86 0.05 -1.75 8.27
N MET B 87 -1.24 -1.62 8.00
CA MET B 87 -1.81 -2.05 6.77
C MET B 87 -2.50 -0.89 6.06
N TYR B 88 -1.79 -0.16 5.21
CA TYR B 88 -2.43 0.96 4.52
C TYR B 88 -1.90 1.13 3.11
N ILE B 89 -2.85 1.16 2.20
CA ILE B 89 -2.58 1.34 0.80
C ILE B 89 -3.46 2.47 0.29
N GLU B 90 -3.37 2.87 -0.97
CA GLU B 90 -4.28 3.96 -1.35
C GLU B 90 -4.26 4.35 -2.80
N ILE B 91 -5.06 5.36 -3.00
CA ILE B 91 -5.30 6.01 -4.26
C ILE B 91 -5.45 7.50 -4.00
N LYS B 92 -4.88 8.36 -4.84
CA LYS B 92 -5.04 9.80 -4.60
C LYS B 92 -6.14 10.35 -5.49
N GLN B 93 -7.14 10.92 -4.85
CA GLN B 93 -8.26 11.49 -5.56
C GLN B 93 -8.01 12.94 -5.94
N ILE B 94 -7.95 13.21 -7.23
CA ILE B 94 -7.74 14.55 -7.72
C ILE B 94 -7.07 15.43 -6.67
N ASP A 1 -27.53 -4.60 10.76
CA ASP A 1 -28.30 -4.46 9.48
C ASP A 1 -27.46 -5.01 8.34
N ASN A 2 -28.12 -5.31 7.22
CA ASN A 2 -27.44 -5.86 6.06
C ASN A 2 -26.13 -5.12 5.80
N GLN A 3 -26.02 -3.91 6.32
CA GLN A 3 -24.85 -3.09 6.15
C GLN A 3 -23.63 -3.77 6.77
N LYS A 4 -23.84 -4.91 7.40
CA LYS A 4 -22.76 -5.64 8.03
C LYS A 4 -21.84 -6.27 6.99
N ALA A 5 -22.39 -6.56 5.82
CA ALA A 5 -21.62 -7.16 4.75
C ALA A 5 -20.36 -6.35 4.46
N LEU A 6 -20.31 -5.14 4.99
CA LEU A 6 -19.17 -4.26 4.78
C LEU A 6 -17.87 -4.97 5.16
N GLU A 7 -17.98 -6.14 5.77
CA GLU A 7 -16.80 -6.90 6.20
C GLU A 7 -15.97 -7.37 5.00
N GLU A 8 -16.64 -7.64 3.87
CA GLU A 8 -15.95 -8.11 2.69
C GLU A 8 -15.26 -6.96 1.96
N GLN A 9 -15.36 -5.78 2.54
CA GLN A 9 -14.74 -4.61 1.92
C GLN A 9 -14.45 -3.52 2.95
N MET A 10 -13.64 -2.54 2.56
CA MET A 10 -13.28 -1.45 3.45
C MET A 10 -13.98 -0.15 3.05
N ASN A 11 -14.66 0.47 4.02
CA ASN A 11 -15.40 1.73 3.80
C ASN A 11 -14.84 2.53 2.62
N SER A 12 -13.55 2.37 2.38
CA SER A 12 -12.91 3.07 1.29
C SER A 12 -13.51 2.63 -0.04
N ILE A 13 -14.48 1.73 0.00
CA ILE A 13 -15.10 1.24 -1.21
C ILE A 13 -15.75 2.38 -1.99
N ASN A 14 -17.06 2.47 -1.85
CA ASN A 14 -17.84 3.48 -2.52
C ASN A 14 -17.16 4.85 -2.45
N SER A 15 -16.53 5.16 -1.33
CA SER A 15 -15.91 6.45 -1.19
C SER A 15 -14.91 6.69 -2.31
N VAL A 16 -14.23 5.63 -2.71
CA VAL A 16 -13.26 5.74 -3.78
C VAL A 16 -13.98 5.70 -5.12
N ASN A 17 -14.71 4.62 -5.34
CA ASN A 17 -15.47 4.45 -6.57
C ASN A 17 -16.26 5.71 -6.89
N ASP A 18 -16.91 6.29 -5.88
CA ASP A 18 -17.68 7.50 -6.08
C ASP A 18 -16.74 8.61 -6.49
N LYS A 19 -15.52 8.51 -5.99
CA LYS A 19 -14.48 9.48 -6.28
C LYS A 19 -14.07 9.42 -7.75
N LEU A 20 -13.86 8.20 -8.25
CA LEU A 20 -13.47 8.00 -9.64
C LEU A 20 -14.66 8.24 -10.58
N ASN A 21 -15.83 7.71 -10.21
CA ASN A 21 -17.03 7.84 -11.01
C ASN A 21 -17.40 9.32 -11.20
N LYS A 22 -16.64 9.99 -12.06
CA LYS A 22 -16.89 11.38 -12.35
C LYS A 22 -16.51 11.68 -13.79
N GLY A 23 -17.32 11.19 -14.72
CA GLY A 23 -17.08 11.38 -16.13
C GLY A 23 -18.33 11.12 -16.95
N LYS A 24 -19.17 12.15 -17.07
CA LYS A 24 -20.40 12.06 -17.85
C LYS A 24 -20.78 10.62 -18.14
N GLY A 25 -20.18 10.04 -19.17
CA GLY A 25 -20.47 8.66 -19.53
C GLY A 25 -20.94 7.89 -18.29
N LYS A 26 -21.97 7.07 -18.44
CA LYS A 26 -22.52 6.34 -17.29
C LYS A 26 -21.76 5.06 -17.01
N LEU A 27 -21.08 5.06 -15.88
CA LEU A 27 -20.32 3.91 -15.44
C LEU A 27 -20.20 3.91 -13.92
N SER A 28 -20.71 2.86 -13.28
CA SER A 28 -20.64 2.76 -11.82
C SER A 28 -19.76 1.59 -11.39
N LEU A 29 -18.58 1.89 -10.85
CA LEU A 29 -17.66 0.87 -10.42
C LEU A 29 -18.00 0.40 -9.01
N SER A 30 -17.44 -0.75 -8.67
CA SER A 30 -17.60 -1.31 -7.35
C SER A 30 -16.27 -1.92 -6.94
N MET A 31 -15.96 -1.91 -5.66
CA MET A 31 -14.70 -2.44 -5.23
C MET A 31 -14.88 -3.55 -4.21
N ASN A 32 -14.44 -4.73 -4.60
CA ASN A 32 -14.52 -5.90 -3.74
C ASN A 32 -13.10 -6.30 -3.38
N GLY A 33 -12.91 -6.81 -2.16
CA GLY A 33 -11.59 -7.21 -1.70
C GLY A 33 -10.52 -6.99 -2.76
N ASN A 34 -10.45 -7.89 -3.73
CA ASN A 34 -9.44 -7.80 -4.77
C ASN A 34 -10.06 -7.76 -6.18
N GLN A 35 -11.33 -7.35 -6.26
CA GLN A 35 -12.00 -7.30 -7.57
C GLN A 35 -12.74 -5.98 -7.80
N LEU A 36 -12.71 -5.53 -9.05
CA LEU A 36 -13.43 -4.34 -9.45
C LEU A 36 -14.67 -4.83 -10.19
N LYS A 37 -15.72 -4.04 -10.20
CA LYS A 37 -16.93 -4.46 -10.87
C LYS A 37 -17.74 -3.23 -11.19
N ALA A 38 -18.11 -3.11 -12.41
CA ALA A 38 -18.85 -1.97 -12.83
C ALA A 38 -19.83 -2.29 -13.94
N THR A 39 -20.63 -1.29 -14.23
CA THR A 39 -21.63 -1.37 -15.28
C THR A 39 -21.55 -0.06 -16.06
N SER A 40 -21.90 -0.06 -17.33
CA SER A 40 -21.79 1.18 -18.09
C SER A 40 -22.69 1.22 -19.31
N SER A 41 -23.00 2.45 -19.71
CA SER A 41 -23.82 2.67 -20.91
C SER A 41 -23.30 3.90 -21.66
N ASN A 42 -23.15 3.77 -22.98
CA ASN A 42 -22.63 4.88 -23.78
C ASN A 42 -21.59 5.63 -22.95
N ALA A 43 -21.09 4.92 -21.96
CA ALA A 43 -20.13 5.45 -21.01
C ALA A 43 -18.76 5.62 -21.64
N GLY A 44 -18.69 5.43 -22.93
CA GLY A 44 -17.43 5.56 -23.63
C GLY A 44 -16.87 6.96 -23.45
N TYR A 45 -17.49 7.75 -22.58
CA TYR A 45 -17.04 9.11 -22.35
C TYR A 45 -17.05 9.48 -20.88
N GLY A 46 -16.77 10.75 -20.63
CA GLY A 46 -16.77 11.29 -19.29
C GLY A 46 -15.63 12.28 -19.09
N ILE A 47 -15.48 13.16 -20.07
CA ILE A 47 -14.45 14.17 -20.04
C ILE A 47 -15.01 15.46 -19.44
N SER A 48 -15.86 16.11 -20.21
CA SER A 48 -16.48 17.35 -19.81
C SER A 48 -15.48 18.27 -19.12
N TYR A 49 -15.19 17.95 -17.88
CA TYR A 49 -14.25 18.73 -17.08
C TYR A 49 -12.82 18.49 -17.56
N GLU A 50 -12.45 19.24 -18.60
CA GLU A 50 -11.12 19.17 -19.20
C GLU A 50 -10.51 17.78 -19.05
N ASP A 51 -9.19 17.70 -19.21
CA ASP A 51 -8.48 16.43 -19.11
C ASP A 51 -7.87 16.29 -17.73
N LYS A 52 -8.48 15.46 -16.89
CA LYS A 52 -7.99 15.24 -15.55
C LYS A 52 -7.34 13.86 -15.46
N ASN A 53 -6.26 13.75 -14.69
CA ASN A 53 -5.54 12.48 -14.59
C ASN A 53 -5.81 11.74 -13.28
N TRP A 54 -5.42 10.47 -13.26
CA TRP A 54 -5.61 9.61 -12.10
C TRP A 54 -4.41 8.69 -11.93
N GLY A 55 -4.12 8.36 -10.68
CA GLY A 55 -3.03 7.45 -10.35
C GLY A 55 -3.45 6.45 -9.30
N ILE A 56 -3.40 5.19 -9.65
CA ILE A 56 -3.78 4.14 -8.76
C ILE A 56 -2.52 3.34 -8.31
N PHE A 57 -2.41 3.01 -7.00
CA PHE A 57 -1.21 2.28 -6.51
C PHE A 57 -1.54 1.15 -5.54
N VAL A 58 -0.95 -0.01 -5.86
CA VAL A 58 -1.13 -1.19 -5.03
C VAL A 58 0.22 -1.60 -4.46
N ASN A 59 0.22 -2.36 -3.36
CA ASN A 59 1.48 -2.76 -2.78
C ASN A 59 2.42 -1.57 -2.69
N GLY A 60 1.89 -0.38 -3.00
CA GLY A 60 2.71 0.82 -2.97
C GLY A 60 3.38 1.01 -4.31
N GLU A 61 2.68 0.57 -5.32
CA GLU A 61 3.16 0.64 -6.68
C GLU A 61 1.99 0.91 -7.59
N LYS A 62 2.21 1.66 -8.65
CA LYS A 62 1.15 1.89 -9.59
C LYS A 62 0.43 0.56 -9.78
N VAL A 63 -0.70 0.62 -10.43
CA VAL A 63 -1.49 -0.57 -10.70
C VAL A 63 -2.42 -0.28 -11.87
N TYR A 64 -2.48 1.00 -12.22
CA TYR A 64 -3.34 1.43 -13.29
C TYR A 64 -3.19 2.95 -13.48
N THR A 65 -3.60 3.47 -14.63
CA THR A 65 -3.48 4.91 -14.89
C THR A 65 -4.44 5.32 -16.01
N PHE A 66 -5.28 6.32 -15.74
CA PHE A 66 -6.22 6.79 -16.73
C PHE A 66 -6.59 8.24 -16.60
N ASN A 67 -6.66 8.86 -17.76
CA ASN A 67 -7.05 10.25 -17.91
C ASN A 67 -8.54 10.31 -18.25
N GLU A 68 -9.25 11.26 -17.65
CA GLU A 68 -10.68 11.40 -17.90
C GLU A 68 -11.00 11.29 -19.38
N LYS A 69 -10.22 11.97 -20.20
CA LYS A 69 -10.46 11.94 -21.65
C LYS A 69 -10.45 10.52 -22.18
N SER A 70 -9.65 9.66 -21.55
CA SER A 70 -9.56 8.27 -21.98
C SER A 70 -10.84 7.52 -21.63
N THR A 71 -11.70 8.15 -20.84
CA THR A 71 -12.94 7.52 -20.42
C THR A 71 -12.62 6.14 -19.84
N VAL A 72 -12.37 6.10 -18.55
CA VAL A 72 -12.02 4.86 -17.90
C VAL A 72 -12.85 3.71 -18.46
N GLY A 73 -14.11 4.02 -18.73
CA GLY A 73 -15.04 3.03 -19.20
C GLY A 73 -14.35 1.99 -20.06
N ASN A 74 -13.78 2.45 -21.17
CA ASN A 74 -13.07 1.55 -22.07
C ASN A 74 -11.83 1.02 -21.37
N ILE A 75 -11.30 1.82 -20.46
CA ILE A 75 -10.12 1.43 -19.73
C ILE A 75 -10.43 0.42 -18.63
N SER A 76 -11.04 0.90 -17.56
CA SER A 76 -11.40 0.03 -16.43
C SER A 76 -11.73 -1.33 -16.97
N ASN A 77 -12.20 -1.32 -18.19
CA ASN A 77 -12.53 -2.54 -18.90
C ASN A 77 -11.32 -3.45 -18.91
N ASP A 78 -10.25 -2.98 -19.52
CA ASP A 78 -9.02 -3.78 -19.55
C ASP A 78 -8.58 -4.06 -18.12
N ILE A 79 -8.33 -2.98 -17.39
CA ILE A 79 -7.94 -3.04 -16.00
C ILE A 79 -8.55 -4.23 -15.26
N ASN A 80 -9.84 -4.13 -15.02
CA ASN A 80 -10.54 -5.18 -14.30
C ASN A 80 -10.08 -6.57 -14.74
N LYS A 81 -9.31 -6.63 -15.82
CA LYS A 81 -8.84 -7.92 -16.34
C LYS A 81 -7.51 -8.36 -15.72
N LEU A 82 -6.73 -7.43 -15.16
CA LEU A 82 -5.46 -7.84 -14.56
C LEU A 82 -5.70 -8.34 -13.15
N ASN A 83 -6.94 -8.70 -12.89
CA ASN A 83 -7.35 -9.20 -11.60
C ASN A 83 -6.65 -8.43 -10.48
N ILE A 84 -7.09 -7.19 -10.27
CA ILE A 84 -6.54 -6.35 -9.25
C ILE A 84 -6.51 -7.05 -7.91
N LYS A 85 -5.99 -6.34 -6.90
CA LYS A 85 -5.92 -6.87 -5.55
C LYS A 85 -6.43 -5.82 -4.57
N GLY A 86 -6.45 -6.15 -3.29
CA GLY A 86 -6.92 -5.20 -2.30
C GLY A 86 -5.88 -4.95 -1.22
N MET A 87 -6.11 -5.56 -0.07
CA MET A 87 -5.24 -5.43 1.06
C MET A 87 -3.80 -5.83 0.76
N TYR A 88 -3.05 -4.93 0.14
CA TYR A 88 -1.65 -5.24 -0.13
C TYR A 88 -0.79 -4.01 -0.14
N ILE A 89 0.06 -3.96 0.85
CA ILE A 89 1.00 -2.88 1.02
C ILE A 89 2.36 -3.51 1.16
N GLU A 90 3.46 -2.75 1.28
CA GLU A 90 4.73 -3.47 1.39
C GLU A 90 5.91 -2.62 1.80
N ILE A 91 7.03 -3.31 1.73
CA ILE A 91 8.33 -2.79 2.06
C ILE A 91 9.37 -3.38 1.11
N LYS A 92 10.28 -2.56 0.59
CA LYS A 92 11.30 -3.05 -0.31
C LYS A 92 12.63 -3.21 0.42
N GLN A 93 13.39 -4.21 0.00
CA GLN A 93 14.68 -4.49 0.61
C GLN A 93 15.83 -4.21 -0.36
N ILE A 94 16.89 -3.60 0.16
CA ILE A 94 18.08 -3.30 -0.63
C ILE A 94 17.89 -3.67 -2.10
N ASP B 1 -3.35 -24.05 17.49
CA ASP B 1 -2.20 -23.82 18.41
C ASP B 1 -2.02 -22.32 18.62
N ASN B 2 -1.29 -21.97 19.68
CA ASN B 2 -1.06 -20.56 20.00
C ASN B 2 -0.71 -19.77 18.75
N GLN B 3 -0.25 -20.46 17.72
CA GLN B 3 0.11 -19.84 16.48
C GLN B 3 -1.08 -19.15 15.84
N LYS B 4 -2.26 -19.29 16.45
CA LYS B 4 -3.46 -18.67 15.94
C LYS B 4 -3.42 -17.15 16.11
N ALA B 5 -2.68 -16.69 17.12
CA ALA B 5 -2.56 -15.27 17.38
C ALA B 5 -2.14 -14.51 16.13
N LEU B 6 -1.68 -15.26 15.13
CA LEU B 6 -1.23 -14.65 13.87
C LEU B 6 -2.31 -13.74 13.29
N GLU B 7 -3.50 -13.78 13.88
CA GLU B 7 -4.61 -12.96 13.39
C GLU B 7 -4.34 -11.47 13.58
N GLU B 8 -3.58 -11.12 14.63
CA GLU B 8 -3.29 -9.74 14.90
C GLU B 8 -2.18 -9.22 14.00
N GLN B 9 -1.73 -10.07 13.10
CA GLN B 9 -0.68 -9.69 12.17
C GLN B 9 -0.69 -10.54 10.91
N MET B 10 0.04 -10.08 9.89
CA MET B 10 0.09 -10.79 8.61
C MET B 10 1.44 -11.49 8.43
N ASN B 11 1.38 -12.79 8.14
CA ASN B 11 2.57 -13.61 7.92
C ASN B 11 3.79 -12.78 7.49
N SER B 12 3.52 -11.68 6.81
CA SER B 12 4.57 -10.80 6.35
C SER B 12 5.33 -10.22 7.52
N ILE B 13 4.92 -10.59 8.74
CA ILE B 13 5.57 -10.08 9.92
C ILE B 13 7.05 -10.45 9.96
N ASN B 14 7.36 -11.47 10.73
CA ASN B 14 8.71 -11.94 10.87
C ASN B 14 9.42 -12.02 9.53
N SER B 15 8.71 -12.41 8.48
CA SER B 15 9.35 -12.53 7.18
C SER B 15 10.02 -11.23 6.79
N VAL B 16 9.39 -10.13 7.14
CA VAL B 16 9.94 -8.83 6.83
C VAL B 16 11.00 -8.47 7.84
N ASN B 17 10.59 -8.44 9.10
CA ASN B 17 11.50 -8.13 10.19
C ASN B 17 12.80 -8.92 10.05
N ASP B 18 12.67 -10.22 9.75
CA ASP B 18 13.85 -11.06 9.58
C ASP B 18 14.64 -10.56 8.40
N LYS B 19 13.92 -9.99 7.45
CA LYS B 19 14.51 -9.46 6.25
C LYS B 19 15.36 -8.22 6.58
N LEU B 20 14.81 -7.31 7.38
CA LEU B 20 15.52 -6.10 7.78
C LEU B 20 16.63 -6.42 8.78
N ASN B 21 16.31 -7.26 9.77
CA ASN B 21 17.25 -7.63 10.80
C ASN B 21 18.50 -8.30 10.20
N LYS B 22 19.34 -7.48 9.59
CA LYS B 22 20.56 -7.97 8.98
C LYS B 22 21.65 -6.92 9.09
N GLY B 23 22.14 -6.72 10.30
CA GLY B 23 23.17 -5.72 10.55
C GLY B 23 23.88 -5.98 11.88
N LYS B 24 24.88 -6.85 11.84
CA LYS B 24 25.67 -7.18 13.03
C LYS B 24 24.98 -6.73 14.31
N GLY B 25 25.11 -5.45 14.65
CA GLY B 25 24.48 -4.93 15.86
C GLY B 25 23.24 -5.77 16.19
N LYS B 26 23.04 -6.07 17.47
CA LYS B 26 21.91 -6.91 17.85
C LYS B 26 20.63 -6.11 18.04
N LEU B 27 19.69 -6.34 17.15
CA LEU B 27 18.40 -5.68 17.20
C LEU B 27 17.34 -6.56 16.54
N SER B 28 16.31 -6.93 17.30
CA SER B 28 15.25 -7.77 16.75
C SER B 28 13.92 -7.01 16.73
N LEU B 29 13.46 -6.65 15.54
CA LEU B 29 12.22 -5.92 15.40
C LEU B 29 11.03 -6.86 15.39
N SER B 30 9.86 -6.28 15.59
CA SER B 30 8.62 -7.01 15.56
C SER B 30 7.59 -6.14 14.88
N MET B 31 6.65 -6.74 14.18
CA MET B 31 5.66 -5.94 13.49
C MET B 31 4.25 -6.31 13.94
N ASN B 32 3.59 -5.34 14.53
CA ASN B 32 2.23 -5.51 14.98
C ASN B 32 1.33 -4.61 14.14
N GLY B 33 0.11 -5.07 13.87
CA GLY B 33 -0.82 -4.29 13.05
C GLY B 33 -0.22 -2.97 12.58
N ASN B 34 -0.21 -1.99 13.47
CA ASN B 34 0.32 -0.67 13.12
C ASN B 34 1.45 -0.24 14.05
N GLN B 35 2.12 -1.19 14.70
CA GLN B 35 3.20 -0.85 15.61
C GLN B 35 4.46 -1.70 15.37
N LEU B 36 5.61 -1.05 15.54
CA LEU B 36 6.89 -1.72 15.43
C LEU B 36 7.38 -1.94 16.86
N LYS B 37 8.19 -2.95 17.08
CA LYS B 37 8.68 -3.20 18.43
C LYS B 37 9.94 -4.00 18.32
N ALA B 38 10.95 -3.52 18.97
CA ALA B 38 12.21 -4.18 18.90
C ALA B 38 12.99 -4.05 20.19
N THR B 39 14.09 -4.78 20.22
CA THR B 39 15.01 -4.78 21.34
C THR B 39 16.41 -4.71 20.76
N SER B 40 17.37 -4.14 21.48
CA SER B 40 18.70 -4.04 20.91
C SER B 40 19.80 -3.91 21.95
N SER B 41 20.99 -4.31 21.55
CA SER B 41 22.17 -4.21 22.42
C SER B 41 23.39 -3.82 21.58
N ASN B 42 24.16 -2.84 22.06
CA ASN B 42 25.33 -2.38 21.31
C ASN B 42 25.01 -2.46 19.82
N ALA B 43 23.72 -2.49 19.55
CA ALA B 43 23.19 -2.61 18.21
C ALA B 43 23.38 -1.34 17.40
N GLY B 44 24.11 -0.41 17.97
CA GLY B 44 24.36 0.86 17.30
C GLY B 44 25.05 0.63 15.97
N TYR B 45 25.16 -0.64 15.57
CA TYR B 45 25.82 -0.97 14.31
C TYR B 45 25.08 -2.03 13.54
N GLY B 46 25.72 -2.45 12.45
CA GLY B 46 25.17 -3.48 11.60
C GLY B 46 25.43 -3.20 10.13
N ILE B 47 26.66 -2.80 9.83
CA ILE B 47 27.07 -2.48 8.50
C ILE B 47 27.69 -3.69 7.83
N SER B 48 28.88 -4.03 8.30
CA SER B 48 29.62 -5.17 7.79
C SER B 48 29.53 -5.24 6.27
N TYR B 49 28.39 -5.71 5.80
CA TYR B 49 28.15 -5.84 4.37
C TYR B 49 27.94 -4.48 3.73
N GLU B 50 29.07 -3.83 3.41
CA GLU B 50 29.07 -2.51 2.78
C GLU B 50 27.86 -1.68 3.19
N ASP B 51 27.58 -0.65 2.40
CA ASP B 51 26.46 0.24 2.68
C ASP B 51 25.25 -0.16 1.82
N LYS B 52 24.29 -0.81 2.45
CA LYS B 52 23.09 -1.24 1.74
C LYS B 52 21.91 -0.35 2.14
N ASN B 53 21.03 -0.05 1.18
CA ASN B 53 19.91 0.84 1.45
C ASN B 53 18.58 0.10 1.61
N TRP B 54 17.59 0.82 2.14
CA TRP B 54 16.27 0.27 2.36
C TRP B 54 15.20 1.32 2.06
N GLY B 55 14.06 0.84 1.60
CA GLY B 55 12.93 1.72 1.30
C GLY B 55 11.63 1.14 1.82
N ILE B 56 10.98 1.85 2.71
CA ILE B 56 9.76 1.40 3.28
C ILE B 56 8.58 2.28 2.77
N PHE B 57 7.44 1.65 2.40
CA PHE B 57 6.29 2.43 1.87
C PHE B 57 4.94 2.00 2.44
N VAL B 58 4.20 3.03 2.88
CA VAL B 58 2.88 2.81 3.43
C VAL B 58 1.86 3.53 2.56
N ASN B 59 0.60 3.11 2.63
CA ASN B 59 -0.41 3.75 1.80
C ASN B 59 0.12 3.92 0.38
N GLY B 60 1.27 3.32 0.10
CA GLY B 60 1.88 3.42 -1.22
C GLY B 60 2.73 4.66 -1.29
N GLU B 61 3.30 4.98 -0.15
CA GLU B 61 4.15 6.14 0.00
C GLU B 61 5.25 5.81 0.96
N LYS B 62 6.43 6.36 0.73
CA LYS B 62 7.50 6.13 1.68
C LYS B 62 6.90 6.24 3.07
N VAL B 63 7.68 5.85 4.05
CA VAL B 63 7.25 5.91 5.44
C VAL B 63 8.48 5.90 6.33
N TYR B 64 9.61 5.62 5.71
CA TYR B 64 10.86 5.54 6.42
C TYR B 64 11.99 5.22 5.43
N THR B 65 13.24 5.47 5.81
CA THR B 65 14.37 5.19 4.93
C THR B 65 15.66 5.09 5.74
N PHE B 66 16.39 3.98 5.58
CA PHE B 66 17.62 3.79 6.31
C PHE B 66 18.63 2.91 5.59
N ASN B 67 19.86 3.38 5.70
CA ASN B 67 21.01 2.70 5.14
C ASN B 67 21.68 1.87 6.24
N GLU B 68 22.10 0.66 5.90
CA GLU B 68 22.73 -0.22 6.87
C GLU B 68 23.74 0.53 7.71
N LYS B 69 24.58 1.34 7.07
CA LYS B 69 25.60 2.10 7.81
C LYS B 69 24.97 2.96 8.89
N SER B 70 23.75 3.42 8.66
CA SER B 70 23.07 4.25 9.64
C SER B 70 22.64 3.42 10.84
N THR B 71 22.76 2.11 10.72
CA THR B 71 22.36 1.23 11.81
C THR B 71 20.94 1.57 12.23
N VAL B 72 19.96 0.95 11.59
CA VAL B 72 18.58 1.23 11.91
C VAL B 72 18.39 1.43 13.40
N GLY B 73 19.11 0.61 14.16
CA GLY B 73 19.00 0.64 15.60
C GLY B 73 18.69 2.03 16.11
N ASN B 74 19.60 2.95 15.86
CA ASN B 74 19.41 4.33 16.27
C ASN B 74 18.25 4.93 15.50
N ILE B 75 18.04 4.44 14.29
CA ILE B 75 16.97 4.93 13.46
C ILE B 75 15.61 4.39 13.89
N SER B 76 15.37 3.12 13.59
CA SER B 76 14.11 2.47 13.96
C SER B 76 13.61 3.09 15.24
N ASN B 77 14.58 3.53 16.02
CA ASN B 77 14.30 4.18 17.28
C ASN B 77 13.37 5.35 17.04
N ASP B 78 13.83 6.31 16.24
CA ASP B 78 12.99 7.46 15.92
C ASP B 78 11.71 6.96 15.26
N ILE B 79 11.89 6.28 14.14
CA ILE B 79 10.80 5.70 13.38
C ILE B 79 9.66 5.25 14.26
N ASN B 80 9.89 4.18 14.98
CA ASN B 80 8.85 3.62 15.84
C ASN B 80 8.08 4.71 16.57
N LYS B 81 8.57 5.94 16.50
CA LYS B 81 7.92 7.07 17.18
C LYS B 81 6.84 7.75 16.33
N LEU B 82 6.90 7.60 15.01
CA LEU B 82 5.89 8.24 14.17
C LEU B 82 4.65 7.37 14.11
N ASN B 83 4.55 6.47 15.09
CA ASN B 83 3.43 5.56 15.18
C ASN B 83 3.02 5.06 13.80
N ILE B 84 3.84 4.19 13.24
CA ILE B 84 3.60 3.61 11.95
C ILE B 84 2.18 3.04 11.86
N LYS B 85 1.87 2.52 10.68
CA LYS B 85 0.56 1.90 10.46
C LYS B 85 0.76 0.55 9.76
N GLY B 86 -0.34 -0.14 9.50
CA GLY B 86 -0.23 -1.44 8.85
C GLY B 86 -1.07 -1.49 7.58
N MET B 87 -2.21 -2.14 7.67
CA MET B 87 -3.11 -2.31 6.58
C MET B 87 -3.55 -0.99 5.96
N TYR B 88 -2.71 -0.40 5.12
CA TYR B 88 -3.10 0.83 4.47
C TYR B 88 -2.47 0.99 3.12
N ILE B 89 -3.33 0.93 2.14
CA ILE B 89 -2.93 1.08 0.76
C ILE B 89 -3.82 2.16 0.17
N GLU B 90 -3.66 2.56 -1.10
CA GLU B 90 -4.56 3.62 -1.55
C GLU B 90 -4.56 3.87 -3.04
N ILE B 91 -5.27 4.94 -3.33
CA ILE B 91 -5.48 5.44 -4.68
C ILE B 91 -5.50 6.96 -4.65
N LYS B 92 -4.82 7.61 -5.58
CA LYS B 92 -4.82 9.06 -5.62
C LYS B 92 -5.77 9.58 -6.70
N GLN B 93 -6.37 10.73 -6.43
CA GLN B 93 -7.31 11.34 -7.37
C GLN B 93 -6.76 12.64 -7.94
N ILE B 94 -6.95 12.82 -9.24
CA ILE B 94 -6.52 14.02 -9.94
C ILE B 94 -5.73 14.95 -9.03
N ASP A 1 -15.76 6.72 9.93
CA ASP A 1 -15.89 6.07 8.59
C ASP A 1 -16.94 4.98 8.66
N ASN A 2 -17.64 4.76 7.55
CA ASN A 2 -18.67 3.72 7.49
C ASN A 2 -18.11 2.38 7.92
N GLN A 3 -18.55 1.90 9.07
CA GLN A 3 -18.08 0.61 9.59
C GLN A 3 -18.51 -0.52 8.67
N LYS A 4 -19.59 -0.29 7.92
CA LYS A 4 -20.11 -1.28 7.00
C LYS A 4 -19.15 -1.54 5.85
N ALA A 5 -18.99 -0.53 4.99
CA ALA A 5 -18.11 -0.65 3.84
C ALA A 5 -16.70 -1.10 4.24
N LEU A 6 -16.13 -0.43 5.23
CA LEU A 6 -14.79 -0.76 5.70
C LEU A 6 -14.56 -2.26 5.68
N GLU A 7 -15.65 -3.04 5.63
CA GLU A 7 -15.54 -4.50 5.62
C GLU A 7 -15.49 -5.06 4.20
N GLU A 8 -16.51 -4.73 3.40
CA GLU A 8 -16.58 -5.23 2.05
C GLU A 8 -15.99 -4.22 1.06
N GLN A 9 -15.38 -3.17 1.57
CA GLN A 9 -14.81 -2.15 0.71
C GLN A 9 -13.81 -1.27 1.49
N MET A 10 -12.91 -0.62 0.76
CA MET A 10 -11.93 0.25 1.38
C MET A 10 -12.43 1.70 1.41
N ASN A 11 -12.41 2.29 2.58
CA ASN A 11 -12.88 3.67 2.77
C ASN A 11 -12.67 4.53 1.53
N SER A 12 -11.71 4.16 0.69
CA SER A 12 -11.42 4.92 -0.50
C SER A 12 -12.45 4.64 -1.58
N ILE A 13 -12.55 3.38 -1.99
CA ILE A 13 -13.49 3.03 -3.01
C ILE A 13 -14.78 3.83 -2.86
N ASN A 14 -15.02 4.34 -1.67
CA ASN A 14 -16.22 5.10 -1.39
C ASN A 14 -16.13 6.49 -1.99
N SER A 15 -15.26 7.32 -1.40
CA SER A 15 -15.10 8.67 -1.90
C SER A 15 -14.45 8.64 -3.27
N VAL A 16 -13.41 7.83 -3.39
CA VAL A 16 -12.69 7.69 -4.64
C VAL A 16 -13.67 7.49 -5.79
N ASN A 17 -14.41 6.38 -5.74
CA ASN A 17 -15.38 6.09 -6.78
C ASN A 17 -16.02 7.38 -7.29
N ASP A 18 -16.50 8.19 -6.36
CA ASP A 18 -17.13 9.45 -6.71
C ASP A 18 -16.08 10.51 -7.01
N LYS A 19 -14.87 10.30 -6.51
CA LYS A 19 -13.78 11.24 -6.73
C LYS A 19 -13.16 11.04 -8.11
N LEU A 20 -12.61 9.85 -8.34
CA LEU A 20 -11.99 9.53 -9.61
C LEU A 20 -12.91 9.99 -10.74
N ASN A 21 -14.12 10.38 -10.37
CA ASN A 21 -15.11 10.85 -11.33
C ASN A 21 -14.56 11.97 -12.20
N LYS A 22 -15.01 13.19 -11.95
CA LYS A 22 -14.56 14.34 -12.73
C LYS A 22 -14.44 13.98 -14.20
N GLY A 23 -15.21 12.98 -14.61
CA GLY A 23 -15.23 12.51 -15.99
C GLY A 23 -15.60 11.04 -16.01
N LYS A 24 -16.82 10.79 -16.48
CA LYS A 24 -17.33 9.44 -16.57
C LYS A 24 -18.49 9.37 -17.56
N GLY A 25 -19.18 8.25 -17.53
CA GLY A 25 -20.33 8.00 -18.38
C GLY A 25 -21.22 6.99 -17.68
N LYS A 26 -21.73 6.02 -18.43
CA LYS A 26 -22.53 4.99 -17.82
C LYS A 26 -21.56 3.99 -17.22
N LEU A 27 -21.56 3.91 -15.91
CA LEU A 27 -20.63 3.05 -15.20
C LEU A 27 -21.19 2.59 -13.86
N SER A 28 -20.91 1.34 -13.50
CA SER A 28 -21.38 0.79 -12.22
C SER A 28 -20.31 -0.06 -11.54
N LEU A 29 -19.76 0.45 -10.43
CA LEU A 29 -18.72 -0.27 -9.70
C LEU A 29 -19.28 -1.45 -8.90
N SER A 30 -18.36 -2.31 -8.48
CA SER A 30 -18.69 -3.48 -7.68
C SER A 30 -17.67 -3.58 -6.55
N MET A 31 -17.96 -4.37 -5.53
CA MET A 31 -17.02 -4.49 -4.41
C MET A 31 -16.70 -5.92 -4.04
N ASN A 32 -15.45 -6.29 -4.31
CA ASN A 32 -14.94 -7.62 -3.97
C ASN A 32 -13.69 -7.44 -3.11
N GLY A 33 -13.51 -8.28 -2.08
CA GLY A 33 -12.34 -8.11 -1.22
C GLY A 33 -12.23 -6.64 -0.83
N ASN A 34 -11.55 -5.89 -1.67
CA ASN A 34 -11.39 -4.46 -1.47
C ASN A 34 -10.98 -3.83 -2.79
N GLN A 35 -11.22 -4.60 -3.85
CA GLN A 35 -10.89 -4.20 -5.20
C GLN A 35 -12.04 -3.45 -5.86
N LEU A 36 -11.76 -2.87 -7.02
CA LEU A 36 -12.75 -2.15 -7.76
C LEU A 36 -13.08 -2.94 -9.02
N LYS A 37 -14.35 -2.95 -9.40
CA LYS A 37 -14.76 -3.66 -10.59
C LYS A 37 -16.04 -3.06 -11.07
N ALA A 38 -16.02 -2.62 -12.27
CA ALA A 38 -17.14 -1.97 -12.85
C ALA A 38 -17.24 -2.23 -14.33
N THR A 39 -18.32 -1.74 -14.91
CA THR A 39 -18.54 -1.85 -16.33
C THR A 39 -18.96 -0.48 -16.83
N SER A 40 -18.61 -0.12 -18.05
CA SER A 40 -18.97 1.21 -18.49
C SER A 40 -19.18 1.34 -20.00
N SER A 41 -19.77 2.47 -20.39
CA SER A 41 -20.02 2.79 -21.78
C SER A 41 -20.43 4.25 -21.89
N ASN A 42 -21.15 4.62 -22.93
CA ASN A 42 -21.55 6.01 -23.10
C ASN A 42 -20.37 6.81 -23.58
N ALA A 43 -19.81 6.37 -24.70
CA ALA A 43 -18.66 7.00 -25.28
C ALA A 43 -18.69 8.51 -25.08
N GLY A 44 -19.87 9.04 -24.86
CA GLY A 44 -20.01 10.46 -24.59
C GLY A 44 -19.67 10.70 -23.14
N TYR A 45 -18.75 9.86 -22.70
CA TYR A 45 -18.28 9.84 -21.33
C TYR A 45 -17.65 11.15 -20.84
N GLY A 46 -17.09 11.04 -19.63
CA GLY A 46 -16.45 12.14 -18.90
C GLY A 46 -15.66 13.16 -19.71
N ILE A 47 -16.32 13.94 -20.55
CA ILE A 47 -15.64 14.96 -21.32
C ILE A 47 -15.79 16.30 -20.65
N SER A 48 -17.03 16.78 -20.61
CA SER A 48 -17.33 18.06 -19.98
C SER A 48 -16.19 18.44 -19.05
N TYR A 49 -15.74 17.44 -18.31
CA TYR A 49 -14.63 17.57 -17.39
C TYR A 49 -13.31 17.54 -18.15
N GLU A 50 -12.50 18.58 -17.99
CA GLU A 50 -11.21 18.64 -18.69
C GLU A 50 -10.43 17.34 -18.54
N ASP A 51 -9.13 17.39 -18.81
CA ASP A 51 -8.29 16.20 -18.71
C ASP A 51 -7.40 16.28 -17.49
N LYS A 52 -7.65 15.40 -16.53
CA LYS A 52 -6.86 15.36 -15.30
C LYS A 52 -6.26 13.96 -15.12
N ASN A 53 -5.16 13.86 -14.37
CA ASN A 53 -4.49 12.57 -14.19
C ASN A 53 -4.73 11.93 -12.82
N TRP A 54 -4.44 10.64 -12.75
CA TRP A 54 -4.59 9.87 -11.53
C TRP A 54 -3.47 8.86 -11.40
N GLY A 55 -3.12 8.55 -10.17
CA GLY A 55 -2.08 7.57 -9.90
C GLY A 55 -2.55 6.62 -8.82
N ILE A 56 -2.57 5.34 -9.13
CA ILE A 56 -2.99 4.35 -8.19
C ILE A 56 -1.79 3.49 -7.76
N PHE A 57 -1.65 3.24 -6.47
CA PHE A 57 -0.53 2.42 -5.98
C PHE A 57 -0.97 1.38 -4.97
N VAL A 58 -0.43 0.18 -5.20
CA VAL A 58 -0.72 -0.95 -4.35
C VAL A 58 0.59 -1.57 -3.89
N ASN A 59 0.54 -2.41 -2.88
CA ASN A 59 1.77 -3.00 -2.42
C ASN A 59 2.81 -1.91 -2.19
N GLY A 60 2.40 -0.64 -2.29
CA GLY A 60 3.35 0.44 -2.09
C GLY A 60 3.94 0.86 -3.42
N GLU A 61 3.25 0.47 -4.48
CA GLU A 61 3.71 0.76 -5.82
C GLU A 61 2.55 1.05 -6.75
N LYS A 62 2.80 1.85 -7.77
CA LYS A 62 1.78 2.12 -8.75
C LYS A 62 1.04 0.82 -9.03
N VAL A 63 -0.12 0.91 -9.65
CA VAL A 63 -0.88 -0.27 -9.96
C VAL A 63 -1.81 0.01 -11.13
N TYR A 64 -1.93 1.29 -11.47
CA TYR A 64 -2.80 1.68 -12.58
C TYR A 64 -2.80 3.21 -12.74
N THR A 65 -2.72 3.68 -13.99
CA THR A 65 -2.72 5.12 -14.26
C THR A 65 -3.70 5.49 -15.38
N PHE A 66 -4.59 6.43 -15.08
CA PHE A 66 -5.57 6.91 -16.04
C PHE A 66 -5.91 8.36 -15.86
N ASN A 67 -6.22 8.95 -17.00
CA ASN A 67 -6.61 10.33 -17.12
C ASN A 67 -8.13 10.44 -17.20
N GLU A 68 -8.69 11.50 -16.64
CA GLU A 68 -10.12 11.69 -16.65
C GLU A 68 -10.70 11.55 -18.06
N LYS A 69 -10.08 12.20 -19.05
CA LYS A 69 -10.57 12.09 -20.43
C LYS A 69 -10.63 10.63 -20.84
N SER A 70 -9.54 9.93 -20.58
CA SER A 70 -9.48 8.52 -20.93
C SER A 70 -10.70 7.82 -20.35
N THR A 71 -11.49 8.59 -19.59
CA THR A 71 -12.69 8.05 -18.97
C THR A 71 -12.43 6.61 -18.54
N VAL A 72 -11.93 6.47 -17.32
CA VAL A 72 -11.60 5.18 -16.77
C VAL A 72 -12.57 4.09 -17.23
N GLY A 73 -13.85 4.46 -17.30
CA GLY A 73 -14.88 3.51 -17.66
C GLY A 73 -14.33 2.50 -18.63
N ASN A 74 -13.71 3.04 -19.66
CA ASN A 74 -13.11 2.26 -20.70
C ASN A 74 -11.87 1.56 -20.15
N ILE A 75 -11.14 2.29 -19.36
CA ILE A 75 -9.92 1.79 -18.76
C ILE A 75 -10.21 0.83 -17.62
N SER A 76 -10.70 1.39 -16.52
CA SER A 76 -11.03 0.60 -15.34
C SER A 76 -11.51 -0.75 -15.81
N ASN A 77 -12.07 -0.73 -17.00
CA ASN A 77 -12.54 -1.93 -17.64
C ASN A 77 -11.41 -2.94 -17.70
N ASP A 78 -10.38 -2.60 -18.46
CA ASP A 78 -9.22 -3.48 -18.55
C ASP A 78 -8.69 -3.71 -17.15
N ILE A 79 -8.25 -2.64 -16.52
CA ILE A 79 -7.77 -2.69 -15.17
C ILE A 79 -8.53 -3.74 -14.38
N ASN A 80 -9.76 -3.39 -14.05
CA ASN A 80 -10.63 -4.26 -13.27
C ASN A 80 -10.58 -5.71 -13.76
N LYS A 81 -9.95 -5.92 -14.90
CA LYS A 81 -9.88 -7.25 -15.49
C LYS A 81 -8.65 -8.06 -15.07
N LEU A 82 -7.69 -7.46 -14.35
CA LEU A 82 -6.53 -8.26 -13.95
C LEU A 82 -6.82 -8.94 -12.62
N ASN A 83 -8.08 -8.88 -12.21
CA ASN A 83 -8.52 -9.48 -10.97
C ASN A 83 -7.64 -9.05 -9.82
N ILE A 84 -7.63 -7.74 -9.56
CA ILE A 84 -6.83 -7.19 -8.47
C ILE A 84 -7.03 -7.97 -7.19
N LYS A 85 -6.54 -7.37 -6.13
CA LYS A 85 -6.66 -7.92 -4.78
C LYS A 85 -7.14 -6.80 -3.86
N GLY A 86 -7.34 -7.09 -2.58
CA GLY A 86 -7.78 -6.05 -1.69
C GLY A 86 -6.58 -5.45 -0.99
N MET A 87 -6.57 -5.57 0.31
CA MET A 87 -5.50 -5.06 1.13
C MET A 87 -4.13 -5.62 0.76
N TYR A 88 -3.30 -4.78 0.13
CA TYR A 88 -1.95 -5.20 -0.20
C TYR A 88 -1.02 -4.03 -0.19
N ILE A 89 -0.13 -4.06 0.76
CA ILE A 89 0.86 -3.04 0.92
C ILE A 89 2.20 -3.71 1.02
N GLU A 90 3.31 -3.00 0.80
CA GLU A 90 4.59 -3.72 0.90
C GLU A 90 5.80 -2.81 0.99
N ILE A 91 6.95 -3.46 0.88
CA ILE A 91 8.24 -2.82 0.96
C ILE A 91 9.17 -3.33 -0.13
N LYS A 92 10.01 -2.43 -0.65
CA LYS A 92 10.98 -2.81 -1.67
C LYS A 92 12.35 -3.01 -1.02
N GLN A 93 13.13 -3.92 -1.58
CA GLN A 93 14.45 -4.21 -1.03
C GLN A 93 15.56 -3.73 -1.95
N ILE A 94 16.59 -3.13 -1.34
CA ILE A 94 17.76 -2.64 -2.07
C ILE A 94 17.61 -2.85 -3.58
N ASP B 1 1.94 -19.49 2.66
CA ASP B 1 2.43 -18.51 3.67
C ASP B 1 1.90 -18.89 5.05
N ASN B 2 2.69 -18.59 6.08
CA ASN B 2 2.29 -18.89 7.45
C ASN B 2 0.93 -18.28 7.76
N GLN B 3 -0.08 -19.14 7.91
CA GLN B 3 -1.42 -18.68 8.21
C GLN B 3 -1.47 -17.99 9.57
N LYS B 4 -0.53 -18.35 10.43
CA LYS B 4 -0.46 -17.78 11.77
C LYS B 4 -0.09 -16.29 11.71
N ALA B 5 1.14 -16.00 11.30
CA ALA B 5 1.62 -14.63 11.22
C ALA B 5 0.68 -13.76 10.39
N LEU B 6 0.31 -14.23 9.21
CA LEU B 6 -0.58 -13.47 8.33
C LEU B 6 -1.67 -12.76 9.13
N GLU B 7 -1.87 -13.19 10.37
CA GLU B 7 -2.90 -12.59 11.21
C GLU B 7 -2.33 -11.47 12.08
N GLU B 8 -1.30 -11.78 12.87
CA GLU B 8 -0.70 -10.80 13.74
C GLU B 8 0.51 -10.14 13.09
N GLN B 9 0.72 -10.42 11.82
CA GLN B 9 1.85 -9.85 11.12
C GLN B 9 1.67 -9.97 9.60
N MET B 10 2.38 -9.13 8.85
CA MET B 10 2.31 -9.15 7.41
C MET B 10 3.41 -10.04 6.82
N ASN B 11 3.02 -10.99 5.97
CA ASN B 11 3.96 -11.93 5.36
C ASN B 11 5.34 -11.31 5.14
N SER B 12 5.40 -9.99 5.05
CA SER B 12 6.67 -9.32 4.82
C SER B 12 7.48 -9.24 6.11
N ILE B 13 6.91 -8.60 7.13
CA ILE B 13 7.60 -8.48 8.37
C ILE B 13 8.39 -9.75 8.70
N ASN B 14 7.98 -10.85 8.07
CA ASN B 14 8.63 -12.13 8.30
C ASN B 14 9.97 -12.19 7.58
N SER B 15 9.92 -12.26 6.27
CA SER B 15 11.14 -12.33 5.49
C SER B 15 11.88 -11.01 5.59
N VAL B 16 11.14 -9.92 5.44
CA VAL B 16 11.70 -8.59 5.53
C VAL B 16 12.60 -8.47 6.75
N ASN B 17 11.99 -8.61 7.92
CA ASN B 17 12.75 -8.52 9.17
C ASN B 17 14.14 -9.10 8.98
N ASP B 18 14.19 -10.31 8.44
CA ASP B 18 15.47 -10.99 8.20
C ASP B 18 16.13 -10.46 6.94
N LYS B 19 15.33 -9.86 6.07
CA LYS B 19 15.85 -9.31 4.82
C LYS B 19 16.48 -7.95 5.05
N LEU B 20 15.68 -6.99 5.51
CA LEU B 20 16.17 -5.65 5.78
C LEU B 20 17.49 -5.73 6.55
N ASN B 21 17.82 -6.95 6.98
CA ASN B 21 19.04 -7.21 7.72
C ASN B 21 20.27 -6.67 6.97
N LYS B 22 21.05 -7.58 6.40
CA LYS B 22 22.26 -7.20 5.67
C LYS B 22 22.97 -6.06 6.38
N GLY B 23 22.76 -5.98 7.69
CA GLY B 23 23.37 -4.96 8.52
C GLY B 23 22.48 -4.66 9.71
N LYS B 24 22.93 -5.12 10.86
CA LYS B 24 22.21 -4.93 12.11
C LYS B 24 23.14 -5.08 13.30
N GLY B 25 22.52 -5.16 14.47
CA GLY B 25 23.23 -5.34 15.73
C GLY B 25 22.28 -6.02 16.71
N LYS B 26 22.26 -5.56 17.94
CA LYS B 26 21.33 -6.11 18.91
C LYS B 26 19.99 -5.46 18.65
N LEU B 27 19.04 -6.26 18.19
CA LEU B 27 17.74 -5.75 17.84
C LEU B 27 16.65 -6.82 18.00
N SER B 28 15.47 -6.40 18.45
CA SER B 28 14.35 -7.32 18.64
C SER B 28 13.03 -6.71 18.19
N LEU B 29 12.48 -7.20 17.07
CA LEU B 29 11.22 -6.69 16.54
C LEU B 29 10.02 -7.15 17.36
N SER B 30 8.91 -6.47 17.12
CA SER B 30 7.63 -6.79 17.78
C SER B 30 6.54 -6.75 16.72
N MET B 31 5.38 -7.30 17.01
CA MET B 31 4.30 -7.32 16.03
C MET B 31 2.97 -6.80 16.57
N ASN B 32 2.58 -5.65 16.07
CA ASN B 32 1.32 -5.02 16.43
C ASN B 32 0.52 -4.77 15.14
N GLY B 33 -0.79 -4.99 15.15
CA GLY B 33 -1.57 -4.79 13.94
C GLY B 33 -0.85 -5.49 12.79
N ASN B 34 0.06 -4.75 12.17
CA ASN B 34 0.87 -5.30 11.08
C ASN B 34 2.09 -4.41 10.91
N GLN B 35 2.35 -3.63 11.97
CA GLN B 35 3.46 -2.69 12.01
C GLN B 35 4.71 -3.35 12.55
N LEU B 36 5.83 -2.63 12.45
CA LEU B 36 7.08 -3.12 12.95
C LEU B 36 7.48 -2.27 14.14
N LYS B 37 8.05 -2.89 15.16
CA LYS B 37 8.49 -2.17 16.33
C LYS B 37 9.54 -2.98 17.00
N ALA B 38 10.66 -2.36 17.17
CA ALA B 38 11.79 -3.01 17.74
C ALA B 38 12.65 -2.06 18.54
N THR B 39 13.65 -2.61 19.18
CA THR B 39 14.59 -1.84 19.94
C THR B 39 15.97 -2.31 19.55
N SER B 40 16.97 -1.42 19.54
CA SER B 40 18.28 -1.88 19.12
C SER B 40 19.44 -1.11 19.76
N SER B 41 20.63 -1.69 19.59
CA SER B 41 21.87 -1.11 20.11
C SER B 41 23.04 -1.85 19.48
N ASN B 42 24.19 -1.82 20.14
CA ASN B 42 25.37 -2.50 19.61
C ASN B 42 25.93 -1.67 18.48
N ALA B 43 26.25 -0.43 18.81
CA ALA B 43 26.78 0.50 17.85
C ALA B 43 27.69 -0.18 16.84
N GLY B 44 28.21 -1.33 17.22
CA GLY B 44 29.06 -2.11 16.33
C GLY B 44 28.13 -2.87 15.38
N TYR B 45 27.02 -2.22 15.13
CA TYR B 45 25.95 -2.74 14.31
C TYR B 45 26.36 -3.09 12.86
N GLY B 46 25.33 -3.42 12.09
CA GLY B 46 25.41 -3.84 10.69
C GLY B 46 26.46 -3.15 9.82
N ILE B 47 27.74 -3.37 10.10
CA ILE B 47 28.79 -2.78 9.29
C ILE B 47 29.30 -3.79 8.29
N SER B 48 29.92 -4.84 8.81
CA SER B 48 30.45 -5.90 7.96
C SER B 48 29.78 -5.84 6.59
N TYR B 49 28.48 -5.63 6.65
CA TYR B 49 27.66 -5.50 5.46
C TYR B 49 27.82 -4.09 4.87
N GLU B 50 28.20 -4.00 3.61
CA GLU B 50 28.40 -2.71 2.96
C GLU B 50 27.19 -1.80 3.20
N ASP B 51 27.08 -0.75 2.39
CA ASP B 51 25.98 0.20 2.53
C ASP B 51 24.97 0.02 1.41
N LYS B 52 23.77 -0.44 1.78
CA LYS B 52 22.71 -0.65 0.81
C LYS B 52 21.47 0.16 1.20
N ASN B 53 20.62 0.48 0.24
CA ASN B 53 19.43 1.30 0.53
C ASN B 53 18.12 0.50 0.57
N TRP B 54 17.11 1.13 1.16
CA TRP B 54 15.79 0.53 1.29
C TRP B 54 14.72 1.59 1.11
N GLY B 55 13.59 1.16 0.60
CA GLY B 55 12.46 2.06 0.42
C GLY B 55 11.18 1.41 0.92
N ILE B 56 10.53 2.06 1.86
CA ILE B 56 9.31 1.53 2.41
C ILE B 56 8.14 2.40 1.98
N PHE B 57 7.04 1.77 1.55
CA PHE B 57 5.86 2.54 1.12
C PHE B 57 4.57 1.98 1.68
N VAL B 58 3.76 2.92 2.16
CA VAL B 58 2.47 2.60 2.75
C VAL B 58 1.41 3.43 2.07
N ASN B 59 0.16 3.08 2.25
CA ASN B 59 -0.88 3.86 1.63
C ASN B 59 -0.55 4.03 0.15
N GLY B 60 0.50 3.34 -0.34
CA GLY B 60 0.85 3.48 -1.74
C GLY B 60 1.90 4.57 -1.90
N GLU B 61 2.53 4.90 -0.79
CA GLU B 61 3.52 5.96 -0.77
C GLU B 61 4.64 5.64 0.18
N LYS B 62 5.82 6.17 -0.10
CA LYS B 62 6.94 5.98 0.79
C LYS B 62 6.42 6.11 2.21
N VAL B 63 7.21 5.68 3.18
CA VAL B 63 6.80 5.77 4.56
C VAL B 63 8.02 5.76 5.46
N TYR B 64 9.17 5.43 4.86
CA TYR B 64 10.41 5.38 5.63
C TYR B 64 11.59 4.93 4.73
N THR B 65 12.73 5.60 4.85
CA THR B 65 13.90 5.25 4.05
C THR B 65 15.17 5.15 4.90
N PHE B 66 15.84 4.01 4.80
CA PHE B 66 17.07 3.76 5.53
C PHE B 66 18.04 2.89 4.79
N ASN B 67 19.29 3.18 5.05
CA ASN B 67 20.42 2.48 4.49
C ASN B 67 20.94 1.44 5.48
N GLU B 68 21.45 0.33 4.98
CA GLU B 68 21.95 -0.73 5.84
C GLU B 68 22.96 -0.19 6.85
N LYS B 69 23.91 0.63 6.39
CA LYS B 69 24.90 1.18 7.33
C LYS B 69 24.20 1.94 8.43
N SER B 70 23.26 2.78 8.05
CA SER B 70 22.52 3.55 9.03
C SER B 70 21.95 2.60 10.07
N THR B 71 22.16 1.30 9.84
CA THR B 71 21.68 0.29 10.74
C THR B 71 20.33 0.72 11.30
N VAL B 72 19.29 0.33 10.60
CA VAL B 72 17.94 0.68 10.98
C VAL B 72 17.75 0.69 12.49
N GLY B 73 18.39 -0.27 13.16
CA GLY B 73 18.24 -0.41 14.59
C GLY B 73 18.06 0.95 15.22
N ASN B 74 18.97 1.82 14.86
CA ASN B 74 18.98 3.17 15.34
C ASN B 74 17.82 3.93 14.74
N ILE B 75 17.59 3.68 13.46
CA ILE B 75 16.52 4.32 12.74
C ILE B 75 15.17 3.75 13.11
N SER B 76 14.93 2.52 12.67
CA SER B 76 13.67 1.83 12.94
C SER B 76 13.19 2.30 14.28
N ASN B 77 14.15 2.64 15.10
CA ASN B 77 13.88 3.15 16.43
C ASN B 77 12.93 4.33 16.32
N ASP B 78 13.42 5.41 15.69
CA ASP B 78 12.57 6.58 15.50
C ASP B 78 11.32 6.14 14.76
N ILE B 79 11.52 5.67 13.54
CA ILE B 79 10.45 5.16 12.74
C ILE B 79 9.39 4.52 13.61
N ASN B 80 9.72 3.34 14.09
CA ASN B 80 8.83 2.57 14.95
C ASN B 80 8.14 3.43 16.00
N LYS B 81 8.61 4.66 16.14
CA LYS B 81 8.08 5.55 17.16
C LYS B 81 6.92 6.43 16.67
N LEU B 82 6.59 6.43 15.38
CA LEU B 82 5.47 7.26 14.93
C LEU B 82 4.17 6.48 15.06
N ASN B 83 4.27 5.33 15.71
CA ASN B 83 3.12 4.48 15.92
C ASN B 83 2.41 4.19 14.61
N ILE B 84 3.13 3.56 13.68
CA ILE B 84 2.57 3.23 12.38
C ILE B 84 1.21 2.57 12.52
N LYS B 85 0.77 2.02 11.40
CA LYS B 85 -0.49 1.30 11.32
C LYS B 85 -0.22 -0.01 10.59
N GLY B 86 -1.23 -0.85 10.42
CA GLY B 86 -1.00 -2.08 9.72
C GLY B 86 -1.38 -1.92 8.27
N MET B 87 -2.36 -2.68 7.84
CA MET B 87 -2.83 -2.64 6.48
C MET B 87 -3.31 -1.27 6.05
N TYR B 88 -2.53 -0.61 5.21
CA TYR B 88 -2.93 0.68 4.68
C TYR B 88 -2.37 0.90 3.30
N ILE B 89 -3.27 0.92 2.36
CA ILE B 89 -2.93 1.14 0.98
C ILE B 89 -3.81 2.24 0.46
N GLU B 90 -3.47 2.88 -0.66
CA GLU B 90 -4.36 3.97 -1.10
C GLU B 90 -4.10 4.41 -2.53
N ILE B 91 -4.77 5.51 -2.85
CA ILE B 91 -4.71 6.12 -4.17
C ILE B 91 -4.56 7.63 -4.07
N LYS B 92 -3.82 8.21 -5.00
CA LYS B 92 -3.64 9.66 -5.03
C LYS B 92 -4.57 10.26 -6.08
N GLN B 93 -5.01 11.48 -5.82
CA GLN B 93 -5.91 12.15 -6.73
C GLN B 93 -5.25 13.32 -7.45
N ILE B 94 -5.53 13.44 -8.75
CA ILE B 94 -4.98 14.51 -9.56
C ILE B 94 -4.07 15.44 -8.76
N ASP A 1 -14.52 -20.60 3.57
CA ASP A 1 -13.85 -19.39 3.03
C ASP A 1 -14.88 -18.53 2.31
N ASN A 2 -15.97 -18.23 3.01
CA ASN A 2 -17.03 -17.40 2.43
C ASN A 2 -16.86 -15.94 2.83
N GLN A 3 -17.42 -15.57 3.97
CA GLN A 3 -17.33 -14.20 4.45
C GLN A 3 -15.87 -13.80 4.65
N LYS A 4 -14.98 -14.79 4.64
CA LYS A 4 -13.57 -14.53 4.81
C LYS A 4 -13.01 -13.83 3.57
N ALA A 5 -13.60 -14.12 2.42
CA ALA A 5 -13.17 -13.52 1.18
C ALA A 5 -13.28 -12.00 1.24
N LEU A 6 -13.92 -11.51 2.29
CA LEU A 6 -14.09 -10.07 2.47
C LEU A 6 -12.92 -9.48 3.24
N GLU A 7 -12.49 -10.18 4.28
CA GLU A 7 -11.36 -9.72 5.10
C GLU A 7 -10.22 -9.25 4.20
N GLU A 8 -10.16 -9.77 2.98
CA GLU A 8 -9.12 -9.41 2.05
C GLU A 8 -9.40 -8.04 1.45
N GLN A 9 -10.46 -7.41 1.95
CA GLN A 9 -10.85 -6.10 1.47
C GLN A 9 -11.10 -5.14 2.62
N MET A 10 -10.83 -3.86 2.40
CA MET A 10 -11.03 -2.84 3.43
C MET A 10 -11.85 -1.68 2.89
N ASN A 11 -13.03 -1.48 3.47
CA ASN A 11 -13.94 -0.42 3.07
C ASN A 11 -13.19 0.80 2.54
N SER A 12 -11.92 0.92 2.90
CA SER A 12 -11.11 2.05 2.47
C SER A 12 -11.02 2.09 0.96
N ILE A 13 -11.07 0.92 0.31
CA ILE A 13 -10.98 0.91 -1.13
C ILE A 13 -12.28 1.40 -1.76
N ASN A 14 -13.34 1.38 -0.98
CA ASN A 14 -14.64 1.81 -1.45
C ASN A 14 -14.63 3.28 -1.80
N SER A 15 -14.45 4.11 -0.78
CA SER A 15 -14.43 5.54 -0.98
C SER A 15 -13.85 5.85 -2.36
N VAL A 16 -12.78 5.15 -2.71
CA VAL A 16 -12.16 5.31 -4.00
C VAL A 16 -13.15 4.99 -5.09
N ASN A 17 -13.60 3.73 -5.10
CA ASN A 17 -14.57 3.27 -6.07
C ASN A 17 -15.57 4.39 -6.39
N ASP A 18 -16.04 5.07 -5.36
CA ASP A 18 -16.98 6.15 -5.53
C ASP A 18 -16.24 7.41 -5.97
N LYS A 19 -15.00 7.56 -5.51
CA LYS A 19 -14.20 8.70 -5.87
C LYS A 19 -13.87 8.69 -7.36
N LEU A 20 -13.15 7.66 -7.79
CA LEU A 20 -12.79 7.51 -9.20
C LEU A 20 -14.04 7.53 -10.08
N ASN A 21 -15.20 7.80 -9.48
CA ASN A 21 -16.44 7.83 -10.22
C ASN A 21 -17.50 8.70 -9.56
N LYS A 22 -17.76 9.85 -10.17
CA LYS A 22 -18.76 10.78 -9.66
C LYS A 22 -19.58 11.35 -10.82
N GLY A 23 -18.89 12.00 -11.76
CA GLY A 23 -19.55 12.58 -12.93
C GLY A 23 -19.38 11.66 -14.11
N LYS A 24 -18.32 11.90 -14.89
CA LYS A 24 -18.05 11.09 -16.05
C LYS A 24 -19.34 10.58 -16.63
N GLY A 25 -19.22 9.49 -17.32
CA GLY A 25 -20.38 8.85 -17.91
C GLY A 25 -21.09 8.06 -16.81
N LYS A 26 -21.74 6.96 -17.16
CA LYS A 26 -22.42 6.16 -16.14
C LYS A 26 -21.71 4.83 -15.94
N LEU A 27 -20.88 4.75 -14.91
CA LEU A 27 -20.14 3.55 -14.60
C LEU A 27 -20.02 3.36 -13.09
N SER A 28 -20.56 2.25 -12.58
CA SER A 28 -20.49 1.97 -11.15
C SER A 28 -19.61 0.75 -10.89
N LEU A 29 -18.52 0.95 -10.15
CA LEU A 29 -17.61 -0.12 -9.86
C LEU A 29 -17.99 -0.82 -8.55
N SER A 30 -17.46 -2.01 -8.38
CA SER A 30 -17.66 -2.80 -7.18
C SER A 30 -16.35 -3.48 -6.86
N MET A 31 -16.12 -3.79 -5.60
CA MET A 31 -14.86 -4.41 -5.24
C MET A 31 -15.06 -5.69 -4.43
N ASN A 32 -14.45 -6.75 -4.92
CA ASN A 32 -14.50 -8.04 -4.25
C ASN A 32 -13.07 -8.49 -4.00
N GLY A 33 -12.60 -8.27 -2.77
CA GLY A 33 -11.23 -8.63 -2.43
C GLY A 33 -10.24 -8.01 -3.41
N ASN A 34 -9.86 -8.77 -4.43
CA ASN A 34 -8.93 -8.28 -5.42
C ASN A 34 -9.59 -8.05 -6.76
N GLN A 35 -10.83 -8.50 -6.90
CA GLN A 35 -11.55 -8.35 -8.15
C GLN A 35 -12.36 -7.07 -8.20
N LEU A 36 -12.36 -6.44 -9.36
CA LEU A 36 -13.15 -5.25 -9.58
C LEU A 36 -14.32 -5.66 -10.46
N LYS A 37 -15.42 -4.94 -10.37
CA LYS A 37 -16.58 -5.29 -11.18
C LYS A 37 -17.44 -4.07 -11.31
N ALA A 38 -17.80 -3.77 -12.51
CA ALA A 38 -18.56 -2.60 -12.77
C ALA A 38 -19.48 -2.77 -13.97
N THR A 39 -20.30 -1.77 -14.18
CA THR A 39 -21.22 -1.74 -15.30
C THR A 39 -21.32 -0.29 -15.77
N SER A 40 -21.45 -0.07 -17.07
CA SER A 40 -21.52 1.30 -17.54
C SER A 40 -22.23 1.47 -18.86
N SER A 41 -22.60 2.72 -19.17
CA SER A 41 -23.25 3.04 -20.43
C SER A 41 -22.63 4.31 -21.02
N ASN A 42 -22.40 4.30 -22.33
CA ASN A 42 -21.79 5.45 -22.99
C ASN A 42 -20.68 6.02 -22.13
N ALA A 43 -20.27 5.22 -21.16
CA ALA A 43 -19.20 5.56 -20.23
C ALA A 43 -18.02 6.20 -20.92
N GLY A 44 -18.09 6.32 -22.21
CA GLY A 44 -17.01 6.88 -22.99
C GLY A 44 -16.66 8.31 -22.57
N TYR A 45 -16.80 8.67 -21.29
CA TYR A 45 -16.45 10.04 -20.93
C TYR A 45 -15.84 10.23 -19.54
N GLY A 46 -15.67 11.51 -19.22
CA GLY A 46 -15.08 11.97 -17.99
C GLY A 46 -15.14 13.50 -17.91
N ILE A 47 -16.35 14.04 -18.03
CA ILE A 47 -16.54 15.49 -18.01
C ILE A 47 -16.10 16.11 -16.70
N SER A 48 -16.94 15.92 -15.71
CA SER A 48 -16.70 16.46 -14.38
C SER A 48 -15.22 16.71 -14.17
N TYR A 49 -14.42 15.83 -14.73
CA TYR A 49 -12.97 15.95 -14.61
C TYR A 49 -12.34 16.19 -15.99
N GLU A 50 -11.94 17.42 -16.26
CA GLU A 50 -11.32 17.75 -17.54
C GLU A 50 -10.22 16.75 -17.85
N ASP A 51 -9.41 17.05 -18.86
CA ASP A 51 -8.32 16.16 -19.24
C ASP A 51 -7.28 16.11 -18.13
N LYS A 52 -7.51 15.23 -17.16
CA LYS A 52 -6.59 15.08 -16.03
C LYS A 52 -6.10 13.65 -15.95
N ASN A 53 -5.04 13.42 -15.19
CA ASN A 53 -4.49 12.09 -15.07
C ASN A 53 -4.85 11.43 -13.74
N TRP A 54 -4.64 10.12 -13.68
CA TRP A 54 -4.91 9.35 -12.50
C TRP A 54 -3.75 8.39 -12.26
N GLY A 55 -3.49 8.09 -11.02
CA GLY A 55 -2.42 7.18 -10.68
C GLY A 55 -2.80 6.22 -9.56
N ILE A 56 -2.88 4.95 -9.88
CA ILE A 56 -3.23 3.95 -8.93
C ILE A 56 -1.96 3.19 -8.51
N PHE A 57 -1.80 2.92 -7.19
CA PHE A 57 -0.59 2.24 -6.71
C PHE A 57 -0.85 1.13 -5.71
N VAL A 58 -0.28 -0.03 -6.05
CA VAL A 58 -0.39 -1.22 -5.20
C VAL A 58 0.97 -1.46 -4.55
N ASN A 59 0.98 -2.09 -3.38
CA ASN A 59 2.25 -2.35 -2.72
C ASN A 59 3.14 -1.11 -2.83
N GLY A 60 2.53 0.02 -3.22
CA GLY A 60 3.26 1.26 -3.38
C GLY A 60 3.91 1.33 -4.74
N GLU A 61 3.22 0.73 -5.69
CA GLU A 61 3.68 0.67 -7.05
C GLU A 61 2.50 0.80 -7.97
N LYS A 62 2.69 1.42 -9.10
CA LYS A 62 1.62 1.53 -10.05
C LYS A 62 0.86 0.19 -10.09
N VAL A 63 -0.32 0.24 -10.67
CA VAL A 63 -1.17 -0.95 -10.82
C VAL A 63 -2.14 -0.69 -11.96
N TYR A 64 -2.20 0.58 -12.34
CA TYR A 64 -3.08 1.03 -13.39
C TYR A 64 -2.85 2.54 -13.58
N THR A 65 -3.29 3.10 -14.70
CA THR A 65 -3.10 4.52 -14.95
C THR A 65 -4.03 4.98 -16.07
N PHE A 66 -4.83 6.01 -15.80
CA PHE A 66 -5.74 6.51 -16.78
C PHE A 66 -5.95 8.01 -16.72
N ASN A 67 -6.47 8.48 -17.82
CA ASN A 67 -6.77 9.87 -18.04
C ASN A 67 -8.27 10.09 -18.03
N GLU A 68 -8.71 11.19 -17.45
CA GLU A 68 -10.13 11.51 -17.37
C GLU A 68 -10.80 11.40 -18.74
N LYS A 69 -10.15 11.97 -19.76
CA LYS A 69 -10.72 11.91 -21.10
C LYS A 69 -10.66 10.50 -21.64
N SER A 70 -9.62 9.77 -21.24
CA SER A 70 -9.49 8.39 -21.69
C SER A 70 -10.70 7.62 -21.21
N THR A 71 -11.58 8.33 -20.53
CA THR A 71 -12.78 7.74 -19.97
C THR A 71 -12.47 6.34 -19.48
N VAL A 72 -12.09 6.24 -18.21
CA VAL A 72 -11.76 4.97 -17.65
C VAL A 72 -12.65 3.88 -18.20
N GLY A 73 -13.92 4.23 -18.36
CA GLY A 73 -14.90 3.28 -18.83
C GLY A 73 -14.26 2.29 -19.79
N ASN A 74 -13.76 2.79 -20.90
CA ASN A 74 -13.10 1.94 -21.89
C ASN A 74 -11.85 1.32 -21.28
N ILE A 75 -11.25 2.04 -20.35
CA ILE A 75 -10.05 1.55 -19.70
C ILE A 75 -10.38 0.49 -18.67
N SER A 76 -10.98 0.94 -17.56
CA SER A 76 -11.35 0.03 -16.48
C SER A 76 -11.71 -1.30 -17.11
N ASN A 77 -12.21 -1.19 -18.32
CA ASN A 77 -12.57 -2.36 -19.10
C ASN A 77 -11.38 -3.31 -19.11
N ASP A 78 -10.29 -2.88 -19.74
CA ASP A 78 -9.08 -3.69 -19.80
C ASP A 78 -8.68 -4.06 -18.37
N ILE A 79 -8.43 -3.03 -17.57
CA ILE A 79 -8.08 -3.21 -16.18
C ILE A 79 -8.77 -4.42 -15.59
N ASN A 80 -10.07 -4.31 -15.51
CA ASN A 80 -10.90 -5.38 -14.97
C ASN A 80 -10.35 -6.77 -15.32
N LYS A 81 -9.52 -6.86 -16.35
CA LYS A 81 -9.00 -8.14 -16.80
C LYS A 81 -7.61 -8.49 -16.23
N LEU A 82 -6.92 -7.55 -15.60
CA LEU A 82 -5.60 -7.87 -15.05
C LEU A 82 -5.72 -8.39 -13.63
N ASN A 83 -6.94 -8.79 -13.28
CA ASN A 83 -7.21 -9.31 -11.95
C ASN A 83 -6.61 -8.40 -10.88
N ILE A 84 -7.19 -7.21 -10.76
CA ILE A 84 -6.73 -6.24 -9.78
C ILE A 84 -6.43 -6.89 -8.43
N LYS A 85 -6.09 -6.05 -7.47
CA LYS A 85 -5.78 -6.51 -6.11
C LYS A 85 -6.69 -5.78 -5.12
N GLY A 86 -6.50 -6.07 -3.83
CA GLY A 86 -7.33 -5.44 -2.81
C GLY A 86 -6.48 -4.78 -1.74
N MET A 87 -5.85 -5.60 -0.91
CA MET A 87 -5.07 -5.12 0.18
C MET A 87 -3.60 -5.52 0.08
N TYR A 88 -2.75 -4.65 -0.44
CA TYR A 88 -1.34 -4.97 -0.53
C TYR A 88 -0.47 -3.74 -0.41
N ILE A 89 0.26 -3.70 0.66
CA ILE A 89 1.16 -2.61 0.93
C ILE A 89 2.55 -3.17 1.10
N GLU A 90 3.62 -2.36 1.05
CA GLU A 90 4.92 -3.01 1.19
C GLU A 90 6.05 -2.11 1.62
N ILE A 91 7.21 -2.75 1.59
CA ILE A 91 8.48 -2.18 1.95
C ILE A 91 9.51 -2.68 0.94
N LYS A 92 10.34 -1.78 0.40
CA LYS A 92 11.34 -2.22 -0.56
C LYS A 92 12.68 -2.41 0.11
N GLN A 93 13.41 -3.40 -0.37
CA GLN A 93 14.69 -3.74 0.18
C GLN A 93 15.85 -3.40 -0.76
N ILE A 94 16.82 -2.65 -0.22
CA ILE A 94 18.01 -2.31 -0.99
C ILE A 94 17.80 -2.51 -2.48
N ASP B 1 -12.86 -4.78 21.44
CA ASP B 1 -11.83 -4.40 20.44
C ASP B 1 -10.47 -4.99 20.85
N ASN B 2 -10.46 -6.29 21.15
CA ASN B 2 -9.23 -6.95 21.56
C ASN B 2 -8.54 -7.61 20.37
N GLN B 3 -8.91 -8.86 20.09
CA GLN B 3 -8.33 -9.59 18.98
C GLN B 3 -8.56 -8.85 17.66
N LYS B 4 -9.46 -7.87 17.69
CA LYS B 4 -9.76 -7.10 16.50
C LYS B 4 -8.59 -6.18 16.15
N ALA B 5 -7.85 -5.77 17.17
CA ALA B 5 -6.70 -4.90 16.97
C ALA B 5 -5.67 -5.57 16.07
N LEU B 6 -5.88 -6.86 15.80
CA LEU B 6 -4.96 -7.60 14.94
C LEU B 6 -5.39 -7.49 13.48
N GLU B 7 -6.69 -7.59 13.24
CA GLU B 7 -7.20 -7.50 11.87
C GLU B 7 -6.57 -6.32 11.14
N GLU B 8 -6.12 -5.32 11.90
CA GLU B 8 -5.51 -4.15 11.32
C GLU B 8 -4.09 -4.47 10.88
N GLN B 9 -3.72 -5.73 11.01
CA GLN B 9 -2.38 -6.18 10.63
C GLN B 9 -2.45 -7.42 9.74
N MET B 10 -1.48 -7.55 8.85
CA MET B 10 -1.43 -8.70 7.96
C MET B 10 -0.05 -9.36 7.99
N ASN B 11 -0.01 -10.60 8.45
CA ASN B 11 1.23 -11.36 8.54
C ASN B 11 2.24 -10.96 7.46
N SER B 12 1.74 -10.36 6.39
CA SER B 12 2.60 -9.93 5.30
C SER B 12 3.63 -8.93 5.78
N ILE B 13 3.29 -8.14 6.80
CA ILE B 13 4.22 -7.17 7.30
C ILE B 13 5.32 -7.84 8.11
N ASN B 14 5.06 -9.06 8.55
CA ASN B 14 6.01 -9.81 9.34
C ASN B 14 7.25 -10.12 8.53
N SER B 15 7.08 -10.94 7.50
CA SER B 15 8.21 -11.31 6.66
C SER B 15 9.20 -10.16 6.61
N VAL B 16 8.68 -8.95 6.45
CA VAL B 16 9.51 -7.76 6.41
C VAL B 16 10.28 -7.66 7.71
N ASN B 17 9.54 -7.50 8.81
CA ASN B 17 10.13 -7.39 10.13
C ASN B 17 11.37 -8.28 10.22
N ASP B 18 11.25 -9.50 9.71
CA ASP B 18 12.37 -10.43 9.74
C ASP B 18 13.34 -10.10 8.61
N LYS B 19 12.81 -9.60 7.52
CA LYS B 19 13.63 -9.22 6.37
C LYS B 19 14.55 -8.05 6.73
N LEU B 20 13.95 -6.91 7.06
CA LEU B 20 14.71 -5.73 7.44
C LEU B 20 15.65 -6.04 8.60
N ASN B 21 15.72 -7.32 8.99
CA ASN B 21 16.56 -7.71 10.11
C ASN B 21 16.98 -9.18 10.02
N LYS B 22 18.25 -9.39 9.71
CA LYS B 22 18.81 -10.74 9.61
C LYS B 22 20.20 -10.78 10.25
N GLY B 23 21.11 -9.95 9.73
CA GLY B 23 22.46 -9.88 10.25
C GLY B 23 22.60 -8.67 11.17
N LYS B 24 23.01 -7.55 10.60
CA LYS B 24 23.17 -6.34 11.36
C LYS B 24 23.55 -6.69 12.78
N GLY B 25 23.23 -5.77 13.65
CA GLY B 25 23.50 -5.97 15.07
C GLY B 25 22.38 -6.87 15.62
N LYS B 26 22.03 -6.70 16.89
CA LYS B 26 20.97 -7.51 17.46
C LYS B 26 19.74 -6.67 17.74
N LEU B 27 18.77 -6.72 16.84
CA LEU B 27 17.53 -5.97 16.98
C LEU B 27 16.35 -6.77 16.44
N SER B 28 15.38 -7.05 17.30
CA SER B 28 14.20 -7.80 16.88
C SER B 28 12.96 -6.92 16.96
N LEU B 29 12.32 -6.70 15.81
CA LEU B 29 11.15 -5.87 15.76
C LEU B 29 9.88 -6.71 15.96
N SER B 30 8.81 -6.01 16.28
CA SER B 30 7.50 -6.63 16.46
C SER B 30 6.47 -5.68 15.88
N MET B 31 5.35 -6.20 15.43
CA MET B 31 4.35 -5.33 14.83
C MET B 31 2.98 -5.52 15.47
N ASN B 32 2.42 -4.41 15.92
CA ASN B 32 1.10 -4.40 16.50
C ASN B 32 0.24 -3.41 15.72
N GLY B 33 -0.55 -3.92 14.79
CA GLY B 33 -1.39 -3.07 13.96
C GLY B 33 -0.55 -2.00 13.27
N ASN B 34 -0.49 -0.82 13.88
CA ASN B 34 0.28 0.26 13.31
C ASN B 34 1.53 0.57 14.13
N GLN B 35 1.62 -0.03 15.32
CA GLN B 35 2.77 0.21 16.19
C GLN B 35 3.88 -0.79 15.95
N LEU B 36 5.11 -0.29 15.99
CA LEU B 36 6.28 -1.13 15.85
C LEU B 36 6.89 -1.23 17.24
N LYS B 37 7.62 -2.30 17.51
CA LYS B 37 8.21 -2.47 18.81
C LYS B 37 9.36 -3.42 18.69
N ALA B 38 10.48 -3.01 19.19
CA ALA B 38 11.66 -3.81 19.08
C ALA B 38 12.59 -3.62 20.26
N THR B 39 13.64 -4.42 20.26
CA THR B 39 14.66 -4.36 21.29
C THR B 39 15.99 -4.65 20.63
N SER B 40 17.06 -4.01 21.08
CA SER B 40 18.34 -4.25 20.43
C SER B 40 19.55 -3.97 21.32
N SER B 41 20.70 -4.49 20.89
CA SER B 41 21.95 -4.26 21.61
C SER B 41 23.07 -3.91 20.63
N ASN B 42 23.87 -2.93 20.97
CA ASN B 42 24.98 -2.52 20.09
C ASN B 42 24.48 -2.49 18.65
N ALA B 43 23.17 -2.53 18.51
CA ALA B 43 22.50 -2.51 17.22
C ALA B 43 23.10 -1.49 16.26
N GLY B 44 24.08 -0.77 16.73
CA GLY B 44 24.72 0.26 15.94
C GLY B 44 25.33 -0.28 14.65
N TYR B 45 24.74 -1.31 14.03
CA TYR B 45 25.35 -1.80 12.79
C TYR B 45 24.38 -2.32 11.74
N GLY B 46 25.00 -2.86 10.70
CA GLY B 46 24.33 -3.40 9.53
C GLY B 46 25.34 -4.04 8.59
N ILE B 47 26.12 -5.00 9.11
CA ILE B 47 27.14 -5.66 8.32
C ILE B 47 26.56 -6.40 7.13
N SER B 48 25.98 -7.54 7.44
CA SER B 48 25.38 -8.40 6.43
C SER B 48 25.03 -7.61 5.19
N TYR B 49 24.60 -6.38 5.41
CA TYR B 49 24.23 -5.49 4.32
C TYR B 49 25.17 -4.29 4.27
N GLU B 50 26.10 -4.29 3.31
CA GLU B 50 27.03 -3.19 3.18
C GLU B 50 26.27 -1.86 3.18
N ASP B 51 26.95 -0.78 2.84
CA ASP B 51 26.32 0.53 2.79
C ASP B 51 25.26 0.56 1.70
N LYS B 52 24.06 0.12 2.04
CA LYS B 52 22.96 0.09 1.08
C LYS B 52 21.78 0.90 1.62
N ASN B 53 20.84 1.23 0.75
CA ASN B 53 19.69 2.02 1.17
C ASN B 53 18.43 1.17 1.33
N TRP B 54 17.45 1.76 1.98
CA TRP B 54 16.17 1.10 2.20
C TRP B 54 15.07 2.10 1.93
N GLY B 55 13.93 1.61 1.47
CA GLY B 55 12.80 2.47 1.19
C GLY B 55 11.50 1.83 1.62
N ILE B 56 10.86 2.45 2.59
CA ILE B 56 9.61 1.96 3.09
C ILE B 56 8.47 2.85 2.56
N PHE B 57 7.37 2.24 2.11
CA PHE B 57 6.25 3.02 1.54
C PHE B 57 4.88 2.60 2.03
N VAL B 58 4.16 3.63 2.51
CA VAL B 58 2.80 3.45 3.00
C VAL B 58 1.83 4.07 2.00
N ASN B 59 0.61 3.57 1.93
CA ASN B 59 -0.34 4.12 0.99
C ASN B 59 0.35 4.36 -0.36
N GLY B 60 1.55 3.78 -0.51
CA GLY B 60 2.32 3.92 -1.73
C GLY B 60 3.12 5.20 -1.68
N GLU B 61 3.53 5.55 -0.48
CA GLU B 61 4.30 6.74 -0.23
C GLU B 61 5.32 6.46 0.84
N LYS B 62 6.46 7.08 0.73
CA LYS B 62 7.46 6.89 1.76
C LYS B 62 6.76 6.87 3.12
N VAL B 63 7.49 6.42 4.13
CA VAL B 63 7.00 6.35 5.50
C VAL B 63 8.19 6.31 6.43
N TYR B 64 9.34 6.04 5.82
CA TYR B 64 10.59 5.93 6.54
C TYR B 64 11.70 5.66 5.51
N THR B 65 12.95 5.86 5.87
CA THR B 65 14.05 5.63 4.95
C THR B 65 15.37 5.54 5.71
N PHE B 66 16.10 4.44 5.51
CA PHE B 66 17.35 4.25 6.17
C PHE B 66 18.39 3.53 5.34
N ASN B 67 19.60 3.69 5.82
CA ASN B 67 20.78 3.12 5.24
C ASN B 67 21.31 1.99 6.12
N GLU B 68 21.79 0.93 5.50
CA GLU B 68 22.32 -0.20 6.23
C GLU B 68 23.34 0.23 7.28
N LYS B 69 24.27 1.10 6.87
CA LYS B 69 25.28 1.57 7.80
C LYS B 69 24.66 2.47 8.85
N SER B 70 23.62 3.20 8.46
CA SER B 70 22.94 4.07 9.40
C SER B 70 22.39 3.22 10.53
N THR B 71 22.64 1.92 10.41
CA THR B 71 22.17 0.96 11.39
C THR B 71 20.80 1.37 11.87
N VAL B 72 19.78 0.88 11.20
CA VAL B 72 18.43 1.21 11.56
C VAL B 72 18.28 1.34 13.06
N GLY B 73 18.96 0.44 13.76
CA GLY B 73 18.87 0.40 15.19
C GLY B 73 18.68 1.80 15.76
N ASN B 74 19.65 2.67 15.52
CA ASN B 74 19.57 4.05 15.98
C ASN B 74 18.40 4.75 15.30
N ILE B 75 18.11 4.32 14.09
CA ILE B 75 17.03 4.90 13.33
C ILE B 75 15.68 4.41 13.82
N SER B 76 15.38 3.15 13.53
CA SER B 76 14.13 2.54 13.95
C SER B 76 13.73 3.17 15.26
N ASN B 77 14.76 3.55 16.00
CA ASN B 77 14.58 4.22 17.27
C ASN B 77 13.63 5.39 17.07
N ASP B 78 14.07 6.37 16.30
CA ASP B 78 13.23 7.53 16.01
C ASP B 78 11.91 7.05 15.42
N ILE B 79 12.01 6.35 14.30
CA ILE B 79 10.86 5.77 13.64
C ILE B 79 9.80 5.37 14.66
N ASN B 80 10.16 4.38 15.43
CA ASN B 80 9.27 3.86 16.46
C ASN B 80 8.41 4.96 17.10
N LYS B 81 8.83 6.22 16.98
CA LYS B 81 8.11 7.32 17.62
C LYS B 81 7.13 8.04 16.67
N LEU B 82 7.17 7.78 15.37
CA LEU B 82 6.25 8.47 14.47
C LEU B 82 4.95 7.67 14.34
N ASN B 83 4.76 6.76 15.28
CA ASN B 83 3.56 5.93 15.28
C ASN B 83 3.31 5.33 13.90
N ILE B 84 4.19 4.43 13.50
CA ILE B 84 4.08 3.77 12.21
C ILE B 84 2.64 3.37 11.90
N LYS B 85 2.48 2.70 10.77
CA LYS B 85 1.17 2.22 10.34
C LYS B 85 1.21 0.71 10.11
N GLY B 86 0.10 0.13 9.67
CA GLY B 86 0.06 -1.29 9.46
C GLY B 86 -0.44 -1.63 8.06
N MET B 87 -1.72 -1.42 7.83
CA MET B 87 -2.33 -1.74 6.58
C MET B 87 -2.92 -0.52 5.88
N TYR B 88 -2.18 0.07 4.95
CA TYR B 88 -2.72 1.22 4.23
C TYR B 88 -2.17 1.30 2.83
N ILE B 89 -3.06 1.12 1.89
CA ILE B 89 -2.71 1.17 0.49
C ILE B 89 -3.57 2.22 -0.15
N GLU B 90 -3.26 2.69 -1.37
CA GLU B 90 -4.14 3.74 -1.90
C GLU B 90 -4.11 3.92 -3.40
N ILE B 91 -4.82 4.97 -3.77
CA ILE B 91 -5.00 5.42 -5.12
C ILE B 91 -4.92 6.94 -5.13
N LYS B 92 -4.16 7.53 -6.05
CA LYS B 92 -4.06 8.97 -6.08
C LYS B 92 -4.99 9.54 -7.12
N GLN B 93 -5.53 10.71 -6.82
CA GLN B 93 -6.48 11.37 -7.68
C GLN B 93 -5.90 12.63 -8.33
N ILE B 94 -6.00 12.70 -9.65
CA ILE B 94 -5.55 13.86 -10.38
C ILE B 94 -4.63 14.75 -9.55
N ASP A 1 -17.26 -1.99 16.16
CA ASP A 1 -18.33 -3.00 16.39
C ASP A 1 -18.77 -3.59 15.05
N ASN A 2 -18.54 -2.84 13.98
CA ASN A 2 -18.91 -3.29 12.65
C ASN A 2 -17.68 -3.67 11.83
N GLN A 3 -16.60 -4.01 12.53
CA GLN A 3 -15.35 -4.39 11.87
C GLN A 3 -15.55 -5.67 11.06
N LYS A 4 -16.76 -6.20 11.10
CA LYS A 4 -17.07 -7.42 10.37
C LYS A 4 -16.93 -7.22 8.87
N ALA A 5 -17.84 -6.44 8.29
CA ALA A 5 -17.81 -6.17 6.86
C ALA A 5 -16.55 -5.41 6.47
N LEU A 6 -15.99 -4.68 7.41
CA LEU A 6 -14.77 -3.91 7.15
C LEU A 6 -13.72 -4.77 6.46
N GLU A 7 -13.78 -6.07 6.70
CA GLU A 7 -12.82 -6.99 6.10
C GLU A 7 -13.18 -7.29 4.65
N GLU A 8 -14.46 -7.37 4.37
CA GLU A 8 -14.93 -7.66 3.03
C GLU A 8 -15.04 -6.39 2.21
N GLN A 9 -14.61 -5.28 2.79
CA GLN A 9 -14.66 -4.00 2.10
C GLN A 9 -14.35 -2.86 3.06
N MET A 10 -13.47 -1.96 2.63
CA MET A 10 -13.09 -0.82 3.44
C MET A 10 -13.78 0.45 2.94
N ASN A 11 -14.59 1.05 3.80
CA ASN A 11 -15.35 2.27 3.49
C ASN A 11 -14.72 3.10 2.38
N SER A 12 -13.44 2.89 2.13
CA SER A 12 -12.74 3.61 1.09
C SER A 12 -13.32 3.29 -0.27
N ILE A 13 -13.69 2.02 -0.45
CA ILE A 13 -14.25 1.60 -1.71
C ILE A 13 -15.50 2.38 -2.06
N ASN A 14 -16.15 2.93 -1.04
CA ASN A 14 -17.38 3.69 -1.23
C ASN A 14 -17.11 5.03 -1.88
N SER A 15 -16.47 5.92 -1.12
CA SER A 15 -16.17 7.25 -1.63
C SER A 15 -15.48 7.13 -2.97
N VAL A 16 -14.54 6.19 -3.06
CA VAL A 16 -13.82 5.96 -4.30
C VAL A 16 -14.78 5.66 -5.43
N ASN A 17 -15.50 4.55 -5.29
CA ASN A 17 -16.48 4.15 -6.30
C ASN A 17 -17.15 5.36 -6.92
N ASP A 18 -17.52 6.31 -6.06
CA ASP A 18 -18.18 7.53 -6.53
C ASP A 18 -17.15 8.56 -6.98
N LYS A 19 -15.97 8.51 -6.37
CA LYS A 19 -14.91 9.45 -6.70
C LYS A 19 -14.42 9.25 -8.14
N LEU A 20 -13.94 8.04 -8.43
CA LEU A 20 -13.42 7.73 -9.75
C LEU A 20 -14.36 8.24 -10.84
N ASN A 21 -15.57 8.65 -10.45
CA ASN A 21 -16.54 9.15 -11.41
C ASN A 21 -16.62 10.67 -11.40
N LYS A 22 -17.70 11.20 -10.82
CA LYS A 22 -17.94 12.65 -10.72
C LYS A 22 -18.85 13.13 -11.83
N GLY A 23 -18.66 12.59 -13.03
CA GLY A 23 -19.49 13.00 -14.17
C GLY A 23 -18.83 12.65 -15.50
N LYS A 24 -18.22 11.46 -15.57
CA LYS A 24 -17.58 11.04 -16.80
C LYS A 24 -18.61 10.46 -17.76
N GLY A 25 -18.23 9.40 -18.46
CA GLY A 25 -19.13 8.77 -19.41
C GLY A 25 -20.13 7.88 -18.67
N LYS A 26 -20.73 6.95 -19.38
CA LYS A 26 -21.66 6.03 -18.76
C LYS A 26 -20.84 4.94 -18.11
N LEU A 27 -20.95 4.79 -16.80
CA LEU A 27 -20.14 3.83 -16.10
C LEU A 27 -20.83 3.34 -14.82
N SER A 28 -20.75 2.03 -14.58
CA SER A 28 -21.34 1.42 -13.38
C SER A 28 -20.30 0.54 -12.68
N LEU A 29 -19.86 0.96 -11.49
CA LEU A 29 -18.85 0.24 -10.75
C LEU A 29 -19.42 -0.85 -9.86
N SER A 30 -18.51 -1.73 -9.42
CA SER A 30 -18.83 -2.82 -8.50
C SER A 30 -17.77 -2.80 -7.40
N MET A 31 -18.04 -3.47 -6.28
CA MET A 31 -17.07 -3.46 -5.18
C MET A 31 -16.68 -4.85 -4.69
N ASN A 32 -15.43 -5.20 -4.96
CA ASN A 32 -14.87 -6.49 -4.53
C ASN A 32 -13.60 -6.21 -3.72
N GLY A 33 -13.69 -6.28 -2.39
CA GLY A 33 -12.53 -5.99 -1.56
C GLY A 33 -12.19 -4.51 -1.70
N ASN A 34 -11.21 -4.22 -2.54
CA ASN A 34 -10.84 -2.83 -2.81
C ASN A 34 -10.59 -2.70 -4.30
N GLN A 35 -11.13 -3.68 -5.03
CA GLN A 35 -10.99 -3.74 -6.47
C GLN A 35 -12.14 -3.00 -7.14
N LEU A 36 -11.86 -2.47 -8.32
CA LEU A 36 -12.86 -1.78 -9.08
C LEU A 36 -13.28 -2.65 -10.25
N LYS A 37 -14.57 -2.72 -10.47
CA LYS A 37 -15.10 -3.50 -11.58
C LYS A 37 -16.32 -2.79 -12.06
N ALA A 38 -16.26 -2.40 -13.28
CA ALA A 38 -17.32 -1.64 -13.85
C ALA A 38 -17.45 -1.87 -15.35
N THR A 39 -18.48 -1.25 -15.89
CA THR A 39 -18.75 -1.29 -17.31
C THR A 39 -19.00 0.15 -17.72
N SER A 40 -18.67 0.53 -18.94
CA SER A 40 -18.86 1.93 -19.28
C SER A 40 -18.78 2.23 -20.77
N SER A 41 -19.31 3.39 -21.15
CA SER A 41 -19.25 3.87 -22.53
C SER A 41 -18.41 5.14 -22.56
N ASN A 42 -17.88 5.49 -23.71
CA ASN A 42 -17.03 6.67 -23.80
C ASN A 42 -17.64 7.78 -24.66
N ALA A 43 -18.97 7.87 -24.66
CA ALA A 43 -19.63 8.89 -25.45
C ALA A 43 -19.67 10.23 -24.74
N GLY A 44 -20.24 10.21 -23.55
CA GLY A 44 -20.34 11.42 -22.74
C GLY A 44 -19.26 11.41 -21.70
N TYR A 45 -18.21 10.75 -22.09
CA TYR A 45 -17.05 10.58 -21.24
C TYR A 45 -16.48 11.92 -20.76
N GLY A 46 -15.92 11.90 -19.56
CA GLY A 46 -15.31 13.09 -18.94
C GLY A 46 -15.25 14.27 -19.90
N ILE A 47 -16.24 15.16 -19.79
CA ILE A 47 -16.31 16.33 -20.63
C ILE A 47 -15.73 17.54 -19.92
N SER A 48 -16.54 18.07 -19.00
CA SER A 48 -16.15 19.24 -18.23
C SER A 48 -14.73 19.10 -17.77
N TYR A 49 -14.34 17.85 -17.62
CA TYR A 49 -13.00 17.51 -17.16
C TYR A 49 -11.97 17.59 -18.29
N GLU A 50 -10.90 18.34 -18.04
CA GLU A 50 -9.85 18.50 -19.04
C GLU A 50 -8.95 17.26 -19.07
N ASP A 51 -7.89 17.27 -18.27
CA ASP A 51 -6.98 16.14 -18.21
C ASP A 51 -6.26 16.07 -16.87
N LYS A 52 -6.99 15.64 -15.85
CA LYS A 52 -6.42 15.50 -14.51
C LYS A 52 -6.15 14.01 -14.25
N ASN A 53 -4.98 13.68 -13.69
CA ASN A 53 -4.66 12.27 -13.50
C ASN A 53 -4.15 11.91 -12.10
N TRP A 54 -4.19 10.61 -11.83
CA TRP A 54 -3.71 10.08 -10.58
C TRP A 54 -3.18 8.67 -10.79
N GLY A 55 -2.51 8.16 -9.77
CA GLY A 55 -1.96 6.81 -9.83
C GLY A 55 -2.53 5.98 -8.71
N ILE A 56 -2.69 4.69 -8.97
CA ILE A 56 -3.22 3.79 -8.01
C ILE A 56 -2.11 2.85 -7.51
N PHE A 57 -2.06 2.54 -6.20
CA PHE A 57 -0.99 1.66 -5.68
C PHE A 57 -1.45 0.58 -4.71
N VAL A 58 -0.94 -0.63 -5.00
CA VAL A 58 -1.20 -1.81 -4.18
C VAL A 58 0.12 -2.30 -3.61
N ASN A 59 0.08 -2.97 -2.46
CA ASN A 59 1.32 -3.46 -1.84
C ASN A 59 2.38 -2.37 -1.77
N GLY A 60 1.96 -1.12 -1.89
CA GLY A 60 2.93 -0.03 -1.85
C GLY A 60 3.55 0.10 -3.23
N GLU A 61 2.82 -0.41 -4.21
CA GLU A 61 3.28 -0.41 -5.58
C GLU A 61 2.15 0.01 -6.51
N LYS A 62 2.47 0.77 -7.54
CA LYS A 62 1.45 1.15 -8.49
C LYS A 62 0.60 -0.08 -8.78
N VAL A 63 -0.48 0.13 -9.48
CA VAL A 63 -1.38 -0.95 -9.85
C VAL A 63 -2.23 -0.52 -11.02
N TYR A 64 -2.26 0.79 -11.27
CA TYR A 64 -3.07 1.32 -12.35
C TYR A 64 -2.99 2.85 -12.39
N THR A 65 -2.94 3.43 -13.60
CA THR A 65 -2.87 4.89 -13.73
C THR A 65 -3.64 5.40 -14.94
N PHE A 66 -4.55 6.34 -14.69
CA PHE A 66 -5.33 6.95 -15.74
C PHE A 66 -5.54 8.43 -15.52
N ASN A 67 -6.12 9.04 -16.53
CA ASN A 67 -6.40 10.45 -16.55
C ASN A 67 -7.90 10.68 -16.76
N GLU A 68 -8.39 11.84 -16.35
CA GLU A 68 -9.79 12.17 -16.51
C GLU A 68 -10.22 12.09 -17.97
N LYS A 69 -9.42 12.67 -18.87
CA LYS A 69 -9.76 12.62 -20.29
C LYS A 69 -9.78 11.18 -20.77
N SER A 70 -8.74 10.43 -20.45
CA SER A 70 -8.68 9.03 -20.83
C SER A 70 -9.98 8.34 -20.42
N THR A 71 -10.81 9.09 -19.72
CA THR A 71 -12.08 8.57 -19.23
C THR A 71 -11.91 7.13 -18.81
N VAL A 72 -11.52 6.94 -17.55
CA VAL A 72 -11.30 5.62 -17.03
C VAL A 72 -12.26 4.62 -17.62
N GLY A 73 -13.49 5.08 -17.81
CA GLY A 73 -14.54 4.22 -18.32
C GLY A 73 -13.98 3.19 -19.28
N ASN A 74 -13.31 3.66 -20.32
CA ASN A 74 -12.71 2.75 -21.29
C ASN A 74 -11.51 2.05 -20.66
N ILE A 75 -10.86 2.74 -19.73
CA ILE A 75 -9.71 2.19 -19.06
C ILE A 75 -10.14 1.15 -18.02
N SER A 76 -10.68 1.65 -16.91
CA SER A 76 -11.15 0.80 -15.83
C SER A 76 -11.66 -0.49 -16.43
N ASN A 77 -12.13 -0.37 -17.65
CA ASN A 77 -12.61 -1.51 -18.40
C ASN A 77 -11.56 -2.60 -18.42
N ASP A 78 -10.45 -2.32 -19.09
CA ASP A 78 -9.35 -3.28 -19.14
C ASP A 78 -8.98 -3.65 -17.71
N ILE A 79 -8.54 -2.63 -16.97
CA ILE A 79 -8.18 -2.79 -15.58
C ILE A 79 -9.04 -3.85 -14.93
N ASN A 80 -10.28 -3.48 -14.70
CA ASN A 80 -11.24 -4.36 -14.07
C ASN A 80 -11.08 -5.81 -14.51
N LYS A 81 -10.32 -6.02 -15.58
CA LYS A 81 -10.13 -7.36 -16.13
C LYS A 81 -8.95 -8.12 -15.53
N LEU A 82 -7.99 -7.44 -14.90
CA LEU A 82 -6.87 -8.17 -14.31
C LEU A 82 -7.19 -8.56 -12.88
N ASN A 83 -8.45 -8.40 -12.52
CA ASN A 83 -8.93 -8.75 -11.19
C ASN A 83 -8.04 -8.13 -10.09
N ILE A 84 -7.99 -6.81 -10.06
CA ILE A 84 -7.19 -6.11 -9.04
C ILE A 84 -7.30 -6.79 -7.69
N LYS A 85 -6.52 -6.29 -6.73
CA LYS A 85 -6.51 -6.82 -5.39
C LYS A 85 -7.03 -5.80 -4.40
N GLY A 86 -7.02 -6.18 -3.13
CA GLY A 86 -7.48 -5.30 -2.10
C GLY A 86 -6.45 -5.15 -0.98
N MET A 87 -6.78 -5.72 0.16
CA MET A 87 -5.94 -5.65 1.32
C MET A 87 -4.52 -6.15 1.08
N TYR A 88 -3.73 -5.37 0.37
CA TYR A 88 -2.34 -5.74 0.17
C TYR A 88 -1.46 -4.54 0.24
N ILE A 89 -0.67 -4.50 1.27
CA ILE A 89 0.25 -3.42 1.47
C ILE A 89 1.64 -3.99 1.46
N GLU A 90 2.70 -3.18 1.43
CA GLU A 90 4.01 -3.84 1.39
C GLU A 90 5.19 -2.91 1.44
N ILE A 91 6.31 -3.55 1.19
CA ILE A 91 7.61 -2.93 1.20
C ILE A 91 8.46 -3.44 0.04
N LYS A 92 9.42 -2.64 -0.37
CA LYS A 92 10.35 -3.03 -1.43
C LYS A 92 11.75 -3.08 -0.82
N GLN A 93 12.50 -4.12 -1.13
CA GLN A 93 13.83 -4.27 -0.54
C GLN A 93 14.97 -4.15 -1.56
N ILE A 94 15.89 -3.21 -1.31
CA ILE A 94 17.06 -3.06 -2.14
C ILE A 94 16.82 -3.62 -3.54
N ASP B 1 -7.88 -21.33 6.82
CA ASP B 1 -8.45 -21.84 8.10
C ASP B 1 -7.83 -21.08 9.27
N ASN B 2 -6.65 -20.52 9.06
CA ASN B 2 -5.96 -19.78 10.10
C ASN B 2 -5.99 -18.28 9.81
N GLN B 3 -6.98 -17.85 9.02
CA GLN B 3 -7.11 -16.45 8.67
C GLN B 3 -7.39 -15.61 9.91
N LYS B 4 -7.47 -16.27 11.06
CA LYS B 4 -7.73 -15.58 12.31
C LYS B 4 -6.61 -14.61 12.66
N ALA B 5 -5.45 -15.16 12.99
CA ALA B 5 -4.29 -14.35 13.36
C ALA B 5 -3.84 -13.50 12.18
N LEU B 6 -4.11 -13.97 10.97
CA LEU B 6 -3.72 -13.25 9.76
C LEU B 6 -4.12 -11.78 9.85
N GLU B 7 -5.16 -11.50 10.62
CA GLU B 7 -5.64 -10.13 10.77
C GLU B 7 -4.77 -9.36 11.76
N GLU B 8 -4.31 -10.04 12.80
CA GLU B 8 -3.47 -9.41 13.80
C GLU B 8 -2.01 -9.43 13.39
N GLN B 9 -1.76 -9.90 12.18
CA GLN B 9 -0.40 -9.97 11.67
C GLN B 9 -0.34 -10.77 10.37
N MET B 10 0.34 -10.21 9.37
CA MET B 10 0.49 -10.89 8.09
C MET B 10 1.87 -11.49 7.94
N ASN B 11 1.91 -12.82 7.80
CA ASN B 11 3.16 -13.58 7.66
C ASN B 11 4.33 -12.74 7.14
N SER B 12 4.02 -11.63 6.50
CA SER B 12 5.03 -10.76 5.95
C SER B 12 5.88 -10.19 7.07
N ILE B 13 5.24 -9.87 8.19
CA ILE B 13 5.94 -9.31 9.31
C ILE B 13 7.04 -10.24 9.80
N ASN B 14 6.88 -11.52 9.50
CA ASN B 14 7.86 -12.51 9.94
C ASN B 14 9.15 -12.41 9.15
N SER B 15 9.09 -12.77 7.88
CA SER B 15 10.26 -12.72 7.03
C SER B 15 10.92 -11.36 7.15
N VAL B 16 10.09 -10.33 7.14
CA VAL B 16 10.58 -8.97 7.26
C VAL B 16 11.39 -8.80 8.53
N ASN B 17 10.71 -8.99 9.66
CA ASN B 17 11.37 -8.88 10.96
C ASN B 17 12.80 -9.39 10.89
N ASP B 18 12.97 -10.53 10.21
CA ASP B 18 14.30 -11.13 10.08
C ASP B 18 15.04 -10.52 8.90
N LYS B 19 14.29 -10.07 7.90
CA LYS B 19 14.89 -9.46 6.71
C LYS B 19 15.60 -8.15 7.06
N LEU B 20 14.85 -7.20 7.59
CA LEU B 20 15.40 -5.91 7.94
C LEU B 20 16.73 -6.05 8.68
N ASN B 21 17.06 -7.27 9.08
CA ASN B 21 18.31 -7.51 9.81
C ASN B 21 19.37 -8.12 8.89
N LYS B 22 19.60 -9.42 9.07
CA LYS B 22 20.60 -10.19 8.29
C LYS B 22 21.93 -10.27 9.03
N GLY B 23 22.32 -9.19 9.69
CA GLY B 23 23.59 -9.19 10.43
C GLY B 23 24.07 -7.78 10.71
N LYS B 24 23.15 -6.90 11.07
CA LYS B 24 23.53 -5.52 11.36
C LYS B 24 24.05 -5.42 12.79
N GLY B 25 23.69 -4.33 13.46
CA GLY B 25 24.13 -4.13 14.84
C GLY B 25 23.28 -4.95 15.79
N LYS B 26 23.28 -4.58 17.06
CA LYS B 26 22.46 -5.28 18.03
C LYS B 26 21.06 -4.74 17.91
N LEU B 27 20.09 -5.58 17.57
CA LEU B 27 18.75 -5.12 17.36
C LEU B 27 17.72 -6.22 17.66
N SER B 28 16.63 -5.84 18.33
CA SER B 28 15.56 -6.78 18.65
C SER B 28 14.21 -6.19 18.25
N LEU B 29 13.59 -6.79 17.23
CA LEU B 29 12.32 -6.29 16.72
C LEU B 29 11.10 -6.86 17.45
N SER B 30 9.98 -6.19 17.23
CA SER B 30 8.69 -6.59 17.77
C SER B 30 7.68 -6.56 16.63
N MET B 31 6.52 -7.20 16.81
CA MET B 31 5.54 -7.24 15.73
C MET B 31 4.15 -6.77 16.15
N ASN B 32 3.76 -5.62 15.62
CA ASN B 32 2.45 -5.04 15.88
C ASN B 32 1.75 -4.77 14.55
N GLY B 33 0.83 -5.65 14.15
CA GLY B 33 0.17 -5.47 12.86
C GLY B 33 1.19 -5.69 11.75
N ASN B 34 1.71 -4.59 11.22
CA ASN B 34 2.75 -4.67 10.20
C ASN B 34 3.78 -3.60 10.52
N GLN B 35 3.76 -3.17 11.78
CA GLN B 35 4.65 -2.15 12.26
C GLN B 35 5.91 -2.77 12.83
N LEU B 36 7.00 -2.04 12.76
CA LEU B 36 8.25 -2.49 13.29
C LEU B 36 8.55 -1.73 14.58
N LYS B 37 8.99 -2.45 15.58
CA LYS B 37 9.35 -1.85 16.84
C LYS B 37 10.47 -2.63 17.41
N ALA B 38 11.55 -1.97 17.58
CA ALA B 38 12.74 -2.61 18.03
C ALA B 38 13.63 -1.68 18.84
N THR B 39 14.69 -2.27 19.35
CA THR B 39 15.69 -1.55 20.10
C THR B 39 17.02 -1.98 19.53
N SER B 40 18.02 -1.12 19.52
CA SER B 40 19.27 -1.55 18.91
C SER B 40 20.47 -0.65 19.22
N SER B 41 21.66 -1.20 18.99
CA SER B 41 22.91 -0.46 19.18
C SER B 41 23.59 -0.34 17.82
N ASN B 42 24.47 0.63 17.68
CA ASN B 42 25.12 0.84 16.39
C ASN B 42 26.62 0.56 16.44
N ALA B 43 27.03 -0.39 17.28
CA ALA B 43 28.45 -0.70 17.38
C ALA B 43 28.89 -1.68 16.31
N GLY B 44 28.22 -2.80 16.25
CA GLY B 44 28.53 -3.83 15.26
C GLY B 44 27.54 -3.73 14.14
N TYR B 45 27.08 -2.52 13.98
CA TYR B 45 26.08 -2.20 12.97
C TYR B 45 26.53 -2.60 11.57
N GLY B 46 25.56 -2.96 10.74
CA GLY B 46 25.81 -3.35 9.35
C GLY B 46 27.25 -3.14 8.92
N ILE B 47 28.04 -4.21 9.00
CA ILE B 47 29.43 -4.15 8.63
C ILE B 47 29.63 -4.65 7.21
N SER B 48 29.59 -5.96 7.08
CA SER B 48 29.76 -6.61 5.78
C SER B 48 28.99 -5.87 4.73
N TYR B 49 27.93 -5.24 5.19
CA TYR B 49 27.04 -4.49 4.31
C TYR B 49 27.60 -3.10 4.00
N GLU B 50 27.67 -2.79 2.71
CA GLU B 50 28.17 -1.49 2.27
C GLU B 50 27.11 -0.42 2.46
N ASP B 51 26.31 -0.19 1.43
CA ASP B 51 25.26 0.82 1.49
C ASP B 51 24.11 0.49 0.55
N LYS B 52 23.30 -0.50 0.93
CA LYS B 52 22.16 -0.90 0.11
C LYS B 52 20.89 -0.34 0.77
N ASN B 53 19.98 0.24 -0.02
CA ASN B 53 18.79 0.84 0.57
C ASN B 53 17.47 0.44 -0.09
N TRP B 54 16.40 0.71 0.66
CA TRP B 54 15.06 0.45 0.20
C TRP B 54 14.10 1.45 0.80
N GLY B 55 12.88 1.46 0.28
CA GLY B 55 11.86 2.36 0.78
C GLY B 55 10.67 1.57 1.27
N ILE B 56 10.00 2.09 2.28
CA ILE B 56 8.87 1.44 2.84
C ILE B 56 7.59 2.24 2.48
N PHE B 57 6.48 1.55 2.16
CA PHE B 57 5.25 2.30 1.79
C PHE B 57 3.97 1.75 2.41
N VAL B 58 3.19 2.72 2.94
CA VAL B 58 1.90 2.45 3.54
C VAL B 58 0.82 3.19 2.74
N ASN B 59 -0.40 2.67 2.74
CA ASN B 59 -1.47 3.31 1.99
C ASN B 59 -1.04 3.59 0.55
N GLY B 60 0.00 2.93 0.09
CA GLY B 60 0.47 3.20 -1.26
C GLY B 60 1.34 4.44 -1.25
N GLU B 61 1.84 4.74 -0.05
CA GLU B 61 2.66 5.90 0.15
C GLU B 61 3.86 5.56 1.00
N LYS B 62 5.00 6.16 0.71
CA LYS B 62 6.16 5.92 1.52
C LYS B 62 5.74 5.96 2.98
N VAL B 63 6.65 5.58 3.84
CA VAL B 63 6.38 5.59 5.27
C VAL B 63 7.68 5.58 6.03
N TYR B 64 8.76 5.24 5.31
CA TYR B 64 10.07 5.17 5.95
C TYR B 64 11.13 4.71 4.94
N THR B 65 12.34 5.28 5.01
CA THR B 65 13.41 4.88 4.09
C THR B 65 14.78 4.93 4.75
N PHE B 66 15.50 3.82 4.67
CA PHE B 66 16.83 3.71 5.23
C PHE B 66 17.75 2.90 4.35
N ASN B 67 19.00 2.92 4.74
CA ASN B 67 20.06 2.21 4.06
C ASN B 67 20.75 1.25 5.01
N GLU B 68 21.40 0.23 4.44
CA GLU B 68 22.10 -0.76 5.26
C GLU B 68 23.14 -0.10 6.15
N LYS B 69 23.94 0.80 5.59
CA LYS B 69 24.96 1.48 6.39
C LYS B 69 24.30 2.28 7.49
N SER B 70 23.29 3.07 7.12
CA SER B 70 22.59 3.86 8.13
C SER B 70 22.17 2.96 9.27
N THR B 71 22.42 1.66 9.10
CA THR B 71 22.05 0.68 10.11
C THR B 71 20.73 1.06 10.74
N VAL B 72 19.66 0.60 10.11
CA VAL B 72 18.32 0.91 10.60
C VAL B 72 18.30 0.98 12.11
N GLY B 73 19.06 0.09 12.72
CA GLY B 73 19.08 -0.01 14.16
C GLY B 73 18.87 1.36 14.79
N ASN B 74 19.73 2.31 14.45
CA ASN B 74 19.61 3.66 14.97
C ASN B 74 18.38 4.34 14.36
N ILE B 75 18.07 3.96 13.13
CA ILE B 75 16.93 4.51 12.45
C ILE B 75 15.63 3.94 12.99
N SER B 76 15.36 2.69 12.63
CA SER B 76 14.15 1.99 13.08
C SER B 76 13.81 2.50 14.46
N ASN B 77 14.84 2.90 15.17
CA ASN B 77 14.69 3.44 16.48
C ASN B 77 13.67 4.57 16.46
N ASP B 78 14.05 5.66 15.79
CA ASP B 78 13.14 6.80 15.67
C ASP B 78 11.82 6.28 15.11
N ILE B 79 11.90 5.76 13.89
CA ILE B 79 10.76 5.19 13.22
C ILE B 79 9.80 4.56 14.22
N ASN B 80 10.22 3.44 14.74
CA ASN B 80 9.44 2.69 15.71
C ASN B 80 8.71 3.61 16.68
N LYS B 81 9.09 4.88 16.71
CA LYS B 81 8.49 5.83 17.63
C LYS B 81 7.25 6.55 17.08
N LEU B 82 7.04 6.56 15.76
CA LEU B 82 5.85 7.24 15.23
C LEU B 82 4.70 6.26 15.15
N ASN B 83 4.89 5.10 15.77
CA ASN B 83 3.87 4.07 15.81
C ASN B 83 3.32 3.75 14.41
N ILE B 84 4.20 3.30 13.52
CA ILE B 84 3.79 2.95 12.16
C ILE B 84 2.42 2.27 12.14
N LYS B 85 1.92 2.02 10.93
CA LYS B 85 0.64 1.37 10.75
C LYS B 85 0.80 0.03 10.09
N GLY B 86 -0.32 -0.63 9.84
CA GLY B 86 -0.30 -1.92 9.21
C GLY B 86 -1.21 -1.96 7.99
N MET B 87 -2.30 -2.70 8.13
CA MET B 87 -3.26 -2.88 7.08
C MET B 87 -3.80 -1.57 6.52
N TYR B 88 -2.98 -0.86 5.77
CA TYR B 88 -3.46 0.36 5.14
C TYR B 88 -2.90 0.48 3.75
N ILE B 89 -3.79 0.36 2.81
CA ILE B 89 -3.41 0.47 1.43
C ILE B 89 -4.17 1.64 0.84
N GLU B 90 -3.86 2.11 -0.38
CA GLU B 90 -4.63 3.27 -0.84
C GLU B 90 -4.32 3.71 -2.24
N ILE B 91 -4.89 4.87 -2.50
CA ILE B 91 -4.80 5.53 -3.78
C ILE B 91 -4.58 7.03 -3.58
N LYS B 92 -3.99 7.67 -4.60
CA LYS B 92 -3.79 9.11 -4.57
C LYS B 92 -4.60 9.71 -5.71
N GLN B 93 -5.29 10.80 -5.45
CA GLN B 93 -6.14 11.40 -6.49
C GLN B 93 -5.67 12.78 -6.95
N ILE B 94 -5.42 12.91 -8.27
CA ILE B 94 -5.06 14.19 -8.84
C ILE B 94 -4.44 15.11 -7.79
N ASP A 1 -4.98 -20.78 -10.00
CA ASP A 1 -6.34 -20.18 -9.93
C ASP A 1 -6.89 -20.30 -8.51
N ASN A 2 -6.91 -19.18 -7.79
CA ASN A 2 -7.40 -19.18 -6.41
C ASN A 2 -8.06 -17.84 -6.09
N GLN A 3 -9.25 -17.63 -6.62
CA GLN A 3 -9.97 -16.39 -6.38
C GLN A 3 -10.31 -16.24 -4.89
N LYS A 4 -9.99 -17.28 -4.12
CA LYS A 4 -10.26 -17.27 -2.70
C LYS A 4 -9.31 -16.33 -1.97
N ALA A 5 -8.31 -15.83 -2.68
CA ALA A 5 -7.34 -14.92 -2.10
C ALA A 5 -8.04 -13.76 -1.39
N LEU A 6 -9.33 -13.64 -1.60
CA LEU A 6 -10.11 -12.58 -0.96
C LEU A 6 -9.65 -12.37 0.48
N GLU A 7 -9.66 -13.46 1.24
CA GLU A 7 -9.26 -13.41 2.64
C GLU A 7 -7.97 -12.61 2.83
N GLU A 8 -7.17 -12.49 1.77
CA GLU A 8 -5.92 -11.78 1.87
C GLU A 8 -5.93 -10.45 1.13
N GLN A 9 -7.07 -10.07 0.56
CA GLN A 9 -7.14 -8.81 -0.16
C GLN A 9 -8.57 -8.40 -0.50
N MET A 10 -9.15 -7.56 0.35
CA MET A 10 -10.51 -7.09 0.14
C MET A 10 -10.73 -5.73 0.82
N ASN A 11 -11.83 -5.06 0.46
CA ASN A 11 -12.17 -3.75 1.05
C ASN A 11 -11.67 -2.58 0.19
N SER A 12 -10.63 -2.82 -0.59
CA SER A 12 -10.09 -1.77 -1.44
C SER A 12 -11.00 -1.53 -2.63
N ILE A 13 -11.44 -2.63 -3.24
CA ILE A 13 -12.31 -2.56 -4.37
C ILE A 13 -13.56 -1.75 -4.06
N ASN A 14 -13.68 -1.36 -2.80
CA ASN A 14 -14.84 -0.61 -2.37
C ASN A 14 -14.63 0.90 -2.45
N SER A 15 -13.79 1.41 -1.57
CA SER A 15 -13.52 2.84 -1.52
C SER A 15 -13.22 3.39 -2.89
N VAL A 16 -12.26 2.77 -3.56
CA VAL A 16 -11.87 3.22 -4.90
C VAL A 16 -13.08 3.36 -5.79
N ASN A 17 -13.75 2.24 -5.99
CA ASN A 17 -14.93 2.22 -6.84
C ASN A 17 -15.68 3.54 -6.72
N ASP A 18 -15.85 4.01 -5.49
CA ASP A 18 -16.55 5.26 -5.26
C ASP A 18 -15.58 6.44 -5.25
N LYS A 19 -14.31 6.17 -4.98
CA LYS A 19 -13.31 7.23 -4.93
C LYS A 19 -12.96 7.72 -6.33
N LEU A 20 -12.32 6.86 -7.11
CA LEU A 20 -11.90 7.21 -8.46
C LEU A 20 -13.11 7.54 -9.33
N ASN A 21 -14.28 7.57 -8.71
CA ASN A 21 -15.52 7.90 -9.42
C ASN A 21 -16.00 9.28 -9.00
N LYS A 22 -17.18 9.35 -8.37
CA LYS A 22 -17.76 10.61 -7.88
C LYS A 22 -18.72 11.24 -8.88
N GLY A 23 -18.40 11.16 -10.17
CA GLY A 23 -19.28 11.76 -11.17
C GLY A 23 -18.74 11.66 -12.59
N LYS A 24 -18.72 10.46 -13.15
CA LYS A 24 -18.29 10.30 -14.52
C LYS A 24 -19.51 10.04 -15.38
N GLY A 25 -19.29 9.40 -16.52
CA GLY A 25 -20.39 9.08 -17.40
C GLY A 25 -21.12 7.84 -16.86
N LYS A 26 -21.73 7.06 -17.75
CA LYS A 26 -22.45 5.87 -17.30
C LYS A 26 -21.51 4.69 -17.13
N LEU A 27 -21.19 4.35 -15.88
CA LEU A 27 -20.30 3.25 -15.59
C LEU A 27 -20.62 2.64 -14.21
N SER A 28 -21.04 1.39 -14.19
CA SER A 28 -21.36 0.71 -12.94
C SER A 28 -20.31 -0.36 -12.62
N LEU A 29 -19.62 -0.20 -11.50
CA LEU A 29 -18.57 -1.12 -11.11
C LEU A 29 -19.08 -2.22 -10.18
N SER A 30 -18.29 -3.28 -10.11
CA SER A 30 -18.57 -4.39 -9.22
C SER A 30 -17.32 -4.58 -8.37
N MET A 31 -17.41 -5.38 -7.31
CA MET A 31 -16.23 -5.53 -6.47
C MET A 31 -15.85 -6.98 -6.20
N ASN A 32 -14.74 -7.37 -6.80
CA ASN A 32 -14.19 -8.69 -6.61
C ASN A 32 -12.76 -8.51 -6.11
N GLY A 33 -12.44 -9.09 -4.96
CA GLY A 33 -11.11 -8.93 -4.38
C GLY A 33 -10.10 -8.37 -5.37
N ASN A 34 -9.33 -9.25 -6.00
CA ASN A 34 -8.30 -8.83 -6.95
C ASN A 34 -8.88 -8.48 -8.32
N GLN A 35 -10.20 -8.30 -8.42
CA GLN A 35 -10.78 -7.97 -9.70
C GLN A 35 -11.90 -6.95 -9.60
N LEU A 36 -11.94 -6.07 -10.58
CA LEU A 36 -12.98 -5.08 -10.68
C LEU A 36 -13.78 -5.45 -11.91
N LYS A 37 -15.02 -5.06 -11.98
CA LYS A 37 -15.83 -5.40 -13.12
C LYS A 37 -16.94 -4.40 -13.22
N ALA A 38 -17.04 -3.83 -14.36
CA ALA A 38 -18.01 -2.81 -14.58
C ALA A 38 -18.52 -2.82 -15.99
N THR A 39 -19.51 -1.99 -16.20
CA THR A 39 -20.12 -1.82 -17.49
C THR A 39 -20.36 -0.34 -17.70
N SER A 40 -20.22 0.14 -18.92
CA SER A 40 -20.39 1.57 -19.14
C SER A 40 -21.12 1.86 -20.45
N SER A 41 -21.64 3.08 -20.52
CA SER A 41 -22.35 3.54 -21.71
C SER A 41 -21.98 5.00 -21.99
N ASN A 42 -21.56 5.28 -23.21
CA ASN A 42 -21.16 6.64 -23.55
C ASN A 42 -20.46 7.23 -22.34
N ALA A 43 -19.96 6.32 -21.52
CA ALA A 43 -19.28 6.64 -20.29
C ALA A 43 -17.90 7.20 -20.53
N GLY A 44 -17.60 7.43 -21.78
CA GLY A 44 -16.30 7.93 -22.17
C GLY A 44 -15.99 9.28 -21.54
N TYR A 45 -16.48 9.53 -20.32
CA TYR A 45 -16.21 10.82 -19.70
C TYR A 45 -15.70 10.71 -18.27
N GLY A 46 -15.54 11.89 -17.67
CA GLY A 46 -15.06 12.01 -16.30
C GLY A 46 -15.17 13.46 -15.84
N ILE A 47 -16.34 14.05 -16.01
CA ILE A 47 -16.58 15.43 -15.63
C ILE A 47 -16.01 15.77 -14.28
N SER A 48 -16.72 15.31 -13.25
CA SER A 48 -16.35 15.56 -11.86
C SER A 48 -15.08 16.38 -11.75
N TYR A 49 -14.05 15.95 -12.45
CA TYR A 49 -12.78 16.66 -12.46
C TYR A 49 -12.27 16.78 -13.89
N GLU A 50 -11.92 18.01 -14.29
CA GLU A 50 -11.42 18.25 -15.64
C GLU A 50 -10.36 17.23 -16.03
N ASP A 51 -9.68 17.48 -17.14
CA ASP A 51 -8.64 16.58 -17.61
C ASP A 51 -7.47 16.54 -16.64
N LYS A 52 -7.57 15.67 -15.64
CA LYS A 52 -6.50 15.55 -14.65
C LYS A 52 -5.94 14.13 -14.65
N ASN A 53 -4.85 13.92 -13.91
CA ASN A 53 -4.21 12.60 -13.89
C ASN A 53 -4.50 11.82 -12.61
N TRP A 54 -4.34 10.50 -12.73
CA TRP A 54 -4.56 9.61 -11.62
C TRP A 54 -3.42 8.60 -11.53
N GLY A 55 -3.15 8.13 -10.34
CA GLY A 55 -2.10 7.16 -10.12
C GLY A 55 -2.52 6.16 -9.07
N ILE A 56 -2.48 4.89 -9.42
CA ILE A 56 -2.86 3.87 -8.51
C ILE A 56 -1.63 3.05 -8.08
N PHE A 57 -1.53 2.70 -6.79
CA PHE A 57 -0.36 1.94 -6.32
C PHE A 57 -0.71 0.82 -5.35
N VAL A 58 -0.09 -0.34 -5.64
CA VAL A 58 -0.27 -1.53 -4.82
C VAL A 58 1.05 -1.89 -4.15
N ASN A 59 0.98 -2.49 -2.95
CA ASN A 59 2.18 -2.87 -2.22
C ASN A 59 3.19 -1.74 -2.19
N GLY A 60 2.76 -0.54 -2.52
CA GLY A 60 3.67 0.60 -2.51
C GLY A 60 4.26 0.79 -3.89
N GLU A 61 3.56 0.27 -4.89
CA GLU A 61 4.00 0.35 -6.26
C GLU A 61 2.85 0.59 -7.19
N LYS A 62 3.10 1.29 -8.28
CA LYS A 62 2.06 1.53 -9.25
C LYS A 62 1.33 0.22 -9.52
N VAL A 63 0.27 0.31 -10.28
CA VAL A 63 -0.54 -0.83 -10.67
C VAL A 63 -1.37 -0.47 -11.88
N TYR A 64 -1.45 0.84 -12.13
CA TYR A 64 -2.26 1.35 -13.23
C TYR A 64 -2.17 2.89 -13.22
N THR A 65 -2.59 3.55 -14.30
CA THR A 65 -2.53 5.01 -14.34
C THR A 65 -3.42 5.56 -15.45
N PHE A 66 -4.37 6.41 -15.06
CA PHE A 66 -5.28 7.03 -15.99
C PHE A 66 -5.51 8.49 -15.69
N ASN A 67 -6.25 9.10 -16.58
CA ASN A 67 -6.60 10.49 -16.48
C ASN A 67 -8.12 10.63 -16.50
N GLU A 68 -8.61 11.71 -15.90
CA GLU A 68 -10.04 11.95 -15.83
C GLU A 68 -10.69 11.92 -17.20
N LYS A 69 -10.18 12.74 -18.12
CA LYS A 69 -10.74 12.79 -19.46
C LYS A 69 -10.62 11.44 -20.14
N SER A 70 -9.50 10.77 -19.92
CA SER A 70 -9.28 9.46 -20.51
C SER A 70 -10.46 8.56 -20.19
N THR A 71 -11.39 9.10 -19.41
CA THR A 71 -12.56 8.37 -18.99
C THR A 71 -12.19 6.92 -18.73
N VAL A 72 -11.70 6.68 -17.52
CA VAL A 72 -11.29 5.35 -17.12
C VAL A 72 -12.14 4.29 -17.79
N GLY A 73 -13.42 4.60 -17.92
CA GLY A 73 -14.36 3.67 -18.49
C GLY A 73 -13.69 2.80 -19.54
N ASN A 74 -13.17 3.44 -20.58
CA ASN A 74 -12.49 2.73 -21.64
C ASN A 74 -11.20 2.13 -21.08
N ILE A 75 -10.61 2.82 -20.12
CA ILE A 75 -9.38 2.35 -19.53
C ILE A 75 -9.64 1.18 -18.58
N SER A 76 -10.20 1.50 -17.42
CA SER A 76 -10.50 0.50 -16.41
C SER A 76 -10.84 -0.79 -17.12
N ASN A 77 -11.39 -0.63 -18.30
CA ASN A 77 -11.74 -1.74 -19.15
C ASN A 77 -10.55 -2.67 -19.26
N ASP A 78 -9.49 -2.20 -19.91
CA ASP A 78 -8.28 -2.99 -20.06
C ASP A 78 -7.78 -3.39 -18.67
N ILE A 79 -7.52 -2.39 -17.85
CA ILE A 79 -7.07 -2.57 -16.48
C ILE A 79 -7.65 -3.84 -15.90
N ASN A 80 -8.96 -3.85 -15.79
CA ASN A 80 -9.68 -4.98 -15.24
C ASN A 80 -9.04 -6.31 -15.62
N LYS A 81 -8.09 -6.28 -16.56
CA LYS A 81 -7.44 -7.51 -17.01
C LYS A 81 -6.10 -7.80 -16.30
N LEU A 82 -5.60 -6.87 -15.47
CA LEU A 82 -4.33 -7.14 -14.79
C LEU A 82 -4.56 -7.74 -13.41
N ASN A 83 -5.75 -8.29 -13.21
CA ASN A 83 -6.09 -8.91 -11.95
C ASN A 83 -5.66 -8.03 -10.77
N ILE A 84 -6.36 -6.92 -10.61
CA ILE A 84 -6.11 -5.97 -9.54
C ILE A 84 -5.80 -6.65 -8.21
N LYS A 85 -5.66 -5.81 -7.19
CA LYS A 85 -5.35 -6.26 -5.83
C LYS A 85 -6.47 -5.83 -4.88
N GLY A 86 -6.34 -6.19 -3.61
CA GLY A 86 -7.33 -5.79 -2.62
C GLY A 86 -6.63 -5.09 -1.47
N MET A 87 -5.98 -5.86 -0.61
CA MET A 87 -5.30 -5.34 0.52
C MET A 87 -3.81 -5.66 0.50
N TYR A 88 -3.02 -4.93 -0.29
CA TYR A 88 -1.59 -5.22 -0.33
C TYR A 88 -0.76 -3.98 -0.22
N ILE A 89 -0.02 -3.90 0.87
CA ILE A 89 0.85 -2.78 1.09
C ILE A 89 2.25 -3.29 1.19
N GLU A 90 3.27 -2.44 1.24
CA GLU A 90 4.59 -3.05 1.32
C GLU A 90 5.74 -2.10 1.44
N ILE A 91 6.87 -2.75 1.29
CA ILE A 91 8.17 -2.17 1.36
C ILE A 91 9.02 -2.74 0.23
N LYS A 92 9.95 -1.95 -0.30
CA LYS A 92 10.80 -2.45 -1.37
C LYS A 92 12.12 -2.93 -0.79
N GLN A 93 12.74 -3.89 -1.47
CA GLN A 93 14.00 -4.45 -0.98
C GLN A 93 15.20 -4.08 -1.84
N ILE A 94 16.06 -3.23 -1.29
CA ILE A 94 17.29 -2.84 -1.96
C ILE A 94 17.28 -3.21 -3.44
N ASP B 1 -6.24 10.37 20.25
CA ASP B 1 -5.52 9.18 20.76
C ASP B 1 -6.42 7.96 20.67
N ASN B 2 -6.14 7.09 19.71
CA ASN B 2 -6.94 5.88 19.53
C ASN B 2 -6.07 4.74 19.01
N GLN B 3 -5.25 4.17 19.88
CA GLN B 3 -4.38 3.07 19.49
C GLN B 3 -5.20 1.86 19.07
N LYS B 4 -6.51 1.96 19.22
CA LYS B 4 -7.41 0.88 18.85
C LYS B 4 -7.50 0.74 17.34
N ALA B 5 -6.92 1.70 16.62
CA ALA B 5 -6.95 1.66 15.16
C ALA B 5 -6.46 0.33 14.64
N LEU B 6 -5.88 -0.49 15.52
CA LEU B 6 -5.38 -1.80 15.13
C LEU B 6 -6.35 -2.46 14.15
N GLU B 7 -7.61 -2.56 14.55
CA GLU B 7 -8.63 -3.18 13.72
C GLU B 7 -8.53 -2.71 12.26
N GLU B 8 -7.95 -1.53 12.06
CA GLU B 8 -7.85 -0.99 10.72
C GLU B 8 -6.43 -1.02 10.17
N GLN B 9 -5.49 -1.58 10.92
CA GLN B 9 -4.12 -1.63 10.44
C GLN B 9 -3.22 -2.54 11.29
N MET B 10 -3.07 -3.79 10.83
CA MET B 10 -2.26 -4.76 11.54
C MET B 10 -1.72 -5.83 10.58
N ASN B 11 -0.73 -6.60 11.03
CA ASN B 11 -0.15 -7.67 10.22
C ASN B 11 1.11 -7.22 9.47
N SER B 12 1.21 -5.92 9.21
CA SER B 12 2.37 -5.39 8.50
C SER B 12 3.57 -5.35 9.42
N ILE B 13 3.33 -4.89 10.64
CA ILE B 13 4.37 -4.79 11.63
C ILE B 13 5.04 -6.14 11.84
N ASN B 14 4.50 -7.16 11.19
CA ASN B 14 5.03 -8.51 11.34
C ASN B 14 6.06 -8.86 10.29
N SER B 15 5.59 -9.01 9.05
CA SER B 15 6.47 -9.39 7.96
C SER B 15 7.70 -8.51 7.93
N VAL B 16 7.49 -7.20 7.92
CA VAL B 16 8.60 -6.25 7.89
C VAL B 16 9.61 -6.58 8.97
N ASN B 17 9.15 -6.50 10.19
CA ASN B 17 10.02 -6.78 11.33
C ASN B 17 11.04 -7.84 10.97
N ASP B 18 10.57 -8.90 10.32
CA ASP B 18 11.46 -9.98 9.92
C ASP B 18 12.02 -9.75 8.52
N LYS B 19 11.31 -8.95 7.72
CA LYS B 19 11.75 -8.68 6.36
C LYS B 19 12.95 -7.73 6.33
N LEU B 20 12.72 -6.49 6.75
CA LEU B 20 13.78 -5.48 6.75
C LEU B 20 14.91 -5.88 7.70
N ASN B 21 14.80 -7.09 8.24
CA ASN B 21 15.82 -7.61 9.15
C ASN B 21 16.62 -8.71 8.44
N LYS B 22 16.54 -9.94 8.96
CA LYS B 22 17.23 -11.11 8.37
C LYS B 22 18.59 -11.35 9.01
N GLY B 23 19.33 -10.30 9.33
CA GLY B 23 20.65 -10.50 9.92
C GLY B 23 21.40 -9.19 10.17
N LYS B 24 20.95 -8.40 11.12
CA LYS B 24 21.66 -7.17 11.44
C LYS B 24 22.37 -7.38 12.77
N GLY B 25 22.65 -6.27 13.44
CA GLY B 25 23.32 -6.36 14.74
C GLY B 25 22.29 -6.76 15.80
N LYS B 26 22.50 -6.35 17.04
CA LYS B 26 21.57 -6.69 18.11
C LYS B 26 20.39 -5.72 18.16
N LEU B 27 19.23 -6.17 17.67
CA LEU B 27 18.05 -5.34 17.65
C LEU B 27 16.78 -6.20 17.72
N SER B 28 16.00 -6.05 18.80
CA SER B 28 14.78 -6.81 18.96
C SER B 28 13.56 -5.91 18.80
N LEU B 29 12.74 -6.19 17.80
CA LEU B 29 11.56 -5.39 17.52
C LEU B 29 10.30 -5.93 18.20
N SER B 30 9.32 -5.05 18.31
CA SER B 30 8.03 -5.39 18.86
C SER B 30 6.99 -5.00 17.82
N MET B 31 5.76 -5.43 17.97
CA MET B 31 4.76 -5.10 16.95
C MET B 31 3.49 -4.49 17.50
N ASN B 32 3.34 -3.21 17.22
CA ASN B 32 2.16 -2.47 17.61
C ASN B 32 1.59 -1.86 16.34
N GLY B 33 0.33 -2.15 16.04
CA GLY B 33 -0.31 -1.66 14.82
C GLY B 33 0.49 -0.55 14.15
N ASN B 34 0.11 0.70 14.43
CA ASN B 34 0.77 1.85 13.83
C ASN B 34 2.10 2.19 14.52
N GLN B 35 2.63 1.28 15.34
CA GLN B 35 3.89 1.57 16.01
C GLN B 35 4.80 0.36 16.09
N LEU B 36 6.08 0.63 15.93
CA LEU B 36 7.10 -0.37 16.05
C LEU B 36 7.88 -0.01 17.30
N LYS B 37 8.52 -0.97 17.92
CA LYS B 37 9.27 -0.69 19.11
C LYS B 37 10.30 -1.74 19.28
N ALA B 38 11.50 -1.30 19.43
CA ALA B 38 12.60 -2.20 19.52
C ALA B 38 13.69 -1.66 20.41
N THR B 39 14.66 -2.52 20.64
CA THR B 39 15.81 -2.18 21.43
C THR B 39 17.03 -2.75 20.75
N SER B 40 18.15 -2.05 20.81
CA SER B 40 19.32 -2.55 20.13
C SER B 40 20.60 -2.34 20.92
N SER B 41 21.63 -3.09 20.54
CA SER B 41 22.93 -3.00 21.17
C SER B 41 24.02 -3.10 20.12
N ASN B 42 24.94 -2.14 20.12
CA ASN B 42 26.01 -2.14 19.13
C ASN B 42 25.40 -2.64 17.82
N ALA B 43 24.09 -2.47 17.74
CA ALA B 43 23.31 -2.91 16.60
C ALA B 43 23.49 -2.00 15.42
N GLY B 44 24.43 -1.09 15.54
CA GLY B 44 24.70 -0.14 14.49
C GLY B 44 25.12 -0.81 13.19
N TYR B 45 24.59 -2.00 12.91
CA TYR B 45 24.99 -2.68 11.68
C TYR B 45 23.81 -3.19 10.86
N GLY B 46 24.17 -3.88 9.78
CA GLY B 46 23.20 -4.45 8.86
C GLY B 46 23.91 -5.34 7.84
N ILE B 47 24.73 -6.25 8.33
CA ILE B 47 25.50 -7.15 7.49
C ILE B 47 24.67 -7.75 6.37
N SER B 48 23.83 -8.70 6.74
CA SER B 48 22.96 -9.42 5.81
C SER B 48 23.13 -8.91 4.39
N TYR B 49 23.04 -7.61 4.24
CA TYR B 49 23.21 -6.99 2.93
C TYR B 49 24.14 -5.78 3.04
N GLU B 50 25.16 -5.73 2.18
CA GLU B 50 26.12 -4.62 2.21
C GLU B 50 25.39 -3.28 2.28
N ASP B 51 26.15 -2.21 2.08
CA ASP B 51 25.58 -0.86 2.13
C ASP B 51 24.60 -0.66 0.98
N LYS B 52 23.35 -1.03 1.22
CA LYS B 52 22.32 -0.89 0.20
C LYS B 52 21.18 0.01 0.71
N ASN B 53 20.26 0.37 -0.18
CA ASN B 53 19.18 1.28 0.20
C ASN B 53 17.84 0.56 0.41
N TRP B 54 16.98 1.22 1.18
CA TRP B 54 15.66 0.69 1.46
C TRP B 54 14.62 1.79 1.29
N GLY B 55 13.42 1.39 0.95
CA GLY B 55 12.33 2.33 0.76
C GLY B 55 11.04 1.74 1.28
N ILE B 56 10.39 2.45 2.19
CA ILE B 56 9.17 1.99 2.74
C ILE B 56 8.00 2.86 2.26
N PHE B 57 6.85 2.24 1.91
CA PHE B 57 5.71 3.02 1.42
C PHE B 57 4.38 2.59 2.00
N VAL B 58 3.61 3.60 2.41
CA VAL B 58 2.28 3.39 2.98
C VAL B 58 1.23 4.01 2.06
N ASN B 59 0.04 3.42 2.03
CA ASN B 59 -1.03 3.93 1.18
C ASN B 59 -0.55 4.20 -0.24
N GLY B 60 0.61 3.67 -0.58
CA GLY B 60 1.17 3.88 -1.91
C GLY B 60 2.09 5.08 -1.91
N GLU B 61 2.58 5.42 -0.72
CA GLU B 61 3.44 6.55 -0.56
C GLU B 61 4.55 6.26 0.44
N LYS B 62 5.70 6.87 0.23
CA LYS B 62 6.79 6.69 1.16
C LYS B 62 6.26 6.82 2.58
N VAL B 63 7.12 6.54 3.52
CA VAL B 63 6.80 6.64 4.94
C VAL B 63 8.09 6.70 5.74
N TYR B 64 9.18 6.33 5.07
CA TYR B 64 10.48 6.28 5.71
C TYR B 64 11.51 5.78 4.68
N THR B 65 12.80 5.91 4.96
CA THR B 65 13.82 5.47 4.01
C THR B 65 15.19 5.35 4.69
N PHE B 66 15.75 4.14 4.66
CA PHE B 66 17.05 3.89 5.24
C PHE B 66 17.90 3.00 4.36
N ASN B 67 19.11 2.83 4.81
CA ASN B 67 20.10 2.03 4.13
C ASN B 67 20.60 0.94 5.08
N GLU B 68 21.06 -0.16 4.52
CA GLU B 68 21.55 -1.28 5.30
C GLU B 68 22.63 -0.85 6.29
N LYS B 69 23.68 -0.22 5.78
CA LYS B 69 24.78 0.22 6.64
C LYS B 69 24.26 1.22 7.66
N SER B 70 23.38 2.10 7.24
CA SER B 70 22.81 3.10 8.14
C SER B 70 22.27 2.41 9.38
N THR B 71 22.36 1.07 9.37
CA THR B 71 21.88 0.27 10.48
C THR B 71 20.61 0.89 11.03
N VAL B 72 19.49 0.55 10.39
CA VAL B 72 18.20 1.06 10.79
C VAL B 72 18.15 1.29 12.29
N GLY B 73 18.77 0.38 13.01
CA GLY B 73 18.77 0.42 14.45
C GLY B 73 18.71 1.86 14.95
N ASN B 74 19.73 2.63 14.60
CA ASN B 74 19.78 4.04 14.98
C ASN B 74 18.66 4.78 14.27
N ILE B 75 18.32 4.33 13.07
CA ILE B 75 17.28 4.97 12.31
C ILE B 75 15.90 4.63 12.86
N SER B 76 15.47 3.40 12.58
CA SER B 76 14.18 2.92 13.05
C SER B 76 13.86 3.60 14.35
N ASN B 77 14.92 3.90 15.07
CA ASN B 77 14.81 4.60 16.33
C ASN B 77 13.94 5.82 16.15
N ASP B 78 14.44 6.78 15.39
CA ASP B 78 13.67 8.00 15.13
C ASP B 78 12.33 7.62 14.51
N ILE B 79 12.40 6.92 13.38
CA ILE B 79 11.23 6.44 12.69
C ILE B 79 10.11 6.12 13.65
N ASN B 80 10.38 5.17 14.49
CA ASN B 80 9.41 4.73 15.49
C ASN B 80 8.58 5.90 16.03
N LYS B 81 8.99 7.12 15.73
CA LYS B 81 8.29 8.30 16.23
C LYS B 81 7.26 8.87 15.24
N LEU B 82 7.21 8.37 14.00
CA LEU B 82 6.23 8.91 13.06
C LEU B 82 4.95 8.09 13.06
N ASN B 83 4.74 7.35 14.14
CA ASN B 83 3.54 6.55 14.28
C ASN B 83 3.23 5.78 12.99
N ILE B 84 4.08 4.80 12.71
CA ILE B 84 3.93 3.96 11.52
C ILE B 84 2.49 3.58 11.23
N LYS B 85 2.33 2.74 10.22
CA LYS B 85 1.03 2.24 9.79
C LYS B 85 0.97 0.73 9.92
N GLY B 86 -0.18 0.14 9.56
CA GLY B 86 -0.31 -1.30 9.61
C GLY B 86 -0.80 -1.80 8.25
N MET B 87 -2.07 -1.61 7.98
CA MET B 87 -2.66 -2.06 6.75
C MET B 87 -3.26 -0.89 5.95
N TYR B 88 -2.42 -0.11 5.27
CA TYR B 88 -2.97 0.99 4.48
C TYR B 88 -2.39 1.05 3.10
N ILE B 89 -3.26 0.84 2.14
CA ILE B 89 -2.87 0.89 0.76
C ILE B 89 -3.66 1.99 0.09
N GLU B 90 -3.37 2.35 -1.16
CA GLU B 90 -4.18 3.42 -1.70
C GLU B 90 -3.91 3.80 -3.11
N ILE B 91 -4.55 4.90 -3.41
CA ILE B 91 -4.54 5.54 -4.70
C ILE B 91 -4.37 7.05 -4.49
N LYS B 92 -3.71 7.74 -5.41
CA LYS B 92 -3.55 9.18 -5.26
C LYS B 92 -4.62 9.89 -6.08
N GLN B 93 -4.97 11.09 -5.64
CA GLN B 93 -6.01 11.85 -6.32
C GLN B 93 -5.49 13.08 -7.04
N ILE B 94 -5.50 13.03 -8.38
CA ILE B 94 -5.10 14.14 -9.20
C ILE B 94 -4.34 15.20 -8.39
N ASP A 1 -14.66 -6.20 16.50
CA ASP A 1 -15.55 -5.11 15.98
C ASP A 1 -15.74 -5.29 14.48
N ASN A 2 -16.85 -5.93 14.10
CA ASN A 2 -17.14 -6.17 12.70
C ASN A 2 -15.86 -6.29 11.90
N GLN A 3 -15.19 -7.44 12.03
CA GLN A 3 -13.95 -7.67 11.32
C GLN A 3 -14.22 -7.88 9.83
N LYS A 4 -15.30 -8.60 9.53
CA LYS A 4 -15.67 -8.88 8.15
C LYS A 4 -15.83 -7.58 7.37
N ALA A 5 -16.56 -6.64 7.94
CA ALA A 5 -16.79 -5.36 7.30
C ALA A 5 -15.48 -4.66 6.94
N LEU A 6 -14.38 -5.14 7.51
CA LEU A 6 -13.07 -4.55 7.23
C LEU A 6 -12.31 -5.37 6.20
N GLU A 7 -11.99 -6.61 6.55
CA GLU A 7 -11.25 -7.50 5.66
C GLU A 7 -11.75 -7.39 4.22
N GLU A 8 -13.06 -7.54 4.04
CA GLU A 8 -13.65 -7.47 2.71
C GLU A 8 -13.85 -6.03 2.28
N GLN A 9 -13.37 -5.11 3.09
CA GLN A 9 -13.51 -3.69 2.78
C GLN A 9 -12.19 -2.95 2.97
N MET A 10 -11.75 -2.24 1.93
CA MET A 10 -10.52 -1.47 2.00
C MET A 10 -10.84 0.03 1.87
N ASN A 11 -10.55 0.78 2.92
CA ASN A 11 -10.84 2.21 2.94
C ASN A 11 -10.85 2.83 1.54
N SER A 12 -10.13 2.21 0.60
CA SER A 12 -10.05 2.73 -0.76
C SER A 12 -11.19 2.25 -1.67
N ILE A 13 -11.72 1.04 -1.44
CA ILE A 13 -12.76 0.56 -2.32
C ILE A 13 -14.06 1.36 -2.18
N ASN A 14 -14.14 2.12 -1.10
CA ASN A 14 -15.32 2.91 -0.81
C ASN A 14 -15.22 4.34 -1.31
N SER A 15 -14.35 5.12 -0.68
CA SER A 15 -14.21 6.52 -1.06
C SER A 15 -13.87 6.66 -2.52
N VAL A 16 -12.71 6.15 -2.91
CA VAL A 16 -12.29 6.21 -4.29
C VAL A 16 -13.44 5.77 -5.19
N ASN A 17 -13.82 4.52 -5.03
CA ASN A 17 -14.91 3.95 -5.80
C ASN A 17 -15.98 5.00 -6.10
N ASP A 18 -16.45 5.67 -5.05
CA ASP A 18 -17.47 6.70 -5.21
C ASP A 18 -16.85 7.97 -5.78
N LYS A 19 -15.57 8.15 -5.53
CA LYS A 19 -14.86 9.32 -6.01
C LYS A 19 -14.60 9.19 -7.51
N LEU A 20 -13.84 8.16 -7.90
CA LEU A 20 -13.53 7.94 -9.29
C LEU A 20 -14.80 7.77 -10.12
N ASN A 21 -15.94 7.90 -9.47
CA ASN A 21 -17.22 7.78 -10.14
C ASN A 21 -18.14 8.93 -9.72
N LYS A 22 -18.14 9.98 -10.53
CA LYS A 22 -18.96 11.16 -10.23
C LYS A 22 -20.02 11.38 -11.30
N GLY A 23 -19.59 11.71 -12.52
CA GLY A 23 -20.53 11.96 -13.60
C GLY A 23 -20.13 11.24 -14.88
N LYS A 24 -18.85 11.36 -15.25
CA LYS A 24 -18.32 10.75 -16.46
C LYS A 24 -19.43 10.06 -17.25
N GLY A 25 -19.26 8.77 -17.46
CA GLY A 25 -20.25 7.98 -18.19
C GLY A 25 -21.02 7.10 -17.22
N LYS A 26 -21.23 5.85 -17.61
CA LYS A 26 -21.95 4.91 -16.76
C LYS A 26 -21.03 3.76 -16.38
N LEU A 27 -20.83 3.59 -15.07
CA LEU A 27 -19.95 2.57 -14.57
C LEU A 27 -20.39 2.12 -13.17
N SER A 28 -20.50 0.80 -13.00
CA SER A 28 -20.90 0.23 -11.70
C SER A 28 -19.83 -0.73 -11.21
N LEU A 29 -19.20 -0.41 -10.08
CA LEU A 29 -18.15 -1.23 -9.53
C LEU A 29 -18.69 -2.25 -8.53
N SER A 30 -17.86 -3.26 -8.26
CA SER A 30 -18.18 -4.28 -7.29
C SER A 30 -17.02 -4.36 -6.30
N MET A 31 -17.29 -4.79 -5.08
CA MET A 31 -16.23 -4.84 -4.09
C MET A 31 -15.88 -6.26 -3.66
N ASN A 32 -14.74 -6.72 -4.13
CA ASN A 32 -14.25 -8.05 -3.78
C ASN A 32 -12.84 -7.93 -3.18
N GLY A 33 -12.76 -7.91 -1.86
CA GLY A 33 -11.47 -7.80 -1.16
C GLY A 33 -10.36 -7.18 -2.01
N ASN A 34 -9.57 -8.04 -2.65
CA ASN A 34 -8.42 -7.58 -3.45
C ASN A 34 -8.74 -7.55 -4.94
N GLN A 35 -9.98 -7.25 -5.28
CA GLN A 35 -10.36 -7.18 -6.69
C GLN A 35 -11.49 -6.19 -6.91
N LEU A 36 -11.33 -5.40 -7.96
CA LEU A 36 -12.35 -4.47 -8.36
C LEU A 36 -13.02 -5.09 -9.57
N LYS A 37 -14.28 -4.82 -9.76
CA LYS A 37 -14.97 -5.38 -10.89
C LYS A 37 -16.16 -4.52 -11.19
N ALA A 38 -16.20 -4.08 -12.41
CA ALA A 38 -17.22 -3.18 -12.83
C ALA A 38 -17.60 -3.36 -14.28
N THR A 39 -18.63 -2.63 -14.68
CA THR A 39 -19.11 -2.62 -16.04
C THR A 39 -19.38 -1.16 -16.37
N SER A 40 -19.25 -0.76 -17.63
CA SER A 40 -19.48 0.65 -17.90
C SER A 40 -19.89 0.99 -19.32
N SER A 41 -19.96 2.29 -19.53
CA SER A 41 -20.33 2.89 -20.80
C SER A 41 -19.59 4.21 -20.93
N ASN A 42 -19.85 4.93 -22.00
CA ASN A 42 -19.18 6.20 -22.20
C ASN A 42 -20.03 7.14 -23.03
N ALA A 43 -21.34 6.97 -22.93
CA ALA A 43 -22.27 7.81 -23.69
C ALA A 43 -22.18 9.26 -23.27
N GLY A 44 -22.38 9.49 -21.99
CA GLY A 44 -22.32 10.83 -21.42
C GLY A 44 -21.07 10.95 -20.61
N TYR A 45 -20.10 10.24 -21.10
CA TYR A 45 -18.80 10.15 -20.47
C TYR A 45 -18.14 11.51 -20.23
N GLY A 46 -17.31 11.57 -19.20
CA GLY A 46 -16.55 12.78 -18.85
C GLY A 46 -16.96 13.99 -19.69
N ILE A 47 -18.09 14.58 -19.33
CA ILE A 47 -18.58 15.75 -20.02
C ILE A 47 -18.17 17.03 -19.32
N SER A 48 -18.86 17.31 -18.23
CA SER A 48 -18.61 18.48 -17.42
C SER A 48 -17.12 18.64 -17.20
N TYR A 49 -16.46 17.51 -17.22
CA TYR A 49 -15.02 17.47 -17.00
C TYR A 49 -14.27 17.46 -18.32
N GLU A 50 -13.29 18.36 -18.45
CA GLU A 50 -12.50 18.45 -19.67
C GLU A 50 -11.47 17.33 -19.71
N ASP A 51 -10.36 17.52 -19.02
CA ASP A 51 -9.30 16.52 -18.98
C ASP A 51 -8.52 16.59 -17.67
N LYS A 52 -8.91 15.75 -16.72
CA LYS A 52 -8.23 15.71 -15.43
C LYS A 52 -7.30 14.50 -15.38
N ASN A 53 -6.28 14.54 -14.54
CA ASN A 53 -5.32 13.43 -14.47
C ASN A 53 -5.52 12.53 -13.25
N TRP A 54 -5.11 11.28 -13.39
CA TRP A 54 -5.23 10.30 -12.33
C TRP A 54 -3.99 9.44 -12.28
N GLY A 55 -3.50 9.23 -11.08
CA GLY A 55 -2.33 8.40 -10.86
C GLY A 55 -2.62 7.34 -9.82
N ILE A 56 -2.53 6.10 -10.22
CA ILE A 56 -2.82 5.01 -9.35
C ILE A 56 -1.57 4.17 -9.08
N PHE A 57 -1.29 3.91 -7.79
CA PHE A 57 -0.11 3.12 -7.41
C PHE A 57 -0.39 2.10 -6.33
N VAL A 58 0.21 0.93 -6.54
CA VAL A 58 0.06 -0.17 -5.61
C VAL A 58 1.44 -0.66 -5.19
N ASN A 59 1.52 -1.42 -4.10
CA ASN A 59 2.82 -1.92 -3.66
C ASN A 59 3.87 -0.80 -3.64
N GLY A 60 3.45 0.45 -3.85
CA GLY A 60 4.40 1.54 -3.87
C GLY A 60 4.82 1.83 -5.30
N GLU A 61 3.98 1.39 -6.23
CA GLU A 61 4.26 1.56 -7.64
C GLU A 61 3.00 1.84 -8.43
N LYS A 62 3.10 2.62 -9.49
CA LYS A 62 1.95 2.85 -10.35
C LYS A 62 1.20 1.54 -10.49
N VAL A 63 0.00 1.60 -10.99
CA VAL A 63 -0.80 0.40 -11.19
C VAL A 63 -1.82 0.66 -12.29
N TYR A 64 -1.94 1.94 -12.65
CA TYR A 64 -2.91 2.36 -13.66
C TYR A 64 -2.87 3.89 -13.77
N THR A 65 -3.35 4.46 -14.89
CA THR A 65 -3.33 5.91 -15.06
C THR A 65 -4.25 6.34 -16.20
N PHE A 66 -5.20 7.24 -15.91
CA PHE A 66 -6.13 7.69 -16.92
C PHE A 66 -6.44 9.17 -16.81
N ASN A 67 -7.18 9.59 -17.81
CA ASN A 67 -7.64 10.95 -17.97
C ASN A 67 -9.17 10.97 -18.00
N GLU A 68 -9.78 11.95 -17.33
CA GLU A 68 -11.23 12.03 -17.31
C GLU A 68 -11.81 11.94 -18.72
N LYS A 69 -11.16 12.60 -19.67
CA LYS A 69 -11.63 12.55 -21.04
C LYS A 69 -11.53 11.12 -21.57
N SER A 70 -10.54 10.40 -21.07
CA SER A 70 -10.37 9.01 -21.49
C SER A 70 -11.49 8.18 -20.88
N THR A 71 -12.28 8.82 -20.03
CA THR A 71 -13.38 8.15 -19.36
C THR A 71 -12.92 6.78 -18.89
N VAL A 72 -12.57 6.69 -17.62
CA VAL A 72 -12.09 5.44 -17.09
C VAL A 72 -12.97 4.27 -17.53
N GLY A 73 -14.26 4.53 -17.59
CA GLY A 73 -15.22 3.49 -17.95
C GLY A 73 -14.59 2.51 -18.92
N ASN A 74 -14.20 2.99 -20.08
CA ASN A 74 -13.58 2.14 -21.09
C ASN A 74 -12.22 1.68 -20.57
N ILE A 75 -11.56 2.53 -19.81
CA ILE A 75 -10.26 2.21 -19.27
C ILE A 75 -10.40 1.22 -18.12
N SER A 76 -10.86 1.74 -16.98
CA SER A 76 -11.06 0.94 -15.78
C SER A 76 -11.42 -0.46 -16.19
N ASN A 77 -12.07 -0.53 -17.34
CA ASN A 77 -12.46 -1.80 -17.91
C ASN A 77 -11.25 -2.71 -17.97
N ASP A 78 -10.29 -2.34 -18.81
CA ASP A 78 -9.07 -3.13 -18.92
C ASP A 78 -8.44 -3.27 -17.53
N ILE A 79 -8.16 -2.12 -16.93
CA ILE A 79 -7.61 -2.06 -15.59
C ILE A 79 -8.13 -3.19 -14.73
N ASN A 80 -9.40 -3.08 -14.39
CA ASN A 80 -10.05 -4.09 -13.57
C ASN A 80 -9.61 -5.50 -13.94
N LYS A 81 -8.92 -5.63 -15.06
CA LYS A 81 -8.49 -6.93 -15.55
C LYS A 81 -7.04 -7.29 -15.18
N LEU A 82 -6.31 -6.44 -14.45
CA LEU A 82 -4.93 -6.81 -14.10
C LEU A 82 -4.91 -7.51 -12.76
N ASN A 83 -6.09 -7.92 -12.32
CA ASN A 83 -6.24 -8.65 -11.06
C ASN A 83 -5.83 -7.81 -9.85
N ILE A 84 -6.32 -6.57 -9.80
CA ILE A 84 -6.05 -5.68 -8.70
C ILE A 84 -5.95 -6.42 -7.37
N LYS A 85 -5.52 -5.70 -6.35
CA LYS A 85 -5.39 -6.25 -5.01
C LYS A 85 -6.17 -5.38 -4.03
N GLY A 86 -6.15 -5.74 -2.74
CA GLY A 86 -6.87 -4.98 -1.75
C GLY A 86 -5.91 -4.41 -0.71
N MET A 87 -5.02 -5.27 -0.24
CA MET A 87 -4.06 -4.90 0.76
C MET A 87 -2.64 -5.08 0.27
N TYR A 88 -2.07 -4.11 -0.44
CA TYR A 88 -0.69 -4.28 -0.89
C TYR A 88 0.08 -3.00 -0.98
N ILE A 89 1.10 -2.96 -0.15
CA ILE A 89 2.02 -1.87 -0.09
C ILE A 89 3.40 -2.51 -0.06
N GLU A 90 4.50 -1.76 -0.04
CA GLU A 90 5.75 -2.53 -0.03
C GLU A 90 6.99 -1.75 0.31
N ILE A 91 8.06 -2.50 0.13
CA ILE A 91 9.41 -2.07 0.40
C ILE A 91 10.38 -2.70 -0.61
N LYS A 92 11.62 -2.23 -0.61
CA LYS A 92 12.63 -2.81 -1.50
C LYS A 92 13.83 -3.26 -0.67
N GLN A 93 14.13 -4.55 -0.71
CA GLN A 93 15.23 -5.09 0.03
C GLN A 93 16.56 -4.94 -0.71
N ILE A 94 17.37 -3.99 -0.26
CA ILE A 94 18.68 -3.75 -0.84
C ILE A 94 18.81 -4.41 -2.21
N ASP B 1 -11.68 -18.21 7.56
CA ASP B 1 -10.35 -18.89 7.66
C ASP B 1 -9.40 -18.01 8.48
N ASN B 2 -9.30 -18.31 9.77
CA ASN B 2 -8.43 -17.55 10.67
C ASN B 2 -8.31 -16.10 10.17
N GLN B 3 -9.36 -15.32 10.39
CA GLN B 3 -9.35 -13.93 9.97
C GLN B 3 -8.42 -13.11 10.85
N LYS B 4 -8.44 -13.39 12.15
CA LYS B 4 -7.59 -12.69 13.09
C LYS B 4 -6.14 -12.77 12.68
N ALA B 5 -5.68 -13.98 12.36
CA ALA B 5 -4.31 -14.20 11.97
C ALA B 5 -3.92 -13.31 10.79
N LEU B 6 -4.92 -12.75 10.11
CA LEU B 6 -4.67 -11.89 8.96
C LEU B 6 -4.73 -10.42 9.36
N GLU B 7 -5.90 -9.97 9.79
CA GLU B 7 -6.09 -8.57 10.19
C GLU B 7 -4.91 -8.06 11.00
N GLU B 8 -4.55 -8.79 12.05
CA GLU B 8 -3.46 -8.39 12.90
C GLU B 8 -2.12 -8.77 12.31
N GLN B 9 -2.16 -9.29 11.09
CA GLN B 9 -0.94 -9.71 10.41
C GLN B 9 -0.90 -9.18 8.98
N MET B 10 0.18 -8.49 8.64
CA MET B 10 0.35 -7.96 7.28
C MET B 10 1.54 -8.64 6.62
N ASN B 11 1.28 -9.37 5.55
CA ASN B 11 2.33 -10.09 4.83
C ASN B 11 3.71 -9.44 4.99
N SER B 12 3.73 -8.14 5.25
CA SER B 12 4.99 -7.42 5.38
C SER B 12 5.56 -7.46 6.80
N ILE B 13 4.73 -7.52 7.83
CA ILE B 13 5.25 -7.52 9.18
C ILE B 13 6.04 -8.79 9.49
N ASN B 14 5.85 -9.80 8.66
CA ASN B 14 6.50 -11.09 8.85
C ASN B 14 7.81 -11.22 8.08
N SER B 15 7.70 -11.29 6.76
CA SER B 15 8.87 -11.46 5.92
C SER B 15 9.87 -10.36 6.16
N VAL B 16 9.48 -9.14 5.85
CA VAL B 16 10.36 -8.00 6.05
C VAL B 16 10.96 -8.06 7.44
N ASN B 17 10.09 -7.98 8.43
CA ASN B 17 10.51 -8.04 9.82
C ASN B 17 11.70 -8.97 10.00
N ASP B 18 11.57 -10.19 9.50
CA ASP B 18 12.65 -11.17 9.60
C ASP B 18 13.75 -10.84 8.61
N LYS B 19 13.38 -10.19 7.52
CA LYS B 19 14.32 -9.81 6.50
C LYS B 19 15.19 -8.64 6.97
N LEU B 20 14.55 -7.51 7.24
CA LEU B 20 15.25 -6.33 7.70
C LEU B 20 16.03 -6.62 8.99
N ASN B 21 15.97 -7.87 9.43
CA ASN B 21 16.68 -8.29 10.63
C ASN B 21 17.42 -9.59 10.36
N LYS B 22 18.68 -9.48 10.01
CA LYS B 22 19.51 -10.65 9.72
C LYS B 22 20.65 -10.79 10.71
N GLY B 23 21.61 -9.85 10.67
CA GLY B 23 22.75 -9.90 11.56
C GLY B 23 23.03 -8.56 12.22
N LYS B 24 23.02 -7.49 11.43
CA LYS B 24 23.29 -6.15 11.92
C LYS B 24 23.63 -6.16 13.41
N GLY B 25 22.84 -5.45 14.18
CA GLY B 25 23.05 -5.39 15.62
C GLY B 25 21.99 -6.21 16.33
N LYS B 26 21.45 -5.66 17.41
CA LYS B 26 20.41 -6.35 18.16
C LYS B 26 19.13 -5.54 18.11
N LEU B 27 18.08 -6.16 17.59
CA LEU B 27 16.80 -5.49 17.43
C LEU B 27 15.65 -6.51 17.50
N SER B 28 14.66 -6.23 18.33
CA SER B 28 13.49 -7.10 18.47
C SER B 28 12.21 -6.33 18.16
N LEU B 29 11.52 -6.72 17.10
CA LEU B 29 10.30 -6.04 16.70
C LEU B 29 9.06 -6.67 17.32
N SER B 30 7.98 -5.91 17.29
CA SER B 30 6.69 -6.37 17.79
C SER B 30 5.67 -6.18 16.67
N MET B 31 4.61 -6.97 16.66
CA MET B 31 3.63 -6.84 15.59
C MET B 31 2.28 -6.36 16.10
N ASN B 32 1.98 -5.11 15.78
CA ASN B 32 0.71 -4.51 16.15
C ASN B 32 0.03 -3.96 14.90
N GLY B 33 -0.89 -4.74 14.33
CA GLY B 33 -1.62 -4.33 13.12
C GLY B 33 -0.89 -3.26 12.31
N ASN B 34 -1.26 -2.00 12.55
CA ASN B 34 -0.70 -0.89 11.79
C ASN B 34 0.42 -0.18 12.55
N GLN B 35 1.17 -0.93 13.33
CA GLN B 35 2.27 -0.33 14.08
C GLN B 35 3.40 -1.31 14.30
N LEU B 36 4.61 -0.83 14.10
CA LEU B 36 5.78 -1.62 14.36
C LEU B 36 6.34 -1.09 15.66
N LYS B 37 6.98 -1.94 16.43
CA LYS B 37 7.54 -1.50 17.68
C LYS B 37 8.65 -2.44 18.04
N ALA B 38 9.80 -1.87 18.26
CA ALA B 38 10.96 -2.63 18.55
C ALA B 38 11.92 -1.91 19.47
N THR B 39 12.95 -2.64 19.85
CA THR B 39 14.00 -2.13 20.69
C THR B 39 15.30 -2.63 20.11
N SER B 40 16.40 -1.88 20.23
CA SER B 40 17.61 -2.38 19.59
C SER B 40 18.91 -1.90 20.21
N SER B 41 19.98 -2.29 19.52
CA SER B 41 21.35 -1.97 19.86
C SER B 41 22.15 -1.85 18.59
N ASN B 42 23.44 -1.61 18.72
CA ASN B 42 24.27 -1.48 17.54
C ASN B 42 25.70 -1.90 17.85
N ALA B 43 25.86 -2.80 18.80
CA ALA B 43 27.18 -3.26 19.19
C ALA B 43 27.88 -3.98 18.06
N GLY B 44 27.22 -5.01 17.57
CA GLY B 44 27.74 -5.82 16.47
C GLY B 44 26.95 -5.50 15.23
N TYR B 45 26.54 -4.27 15.20
CA TYR B 45 25.72 -3.73 14.14
C TYR B 45 26.33 -3.92 12.74
N GLY B 46 25.45 -4.03 11.75
CA GLY B 46 25.85 -4.16 10.34
C GLY B 46 27.35 -4.35 10.18
N ILE B 47 27.82 -5.58 10.43
CA ILE B 47 29.21 -5.89 10.30
C ILE B 47 29.51 -6.52 8.94
N SER B 48 29.14 -7.78 8.83
CA SER B 48 29.34 -8.53 7.61
C SER B 48 28.91 -7.70 6.43
N TYR B 49 27.97 -6.83 6.69
CA TYR B 49 27.43 -5.96 5.66
C TYR B 49 28.13 -4.60 5.66
N GLU B 50 28.57 -4.19 4.48
CA GLU B 50 29.26 -2.91 4.34
C GLU B 50 28.26 -1.76 4.38
N ASP B 51 27.63 -1.50 3.23
CA ASP B 51 26.64 -0.44 3.13
C ASP B 51 25.60 -0.75 2.06
N LYS B 52 24.48 -1.30 2.49
CA LYS B 52 23.40 -1.64 1.56
C LYS B 52 22.30 -0.59 1.68
N ASN B 53 21.49 -0.43 0.64
CA ASN B 53 20.43 0.59 0.66
C ASN B 53 19.04 0.00 0.89
N TRP B 54 18.17 0.84 1.46
CA TRP B 54 16.81 0.43 1.75
C TRP B 54 15.86 1.58 1.43
N GLY B 55 14.78 1.22 0.78
CA GLY B 55 13.74 2.20 0.42
C GLY B 55 12.39 1.72 0.89
N ILE B 56 11.79 2.49 1.77
CA ILE B 56 10.52 2.14 2.31
C ILE B 56 9.43 3.13 1.89
N PHE B 57 8.31 2.60 1.37
CA PHE B 57 7.20 3.46 0.92
C PHE B 57 5.84 2.97 1.35
N VAL B 58 5.02 3.93 1.76
CA VAL B 58 3.67 3.64 2.19
C VAL B 58 2.70 4.51 1.40
N ASN B 59 1.42 4.15 1.41
CA ASN B 59 0.44 4.95 0.68
C ASN B 59 0.92 5.25 -0.73
N GLY B 60 2.04 4.66 -1.16
CA GLY B 60 2.55 4.92 -2.49
C GLY B 60 3.62 6.00 -2.40
N GLU B 61 4.17 6.18 -1.21
CA GLU B 61 5.16 7.19 -0.96
C GLU B 61 6.21 6.71 0.02
N LYS B 62 7.45 7.17 -0.14
CA LYS B 62 8.48 6.83 0.81
C LYS B 62 7.86 6.88 2.20
N VAL B 63 8.57 6.35 3.18
CA VAL B 63 8.09 6.36 4.54
C VAL B 63 9.27 6.24 5.49
N TYR B 64 10.43 5.92 4.91
CA TYR B 64 11.64 5.74 5.68
C TYR B 64 12.76 5.28 4.74
N THR B 65 14.03 5.46 5.13
CA THR B 65 15.15 5.05 4.27
C THR B 65 16.45 4.97 5.06
N PHE B 66 17.11 3.82 5.02
CA PHE B 66 18.35 3.64 5.75
C PHE B 66 19.38 2.83 4.98
N ASN B 67 20.53 2.79 5.61
CA ASN B 67 21.69 2.09 5.11
C ASN B 67 22.13 1.04 6.15
N GLU B 68 22.50 -0.15 5.70
CA GLU B 68 22.92 -1.19 6.63
C GLU B 68 23.95 -0.67 7.60
N LYS B 69 24.89 0.13 7.12
CA LYS B 69 25.91 0.69 7.99
C LYS B 69 25.27 1.61 9.01
N SER B 70 24.17 2.24 8.62
CA SER B 70 23.46 3.12 9.53
C SER B 70 22.76 2.27 10.58
N THR B 71 22.83 0.96 10.39
CA THR B 71 22.19 0.02 11.31
C THR B 71 20.81 0.54 11.67
N VAL B 72 19.80 0.02 11.01
CA VAL B 72 18.45 0.45 11.27
C VAL B 72 18.18 0.56 12.77
N GLY B 73 18.73 -0.39 13.51
CA GLY B 73 18.51 -0.45 14.94
C GLY B 73 18.32 0.95 15.51
N ASN B 74 19.35 1.77 15.38
CA ASN B 74 19.28 3.14 15.88
C ASN B 74 18.27 3.93 15.05
N ILE B 75 18.17 3.59 13.77
CA ILE B 75 17.24 4.26 12.90
C ILE B 75 15.82 3.80 13.17
N SER B 76 15.52 2.58 12.72
CA SER B 76 14.20 1.98 12.90
C SER B 76 13.61 2.49 14.19
N ASN B 77 14.51 2.79 15.11
CA ASN B 77 14.13 3.34 16.39
C ASN B 77 13.23 4.54 16.17
N ASP B 78 13.80 5.60 15.60
CA ASP B 78 13.02 6.79 15.32
C ASP B 78 11.83 6.40 14.45
N ILE B 79 12.13 5.80 13.31
CA ILE B 79 11.12 5.31 12.38
C ILE B 79 9.90 4.83 13.13
N ASN B 80 10.07 3.70 13.78
CA ASN B 80 8.99 3.09 14.54
C ASN B 80 8.15 4.15 15.27
N LYS B 81 8.65 5.37 15.31
CA LYS B 81 7.97 6.44 16.03
C LYS B 81 7.09 7.34 15.13
N LEU B 82 7.01 7.08 13.82
CA LEU B 82 6.16 7.94 12.98
C LEU B 82 4.76 7.37 12.91
N ASN B 83 4.48 6.42 13.79
CA ASN B 83 3.17 5.80 13.87
C ASN B 83 2.82 5.02 12.61
N ILE B 84 3.76 4.19 12.16
CA ILE B 84 3.56 3.37 10.98
C ILE B 84 2.12 2.87 10.88
N LYS B 85 1.81 2.27 9.73
CA LYS B 85 0.49 1.70 9.49
C LYS B 85 0.62 0.24 9.10
N GLY B 86 -0.50 -0.42 8.82
CA GLY B 86 -0.46 -1.82 8.45
C GLY B 86 -1.03 -2.01 7.05
N MET B 87 -2.17 -1.39 6.81
CA MET B 87 -2.84 -1.49 5.53
C MET B 87 -3.00 -0.13 4.88
N TYR B 88 -1.99 0.36 4.15
CA TYR B 88 -2.16 1.64 3.49
C TYR B 88 -1.42 1.78 2.20
N ILE B 89 -2.21 1.93 1.17
CA ILE B 89 -1.75 2.14 -0.17
C ILE B 89 -2.55 3.29 -0.70
N GLU B 90 -2.35 3.78 -1.93
CA GLU B 90 -3.19 4.91 -2.30
C GLU B 90 -3.21 5.27 -3.76
N ILE B 91 -3.89 6.38 -3.95
CA ILE B 91 -4.12 7.00 -5.24
C ILE B 91 -4.11 8.52 -5.11
N LYS B 92 -4.11 9.21 -6.25
CA LYS B 92 -4.17 10.68 -6.22
C LYS B 92 -5.35 11.14 -7.08
N GLN B 93 -6.28 11.83 -6.44
CA GLN B 93 -7.45 12.33 -7.14
C GLN B 93 -7.18 13.65 -7.84
N ILE B 94 -7.04 13.58 -9.17
CA ILE B 94 -6.82 14.76 -9.98
C ILE B 94 -6.39 15.95 -9.14
N ASP A 1 -18.26 -5.23 16.98
CA ASP A 1 -17.80 -6.65 17.12
C ASP A 1 -18.11 -7.43 15.85
N ASN A 2 -18.60 -6.72 14.84
CA ASN A 2 -18.93 -7.36 13.56
C ASN A 2 -17.81 -7.15 12.55
N GLN A 3 -16.58 -7.30 13.02
CA GLN A 3 -15.42 -7.13 12.14
C GLN A 3 -15.43 -8.15 11.00
N LYS A 4 -16.26 -9.19 11.15
CA LYS A 4 -16.36 -10.23 10.14
C LYS A 4 -16.49 -9.61 8.75
N ALA A 5 -16.98 -8.38 8.70
CA ALA A 5 -17.17 -7.68 7.45
C ALA A 5 -15.85 -7.10 6.95
N LEU A 6 -15.06 -6.57 7.88
CA LEU A 6 -13.76 -5.97 7.53
C LEU A 6 -12.97 -6.88 6.59
N GLU A 7 -12.50 -8.01 7.11
CA GLU A 7 -11.71 -8.95 6.32
C GLU A 7 -12.33 -9.15 4.93
N GLU A 8 -13.63 -9.40 4.88
CA GLU A 8 -14.30 -9.62 3.61
C GLU A 8 -14.35 -8.34 2.80
N GLN A 9 -14.03 -7.24 3.45
CA GLN A 9 -14.02 -5.94 2.81
C GLN A 9 -13.42 -4.89 3.75
N MET A 10 -12.34 -4.27 3.31
CA MET A 10 -11.68 -3.25 4.11
C MET A 10 -12.10 -1.85 3.67
N ASN A 11 -12.63 -1.10 4.64
CA ASN A 11 -13.10 0.26 4.39
C ASN A 11 -12.04 1.10 3.69
N SER A 12 -10.78 0.72 3.84
CA SER A 12 -9.70 1.47 3.22
C SER A 12 -9.83 1.37 1.72
N ILE A 13 -10.30 0.22 1.26
CA ILE A 13 -10.48 -0.02 -0.13
C ILE A 13 -11.66 0.76 -0.69
N ASN A 14 -12.60 1.10 0.20
CA ASN A 14 -13.79 1.84 -0.19
C ASN A 14 -13.43 3.23 -0.70
N SER A 15 -12.95 4.06 0.22
CA SER A 15 -12.59 5.42 -0.12
C SER A 15 -12.13 5.49 -1.57
N VAL A 16 -11.31 4.53 -1.96
CA VAL A 16 -10.80 4.47 -3.32
C VAL A 16 -11.95 4.54 -4.32
N ASN A 17 -12.79 3.53 -4.28
CA ASN A 17 -13.93 3.48 -5.19
C ASN A 17 -14.59 4.85 -5.32
N ASP A 18 -14.76 5.51 -4.18
CA ASP A 18 -15.38 6.83 -4.17
C ASP A 18 -14.38 7.88 -4.65
N LYS A 19 -13.11 7.61 -4.41
CA LYS A 19 -12.05 8.52 -4.81
C LYS A 19 -11.95 8.56 -6.34
N LEU A 20 -11.57 7.43 -6.93
CA LEU A 20 -11.43 7.32 -8.37
C LEU A 20 -12.71 7.71 -9.08
N ASN A 21 -13.72 8.11 -8.31
CA ASN A 21 -14.99 8.53 -8.89
C ASN A 21 -15.00 10.04 -9.06
N LYS A 22 -16.05 10.68 -8.60
CA LYS A 22 -16.15 12.12 -8.72
C LYS A 22 -15.62 12.51 -10.09
N GLY A 23 -16.34 12.06 -11.12
CA GLY A 23 -15.94 12.31 -12.47
C GLY A 23 -16.96 13.17 -13.18
N LYS A 24 -17.40 12.63 -14.29
CA LYS A 24 -18.39 13.28 -15.14
C LYS A 24 -19.20 12.20 -15.85
N GLY A 25 -18.48 11.38 -16.62
CA GLY A 25 -19.12 10.29 -17.35
C GLY A 25 -19.72 9.29 -16.37
N LYS A 26 -20.09 8.11 -16.86
CA LYS A 26 -20.72 7.11 -16.02
C LYS A 26 -19.85 5.88 -15.81
N LEU A 27 -19.53 5.60 -14.54
CA LEU A 27 -18.73 4.45 -14.19
C LEU A 27 -19.06 4.00 -12.76
N SER A 28 -19.63 2.80 -12.62
CA SER A 28 -20.00 2.29 -11.30
C SER A 28 -19.09 1.12 -10.90
N LEU A 29 -18.28 1.34 -9.87
CA LEU A 29 -17.35 0.34 -9.38
C LEU A 29 -17.97 -0.55 -8.31
N SER A 30 -17.31 -1.67 -8.07
CA SER A 30 -17.70 -2.61 -7.06
C SER A 30 -16.42 -3.21 -6.48
N MET A 31 -16.46 -3.65 -5.23
CA MET A 31 -15.26 -4.20 -4.62
C MET A 31 -15.50 -5.57 -4.01
N ASN A 32 -14.73 -6.54 -4.47
CA ASN A 32 -14.81 -7.90 -3.96
C ASN A 32 -13.45 -8.31 -3.42
N GLY A 33 -13.29 -8.19 -2.10
CA GLY A 33 -12.03 -8.54 -1.45
C GLY A 33 -10.83 -8.08 -2.25
N ASN A 34 -10.33 -8.95 -3.12
CA ASN A 34 -9.16 -8.64 -3.93
C ASN A 34 -9.52 -8.38 -5.39
N GLN A 35 -10.71 -7.83 -5.63
CA GLN A 35 -11.12 -7.57 -7.01
C GLN A 35 -12.00 -6.34 -7.13
N LEU A 36 -11.74 -5.57 -8.18
CA LEU A 36 -12.53 -4.40 -8.50
C LEU A 36 -13.40 -4.79 -9.67
N LYS A 37 -14.55 -4.16 -9.81
CA LYS A 37 -15.43 -4.49 -10.89
C LYS A 37 -16.34 -3.33 -11.12
N ALA A 38 -16.36 -2.87 -12.34
CA ALA A 38 -17.14 -1.73 -12.67
C ALA A 38 -17.66 -1.81 -14.09
N THR A 39 -18.52 -0.85 -14.39
CA THR A 39 -19.11 -0.72 -15.70
C THR A 39 -19.19 0.76 -16.01
N SER A 40 -19.01 1.14 -17.27
CA SER A 40 -19.04 2.55 -17.60
C SER A 40 -19.64 2.84 -18.96
N SER A 41 -20.03 4.09 -19.15
CA SER A 41 -20.59 4.54 -20.41
C SER A 41 -19.80 5.75 -20.89
N ASN A 42 -19.68 5.92 -22.20
CA ASN A 42 -18.92 7.02 -22.76
C ASN A 42 -19.81 7.95 -23.56
N ALA A 43 -21.09 7.99 -23.19
CA ALA A 43 -22.02 8.85 -23.86
C ALA A 43 -21.38 10.19 -24.16
N GLY A 44 -20.86 10.78 -23.10
CA GLY A 44 -20.18 12.05 -23.19
C GLY A 44 -18.73 11.87 -22.74
N TYR A 45 -18.51 10.90 -21.87
CA TYR A 45 -17.19 10.61 -21.37
C TYR A 45 -17.21 9.45 -20.38
N GLY A 46 -16.05 9.10 -19.87
CA GLY A 46 -15.96 8.01 -18.90
C GLY A 46 -14.62 8.01 -18.23
N ILE A 47 -14.10 9.19 -18.09
CA ILE A 47 -12.83 9.41 -17.47
C ILE A 47 -13.04 9.88 -16.05
N SER A 48 -13.40 11.14 -16.02
CA SER A 48 -13.70 11.88 -14.81
C SER A 48 -13.78 13.37 -15.11
N TYR A 49 -12.63 13.99 -15.21
CA TYR A 49 -12.54 15.43 -15.50
C TYR A 49 -11.42 15.72 -16.48
N GLU A 50 -11.72 16.56 -17.48
CA GLU A 50 -10.76 16.91 -18.50
C GLU A 50 -9.54 15.99 -18.49
N ASP A 51 -8.34 16.55 -18.49
CA ASP A 51 -7.14 15.74 -18.49
C ASP A 51 -6.42 15.80 -17.15
N LYS A 52 -6.45 14.68 -16.45
CA LYS A 52 -5.79 14.56 -15.15
C LYS A 52 -4.99 13.25 -15.11
N ASN A 53 -4.11 13.12 -14.13
CA ASN A 53 -3.28 11.92 -14.04
C ASN A 53 -3.64 11.04 -12.84
N TRP A 54 -3.50 9.73 -13.03
CA TRP A 54 -3.79 8.77 -11.98
C TRP A 54 -2.62 7.83 -11.80
N GLY A 55 -2.25 7.65 -10.57
CA GLY A 55 -1.18 6.74 -10.20
C GLY A 55 -1.69 5.77 -9.17
N ILE A 56 -1.85 4.53 -9.58
CA ILE A 56 -2.35 3.52 -8.72
C ILE A 56 -1.22 2.65 -8.19
N PHE A 57 -1.20 2.40 -6.87
CA PHE A 57 -0.12 1.59 -6.27
C PHE A 57 -0.61 0.58 -5.25
N VAL A 58 -0.12 -0.65 -5.46
CA VAL A 58 -0.42 -1.75 -4.57
C VAL A 58 0.83 -2.14 -3.81
N ASN A 59 0.68 -2.80 -2.66
CA ASN A 59 1.84 -3.18 -1.89
C ASN A 59 2.91 -2.07 -1.96
N GLY A 60 2.48 -0.82 -2.19
CA GLY A 60 3.41 0.30 -2.27
C GLY A 60 4.14 0.28 -3.59
N GLU A 61 3.45 -0.21 -4.60
CA GLU A 61 4.00 -0.32 -5.93
C GLU A 61 2.94 -0.06 -6.97
N LYS A 62 3.30 0.60 -8.04
CA LYS A 62 2.37 0.85 -9.10
C LYS A 62 1.52 -0.41 -9.29
N VAL A 63 0.41 -0.26 -9.99
CA VAL A 63 -0.48 -1.37 -10.25
C VAL A 63 -1.35 -1.06 -11.46
N TYR A 64 -1.33 0.22 -11.85
CA TYR A 64 -2.14 0.67 -12.98
C TYR A 64 -1.98 2.19 -13.13
N THR A 65 -2.29 2.74 -14.32
CA THR A 65 -2.17 4.17 -14.54
C THR A 65 -2.97 4.62 -15.77
N PHE A 66 -3.83 5.63 -15.59
CA PHE A 66 -4.64 6.14 -16.67
C PHE A 66 -4.89 7.63 -16.54
N ASN A 67 -4.92 8.27 -17.69
CA ASN A 67 -5.14 9.70 -17.78
C ASN A 67 -6.64 10.02 -17.89
N GLU A 68 -7.09 10.93 -17.04
CA GLU A 68 -8.46 11.39 -17.03
C GLU A 68 -8.94 11.78 -18.41
N LYS A 69 -8.05 11.70 -19.39
CA LYS A 69 -8.39 12.05 -20.76
C LYS A 69 -8.73 10.80 -21.56
N SER A 70 -8.20 9.67 -21.11
CA SER A 70 -8.40 8.39 -21.79
C SER A 70 -9.85 7.90 -21.70
N THR A 71 -10.11 7.10 -20.68
CA THR A 71 -11.42 6.49 -20.44
C THR A 71 -11.19 5.20 -19.70
N VAL A 72 -10.85 5.30 -18.42
CA VAL A 72 -10.57 4.14 -17.62
C VAL A 72 -11.52 3.00 -17.97
N GLY A 73 -12.79 3.34 -18.22
CA GLY A 73 -13.77 2.33 -18.51
C GLY A 73 -13.17 1.28 -19.41
N ASN A 74 -12.56 1.76 -20.47
CA ASN A 74 -11.90 0.94 -21.44
C ASN A 74 -10.64 0.36 -20.83
N ILE A 75 -9.95 1.20 -20.08
CA ILE A 75 -8.72 0.79 -19.44
C ILE A 75 -9.01 -0.19 -18.31
N SER A 76 -9.58 0.33 -17.23
CA SER A 76 -9.91 -0.46 -16.06
C SER A 76 -10.25 -1.85 -16.53
N ASN A 77 -10.82 -1.89 -17.71
CA ASN A 77 -11.18 -3.13 -18.35
C ASN A 77 -9.99 -4.07 -18.31
N ASP A 78 -8.93 -3.68 -19.01
CA ASP A 78 -7.71 -4.48 -19.02
C ASP A 78 -7.24 -4.66 -17.58
N ILE A 79 -7.00 -3.54 -16.92
CA ILE A 79 -6.59 -3.54 -15.52
C ILE A 79 -7.24 -4.68 -14.77
N ASN A 80 -8.53 -4.54 -14.56
CA ASN A 80 -9.29 -5.56 -13.85
C ASN A 80 -8.84 -6.97 -14.25
N LYS A 81 -8.08 -7.08 -15.34
CA LYS A 81 -7.64 -8.39 -15.82
C LYS A 81 -6.37 -8.87 -15.11
N LEU A 82 -5.57 -7.96 -14.56
CA LEU A 82 -4.37 -8.38 -13.86
C LEU A 82 -4.76 -8.93 -12.51
N ASN A 83 -6.03 -9.29 -12.42
CA ASN A 83 -6.58 -9.82 -11.19
C ASN A 83 -5.97 -9.09 -10.01
N ILE A 84 -6.43 -7.86 -9.78
CA ILE A 84 -5.93 -7.07 -8.70
C ILE A 84 -6.09 -7.80 -7.37
N LYS A 85 -5.54 -7.21 -6.31
CA LYS A 85 -5.66 -7.80 -4.98
C LYS A 85 -6.40 -6.83 -4.06
N GLY A 86 -6.61 -7.21 -2.80
CA GLY A 86 -7.36 -6.35 -1.89
C GLY A 86 -6.50 -5.84 -0.73
N MET A 87 -5.94 -6.76 0.04
CA MET A 87 -5.18 -6.40 1.20
C MET A 87 -3.67 -6.58 1.02
N TYR A 88 -3.00 -5.60 0.43
CA TYR A 88 -1.55 -5.71 0.28
C TYR A 88 -0.89 -4.36 0.30
N ILE A 89 -0.05 -4.17 1.29
CA ILE A 89 0.69 -2.94 1.43
C ILE A 89 2.15 -3.33 1.49
N GLU A 90 3.11 -2.41 1.40
CA GLU A 90 4.48 -2.91 1.45
C GLU A 90 5.56 -1.87 1.42
N ILE A 91 6.74 -2.42 1.25
CA ILE A 91 7.98 -1.71 1.19
C ILE A 91 8.81 -2.23 0.00
N LYS A 92 9.73 -1.41 -0.50
CA LYS A 92 10.57 -1.84 -1.60
C LYS A 92 11.93 -2.28 -1.06
N GLN A 93 12.59 -3.16 -1.80
CA GLN A 93 13.87 -3.69 -1.38
C GLN A 93 15.04 -3.11 -2.16
N ILE A 94 15.89 -2.34 -1.47
CA ILE A 94 17.08 -1.76 -2.08
C ILE A 94 17.13 -2.01 -3.58
N ASP B 1 -10.41 -21.34 9.22
CA ASP B 1 -11.59 -20.60 9.74
C ASP B 1 -11.18 -19.73 10.92
N ASN B 2 -9.88 -19.70 11.20
CA ASN B 2 -9.37 -18.90 12.30
C ASN B 2 -8.83 -17.56 11.80
N GLN B 3 -9.57 -16.94 10.89
CA GLN B 3 -9.16 -15.66 10.32
C GLN B 3 -9.09 -14.59 11.41
N LYS B 4 -9.69 -14.87 12.56
CA LYS B 4 -9.69 -13.94 13.67
C LYS B 4 -8.30 -13.37 13.89
N ALA B 5 -7.28 -14.13 13.48
CA ALA B 5 -5.91 -13.71 13.64
C ALA B 5 -5.51 -12.70 12.57
N LEU B 6 -5.97 -12.93 11.34
CA LEU B 6 -5.66 -12.04 10.23
C LEU B 6 -5.85 -10.58 10.61
N GLU B 7 -7.11 -10.18 10.80
CA GLU B 7 -7.41 -8.80 11.17
C GLU B 7 -6.47 -8.27 12.24
N GLU B 8 -6.27 -9.05 13.30
CA GLU B 8 -5.38 -8.63 14.37
C GLU B 8 -3.93 -8.61 13.91
N GLN B 9 -3.71 -9.20 12.75
CA GLN B 9 -2.37 -9.27 12.17
C GLN B 9 -2.45 -9.82 10.75
N MET B 10 -1.99 -9.02 9.78
CA MET B 10 -2.01 -9.45 8.40
C MET B 10 -0.65 -9.97 7.97
N ASN B 11 -0.64 -11.20 7.49
CA ASN B 11 0.58 -11.87 7.05
C ASN B 11 1.36 -11.01 6.06
N SER B 12 0.68 -10.10 5.39
CA SER B 12 1.33 -9.23 4.42
C SER B 12 2.32 -8.34 5.14
N ILE B 13 1.96 -7.96 6.36
CA ILE B 13 2.78 -7.12 7.17
C ILE B 13 4.00 -7.87 7.69
N ASN B 14 3.87 -9.19 7.77
CA ASN B 14 4.96 -10.03 8.27
C ASN B 14 6.17 -9.97 7.35
N SER B 15 5.99 -10.51 6.15
CA SER B 15 7.07 -10.54 5.17
C SER B 15 7.98 -9.35 5.37
N VAL B 16 7.36 -8.18 5.57
CA VAL B 16 8.12 -6.96 5.77
C VAL B 16 9.14 -7.15 6.88
N ASN B 17 8.64 -7.39 8.08
CA ASN B 17 9.51 -7.58 9.24
C ASN B 17 10.70 -8.44 8.86
N ASP B 18 10.44 -9.52 8.13
CA ASP B 18 11.51 -10.43 7.72
C ASP B 18 12.28 -9.82 6.56
N LYS B 19 11.60 -9.00 5.77
CA LYS B 19 12.24 -8.35 4.64
C LYS B 19 13.27 -7.34 5.12
N LEU B 20 12.79 -6.30 5.80
CA LEU B 20 13.66 -5.24 6.33
C LEU B 20 14.75 -5.83 7.22
N ASN B 21 14.77 -7.15 7.36
CA ASN B 21 15.77 -7.80 8.17
C ASN B 21 16.92 -8.25 7.30
N LYS B 22 17.33 -9.50 7.44
CA LYS B 22 18.42 -10.02 6.65
C LYS B 22 19.48 -8.93 6.57
N GLY B 23 20.05 -8.61 7.72
CA GLY B 23 21.04 -7.58 7.80
C GLY B 23 22.38 -8.14 8.23
N LYS B 24 22.88 -7.56 9.29
CA LYS B 24 24.16 -7.94 9.89
C LYS B 24 24.10 -7.66 11.37
N GLY B 25 23.88 -6.38 11.70
CA GLY B 25 23.79 -5.96 13.09
C GLY B 25 22.59 -6.63 13.76
N LYS B 26 22.20 -6.16 14.94
CA LYS B 26 21.10 -6.75 15.66
C LYS B 26 19.88 -5.83 15.77
N LEU B 27 18.76 -6.31 15.24
CA LEU B 27 17.51 -5.57 15.30
C LEU B 27 16.32 -6.54 15.27
N SER B 28 15.56 -6.57 16.35
CA SER B 28 14.40 -7.48 16.42
C SER B 28 13.09 -6.68 16.38
N LEU B 29 12.33 -6.86 15.30
CA LEU B 29 11.07 -6.16 15.12
C LEU B 29 9.90 -6.94 15.69
N SER B 30 8.80 -6.22 15.86
CA SER B 30 7.55 -6.80 16.32
C SER B 30 6.42 -6.06 15.62
N MET B 31 5.28 -6.71 15.44
CA MET B 31 4.18 -6.06 14.75
C MET B 31 2.89 -6.12 15.53
N ASN B 32 2.33 -4.95 15.80
CA ASN B 32 1.07 -4.85 16.52
C ASN B 32 0.07 -4.10 15.65
N GLY B 33 -0.78 -4.86 14.97
CA GLY B 33 -1.79 -4.27 14.08
C GLY B 33 -1.23 -3.11 13.26
N ASN B 34 -1.37 -1.90 13.81
CA ASN B 34 -0.91 -0.70 13.13
C ASN B 34 0.34 -0.13 13.77
N GLN B 35 1.19 -0.99 14.32
CA GLN B 35 2.41 -0.50 14.97
C GLN B 35 3.58 -1.48 14.84
N LEU B 36 4.74 -0.91 14.56
CA LEU B 36 5.96 -1.69 14.49
C LEU B 36 6.72 -1.41 15.77
N LYS B 37 7.54 -2.34 16.21
CA LYS B 37 8.28 -2.13 17.43
C LYS B 37 9.47 -3.04 17.40
N ALA B 38 10.61 -2.45 17.59
CA ALA B 38 11.82 -3.20 17.53
C ALA B 38 12.87 -2.64 18.47
N THR B 39 13.95 -3.38 18.56
CA THR B 39 15.09 -3.01 19.37
C THR B 39 16.33 -3.41 18.62
N SER B 40 17.40 -2.62 18.74
CA SER B 40 18.61 -2.95 17.99
C SER B 40 19.88 -2.61 18.74
N SER B 41 20.97 -3.22 18.29
CA SER B 41 22.28 -2.97 18.87
C SER B 41 23.24 -2.56 17.75
N ASN B 42 24.20 -1.71 18.07
CA ASN B 42 25.15 -1.25 17.06
C ASN B 42 26.55 -1.70 17.39
N ALA B 43 26.67 -2.81 18.10
CA ALA B 43 27.97 -3.35 18.44
C ALA B 43 28.92 -3.20 17.28
N GLY B 44 28.46 -3.72 16.15
CA GLY B 44 29.23 -3.66 14.93
C GLY B 44 28.43 -2.88 13.88
N TYR B 45 27.11 -2.93 14.01
CA TYR B 45 26.23 -2.22 13.10
C TYR B 45 24.77 -2.45 13.48
N GLY B 46 23.88 -1.84 12.73
CA GLY B 46 22.45 -1.99 12.97
C GLY B 46 21.64 -1.50 11.80
N ILE B 47 22.23 -1.64 10.65
CA ILE B 47 21.63 -1.24 9.42
C ILE B 47 21.05 -2.45 8.73
N SER B 48 21.99 -3.17 8.17
CA SER B 48 21.75 -4.41 7.44
C SER B 48 23.01 -4.82 6.69
N TYR B 49 23.21 -4.18 5.55
CA TYR B 49 24.37 -4.47 4.69
C TYR B 49 24.94 -3.18 4.12
N GLU B 50 26.28 -3.06 4.19
CA GLU B 50 26.97 -1.88 3.69
C GLU B 50 26.00 -0.73 3.45
N ASP B 51 26.08 -0.10 2.28
CA ASP B 51 25.22 1.02 1.97
C ASP B 51 24.16 0.65 0.93
N LYS B 52 22.91 0.60 1.39
CA LYS B 52 21.79 0.28 0.54
C LYS B 52 20.66 1.28 0.79
N ASN B 53 19.68 1.31 -0.09
CA ASN B 53 18.58 2.26 0.07
C ASN B 53 17.25 1.57 0.41
N TRP B 54 16.44 2.26 1.21
CA TRP B 54 15.14 1.75 1.60
C TRP B 54 14.07 2.79 1.35
N GLY B 55 13.01 2.33 0.72
CA GLY B 55 11.87 3.16 0.43
C GLY B 55 10.63 2.52 1.01
N ILE B 56 10.10 3.12 2.05
CA ILE B 56 8.94 2.58 2.69
C ILE B 56 7.69 3.36 2.27
N PHE B 57 6.62 2.63 1.91
CA PHE B 57 5.38 3.29 1.46
C PHE B 57 4.12 2.68 2.04
N VAL B 58 3.28 3.59 2.56
CA VAL B 58 2.01 3.22 3.13
C VAL B 58 0.89 3.74 2.23
N ASN B 59 -0.29 3.15 2.30
CA ASN B 59 -1.38 3.62 1.46
C ASN B 59 -0.84 3.99 0.06
N GLY B 60 0.29 3.39 -0.33
CA GLY B 60 0.87 3.67 -1.64
C GLY B 60 1.57 5.00 -1.62
N GLU B 61 2.09 5.35 -0.46
CA GLU B 61 2.77 6.61 -0.26
C GLU B 61 3.93 6.43 0.70
N LYS B 62 5.02 7.12 0.42
CA LYS B 62 6.15 7.05 1.33
C LYS B 62 5.63 7.03 2.76
N VAL B 63 6.49 6.66 3.68
CA VAL B 63 6.13 6.62 5.08
C VAL B 63 7.39 6.66 5.93
N TYR B 64 8.53 6.45 5.27
CA TYR B 64 9.82 6.45 5.96
C TYR B 64 10.93 6.10 4.96
N THR B 65 12.20 6.45 5.28
CA THR B 65 13.29 6.15 4.37
C THR B 65 14.65 6.20 5.11
N PHE B 66 15.44 5.14 4.97
CA PHE B 66 16.73 5.07 5.62
C PHE B 66 17.73 4.28 4.80
N ASN B 67 18.96 4.75 4.87
CA ASN B 67 20.05 4.13 4.15
C ASN B 67 20.75 3.06 5.00
N GLU B 68 20.92 1.88 4.40
CA GLU B 68 21.57 0.76 5.05
C GLU B 68 22.91 1.17 5.65
N LYS B 69 23.28 2.43 5.46
CA LYS B 69 24.54 2.92 6.00
C LYS B 69 24.30 3.65 7.32
N SER B 70 23.08 4.13 7.50
CA SER B 70 22.72 4.89 8.70
C SER B 70 22.71 4.02 9.96
N THR B 71 21.53 3.48 10.25
CA THR B 71 21.27 2.65 11.43
C THR B 71 19.82 2.81 11.81
N VAL B 72 18.95 2.21 11.03
CA VAL B 72 17.54 2.32 11.27
C VAL B 72 17.23 2.29 12.76
N GLY B 73 17.95 1.46 13.49
CA GLY B 73 17.71 1.32 14.91
C GLY B 73 17.43 2.68 15.50
N ASN B 74 18.34 3.60 15.19
CA ASN B 74 18.26 4.96 15.63
C ASN B 74 17.12 5.66 14.91
N ILE B 75 17.01 5.36 13.63
CA ILE B 75 15.97 5.94 12.81
C ILE B 75 14.62 5.40 13.19
N SER B 76 14.39 4.13 12.83
CA SER B 76 13.13 3.45 13.12
C SER B 76 12.59 4.01 14.39
N ASN B 77 13.51 4.39 15.25
CA ASN B 77 13.17 4.99 16.52
C ASN B 77 12.19 6.12 16.28
N ASP B 78 12.66 7.15 15.59
CA ASP B 78 11.80 8.29 15.28
C ASP B 78 10.58 7.77 14.52
N ILE B 79 10.85 7.11 13.40
CA ILE B 79 9.80 6.51 12.59
C ILE B 79 8.67 6.00 13.47
N ASN B 80 8.95 4.93 14.17
CA ASN B 80 7.97 4.33 15.06
C ASN B 80 7.14 5.40 15.80
N LYS B 81 7.62 6.65 15.76
CA LYS B 81 6.94 7.74 16.46
C LYS B 81 5.79 8.33 15.63
N LEU B 82 5.84 8.21 14.31
CA LEU B 82 4.76 8.75 13.49
C LEU B 82 3.57 7.83 13.59
N ASN B 83 3.59 7.03 14.64
CA ASN B 83 2.53 6.06 14.88
C ASN B 83 2.07 5.47 13.56
N ILE B 84 2.88 4.58 13.02
CA ILE B 84 2.57 3.94 11.77
C ILE B 84 1.20 3.27 11.83
N LYS B 85 0.74 2.77 10.69
CA LYS B 85 -0.53 2.06 10.64
C LYS B 85 -0.29 0.63 10.18
N GLY B 86 -1.35 -0.17 10.07
CA GLY B 86 -1.18 -1.57 9.70
C GLY B 86 -1.84 -1.90 8.35
N MET B 87 -3.15 -1.66 8.26
CA MET B 87 -3.88 -2.00 7.08
C MET B 87 -4.26 -0.78 6.24
N TYR B 88 -3.36 -0.30 5.39
CA TYR B 88 -3.71 0.83 4.52
C TYR B 88 -2.96 0.78 3.22
N ILE B 89 -3.72 0.66 2.16
CA ILE B 89 -3.17 0.65 0.84
C ILE B 89 -3.86 1.75 0.06
N GLU B 90 -3.41 2.14 -1.14
CA GLU B 90 -4.14 3.22 -1.76
C GLU B 90 -3.68 3.62 -3.14
N ILE B 91 -4.26 4.73 -3.52
CA ILE B 91 -4.04 5.37 -4.79
C ILE B 91 -3.80 6.86 -4.58
N LYS B 92 -3.14 7.52 -5.53
CA LYS B 92 -2.91 8.96 -5.41
C LYS B 92 -3.91 9.71 -6.26
N GLN B 93 -4.20 10.93 -5.87
CA GLN B 93 -5.17 11.75 -6.57
C GLN B 93 -4.55 12.84 -7.43
N ILE B 94 -4.70 12.71 -8.75
CA ILE B 94 -4.20 13.69 -9.69
C ILE B 94 -3.37 14.78 -9.00
N ASP A 1 -20.37 -16.17 5.22
CA ASP A 1 -20.63 -15.80 6.64
C ASP A 1 -20.48 -14.29 6.82
N ASN A 2 -20.26 -13.86 8.05
CA ASN A 2 -20.11 -12.44 8.34
C ASN A 2 -18.72 -11.97 7.94
N GLN A 3 -17.70 -12.50 8.63
CA GLN A 3 -16.32 -12.13 8.33
C GLN A 3 -15.93 -12.56 6.94
N LYS A 4 -16.49 -13.67 6.49
CA LYS A 4 -16.19 -14.20 5.17
C LYS A 4 -16.56 -13.18 4.08
N ALA A 5 -17.67 -12.48 4.28
CA ALA A 5 -18.14 -11.50 3.33
C ALA A 5 -17.10 -10.41 3.11
N LEU A 6 -16.51 -9.93 4.21
CA LEU A 6 -15.51 -8.87 4.13
C LEU A 6 -14.38 -9.25 3.17
N GLU A 7 -13.85 -10.47 3.35
CA GLU A 7 -12.76 -10.94 2.50
C GLU A 7 -13.09 -10.74 1.02
N GLU A 8 -14.37 -10.58 0.71
CA GLU A 8 -14.80 -10.40 -0.66
C GLU A 8 -14.61 -8.96 -1.10
N GLN A 9 -14.07 -8.16 -0.21
CA GLN A 9 -13.83 -6.75 -0.50
C GLN A 9 -13.72 -5.93 0.80
N MET A 10 -12.90 -4.89 0.79
CA MET A 10 -12.70 -4.08 1.98
C MET A 10 -13.10 -2.61 1.74
N ASN A 11 -13.77 -2.04 2.73
CA ASN A 11 -14.25 -0.67 2.66
C ASN A 11 -13.36 0.23 1.80
N SER A 12 -12.10 -0.16 1.64
CA SER A 12 -11.17 0.63 0.85
C SER A 12 -11.46 0.47 -0.63
N ILE A 13 -11.67 -0.77 -1.03
CA ILE A 13 -11.94 -1.07 -2.41
C ILE A 13 -13.05 -0.18 -2.96
N ASN A 14 -13.78 0.48 -2.08
CA ASN A 14 -14.88 1.34 -2.50
C ASN A 14 -14.42 2.78 -2.69
N SER A 15 -14.11 3.45 -1.59
CA SER A 15 -13.69 4.83 -1.66
C SER A 15 -12.93 5.08 -2.94
N VAL A 16 -12.02 4.17 -3.27
CA VAL A 16 -11.23 4.28 -4.49
C VAL A 16 -12.14 4.62 -5.65
N ASN A 17 -13.02 3.68 -5.95
CA ASN A 17 -13.97 3.85 -7.05
C ASN A 17 -14.42 5.30 -7.19
N ASP A 18 -14.99 5.84 -6.12
CA ASP A 18 -15.49 7.21 -6.13
C ASP A 18 -14.32 8.18 -6.15
N LYS A 19 -13.22 7.78 -5.54
CA LYS A 19 -12.04 8.61 -5.48
C LYS A 19 -11.57 8.99 -6.88
N LEU A 20 -11.31 7.97 -7.71
CA LEU A 20 -10.85 8.17 -9.06
C LEU A 20 -11.97 8.68 -9.96
N ASN A 21 -13.10 9.04 -9.38
CA ASN A 21 -14.22 9.54 -10.16
C ASN A 21 -14.89 10.74 -9.50
N LYS A 22 -14.52 11.91 -9.98
CA LYS A 22 -15.08 13.15 -9.45
C LYS A 22 -15.79 13.93 -10.55
N GLY A 23 -16.35 13.20 -11.52
CA GLY A 23 -17.05 13.83 -12.64
C GLY A 23 -16.54 13.28 -13.96
N LYS A 24 -15.88 12.12 -13.91
CA LYS A 24 -15.35 11.51 -15.11
C LYS A 24 -16.24 10.37 -15.59
N GLY A 25 -15.62 9.37 -16.20
CA GLY A 25 -16.36 8.22 -16.73
C GLY A 25 -17.53 7.85 -15.83
N LYS A 26 -18.66 7.53 -16.45
CA LYS A 26 -19.85 7.14 -15.70
C LYS A 26 -19.87 5.61 -15.64
N LEU A 27 -19.41 5.10 -14.51
CA LEU A 27 -19.29 3.68 -14.33
C LEU A 27 -19.81 3.20 -12.98
N SER A 28 -20.03 1.88 -12.89
CA SER A 28 -20.51 1.23 -11.67
C SER A 28 -19.67 -0.02 -11.40
N LEU A 29 -19.20 -0.19 -10.17
CA LEU A 29 -18.34 -1.33 -9.86
C LEU A 29 -19.03 -2.42 -9.04
N SER A 30 -18.37 -3.57 -9.06
CA SER A 30 -18.80 -4.72 -8.28
C SER A 30 -17.70 -4.99 -7.29
N MET A 31 -17.97 -5.73 -6.22
CA MET A 31 -16.94 -5.95 -5.21
C MET A 31 -16.53 -7.41 -5.05
N ASN A 32 -15.37 -7.70 -5.59
CA ASN A 32 -14.76 -9.00 -5.46
C ASN A 32 -13.38 -8.75 -4.86
N GLY A 33 -13.15 -9.19 -3.63
CA GLY A 33 -11.87 -8.93 -2.97
C GLY A 33 -10.71 -8.93 -3.95
N ASN A 34 -10.52 -10.07 -4.60
CA ASN A 34 -9.41 -10.21 -5.55
C ASN A 34 -9.71 -9.53 -6.88
N GLN A 35 -10.91 -8.99 -7.07
CA GLN A 35 -11.23 -8.36 -8.34
C GLN A 35 -12.21 -7.21 -8.22
N LEU A 36 -12.03 -6.25 -9.11
CA LEU A 36 -12.93 -5.14 -9.22
C LEU A 36 -13.61 -5.34 -10.56
N LYS A 37 -14.85 -4.94 -10.70
CA LYS A 37 -15.52 -5.16 -11.96
C LYS A 37 -16.58 -4.12 -12.15
N ALA A 38 -16.47 -3.46 -13.26
CA ALA A 38 -17.35 -2.38 -13.55
C ALA A 38 -17.62 -2.20 -15.02
N THR A 39 -18.52 -1.29 -15.31
CA THR A 39 -18.88 -0.94 -16.65
C THR A 39 -18.89 0.57 -16.74
N SER A 40 -18.46 1.13 -17.86
CA SER A 40 -18.39 2.59 -17.96
C SER A 40 -19.19 3.16 -19.13
N SER A 41 -19.13 4.49 -19.23
CA SER A 41 -19.81 5.23 -20.26
C SER A 41 -18.94 6.39 -20.73
N ASN A 42 -19.28 6.95 -21.88
CA ASN A 42 -18.52 8.07 -22.43
C ASN A 42 -19.39 9.31 -22.54
N ALA A 43 -20.31 9.46 -21.58
CA ALA A 43 -21.23 10.58 -21.59
C ALA A 43 -20.61 11.83 -20.99
N GLY A 44 -20.16 11.70 -19.76
CA GLY A 44 -19.57 12.81 -19.04
C GLY A 44 -18.18 12.44 -18.58
N TYR A 45 -17.63 11.48 -19.26
CA TYR A 45 -16.30 11.00 -18.93
C TYR A 45 -15.32 12.17 -18.96
N GLY A 46 -14.09 11.92 -18.51
CA GLY A 46 -13.05 12.94 -18.53
C GLY A 46 -13.32 13.92 -19.65
N ILE A 47 -14.17 14.89 -19.36
CA ILE A 47 -14.58 15.88 -20.32
C ILE A 47 -13.44 16.76 -20.78
N SER A 48 -13.12 17.71 -19.93
CA SER A 48 -12.06 18.65 -20.23
C SER A 48 -10.80 18.32 -19.45
N TYR A 49 -10.79 18.70 -18.19
CA TYR A 49 -9.63 18.45 -17.33
C TYR A 49 -8.40 18.14 -18.15
N GLU A 50 -8.12 19.00 -19.11
CA GLU A 50 -6.98 18.82 -19.99
C GLU A 50 -6.62 17.34 -20.08
N ASP A 51 -5.47 16.98 -19.51
CA ASP A 51 -5.03 15.59 -19.52
C ASP A 51 -4.17 15.32 -18.29
N LYS A 52 -4.79 14.81 -17.23
CA LYS A 52 -4.05 14.53 -16.01
C LYS A 52 -3.76 13.05 -15.89
N ASN A 53 -2.79 12.69 -15.04
CA ASN A 53 -2.42 11.30 -14.87
C ASN A 53 -2.95 10.70 -13.58
N TRP A 54 -2.90 9.38 -13.49
CA TRP A 54 -3.37 8.68 -12.32
C TRP A 54 -2.44 7.51 -12.03
N GLY A 55 -2.34 7.17 -10.77
CA GLY A 55 -1.50 6.07 -10.35
C GLY A 55 -2.13 5.29 -9.22
N ILE A 56 -2.21 3.98 -9.40
CA ILE A 56 -2.77 3.11 -8.43
C ILE A 56 -1.69 2.21 -7.88
N PHE A 57 -1.65 2.01 -6.56
CA PHE A 57 -0.59 1.17 -5.98
C PHE A 57 -1.07 0.18 -4.93
N VAL A 58 -0.59 -1.05 -5.13
CA VAL A 58 -0.87 -2.12 -4.21
C VAL A 58 0.43 -2.54 -3.55
N ASN A 59 0.37 -3.06 -2.34
CA ASN A 59 1.60 -3.46 -1.66
C ASN A 59 2.65 -2.35 -1.81
N GLY A 60 2.18 -1.11 -1.98
CA GLY A 60 3.09 0.02 -2.12
C GLY A 60 3.76 -0.01 -3.48
N GLU A 61 3.07 -0.60 -4.43
CA GLU A 61 3.58 -0.72 -5.78
C GLU A 61 2.48 -0.49 -6.78
N LYS A 62 2.82 0.11 -7.91
CA LYS A 62 1.83 0.31 -8.92
C LYS A 62 1.00 -0.97 -9.06
N VAL A 63 -0.07 -0.87 -9.81
CA VAL A 63 -0.96 -1.99 -10.06
C VAL A 63 -1.79 -1.68 -11.31
N TYR A 64 -1.64 -0.46 -11.80
CA TYR A 64 -2.40 0.00 -12.96
C TYR A 64 -2.04 1.48 -13.21
N THR A 65 -2.29 1.99 -14.42
CA THR A 65 -1.95 3.39 -14.70
C THR A 65 -2.82 3.97 -15.82
N PHE A 66 -3.53 5.05 -15.49
CA PHE A 66 -4.37 5.75 -16.43
C PHE A 66 -4.37 7.23 -16.17
N ASN A 67 -5.07 7.94 -17.01
CA ASN A 67 -5.18 9.37 -16.92
C ASN A 67 -6.66 9.78 -16.83
N GLU A 68 -6.89 11.08 -16.92
CA GLU A 68 -8.23 11.63 -16.83
C GLU A 68 -9.01 11.47 -18.15
N LYS A 69 -8.44 11.95 -19.25
CA LYS A 69 -9.10 11.87 -20.55
C LYS A 69 -9.23 10.43 -21.03
N SER A 70 -8.17 9.65 -20.84
CA SER A 70 -8.18 8.26 -21.27
C SER A 70 -9.49 7.58 -20.87
N THR A 71 -10.34 8.33 -20.17
CA THR A 71 -11.61 7.82 -19.69
C THR A 71 -11.43 6.41 -19.17
N VAL A 72 -10.84 6.32 -17.98
CA VAL A 72 -10.61 5.04 -17.36
C VAL A 72 -11.67 4.05 -17.79
N GLY A 73 -12.88 4.56 -17.89
CA GLY A 73 -14.01 3.74 -18.23
C GLY A 73 -13.59 2.61 -19.15
N ASN A 74 -12.98 2.97 -20.27
CA ASN A 74 -12.51 1.97 -21.21
C ASN A 74 -11.31 1.22 -20.61
N ILE A 75 -10.52 1.96 -19.84
CA ILE A 75 -9.36 1.38 -19.21
C ILE A 75 -9.78 0.45 -18.08
N SER A 76 -10.21 1.06 -16.96
CA SER A 76 -10.64 0.28 -15.81
C SER A 76 -11.21 -1.05 -16.28
N ASN A 77 -11.81 -1.05 -17.45
CA ASN A 77 -12.36 -2.27 -18.00
C ASN A 77 -11.29 -3.34 -18.00
N ASP A 78 -10.30 -3.16 -18.87
CA ASP A 78 -9.19 -4.10 -18.95
C ASP A 78 -8.65 -4.36 -17.55
N ILE A 79 -8.24 -3.29 -16.89
CA ILE A 79 -7.74 -3.35 -15.53
C ILE A 79 -8.52 -4.39 -14.75
N ASN A 80 -9.75 -4.04 -14.45
CA ASN A 80 -10.62 -4.93 -13.68
C ASN A 80 -10.46 -6.38 -14.13
N LYS A 81 -9.76 -6.60 -15.25
CA LYS A 81 -9.60 -7.95 -15.78
C LYS A 81 -8.29 -8.64 -15.37
N LEU A 82 -7.29 -7.91 -14.85
CA LEU A 82 -6.04 -8.59 -14.46
C LEU A 82 -6.19 -9.18 -13.06
N ASN A 83 -7.43 -9.18 -12.59
CA ASN A 83 -7.76 -9.73 -11.29
C ASN A 83 -6.89 -9.15 -10.18
N ILE A 84 -7.05 -7.86 -9.93
CA ILE A 84 -6.30 -7.18 -8.87
C ILE A 84 -6.33 -7.98 -7.57
N LYS A 85 -5.96 -7.31 -6.51
CA LYS A 85 -5.96 -7.90 -5.18
C LYS A 85 -6.57 -6.92 -4.19
N GLY A 86 -6.67 -7.29 -2.91
CA GLY A 86 -7.25 -6.39 -1.94
C GLY A 86 -6.21 -5.93 -0.94
N MET A 87 -6.38 -6.38 0.29
CA MET A 87 -5.52 -6.03 1.39
C MET A 87 -4.06 -6.43 1.19
N TYR A 88 -3.27 -5.53 0.62
CA TYR A 88 -1.85 -5.82 0.48
C TYR A 88 -1.05 -4.54 0.52
N ILE A 89 -0.31 -4.39 1.59
CA ILE A 89 0.51 -3.22 1.76
C ILE A 89 1.94 -3.66 1.97
N GLU A 90 2.95 -2.81 1.67
CA GLU A 90 4.33 -3.29 1.85
C GLU A 90 5.38 -2.20 1.80
N ILE A 91 6.63 -2.68 1.73
CA ILE A 91 7.81 -1.86 1.71
C ILE A 91 8.64 -2.11 0.44
N LYS A 92 9.33 -1.08 -0.04
CA LYS A 92 10.18 -1.23 -1.20
C LYS A 92 11.63 -1.33 -0.76
N GLN A 93 12.42 -2.03 -1.55
CA GLN A 93 13.82 -2.23 -1.25
C GLN A 93 14.74 -1.50 -2.21
N ILE A 94 15.79 -0.89 -1.66
CA ILE A 94 16.80 -0.20 -2.43
C ILE A 94 16.43 -0.14 -3.92
N ASP B 1 -9.40 -11.44 22.00
CA ASP B 1 -10.05 -12.65 21.41
C ASP B 1 -9.17 -13.20 20.30
N ASN B 2 -9.77 -13.99 19.41
CA ASN B 2 -9.02 -14.58 18.31
C ASN B 2 -8.79 -13.54 17.21
N GLN B 3 -9.87 -13.08 16.59
CA GLN B 3 -9.78 -12.10 15.53
C GLN B 3 -9.23 -10.78 16.06
N LYS B 4 -9.55 -10.48 17.32
CA LYS B 4 -9.09 -9.25 17.95
C LYS B 4 -7.57 -9.19 17.98
N ALA B 5 -6.93 -10.34 18.22
CA ALA B 5 -5.49 -10.41 18.28
C ALA B 5 -4.85 -9.96 16.96
N LEU B 6 -5.43 -10.42 15.85
CA LEU B 6 -4.90 -10.06 14.53
C LEU B 6 -4.80 -8.55 14.37
N GLU B 7 -5.90 -7.85 14.70
CA GLU B 7 -5.93 -6.40 14.58
C GLU B 7 -4.70 -5.77 15.24
N GLU B 8 -4.06 -6.51 16.13
CA GLU B 8 -2.89 -6.01 16.83
C GLU B 8 -1.65 -6.12 15.96
N GLN B 9 -1.84 -6.60 14.74
CA GLN B 9 -0.74 -6.76 13.81
C GLN B 9 -1.09 -7.79 12.73
N MET B 10 -0.57 -7.60 11.53
CA MET B 10 -0.87 -8.51 10.43
C MET B 10 0.40 -9.17 9.87
N ASN B 11 0.30 -10.46 9.59
CA ASN B 11 1.42 -11.25 9.07
C ASN B 11 2.38 -10.41 8.23
N SER B 12 1.90 -9.31 7.69
CA SER B 12 2.75 -8.45 6.86
C SER B 12 3.71 -7.66 7.72
N ILE B 13 3.18 -7.09 8.80
CA ILE B 13 3.97 -6.32 9.70
C ILE B 13 5.25 -7.04 10.10
N ASN B 14 5.29 -8.35 9.83
CA ASN B 14 6.46 -9.15 10.19
C ASN B 14 7.46 -9.24 9.06
N SER B 15 7.10 -9.96 8.00
CA SER B 15 7.99 -10.13 6.88
C SER B 15 8.84 -8.88 6.70
N VAL B 16 8.19 -7.72 6.77
CA VAL B 16 8.88 -6.46 6.63
C VAL B 16 10.14 -6.46 7.48
N ASN B 17 9.94 -6.54 8.78
CA ASN B 17 11.03 -6.57 9.73
C ASN B 17 12.24 -7.31 9.19
N ASP B 18 12.04 -8.58 8.83
CA ASP B 18 13.11 -9.41 8.31
C ASP B 18 13.50 -8.95 6.91
N LYS B 19 12.52 -8.43 6.18
CA LYS B 19 12.76 -7.96 4.84
C LYS B 19 13.83 -6.88 4.81
N LEU B 20 13.63 -5.83 5.59
CA LEU B 20 14.57 -4.72 5.66
C LEU B 20 15.82 -5.11 6.45
N ASN B 21 15.97 -6.39 6.75
CA ASN B 21 17.13 -6.84 7.52
C ASN B 21 17.67 -8.15 6.96
N LYS B 22 18.71 -8.03 6.15
CA LYS B 22 19.36 -9.20 5.55
C LYS B 22 20.82 -9.27 5.97
N GLY B 23 21.12 -8.78 7.17
CA GLY B 23 22.49 -8.78 7.67
C GLY B 23 22.88 -7.41 8.17
N LYS B 24 21.87 -6.57 8.43
CA LYS B 24 22.13 -5.22 8.92
C LYS B 24 21.90 -5.11 10.42
N GLY B 25 21.47 -3.94 10.87
CA GLY B 25 21.22 -3.71 12.29
C GLY B 25 20.66 -4.94 12.97
N LYS B 26 21.16 -5.22 14.19
CA LYS B 26 20.68 -6.36 14.95
C LYS B 26 19.59 -5.86 15.89
N LEU B 27 18.37 -6.06 15.48
CA LEU B 27 17.23 -5.58 16.22
C LEU B 27 16.11 -6.62 16.36
N SER B 28 15.21 -6.34 17.30
CA SER B 28 14.06 -7.21 17.58
C SER B 28 12.80 -6.35 17.69
N LEU B 29 11.72 -6.74 17.01
CA LEU B 29 10.51 -5.93 17.03
C LEU B 29 9.39 -6.53 17.86
N SER B 30 8.43 -5.65 18.15
CA SER B 30 7.22 -6.01 18.88
C SER B 30 6.07 -5.79 17.91
N MET B 31 4.91 -6.38 18.16
CA MET B 31 3.81 -6.22 17.22
C MET B 31 2.60 -5.53 17.80
N ASN B 32 2.46 -4.28 17.39
CA ASN B 32 1.32 -3.47 17.75
C ASN B 32 0.73 -2.98 16.42
N GLY B 33 -0.47 -3.44 16.08
CA GLY B 33 -1.06 -3.07 14.79
C GLY B 33 -0.70 -1.66 14.39
N ASN B 34 -1.10 -0.69 15.21
CA ASN B 34 -0.83 0.70 14.91
C ASN B 34 0.61 1.10 15.20
N GLN B 35 1.42 0.18 15.74
CA GLN B 35 2.80 0.55 16.04
C GLN B 35 3.77 -0.62 15.94
N LEU B 36 4.98 -0.29 15.54
CA LEU B 36 6.06 -1.24 15.50
C LEU B 36 6.99 -0.79 16.60
N LYS B 37 7.69 -1.70 17.25
CA LYS B 37 8.57 -1.29 18.32
C LYS B 37 9.69 -2.27 18.45
N ALA B 38 10.86 -1.74 18.39
CA ALA B 38 12.03 -2.56 18.41
C ALA B 38 13.22 -1.87 19.05
N THR B 39 14.27 -2.65 19.19
CA THR B 39 15.52 -2.17 19.73
C THR B 39 16.62 -2.67 18.81
N SER B 40 17.66 -1.87 18.60
CA SER B 40 18.71 -2.29 17.68
C SER B 40 20.10 -2.31 18.30
N SER B 41 21.06 -2.69 17.46
CA SER B 41 22.46 -2.77 17.85
C SER B 41 23.33 -2.29 16.70
N ASN B 42 24.60 -2.01 17.02
CA ASN B 42 25.54 -1.54 16.02
C ASN B 42 26.69 -2.53 15.86
N ALA B 43 26.39 -3.81 16.04
CA ALA B 43 27.40 -4.84 15.95
C ALA B 43 27.70 -5.25 14.52
N GLY B 44 26.66 -5.67 13.83
CA GLY B 44 26.77 -6.11 12.46
C GLY B 44 25.86 -5.31 11.57
N TYR B 45 25.51 -4.17 12.07
CA TYR B 45 24.63 -3.29 11.33
C TYR B 45 25.18 -3.01 9.94
N GLY B 46 24.40 -2.36 9.10
CA GLY B 46 24.84 -2.01 7.76
C GLY B 46 26.35 -1.84 7.75
N ILE B 47 27.04 -2.96 7.61
CA ILE B 47 28.47 -2.99 7.63
C ILE B 47 29.09 -2.24 6.47
N SER B 48 29.09 -2.89 5.34
CA SER B 48 29.67 -2.32 4.13
C SER B 48 28.58 -1.82 3.20
N TYR B 49 27.99 -2.75 2.47
CA TYR B 49 26.94 -2.40 1.52
C TYR B 49 26.95 -0.92 1.19
N GLU B 50 28.13 -0.44 0.83
CA GLU B 50 28.30 0.97 0.50
C GLU B 50 27.26 1.80 1.21
N ASP B 51 26.33 2.36 0.45
CA ASP B 51 25.26 3.18 1.03
C ASP B 51 24.03 3.09 0.14
N LYS B 52 23.12 2.19 0.48
CA LYS B 52 21.91 2.02 -0.30
C LYS B 52 20.72 2.69 0.39
N ASN B 53 19.66 2.94 -0.37
CA ASN B 53 18.48 3.61 0.19
C ASN B 53 17.33 2.63 0.43
N TRP B 54 16.35 3.10 1.20
CA TRP B 54 15.19 2.29 1.51
C TRP B 54 13.96 3.16 1.50
N GLY B 55 12.84 2.56 1.17
CA GLY B 55 11.59 3.29 1.13
C GLY B 55 10.44 2.43 1.63
N ILE B 56 9.69 2.96 2.56
CA ILE B 56 8.58 2.26 3.13
C ILE B 56 7.30 2.99 2.75
N PHE B 57 6.25 2.26 2.35
CA PHE B 57 5.02 2.93 1.94
C PHE B 57 3.75 2.29 2.47
N VAL B 58 2.91 3.19 3.00
CA VAL B 58 1.62 2.81 3.52
C VAL B 58 0.54 3.44 2.65
N ASN B 59 -0.62 2.83 2.57
CA ASN B 59 -1.66 3.39 1.72
C ASN B 59 -1.07 3.81 0.37
N GLY B 60 0.01 3.14 -0.04
CA GLY B 60 0.65 3.45 -1.31
C GLY B 60 1.39 4.77 -1.23
N GLU B 61 1.80 5.12 -0.02
CA GLU B 61 2.50 6.35 0.22
C GLU B 61 3.63 6.14 1.20
N LYS B 62 4.70 6.86 1.02
CA LYS B 62 5.79 6.75 1.96
C LYS B 62 5.22 6.74 3.37
N VAL B 63 6.08 6.43 4.32
CA VAL B 63 5.70 6.38 5.72
C VAL B 63 6.97 6.49 6.57
N TYR B 64 8.12 6.46 5.89
CA TYR B 64 9.42 6.50 6.54
C TYR B 64 10.50 6.37 5.47
N THR B 65 11.75 6.77 5.77
CA THR B 65 12.80 6.67 4.78
C THR B 65 14.19 6.57 5.42
N PHE B 66 14.89 5.49 5.10
CA PHE B 66 16.22 5.24 5.60
C PHE B 66 17.07 4.55 4.56
N ASN B 67 18.31 4.34 4.92
CA ASN B 67 19.26 3.69 4.05
C ASN B 67 19.85 2.47 4.76
N GLU B 68 20.87 1.89 4.14
CA GLU B 68 21.54 0.72 4.67
C GLU B 68 22.53 1.06 5.79
N LYS B 69 23.46 1.98 5.52
CA LYS B 69 24.45 2.37 6.52
C LYS B 69 23.82 3.11 7.69
N SER B 70 22.88 3.99 7.39
CA SER B 70 22.21 4.76 8.44
C SER B 70 21.82 3.86 9.60
N THR B 71 22.08 2.56 9.44
CA THR B 71 21.73 1.57 10.44
C THR B 71 20.35 1.87 11.01
N VAL B 72 19.34 1.57 10.22
CA VAL B 72 17.98 1.80 10.62
C VAL B 72 17.85 1.70 12.12
N GLY B 73 18.60 0.75 12.66
CA GLY B 73 18.56 0.48 14.08
C GLY B 73 18.29 1.76 14.85
N ASN B 74 19.14 2.75 14.64
CA ASN B 74 18.96 4.03 15.31
C ASN B 74 17.73 4.72 14.73
N ILE B 75 17.52 4.54 13.43
CA ILE B 75 16.38 5.14 12.78
C ILE B 75 15.10 4.49 13.22
N SER B 76 14.86 3.27 12.71
CA SER B 76 13.66 2.52 13.05
C SER B 76 13.20 2.90 14.45
N ASN B 77 14.16 3.23 15.30
CA ASN B 77 13.83 3.65 16.66
C ASN B 77 12.81 4.77 16.59
N ASP B 78 13.28 5.92 16.15
CA ASP B 78 12.40 7.08 16.01
C ASP B 78 11.14 6.66 15.28
N ILE B 79 11.32 6.15 14.07
CA ILE B 79 10.22 5.66 13.26
C ILE B 79 9.17 5.00 14.13
N ASN B 80 9.52 3.84 14.64
CA ASN B 80 8.64 3.08 15.49
C ASN B 80 7.89 4.00 16.47
N LYS B 81 8.31 5.26 16.56
CA LYS B 81 7.70 6.20 17.51
C LYS B 81 6.61 7.09 16.89
N LEU B 82 6.51 7.19 15.56
CA LEU B 82 5.45 8.04 15.00
C LEU B 82 4.14 7.28 14.93
N ASN B 83 4.14 6.14 15.60
CA ASN B 83 2.97 5.29 15.67
C ASN B 83 2.38 4.97 14.30
N ILE B 84 3.14 4.24 13.49
CA ILE B 84 2.70 3.84 12.16
C ILE B 84 1.28 3.29 12.19
N LYS B 85 0.93 2.64 11.11
CA LYS B 85 -0.38 2.01 10.98
C LYS B 85 -0.22 0.61 10.39
N GLY B 86 -1.31 -0.12 10.21
CA GLY B 86 -1.21 -1.46 9.67
C GLY B 86 -1.84 -1.54 8.29
N MET B 87 -2.93 -2.28 8.22
CA MET B 87 -3.66 -2.49 7.00
C MET B 87 -4.18 -1.22 6.35
N TYR B 88 -3.39 -0.64 5.46
CA TYR B 88 -3.85 0.53 4.73
C TYR B 88 -3.21 0.59 3.37
N ILE B 89 -4.02 0.37 2.36
CA ILE B 89 -3.54 0.39 1.00
C ILE B 89 -4.35 1.41 0.22
N GLU B 90 -3.83 1.98 -0.87
CA GLU B 90 -4.63 3.01 -1.57
C GLU B 90 -4.12 3.36 -2.95
N ILE B 91 -4.73 4.42 -3.47
CA ILE B 91 -4.45 4.96 -4.79
C ILE B 91 -3.97 6.41 -4.70
N LYS B 92 -3.13 6.82 -5.64
CA LYS B 92 -2.66 8.20 -5.68
C LYS B 92 -3.40 8.95 -6.77
N GLN B 93 -3.55 10.25 -6.56
CA GLN B 93 -4.25 11.09 -7.50
C GLN B 93 -3.34 12.07 -8.23
N ILE B 94 -3.57 12.21 -9.53
CA ILE B 94 -2.81 13.15 -10.36
C ILE B 94 -1.69 13.81 -9.58
N ASP A 1 -21.75 -14.22 -2.28
CA ASP A 1 -21.12 -12.92 -1.92
C ASP A 1 -19.61 -13.04 -2.05
N ASN A 2 -18.90 -12.04 -1.53
CA ASN A 2 -17.44 -12.04 -1.60
C ASN A 2 -16.84 -12.10 -0.20
N GLN A 3 -17.58 -12.70 0.73
CA GLN A 3 -17.11 -12.82 2.10
C GLN A 3 -15.67 -13.34 2.14
N LYS A 4 -15.27 -14.03 1.08
CA LYS A 4 -13.93 -14.57 0.98
C LYS A 4 -12.90 -13.46 0.86
N ALA A 5 -13.10 -12.58 -0.12
CA ALA A 5 -12.18 -11.48 -0.35
C ALA A 5 -12.27 -10.44 0.77
N LEU A 6 -13.31 -10.54 1.59
CA LEU A 6 -13.49 -9.60 2.69
C LEU A 6 -12.15 -9.23 3.31
N GLU A 7 -11.28 -10.23 3.45
CA GLU A 7 -9.96 -9.99 4.04
C GLU A 7 -8.96 -9.57 2.97
N GLU A 8 -9.02 -10.22 1.81
CA GLU A 8 -8.11 -9.91 0.72
C GLU A 8 -8.51 -8.60 0.07
N GLN A 9 -9.57 -8.01 0.59
CA GLN A 9 -10.05 -6.73 0.07
C GLN A 9 -9.87 -5.63 1.12
N MET A 10 -10.19 -4.40 0.75
CA MET A 10 -10.04 -3.28 1.67
C MET A 10 -11.18 -2.29 1.50
N ASN A 11 -11.96 -2.09 2.55
CA ASN A 11 -13.10 -1.16 2.53
C ASN A 11 -12.87 0.00 1.55
N SER A 12 -11.61 0.23 1.21
CA SER A 12 -11.27 1.29 0.29
C SER A 12 -11.93 1.08 -1.06
N ILE A 13 -12.16 -0.18 -1.44
CA ILE A 13 -12.79 -0.43 -2.71
C ILE A 13 -14.21 0.14 -2.74
N ASN A 14 -14.76 0.36 -1.55
CA ASN A 14 -16.11 0.88 -1.44
C ASN A 14 -16.15 2.36 -1.77
N SER A 15 -15.55 3.16 -0.90
CA SER A 15 -15.52 4.59 -1.11
C SER A 15 -14.85 4.92 -2.44
N VAL A 16 -13.78 4.19 -2.74
CA VAL A 16 -13.05 4.39 -3.98
C VAL A 16 -13.97 4.11 -5.15
N ASN A 17 -14.49 2.89 -5.18
CA ASN A 17 -15.39 2.47 -6.23
C ASN A 17 -16.26 3.63 -6.68
N ASP A 18 -16.77 4.38 -5.71
CA ASP A 18 -17.63 5.52 -6.01
C ASP A 18 -16.81 6.78 -6.21
N LYS A 19 -15.69 6.88 -5.50
CA LYS A 19 -14.83 8.04 -5.61
C LYS A 19 -14.38 8.26 -7.05
N LEU A 20 -13.59 7.33 -7.58
CA LEU A 20 -13.09 7.42 -8.92
C LEU A 20 -14.20 7.80 -9.90
N ASN A 21 -15.45 7.73 -9.44
CA ASN A 21 -16.59 8.07 -10.27
C ASN A 21 -17.06 9.50 -9.97
N LYS A 22 -17.97 9.61 -9.01
CA LYS A 22 -18.51 10.91 -8.59
C LYS A 22 -19.48 11.49 -9.62
N GLY A 23 -19.34 11.13 -10.89
CA GLY A 23 -20.26 11.65 -11.90
C GLY A 23 -19.65 11.74 -13.30
N LYS A 24 -19.13 10.63 -13.80
CA LYS A 24 -18.57 10.62 -15.14
C LYS A 24 -19.61 10.14 -16.13
N GLY A 25 -19.31 9.04 -16.81
CA GLY A 25 -20.25 8.48 -17.77
C GLY A 25 -21.06 7.37 -17.13
N LYS A 26 -21.81 6.64 -17.93
CA LYS A 26 -22.60 5.56 -17.39
C LYS A 26 -21.69 4.36 -17.22
N LEU A 27 -21.23 4.15 -15.99
CA LEU A 27 -20.30 3.09 -15.67
C LEU A 27 -20.80 2.30 -14.44
N SER A 28 -20.49 1.01 -14.41
CA SER A 28 -20.89 0.16 -13.29
C SER A 28 -19.75 -0.78 -12.91
N LEU A 29 -19.16 -0.56 -11.74
CA LEU A 29 -18.06 -1.37 -11.29
C LEU A 29 -18.53 -2.62 -10.57
N SER A 30 -17.60 -3.56 -10.45
CA SER A 30 -17.85 -4.80 -9.73
C SER A 30 -16.76 -4.94 -8.69
N MET A 31 -16.96 -5.77 -7.67
CA MET A 31 -15.94 -5.89 -6.64
C MET A 31 -15.33 -7.27 -6.55
N ASN A 32 -14.10 -7.32 -7.04
CA ASN A 32 -13.30 -8.52 -6.98
C ASN A 32 -12.01 -8.12 -6.27
N GLY A 33 -11.83 -8.59 -5.05
CA GLY A 33 -10.66 -8.22 -4.26
C GLY A 33 -9.43 -8.05 -5.14
N ASN A 34 -9.19 -9.04 -5.97
CA ASN A 34 -8.01 -9.01 -6.83
C ASN A 34 -8.28 -8.26 -8.13
N GLN A 35 -9.53 -7.90 -8.40
CA GLN A 35 -9.82 -7.21 -9.65
C GLN A 35 -11.03 -6.28 -9.59
N LEU A 36 -10.90 -5.15 -10.26
CA LEU A 36 -12.01 -4.24 -10.41
C LEU A 36 -12.58 -4.60 -11.77
N LYS A 37 -13.86 -4.44 -11.95
CA LYS A 37 -14.44 -4.80 -13.22
C LYS A 37 -15.69 -4.01 -13.43
N ALA A 38 -15.72 -3.35 -14.54
CA ALA A 38 -16.81 -2.49 -14.84
C ALA A 38 -17.09 -2.40 -16.33
N THR A 39 -18.16 -1.69 -16.65
CA THR A 39 -18.56 -1.46 -18.01
C THR A 39 -19.15 -0.07 -18.09
N SER A 40 -19.02 0.63 -19.21
CA SER A 40 -19.56 1.97 -19.24
C SER A 40 -19.90 2.49 -20.63
N SER A 41 -20.55 3.66 -20.64
CA SER A 41 -20.91 4.35 -21.87
C SER A 41 -20.21 5.69 -21.90
N ASN A 42 -19.94 6.21 -23.09
CA ASN A 42 -19.24 7.47 -23.22
C ASN A 42 -20.17 8.62 -23.57
N ALA A 43 -21.34 8.63 -22.93
CA ALA A 43 -22.32 9.66 -23.20
C ALA A 43 -22.13 10.90 -22.33
N GLY A 44 -22.14 10.68 -21.04
CA GLY A 44 -21.99 11.77 -20.08
C GLY A 44 -20.70 11.57 -19.32
N TYR A 45 -19.78 10.96 -20.01
CA TYR A 45 -18.48 10.65 -19.46
C TYR A 45 -17.77 11.88 -18.90
N GLY A 46 -17.07 11.67 -17.79
CA GLY A 46 -16.29 12.72 -17.14
C GLY A 46 -16.46 14.07 -17.83
N ILE A 47 -17.52 14.78 -17.45
CA ILE A 47 -17.80 16.08 -18.03
C ILE A 47 -17.23 17.20 -17.20
N SER A 48 -17.93 17.48 -16.10
CA SER A 48 -17.53 18.54 -15.19
C SER A 48 -16.08 18.34 -14.80
N TYR A 49 -15.70 17.08 -14.87
CA TYR A 49 -14.36 16.67 -14.51
C TYR A 49 -13.40 16.79 -15.68
N GLU A 50 -13.91 17.29 -16.78
CA GLU A 50 -13.11 17.47 -17.99
C GLU A 50 -11.96 16.49 -18.03
N ASP A 51 -10.75 16.98 -17.76
CA ASP A 51 -9.57 16.13 -17.76
C ASP A 51 -8.74 16.33 -16.50
N LYS A 52 -8.92 15.44 -15.53
CA LYS A 52 -8.18 15.51 -14.28
C LYS A 52 -7.19 14.36 -14.21
N ASN A 53 -6.28 14.41 -13.25
CA ASN A 53 -5.27 13.37 -13.13
C ASN A 53 -5.55 12.38 -12.00
N TRP A 54 -5.31 11.10 -12.29
CA TRP A 54 -5.49 10.04 -11.32
C TRP A 54 -4.26 9.14 -11.34
N GLY A 55 -3.87 8.66 -10.17
CA GLY A 55 -2.72 7.77 -10.06
C GLY A 55 -2.96 6.73 -8.99
N ILE A 56 -3.12 5.50 -9.44
CA ILE A 56 -3.36 4.39 -8.55
C ILE A 56 -2.07 3.65 -8.27
N PHE A 57 -1.72 3.50 -6.99
CA PHE A 57 -0.46 2.79 -6.61
C PHE A 57 -0.71 1.60 -5.74
N VAL A 58 0.07 0.56 -6.00
CA VAL A 58 -0.05 -0.67 -5.23
C VAL A 58 1.29 -1.11 -4.67
N ASN A 59 1.25 -1.98 -3.67
CA ASN A 59 2.48 -2.46 -3.08
C ASN A 59 3.44 -1.30 -2.77
N GLY A 60 2.98 -0.06 -2.92
CA GLY A 60 3.86 1.06 -2.66
C GLY A 60 4.34 1.67 -3.97
N GLU A 61 3.70 1.28 -5.06
CA GLU A 61 4.11 1.74 -6.37
C GLU A 61 2.95 1.93 -7.32
N LYS A 62 3.10 2.85 -8.25
CA LYS A 62 2.10 3.05 -9.26
C LYS A 62 1.59 1.68 -9.71
N VAL A 63 0.50 1.69 -10.45
CA VAL A 63 -0.08 0.47 -10.97
C VAL A 63 -1.01 0.78 -12.13
N TYR A 64 -1.30 2.06 -12.29
CA TYR A 64 -2.23 2.48 -13.34
C TYR A 64 -2.41 4.00 -13.29
N THR A 65 -2.96 4.59 -14.35
CA THR A 65 -3.17 6.03 -14.39
C THR A 65 -4.17 6.40 -15.49
N PHE A 66 -5.21 7.14 -15.13
CA PHE A 66 -6.22 7.57 -16.07
C PHE A 66 -6.63 9.00 -15.86
N ASN A 67 -7.18 9.51 -16.94
CA ASN A 67 -7.67 10.87 -17.02
C ASN A 67 -9.20 10.89 -16.97
N GLU A 68 -9.76 11.74 -16.13
CA GLU A 68 -11.21 11.83 -16.02
C GLU A 68 -11.85 11.87 -17.40
N LYS A 69 -11.21 12.58 -18.32
CA LYS A 69 -11.73 12.67 -19.69
C LYS A 69 -11.64 11.31 -20.36
N SER A 70 -10.55 10.61 -20.07
CA SER A 70 -10.34 9.27 -20.64
C SER A 70 -11.44 8.34 -20.14
N THR A 71 -12.32 8.89 -19.31
CA THR A 71 -13.40 8.12 -18.71
C THR A 71 -12.92 6.70 -18.45
N VAL A 72 -12.48 6.48 -17.23
CA VAL A 72 -11.97 5.18 -16.82
C VAL A 72 -12.79 4.03 -17.40
N GLY A 73 -14.09 4.23 -17.43
CA GLY A 73 -14.98 3.18 -17.87
C GLY A 73 -14.30 2.30 -18.91
N ASN A 74 -13.90 2.92 -20.02
CA ASN A 74 -13.21 2.20 -21.07
C ASN A 74 -11.83 1.78 -20.60
N ILE A 75 -11.24 2.60 -19.73
CA ILE A 75 -9.91 2.28 -19.24
C ILE A 75 -9.94 1.14 -18.23
N SER A 76 -10.43 1.45 -17.03
CA SER A 76 -10.49 0.45 -15.96
C SER A 76 -10.71 -0.92 -16.58
N ASN A 77 -11.40 -0.89 -17.70
CA ASN A 77 -11.68 -2.08 -18.45
C ASN A 77 -10.39 -2.85 -18.72
N ASP A 78 -9.51 -2.23 -19.50
CA ASP A 78 -8.22 -2.86 -19.79
C ASP A 78 -7.52 -3.19 -18.48
N ILE A 79 -7.29 -2.15 -17.70
CA ILE A 79 -6.65 -2.26 -16.39
C ILE A 79 -6.97 -3.56 -15.70
N ASN A 80 -8.21 -3.70 -15.27
CA ASN A 80 -8.65 -4.90 -14.56
C ASN A 80 -7.97 -6.17 -15.12
N LYS A 81 -7.38 -6.04 -16.29
CA LYS A 81 -6.72 -7.16 -16.94
C LYS A 81 -5.32 -7.46 -16.39
N LEU A 82 -4.71 -6.56 -15.62
CA LEU A 82 -3.38 -6.85 -15.10
C LEU A 82 -3.47 -7.59 -13.77
N ASN A 83 -4.68 -7.97 -13.43
CA ASN A 83 -4.94 -8.74 -12.22
C ASN A 83 -4.61 -7.97 -10.93
N ILE A 84 -5.11 -6.74 -10.81
CA ILE A 84 -4.90 -5.93 -9.62
C ILE A 84 -4.94 -6.78 -8.34
N LYS A 85 -4.65 -6.12 -7.22
CA LYS A 85 -4.70 -6.77 -5.91
C LYS A 85 -5.43 -5.83 -4.94
N GLY A 86 -5.61 -6.23 -3.68
CA GLY A 86 -6.32 -5.38 -2.75
C GLY A 86 -5.43 -4.97 -1.58
N MET A 87 -5.38 -5.82 -0.57
CA MET A 87 -4.62 -5.58 0.61
C MET A 87 -3.12 -5.75 0.41
N TYR A 88 -2.50 -4.87 -0.37
CA TYR A 88 -1.06 -5.01 -0.54
C TYR A 88 -0.34 -3.71 -0.51
N ILE A 89 0.51 -3.64 0.48
CA ILE A 89 1.38 -2.52 0.68
C ILE A 89 2.75 -3.10 0.85
N GLU A 90 3.81 -2.32 0.98
CA GLU A 90 5.08 -3.02 1.14
C GLU A 90 6.29 -2.15 1.34
N ILE A 91 7.37 -2.88 1.27
CA ILE A 91 8.71 -2.39 1.44
C ILE A 91 9.57 -2.95 0.31
N LYS A 92 10.65 -2.26 -0.05
CA LYS A 92 11.51 -2.78 -1.11
C LYS A 92 12.71 -3.48 -0.49
N GLN A 93 12.94 -4.70 -0.94
CA GLN A 93 14.02 -5.51 -0.43
C GLN A 93 15.29 -5.37 -1.26
N ILE A 94 16.23 -4.60 -0.74
CA ILE A 94 17.52 -4.40 -1.38
C ILE A 94 17.53 -4.95 -2.81
N ASP B 1 -2.64 -8.38 24.56
CA ASP B 1 -2.14 -8.64 23.18
C ASP B 1 -2.53 -7.48 22.27
N ASN B 2 -2.37 -7.68 20.97
CA ASN B 2 -2.70 -6.63 20.00
C ASN B 2 -3.85 -7.07 19.11
N GLN B 3 -4.70 -7.96 19.63
CA GLN B 3 -5.83 -8.45 18.85
C GLN B 3 -6.58 -7.30 18.20
N LYS B 4 -6.44 -6.11 18.77
CA LYS B 4 -7.10 -4.94 18.24
C LYS B 4 -6.51 -4.54 16.88
N ALA B 5 -5.20 -4.38 16.84
CA ALA B 5 -4.52 -4.01 15.61
C ALA B 5 -4.54 -5.15 14.60
N LEU B 6 -4.90 -6.34 15.05
CA LEU B 6 -4.95 -7.49 14.16
C LEU B 6 -5.46 -7.09 12.78
N GLU B 7 -6.47 -6.22 12.75
CA GLU B 7 -7.04 -5.77 11.50
C GLU B 7 -6.29 -4.57 10.95
N GLU B 8 -5.93 -3.64 11.84
CA GLU B 8 -5.22 -2.45 11.45
C GLU B 8 -3.77 -2.79 11.14
N GLN B 9 -3.43 -4.06 11.29
CA GLN B 9 -2.08 -4.53 11.01
C GLN B 9 -2.09 -5.45 9.80
N MET B 10 -0.91 -5.90 9.39
CA MET B 10 -0.81 -6.78 8.24
C MET B 10 0.30 -7.81 8.44
N ASN B 11 -0.07 -9.09 8.45
CA ASN B 11 0.87 -10.18 8.63
C ASN B 11 2.27 -9.83 8.14
N SER B 12 2.34 -8.84 7.27
CA SER B 12 3.61 -8.40 6.72
C SER B 12 4.55 -7.94 7.81
N ILE B 13 3.99 -7.40 8.91
CA ILE B 13 4.84 -6.94 9.98
C ILE B 13 5.62 -8.09 10.59
N ASN B 14 5.11 -9.30 10.38
CA ASN B 14 5.75 -10.49 10.92
C ASN B 14 7.00 -10.84 10.14
N SER B 15 6.80 -11.27 8.90
CA SER B 15 7.93 -11.65 8.06
C SER B 15 8.88 -10.47 7.91
N VAL B 16 8.30 -9.28 7.75
CA VAL B 16 9.09 -8.07 7.60
C VAL B 16 9.93 -7.86 8.85
N ASN B 17 9.24 -7.76 9.97
CA ASN B 17 9.90 -7.56 11.26
C ASN B 17 11.22 -8.30 11.29
N ASP B 18 11.22 -9.53 10.80
CA ASP B 18 12.43 -10.34 10.78
C ASP B 18 13.22 -10.10 9.50
N LYS B 19 12.51 -9.82 8.41
CA LYS B 19 13.17 -9.59 7.13
C LYS B 19 14.18 -8.44 7.23
N LEU B 20 13.68 -7.24 7.50
CA LEU B 20 14.54 -6.07 7.61
C LEU B 20 15.75 -6.36 8.48
N ASN B 21 15.71 -7.48 9.20
CA ASN B 21 16.81 -7.87 10.08
C ASN B 21 17.70 -8.90 9.39
N LYS B 22 17.36 -10.17 9.56
CA LYS B 22 18.11 -11.28 8.97
C LYS B 22 19.47 -11.51 9.64
N GLY B 23 20.04 -10.48 10.26
CA GLY B 23 21.32 -10.67 10.94
C GLY B 23 22.17 -9.40 11.01
N LYS B 24 21.62 -8.33 11.54
CA LYS B 24 22.37 -7.08 11.67
C LYS B 24 22.98 -7.01 13.06
N GLY B 25 22.61 -5.98 13.81
CA GLY B 25 23.11 -5.82 15.16
C GLY B 25 22.12 -6.38 16.16
N LYS B 26 22.36 -6.13 17.43
CA LYS B 26 21.46 -6.61 18.45
C LYS B 26 20.27 -5.67 18.52
N LEU B 27 19.17 -6.05 17.86
CA LEU B 27 18.00 -5.23 17.79
C LEU B 27 16.75 -6.05 18.15
N SER B 28 15.76 -5.39 18.74
CA SER B 28 14.51 -6.06 19.12
C SER B 28 13.32 -5.18 18.79
N LEU B 29 12.51 -5.60 17.81
CA LEU B 29 11.37 -4.82 17.39
C LEU B 29 10.14 -5.14 18.23
N SER B 30 9.17 -4.25 18.16
CA SER B 30 7.90 -4.42 18.82
C SER B 30 6.82 -4.27 17.77
N MET B 31 5.61 -4.75 18.05
CA MET B 31 4.57 -4.66 17.03
C MET B 31 3.40 -3.80 17.45
N ASN B 32 3.38 -2.63 16.84
CA ASN B 32 2.31 -1.67 17.02
C ASN B 32 1.77 -1.39 15.63
N GLY B 33 0.57 -1.86 15.34
CA GLY B 33 -0.01 -1.68 14.01
C GLY B 33 0.38 -0.34 13.41
N ASN B 34 0.20 0.71 14.18
CA ASN B 34 0.51 2.04 13.69
C ASN B 34 1.97 2.41 13.88
N GLN B 35 2.72 1.58 14.62
CA GLN B 35 4.12 1.93 14.84
C GLN B 35 5.03 0.72 15.07
N LEU B 36 6.23 0.83 14.52
CA LEU B 36 7.24 -0.17 14.75
C LEU B 36 8.06 0.40 15.89
N LYS B 37 8.64 -0.41 16.73
CA LYS B 37 9.39 0.13 17.83
C LYS B 37 10.40 -0.89 18.27
N ALA B 38 11.61 -0.45 18.30
CA ALA B 38 12.69 -1.33 18.61
C ALA B 38 13.84 -0.62 19.31
N THR B 39 14.81 -1.41 19.70
CA THR B 39 16.00 -0.90 20.35
C THR B 39 17.16 -1.77 19.91
N SER B 40 18.36 -1.22 19.81
CA SER B 40 19.46 -2.07 19.35
C SER B 40 20.84 -1.61 19.77
N SER B 41 21.82 -2.48 19.48
CA SER B 41 23.22 -2.20 19.77
C SER B 41 23.98 -2.19 18.45
N ASN B 42 25.07 -1.44 18.40
CA ASN B 42 25.86 -1.33 17.17
C ASN B 42 27.12 -2.17 17.23
N ALA B 43 27.00 -3.37 17.76
CA ALA B 43 28.14 -4.26 17.88
C ALA B 43 28.36 -5.12 16.64
N GLY B 44 27.33 -5.86 16.30
CA GLY B 44 27.38 -6.75 15.15
C GLY B 44 26.40 -6.27 14.12
N TYR B 45 26.22 -4.98 14.13
CA TYR B 45 25.29 -4.32 13.23
C TYR B 45 25.58 -4.63 11.77
N GLY B 46 24.49 -4.77 11.00
CA GLY B 46 24.58 -5.03 9.57
C GLY B 46 26.02 -5.20 9.10
N ILE B 47 26.53 -6.42 9.22
CA ILE B 47 27.88 -6.72 8.83
C ILE B 47 27.96 -7.26 7.41
N SER B 48 27.59 -8.52 7.29
CA SER B 48 27.58 -9.21 6.01
C SER B 48 26.81 -8.39 5.00
N TYR B 49 25.90 -7.63 5.57
CA TYR B 49 25.02 -6.78 4.78
C TYR B 49 25.66 -5.42 4.49
N GLU B 50 26.88 -5.27 4.95
CA GLU B 50 27.61 -4.03 4.74
C GLU B 50 26.65 -2.86 4.60
N ASP B 51 26.51 -2.37 3.36
CA ASP B 51 25.62 -1.25 3.09
C ASP B 51 24.69 -1.55 1.92
N LYS B 52 23.47 -1.96 2.24
CA LYS B 52 22.48 -2.26 1.22
C LYS B 52 21.37 -1.21 1.25
N ASN B 53 20.52 -1.20 0.23
CA ASN B 53 19.47 -0.20 0.16
C ASN B 53 18.09 -0.75 0.55
N TRP B 54 17.35 0.06 1.29
CA TRP B 54 16.01 -0.29 1.71
C TRP B 54 15.08 0.89 1.45
N GLY B 55 13.87 0.59 1.04
CA GLY B 55 12.88 1.64 0.77
C GLY B 55 11.49 1.19 1.19
N ILE B 56 11.00 1.80 2.24
CA ILE B 56 9.70 1.47 2.76
C ILE B 56 8.66 2.45 2.25
N PHE B 57 7.59 1.94 1.62
CA PHE B 57 6.53 2.83 1.06
C PHE B 57 5.18 2.54 1.65
N VAL B 58 4.43 3.63 1.88
CA VAL B 58 3.10 3.49 2.44
C VAL B 58 2.08 4.22 1.59
N ASN B 59 0.81 3.88 1.78
CA ASN B 59 -0.24 4.53 1.02
C ASN B 59 0.10 4.59 -0.47
N GLY B 60 1.18 3.91 -0.88
CA GLY B 60 1.55 3.94 -2.28
C GLY B 60 2.73 4.87 -2.49
N GLU B 61 3.36 5.26 -1.39
CA GLU B 61 4.46 6.20 -1.46
C GLU B 61 5.54 5.93 -0.43
N LYS B 62 6.77 6.29 -0.77
CA LYS B 62 7.85 6.16 0.17
C LYS B 62 7.34 6.60 1.55
N VAL B 63 8.13 6.30 2.56
CA VAL B 63 7.78 6.68 3.92
C VAL B 63 9.02 6.65 4.80
N TYR B 64 10.10 6.10 4.25
CA TYR B 64 11.33 5.96 5.01
C TYR B 64 12.39 5.25 4.16
N THR B 65 13.66 5.33 4.57
CA THR B 65 14.73 4.69 3.82
C THR B 65 15.99 4.56 4.69
N PHE B 66 16.52 3.34 4.79
CA PHE B 66 17.71 3.10 5.56
C PHE B 66 18.66 2.16 4.86
N ASN B 67 19.89 2.27 5.33
CA ASN B 67 21.00 1.50 4.83
C ASN B 67 21.37 0.42 5.84
N GLU B 68 21.55 -0.82 5.37
CA GLU B 68 21.90 -1.91 6.25
C GLU B 68 23.03 -1.51 7.19
N LYS B 69 23.98 -0.74 6.67
CA LYS B 69 25.09 -0.27 7.47
C LYS B 69 24.60 0.71 8.52
N SER B 70 23.63 1.53 8.13
CA SER B 70 23.06 2.52 9.03
C SER B 70 22.36 1.79 10.17
N THR B 71 22.39 0.46 10.10
CA THR B 71 21.74 -0.38 11.10
C THR B 71 20.46 0.29 11.57
N VAL B 72 19.36 -0.10 10.94
CA VAL B 72 18.07 0.47 11.26
C VAL B 72 17.87 0.69 12.74
N GLY B 73 18.36 -0.26 13.52
CA GLY B 73 18.17 -0.21 14.95
C GLY B 73 18.10 1.23 15.44
N ASN B 74 19.17 1.97 15.20
CA ASN B 74 19.21 3.37 15.59
C ASN B 74 18.25 4.18 14.73
N ILE B 75 18.07 3.74 13.49
CA ILE B 75 17.18 4.46 12.60
C ILE B 75 15.72 4.21 12.95
N SER B 76 15.23 3.02 12.64
CA SER B 76 13.84 2.65 12.90
C SER B 76 13.38 3.39 14.13
N ASN B 77 14.33 3.62 15.02
CA ASN B 77 14.09 4.34 16.24
C ASN B 77 13.41 5.66 15.94
N ASP B 78 14.14 6.54 15.26
CA ASP B 78 13.56 7.83 14.90
C ASP B 78 12.27 7.60 14.13
N ILE B 79 12.40 6.89 13.02
CA ILE B 79 11.28 6.54 12.16
C ILE B 79 9.99 6.38 12.93
N ASN B 80 9.93 5.30 13.68
CA ASN B 80 8.73 4.99 14.48
C ASN B 80 8.07 6.25 15.02
N LYS B 81 8.80 7.35 14.98
CA LYS B 81 8.29 8.63 15.50
C LYS B 81 7.35 9.35 14.52
N LEU B 82 7.29 8.95 13.25
CA LEU B 82 6.40 9.65 12.33
C LEU B 82 5.02 9.03 12.34
N ASN B 83 4.83 8.11 13.29
CA ASN B 83 3.55 7.44 13.49
C ASN B 83 3.12 6.59 12.28
N ILE B 84 4.02 5.72 11.81
CA ILE B 84 3.71 4.83 10.70
C ILE B 84 2.27 4.29 10.77
N LYS B 85 1.88 3.55 9.75
CA LYS B 85 0.56 2.93 9.68
C LYS B 85 0.74 1.48 9.22
N GLY B 86 -0.34 0.71 9.13
CA GLY B 86 -0.20 -0.68 8.70
C GLY B 86 -0.94 -0.95 7.41
N MET B 87 -2.22 -1.23 7.52
CA MET B 87 -3.06 -1.55 6.41
C MET B 87 -3.42 -0.33 5.58
N TYR B 88 -2.45 0.28 4.90
CA TYR B 88 -2.80 1.42 4.07
C TYR B 88 -2.12 1.42 2.74
N ILE B 89 -2.95 1.36 1.75
CA ILE B 89 -2.54 1.42 0.39
C ILE B 89 -3.42 2.47 -0.25
N GLU B 90 -3.24 2.84 -1.51
CA GLU B 90 -4.15 3.87 -1.99
C GLU B 90 -4.02 4.26 -3.43
N ILE B 91 -4.74 5.31 -3.67
CA ILE B 91 -4.86 5.95 -4.96
C ILE B 91 -4.69 7.46 -4.76
N LYS B 92 -4.25 8.18 -5.80
CA LYS B 92 -4.13 9.62 -5.65
C LYS B 92 -5.33 10.31 -6.25
N GLN B 93 -5.92 11.18 -5.48
CA GLN B 93 -7.11 11.91 -5.89
C GLN B 93 -6.78 13.25 -6.52
N ILE B 94 -6.84 13.29 -7.85
CA ILE B 94 -6.60 14.51 -8.60
C ILE B 94 -6.03 15.61 -7.72
N ASP A 1 -27.68 -2.24 7.19
CA ASP A 1 -26.41 -2.80 7.72
C ASP A 1 -25.42 -3.01 6.57
N ASN A 2 -25.49 -4.19 5.95
CA ASN A 2 -24.60 -4.50 4.85
C ASN A 2 -23.15 -4.18 5.20
N GLN A 3 -22.93 -3.82 6.46
CA GLN A 3 -21.59 -3.49 6.92
C GLN A 3 -20.77 -4.75 7.15
N LYS A 4 -21.43 -5.91 7.11
CA LYS A 4 -20.77 -7.17 7.32
C LYS A 4 -19.91 -7.53 6.10
N ALA A 5 -20.40 -7.18 4.92
CA ALA A 5 -19.69 -7.47 3.69
C ALA A 5 -18.30 -6.85 3.70
N LEU A 6 -18.02 -6.04 4.72
CA LEU A 6 -16.73 -5.38 4.82
C LEU A 6 -15.59 -6.36 4.51
N GLU A 7 -15.81 -7.63 4.82
CA GLU A 7 -14.79 -8.66 4.58
C GLU A 7 -14.51 -8.83 3.09
N GLU A 8 -15.56 -9.06 2.31
CA GLU A 8 -15.41 -9.27 0.88
C GLU A 8 -15.16 -7.95 0.15
N GLN A 9 -15.15 -6.87 0.91
CA GLN A 9 -14.92 -5.55 0.33
C GLN A 9 -14.67 -4.51 1.41
N MET A 10 -13.76 -3.59 1.13
CA MET A 10 -13.42 -2.54 2.09
C MET A 10 -13.98 -1.18 1.66
N ASN A 11 -13.95 -0.22 2.60
CA ASN A 11 -14.45 1.14 2.39
C ASN A 11 -14.35 1.61 0.93
N SER A 12 -13.53 0.93 0.17
CA SER A 12 -13.31 1.29 -1.23
C SER A 12 -14.62 1.30 -2.00
N ILE A 13 -15.62 0.59 -1.51
CA ILE A 13 -16.88 0.55 -2.21
C ILE A 13 -17.62 1.88 -2.12
N ASN A 14 -17.24 2.69 -1.14
CA ASN A 14 -17.91 3.96 -0.93
C ASN A 14 -17.27 5.13 -1.66
N SER A 15 -16.11 5.55 -1.19
CA SER A 15 -15.43 6.69 -1.78
C SER A 15 -14.68 6.31 -3.05
N VAL A 16 -13.65 5.51 -2.88
CA VAL A 16 -12.85 5.07 -4.00
C VAL A 16 -13.71 4.87 -5.23
N ASN A 17 -14.66 3.96 -5.10
CA ASN A 17 -15.57 3.64 -6.20
C ASN A 17 -16.04 4.90 -6.92
N ASP A 18 -16.67 5.81 -6.19
CA ASP A 18 -17.18 7.03 -6.79
C ASP A 18 -16.06 8.04 -7.02
N LYS A 19 -14.93 7.81 -6.39
CA LYS A 19 -13.79 8.69 -6.51
C LYS A 19 -13.25 8.67 -7.94
N LEU A 20 -12.73 7.53 -8.37
CA LEU A 20 -12.22 7.37 -9.72
C LEU A 20 -13.35 7.64 -10.72
N ASN A 21 -14.50 8.05 -10.20
CA ASN A 21 -15.67 8.33 -11.03
C ASN A 21 -15.95 9.82 -11.14
N LYS A 22 -15.00 10.54 -11.69
CA LYS A 22 -15.16 11.99 -11.86
C LYS A 22 -14.65 12.43 -13.23
N GLY A 23 -14.74 11.53 -14.20
CA GLY A 23 -14.28 11.85 -15.56
C GLY A 23 -15.44 12.24 -16.47
N LYS A 24 -16.38 13.02 -15.95
CA LYS A 24 -17.51 13.44 -16.76
C LYS A 24 -18.29 12.22 -17.26
N GLY A 25 -17.83 11.62 -18.34
CA GLY A 25 -18.49 10.44 -18.88
C GLY A 25 -19.08 9.61 -17.74
N LYS A 26 -20.09 8.79 -18.01
CA LYS A 26 -20.72 8.01 -16.96
C LYS A 26 -20.18 6.58 -16.92
N LEU A 27 -19.50 6.28 -15.82
CA LEU A 27 -18.91 4.99 -15.58
C LEU A 27 -18.91 4.69 -14.09
N SER A 28 -19.68 3.66 -13.69
CA SER A 28 -19.79 3.31 -12.28
C SER A 28 -18.94 2.09 -11.96
N LEU A 29 -17.98 2.26 -11.05
CA LEU A 29 -17.10 1.19 -10.66
C LEU A 29 -17.63 0.44 -9.44
N SER A 30 -17.12 -0.76 -9.25
CA SER A 30 -17.46 -1.60 -8.13
C SER A 30 -16.26 -2.47 -7.81
N MET A 31 -16.16 -2.92 -6.57
CA MET A 31 -15.01 -3.74 -6.22
C MET A 31 -15.41 -5.02 -5.49
N ASN A 32 -14.68 -6.09 -5.79
CA ASN A 32 -14.90 -7.37 -5.16
C ASN A 32 -13.60 -7.78 -4.50
N GLY A 33 -13.51 -7.54 -3.19
CA GLY A 33 -12.30 -7.87 -2.46
C GLY A 33 -11.10 -7.18 -3.09
N ASN A 34 -10.73 -7.66 -4.27
CA ASN A 34 -9.59 -7.10 -4.97
C ASN A 34 -9.91 -6.76 -6.42
N GLN A 35 -10.99 -7.30 -6.95
CA GLN A 35 -11.31 -7.05 -8.36
C GLN A 35 -12.19 -5.83 -8.55
N LEU A 36 -11.86 -5.07 -9.59
CA LEU A 36 -12.65 -3.90 -9.95
C LEU A 36 -13.67 -4.33 -10.99
N LYS A 37 -14.79 -3.65 -11.05
CA LYS A 37 -15.83 -3.98 -12.01
C LYS A 37 -16.68 -2.76 -12.18
N ALA A 38 -16.92 -2.41 -13.42
CA ALA A 38 -17.68 -1.22 -13.68
C ALA A 38 -18.51 -1.34 -14.94
N THR A 39 -19.32 -0.31 -15.13
CA THR A 39 -20.18 -0.21 -16.29
C THR A 39 -20.20 1.25 -16.72
N SER A 40 -20.34 1.50 -18.02
CA SER A 40 -20.33 2.88 -18.47
C SER A 40 -21.18 3.11 -19.69
N SER A 41 -21.67 4.34 -19.80
CA SER A 41 -22.48 4.76 -20.92
C SER A 41 -21.94 6.11 -21.40
N ASN A 42 -22.10 6.42 -22.67
CA ASN A 42 -21.54 7.68 -23.16
C ASN A 42 -20.09 7.70 -22.71
N ALA A 43 -19.65 6.55 -22.22
CA ALA A 43 -18.29 6.35 -21.72
C ALA A 43 -17.24 6.91 -22.67
N GLY A 44 -17.70 7.56 -23.72
CA GLY A 44 -16.77 8.13 -24.70
C GLY A 44 -15.87 9.15 -24.05
N TYR A 45 -15.61 8.98 -22.75
CA TYR A 45 -14.76 9.89 -22.02
C TYR A 45 -14.65 9.52 -20.55
N GLY A 46 -13.63 10.07 -19.93
CA GLY A 46 -13.37 9.85 -18.51
C GLY A 46 -12.21 10.71 -18.08
N ILE A 47 -12.39 12.01 -18.28
CA ILE A 47 -11.38 12.98 -17.97
C ILE A 47 -11.55 13.55 -16.57
N SER A 48 -12.54 14.42 -16.49
CA SER A 48 -12.86 15.15 -15.27
C SER A 48 -12.58 16.62 -15.53
N TYR A 49 -11.30 16.96 -15.47
CA TYR A 49 -10.87 18.31 -15.75
C TYR A 49 -9.39 18.33 -16.14
N GLU A 50 -9.05 19.13 -17.14
CA GLU A 50 -7.67 19.18 -17.61
C GLU A 50 -7.08 17.77 -17.61
N ASP A 51 -5.76 17.67 -17.69
CA ASP A 51 -5.10 16.38 -17.69
C ASP A 51 -4.63 16.03 -16.29
N LYS A 52 -5.37 15.17 -15.62
CA LYS A 52 -5.01 14.75 -14.28
C LYS A 52 -4.39 13.36 -14.31
N ASN A 53 -3.72 12.99 -13.22
CA ASN A 53 -3.08 11.69 -13.15
C ASN A 53 -3.56 10.90 -11.95
N TRP A 54 -3.46 9.58 -12.04
CA TRP A 54 -3.88 8.70 -10.97
C TRP A 54 -2.79 7.67 -10.72
N GLY A 55 -2.62 7.31 -9.46
CA GLY A 55 -1.63 6.30 -9.10
C GLY A 55 -2.28 5.27 -8.20
N ILE A 56 -2.23 4.03 -8.63
CA ILE A 56 -2.83 2.98 -7.87
C ILE A 56 -1.76 2.13 -7.20
N PHE A 57 -1.93 1.85 -5.90
CA PHE A 57 -0.98 1.01 -5.16
C PHE A 57 -1.67 0.00 -4.28
N VAL A 58 -1.23 -1.24 -4.42
CA VAL A 58 -1.79 -2.31 -3.64
C VAL A 58 -0.67 -3.08 -3.01
N ASN A 59 -0.95 -3.88 -2.01
CA ASN A 59 0.13 -4.60 -1.41
C ASN A 59 1.20 -3.58 -0.99
N GLY A 60 0.83 -2.28 -1.06
CA GLY A 60 1.75 -1.22 -0.67
C GLY A 60 2.64 -0.88 -1.84
N GLU A 61 2.19 -1.23 -3.02
CA GLU A 61 2.95 -1.00 -4.22
C GLU A 61 2.05 -0.66 -5.38
N LYS A 62 2.57 0.10 -6.32
CA LYS A 62 1.79 0.41 -7.50
C LYS A 62 1.09 -0.87 -7.94
N VAL A 63 0.21 -0.74 -8.89
CA VAL A 63 -0.53 -1.86 -9.43
C VAL A 63 -1.13 -1.45 -10.75
N TYR A 64 -1.27 -0.15 -10.92
CA TYR A 64 -1.90 0.38 -12.11
C TYR A 64 -1.70 1.89 -12.19
N THR A 65 -1.91 2.47 -13.38
CA THR A 65 -1.72 3.90 -13.55
C THR A 65 -2.45 4.39 -14.80
N PHE A 66 -3.30 5.40 -14.63
CA PHE A 66 -4.02 5.97 -15.74
C PHE A 66 -4.28 7.44 -15.57
N ASN A 67 -4.06 8.15 -16.66
CA ASN A 67 -4.30 9.56 -16.70
C ASN A 67 -5.77 9.79 -17.05
N GLU A 68 -6.35 10.84 -16.51
CA GLU A 68 -7.74 11.14 -16.72
C GLU A 68 -8.12 11.16 -18.20
N LYS A 69 -7.23 11.65 -19.04
CA LYS A 69 -7.51 11.71 -20.48
C LYS A 69 -7.58 10.32 -21.09
N SER A 70 -6.66 9.44 -20.68
CA SER A 70 -6.64 8.09 -21.22
C SER A 70 -8.00 7.41 -21.08
N THR A 71 -8.93 8.09 -20.42
CA THR A 71 -10.25 7.53 -20.19
C THR A 71 -10.12 6.11 -19.65
N VAL A 72 -9.95 6.01 -18.34
CA VAL A 72 -9.79 4.72 -17.71
C VAL A 72 -10.70 3.69 -18.32
N GLY A 73 -11.91 4.12 -18.62
CA GLY A 73 -12.93 3.24 -19.15
C GLY A 73 -12.28 2.13 -19.98
N ASN A 74 -11.53 2.51 -20.99
CA ASN A 74 -10.85 1.53 -21.82
C ASN A 74 -9.74 0.88 -21.02
N ILE A 75 -9.11 1.66 -20.15
CA ILE A 75 -8.04 1.15 -19.34
C ILE A 75 -8.57 0.18 -18.29
N SER A 76 -9.21 0.73 -17.25
CA SER A 76 -9.76 -0.09 -16.18
C SER A 76 -10.17 -1.46 -16.73
N ASN A 77 -10.56 -1.48 -17.99
CA ASN A 77 -10.96 -2.73 -18.62
C ASN A 77 -9.85 -3.76 -18.46
N ASP A 78 -8.76 -3.52 -19.16
CA ASP A 78 -7.61 -4.42 -19.10
C ASP A 78 -7.30 -4.73 -17.65
N ILE A 79 -7.02 -3.68 -16.91
CA ILE A 79 -6.73 -3.78 -15.49
C ILE A 79 -7.51 -4.92 -14.84
N ASN A 80 -8.79 -4.68 -14.69
CA ASN A 80 -9.69 -5.65 -14.05
C ASN A 80 -9.36 -7.10 -14.42
N LYS A 81 -8.63 -7.31 -15.51
CA LYS A 81 -8.33 -8.68 -15.94
C LYS A 81 -7.14 -9.30 -15.21
N LEU A 82 -6.32 -8.48 -14.53
CA LEU A 82 -5.18 -9.03 -13.79
C LEU A 82 -5.60 -9.50 -12.40
N ASN A 83 -6.89 -9.48 -12.16
CA ASN A 83 -7.40 -9.89 -10.86
C ASN A 83 -6.39 -9.54 -9.77
N ILE A 84 -6.34 -8.25 -9.41
CA ILE A 84 -5.43 -7.77 -8.41
C ILE A 84 -5.80 -8.30 -7.03
N LYS A 85 -5.16 -7.73 -6.01
CA LYS A 85 -5.45 -8.10 -4.61
C LYS A 85 -6.14 -6.91 -3.93
N GLY A 86 -6.53 -7.07 -2.66
CA GLY A 86 -7.22 -5.99 -1.97
C GLY A 86 -6.62 -5.69 -0.60
N MET A 87 -6.78 -6.63 0.31
CA MET A 87 -6.30 -6.49 1.65
C MET A 87 -4.83 -6.83 1.81
N TYR A 88 -3.96 -6.09 1.15
CA TYR A 88 -2.56 -6.34 1.33
C TYR A 88 -1.76 -5.08 1.22
N ILE A 89 -0.82 -4.96 2.14
CA ILE A 89 0.06 -3.81 2.18
C ILE A 89 1.47 -4.29 2.43
N GLU A 90 2.49 -3.46 2.17
CA GLU A 90 3.88 -3.91 2.38
C GLU A 90 4.85 -2.76 2.29
N ILE A 91 6.12 -3.15 2.25
CA ILE A 91 7.23 -2.22 2.12
C ILE A 91 8.28 -2.85 1.20
N LYS A 92 9.13 -2.03 0.58
CA LYS A 92 10.11 -2.59 -0.34
C LYS A 92 11.46 -2.75 0.32
N GLN A 93 12.13 -3.84 -0.03
CA GLN A 93 13.43 -4.16 0.51
C GLN A 93 14.52 -4.05 -0.56
N ILE A 94 15.38 -3.06 -0.41
CA ILE A 94 16.48 -2.87 -1.34
C ILE A 94 16.18 -3.50 -2.70
N ASP B 1 0.72 -22.76 17.44
CA ASP B 1 -0.35 -22.01 16.73
C ASP B 1 0.03 -20.54 16.64
N ASN B 2 -0.34 -19.76 17.65
CA ASN B 2 -0.03 -18.34 17.68
C ASN B 2 -0.43 -17.69 16.36
N GLN B 3 -1.10 -18.46 15.50
CA GLN B 3 -1.52 -17.95 14.21
C GLN B 3 -2.77 -17.07 14.35
N LYS B 4 -3.36 -17.09 15.54
CA LYS B 4 -4.54 -16.30 15.80
C LYS B 4 -4.18 -14.81 15.92
N ALA B 5 -3.02 -14.53 16.48
CA ALA B 5 -2.56 -13.16 16.65
C ALA B 5 -2.50 -12.43 15.31
N LEU B 6 -2.71 -13.17 14.22
CA LEU B 6 -2.67 -12.59 12.89
C LEU B 6 -3.41 -11.26 12.86
N GLU B 7 -4.44 -11.14 13.69
CA GLU B 7 -5.24 -9.93 13.74
C GLU B 7 -4.43 -8.73 14.21
N GLU B 8 -3.78 -8.88 15.37
CA GLU B 8 -2.99 -7.81 15.95
C GLU B 8 -1.66 -7.64 15.22
N GLN B 9 -1.43 -8.51 14.25
CA GLN B 9 -0.19 -8.46 13.49
C GLN B 9 -0.28 -9.34 12.25
N MET B 10 0.32 -8.87 11.15
CA MET B 10 0.29 -9.62 9.90
C MET B 10 1.67 -10.24 9.60
N ASN B 11 1.68 -11.15 8.61
CA ASN B 11 2.89 -11.85 8.17
C ASN B 11 4.17 -11.04 8.36
N SER B 12 4.02 -9.75 8.52
CA SER B 12 5.16 -8.86 8.69
C SER B 12 6.03 -9.27 9.85
N ILE B 13 5.46 -10.01 10.79
CA ILE B 13 6.23 -10.42 11.94
C ILE B 13 7.27 -11.48 11.56
N ASN B 14 7.08 -12.12 10.42
CA ASN B 14 7.97 -13.17 9.99
C ASN B 14 9.12 -12.69 9.11
N SER B 15 8.78 -12.34 7.88
CA SER B 15 9.78 -11.92 6.92
C SER B 15 10.19 -10.48 7.14
N VAL B 16 9.26 -9.57 6.89
CA VAL B 16 9.52 -8.16 7.04
C VAL B 16 10.43 -7.91 8.23
N ASN B 17 9.97 -8.31 9.38
CA ASN B 17 10.72 -8.13 10.61
C ASN B 17 12.21 -8.46 10.42
N ASP B 18 12.49 -9.68 10.00
CA ASP B 18 13.88 -10.10 9.80
C ASP B 18 14.44 -9.55 8.50
N LYS B 19 13.56 -9.08 7.64
CA LYS B 19 13.95 -8.54 6.35
C LYS B 19 14.78 -7.26 6.55
N LEU B 20 14.14 -6.22 7.07
CA LEU B 20 14.82 -4.96 7.34
C LEU B 20 15.97 -5.20 8.32
N ASN B 21 16.20 -6.48 8.64
CA ASN B 21 17.25 -6.86 9.58
C ASN B 21 18.43 -7.52 8.87
N LYS B 22 19.05 -6.79 7.97
CA LYS B 22 20.20 -7.31 7.24
C LYS B 22 21.31 -6.26 7.13
N GLY B 23 21.38 -5.38 8.14
CA GLY B 23 22.39 -4.34 8.14
C GLY B 23 23.58 -4.69 9.03
N LYS B 24 24.00 -5.96 8.97
CA LYS B 24 25.13 -6.39 9.78
C LYS B 24 24.84 -6.16 11.26
N GLY B 25 25.04 -4.94 11.74
CA GLY B 25 24.77 -4.63 13.15
C GLY B 25 23.57 -5.45 13.63
N LYS B 26 23.45 -5.68 14.94
CA LYS B 26 22.36 -6.49 15.45
C LYS B 26 21.20 -5.63 15.98
N LEU B 27 20.09 -5.74 15.27
CA LEU B 27 18.88 -5.01 15.60
C LEU B 27 17.65 -5.86 15.23
N SER B 28 16.89 -6.26 16.24
CA SER B 28 15.71 -7.10 16.00
C SER B 28 14.43 -6.27 16.07
N LEU B 29 13.69 -6.24 14.96
CA LEU B 29 12.46 -5.50 14.90
C LEU B 29 11.26 -6.35 15.26
N SER B 30 10.18 -5.68 15.60
CA SER B 30 8.92 -6.33 15.95
C SER B 30 7.79 -5.39 15.55
N MET B 31 6.61 -5.93 15.30
CA MET B 31 5.51 -5.07 14.90
C MET B 31 4.24 -5.33 15.69
N ASN B 32 3.53 -4.25 15.98
CA ASN B 32 2.28 -4.33 16.70
C ASN B 32 1.21 -3.71 15.83
N GLY B 33 0.46 -4.56 15.12
CA GLY B 33 -0.57 -4.07 14.22
C GLY B 33 0.02 -3.09 13.22
N ASN B 34 0.40 -1.92 13.71
CA ASN B 34 0.95 -0.90 12.86
C ASN B 34 2.26 -0.34 13.41
N GLN B 35 2.53 -0.53 14.69
CA GLN B 35 3.74 0.02 15.29
C GLN B 35 4.94 -0.89 15.18
N LEU B 36 6.08 -0.29 14.88
CA LEU B 36 7.32 -1.03 14.82
C LEU B 36 8.00 -0.92 16.17
N LYS B 37 8.80 -1.91 16.52
CA LYS B 37 9.50 -1.90 17.79
C LYS B 37 10.68 -2.82 17.68
N ALA B 38 11.81 -2.35 18.09
CA ALA B 38 12.99 -3.12 17.95
C ALA B 38 13.99 -2.86 19.07
N THR B 39 15.04 -3.67 19.04
CA THR B 39 16.11 -3.57 20.01
C THR B 39 17.41 -3.83 19.27
N SER B 40 18.51 -3.21 19.70
CA SER B 40 19.76 -3.42 18.99
C SER B 40 20.97 -3.32 19.89
N SER B 41 22.01 -4.04 19.48
CA SER B 41 23.27 -4.04 20.19
C SER B 41 24.38 -3.86 19.16
N ASN B 42 25.51 -3.28 19.56
CA ASN B 42 26.55 -3.04 18.58
C ASN B 42 25.89 -2.33 17.40
N ALA B 43 24.65 -1.92 17.64
CA ALA B 43 23.82 -1.23 16.66
C ALA B 43 24.58 -0.12 15.96
N GLY B 44 25.86 0.00 16.26
CA GLY B 44 26.68 1.04 15.65
C GLY B 44 26.70 0.88 14.14
N TYR B 45 25.64 0.31 13.58
CA TYR B 45 25.56 0.11 12.15
C TYR B 45 24.28 -0.60 11.76
N GLY B 46 23.96 -0.49 10.49
CA GLY B 46 22.78 -1.12 9.91
C GLY B 46 22.78 -0.91 8.41
N ILE B 47 23.86 -1.38 7.79
CA ILE B 47 24.05 -1.24 6.38
C ILE B 47 23.55 -2.42 5.61
N SER B 48 24.34 -3.48 5.70
CA SER B 48 24.09 -4.72 4.99
C SER B 48 25.21 -4.90 3.97
N TYR B 49 25.08 -4.19 2.87
CA TYR B 49 26.09 -4.20 1.83
C TYR B 49 25.98 -2.94 0.97
N GLU B 50 27.12 -2.37 0.60
CA GLU B 50 27.12 -1.14 -0.17
C GLU B 50 25.99 -0.23 0.32
N ASP B 51 25.65 0.77 -0.49
CA ASP B 51 24.58 1.69 -0.12
C ASP B 51 23.27 1.27 -0.76
N LYS B 52 22.41 0.63 0.04
CA LYS B 52 21.13 0.20 -0.46
C LYS B 52 20.03 1.15 0.01
N ASN B 53 18.86 1.06 -0.62
CA ASN B 53 17.76 1.93 -0.27
C ASN B 53 16.52 1.12 0.10
N TRP B 54 15.65 1.74 0.90
CA TRP B 54 14.43 1.09 1.33
C TRP B 54 13.26 2.05 1.14
N GLY B 55 12.13 1.51 0.77
CA GLY B 55 10.94 2.32 0.60
C GLY B 55 9.77 1.69 1.34
N ILE B 56 9.20 2.43 2.26
CA ILE B 56 8.12 1.93 3.04
C ILE B 56 6.80 2.55 2.59
N PHE B 57 5.77 1.71 2.40
CA PHE B 57 4.44 2.21 1.99
C PHE B 57 3.34 1.55 2.76
N VAL B 58 2.48 2.40 3.30
CA VAL B 58 1.35 1.89 4.05
C VAL B 58 0.10 2.56 3.52
N ASN B 59 -1.07 2.03 3.85
CA ASN B 59 -2.25 2.65 3.35
C ASN B 59 -2.10 2.75 1.82
N GLY B 60 -1.06 2.07 1.27
CA GLY B 60 -0.84 2.09 -0.16
C GLY B 60 -0.03 3.31 -0.54
N GLU B 61 0.64 3.87 0.45
CA GLU B 61 1.41 5.06 0.23
C GLU B 61 2.67 5.04 1.07
N LYS B 62 3.70 5.71 0.60
CA LYS B 62 4.90 5.81 1.38
C LYS B 62 4.50 6.06 2.84
N VAL B 63 5.47 6.01 3.70
CA VAL B 63 5.26 6.25 5.12
C VAL B 63 6.58 6.52 5.77
N TYR B 64 7.63 6.06 5.11
CA TYR B 64 8.97 6.17 5.66
C TYR B 64 10.01 5.81 4.60
N THR B 65 11.25 6.21 4.83
CA THR B 65 12.32 5.92 3.87
C THR B 65 13.69 6.03 4.53
N PHE B 66 14.48 4.98 4.40
CA PHE B 66 15.82 4.97 4.96
C PHE B 66 16.79 4.16 4.15
N ASN B 67 17.95 4.73 3.97
CA ASN B 67 19.02 4.09 3.25
C ASN B 67 19.78 3.21 4.24
N GLU B 68 20.30 2.09 3.75
CA GLU B 68 21.01 1.15 4.60
C GLU B 68 22.13 1.81 5.40
N LYS B 69 22.80 2.79 4.81
CA LYS B 69 23.89 3.47 5.51
C LYS B 69 23.36 4.31 6.67
N SER B 70 22.25 5.01 6.44
CA SER B 70 21.67 5.86 7.48
C SER B 70 21.45 5.07 8.78
N THR B 71 21.72 3.77 8.73
CA THR B 71 21.52 2.92 9.89
C THR B 71 20.15 3.18 10.48
N VAL B 72 19.14 2.51 9.93
CA VAL B 72 17.79 2.69 10.39
C VAL B 72 17.73 2.82 11.90
N GLY B 73 18.55 2.02 12.56
CA GLY B 73 18.56 1.98 14.00
C GLY B 73 18.19 3.33 14.59
N ASN B 74 18.94 4.35 14.22
CA ASN B 74 18.66 5.70 14.69
C ASN B 74 17.37 6.19 14.04
N ILE B 75 17.17 5.80 12.79
CA ILE B 75 15.98 6.21 12.08
C ILE B 75 14.74 5.54 12.65
N SER B 76 14.58 4.25 12.35
CA SER B 76 13.43 3.50 12.83
C SER B 76 12.97 4.05 14.17
N ASN B 77 13.91 4.58 14.94
CA ASN B 77 13.58 5.16 16.22
C ASN B 77 12.48 6.19 16.06
N ASP B 78 12.84 7.30 15.44
CA ASP B 78 11.88 8.38 15.21
C ASP B 78 10.61 7.79 14.63
N ILE B 79 10.75 7.13 13.50
CA ILE B 79 9.65 6.49 12.83
C ILE B 79 8.63 5.95 13.83
N ASN B 80 9.01 4.89 14.49
CA ASN B 80 8.14 4.22 15.46
C ASN B 80 7.32 5.20 16.30
N LYS B 81 7.72 6.46 16.36
CA LYS B 81 7.00 7.44 17.17
C LYS B 81 5.75 8.01 16.47
N LEU B 82 5.65 7.86 15.15
CA LEU B 82 4.48 8.38 14.44
C LEU B 82 3.32 7.39 14.49
N ASN B 83 3.51 6.33 15.27
CA ASN B 83 2.48 5.31 15.37
C ASN B 83 1.72 5.20 14.05
N ILE B 84 2.35 4.55 13.08
CA ILE B 84 1.77 4.37 11.77
C ILE B 84 0.55 3.44 11.83
N LYS B 85 0.09 3.03 10.66
CA LYS B 85 -1.04 2.09 10.54
C LYS B 85 -0.51 0.76 10.00
N GLY B 86 -1.38 -0.25 9.88
CA GLY B 86 -0.91 -1.55 9.41
C GLY B 86 -1.80 -2.10 8.30
N MET B 87 -3.02 -2.45 8.66
CA MET B 87 -3.96 -3.02 7.74
C MET B 87 -4.68 -1.98 6.89
N TYR B 88 -3.95 -1.24 6.08
CA TYR B 88 -4.61 -0.28 5.22
C TYR B 88 -3.87 -0.13 3.93
N ILE B 89 -4.64 -0.11 2.86
CA ILE B 89 -4.11 0.06 1.54
C ILE B 89 -4.98 1.05 0.78
N GLU B 90 -4.49 1.61 -0.33
CA GLU B 90 -5.31 2.60 -1.06
C GLU B 90 -4.71 2.92 -2.42
N ILE B 91 -5.28 3.95 -3.02
CA ILE B 91 -4.84 4.46 -4.30
C ILE B 91 -4.91 5.98 -4.27
N LYS B 92 -4.14 6.66 -5.12
CA LYS B 92 -4.16 8.12 -5.10
C LYS B 92 -5.07 8.69 -6.17
N GLN B 93 -5.75 9.76 -5.79
CA GLN B 93 -6.67 10.45 -6.68
C GLN B 93 -6.15 11.82 -7.07
N ILE B 94 -5.80 11.97 -8.34
CA ILE B 94 -5.32 13.24 -8.85
C ILE B 94 -4.76 14.12 -7.73
N ASP A 1 -15.55 -19.11 -7.84
CA ASP A 1 -16.45 -19.07 -6.65
C ASP A 1 -16.91 -17.63 -6.40
N ASN A 2 -17.48 -17.39 -5.23
CA ASN A 2 -17.95 -16.07 -4.88
C ASN A 2 -17.79 -15.82 -3.39
N GLN A 3 -17.65 -16.91 -2.63
CA GLN A 3 -17.48 -16.81 -1.19
C GLN A 3 -16.10 -16.27 -0.83
N LYS A 4 -15.12 -16.57 -1.67
CA LYS A 4 -13.76 -16.12 -1.45
C LYS A 4 -13.66 -14.61 -1.62
N ALA A 5 -14.51 -14.06 -2.48
CA ALA A 5 -14.53 -12.63 -2.73
C ALA A 5 -14.66 -11.85 -1.43
N LEU A 6 -15.82 -11.98 -0.78
CA LEU A 6 -16.07 -11.28 0.48
C LEU A 6 -14.79 -11.25 1.33
N GLU A 7 -14.02 -12.32 1.26
CA GLU A 7 -12.79 -12.40 2.02
C GLU A 7 -11.72 -11.49 1.42
N GLU A 8 -11.53 -11.61 0.11
CA GLU A 8 -10.55 -10.81 -0.60
C GLU A 8 -11.14 -9.45 -0.99
N GLN A 9 -12.37 -9.22 -0.56
CA GLN A 9 -13.06 -7.97 -0.88
C GLN A 9 -13.43 -7.23 0.41
N MET A 10 -13.18 -5.92 0.42
CA MET A 10 -13.50 -5.10 1.58
C MET A 10 -14.51 -4.02 1.23
N ASN A 11 -15.36 -3.69 2.20
CA ASN A 11 -16.38 -2.67 2.03
C ASN A 11 -15.91 -1.54 1.11
N SER A 12 -14.60 -1.43 0.94
CA SER A 12 -14.04 -0.38 0.10
C SER A 12 -14.31 -0.68 -1.36
N ILE A 13 -14.03 -1.91 -1.76
CA ILE A 13 -14.23 -2.32 -3.12
C ILE A 13 -15.59 -1.87 -3.63
N ASN A 14 -16.42 -1.39 -2.72
CA ASN A 14 -17.75 -0.93 -3.08
C ASN A 14 -17.75 0.56 -3.37
N SER A 15 -17.53 1.35 -2.33
CA SER A 15 -17.50 2.80 -2.47
C SER A 15 -16.63 3.18 -3.65
N VAL A 16 -15.51 2.46 -3.81
CA VAL A 16 -14.59 2.72 -4.90
C VAL A 16 -15.32 2.82 -6.22
N ASN A 17 -15.92 1.71 -6.64
CA ASN A 17 -16.65 1.67 -7.90
C ASN A 17 -17.34 2.99 -8.18
N ASP A 18 -18.02 3.52 -7.17
CA ASP A 18 -18.75 4.77 -7.32
C ASP A 18 -17.87 5.99 -6.99
N LYS A 19 -16.82 5.76 -6.21
CA LYS A 19 -15.92 6.85 -5.83
C LYS A 19 -15.28 7.51 -7.06
N LEU A 20 -14.47 6.75 -7.78
CA LEU A 20 -13.80 7.27 -8.96
C LEU A 20 -14.80 7.55 -10.09
N ASN A 21 -15.90 6.81 -10.13
CA ASN A 21 -16.89 6.98 -11.16
C ASN A 21 -17.88 8.09 -10.83
N LYS A 22 -19.18 7.75 -10.86
CA LYS A 22 -20.21 8.75 -10.60
C LYS A 22 -19.89 9.98 -11.41
N GLY A 23 -20.03 9.85 -12.72
CA GLY A 23 -19.68 10.96 -13.59
C GLY A 23 -20.67 11.26 -14.68
N LYS A 24 -20.28 10.82 -15.84
CA LYS A 24 -20.98 11.14 -17.05
C LYS A 24 -21.01 10.00 -18.04
N GLY A 25 -20.01 10.00 -18.94
CA GLY A 25 -19.92 8.98 -19.96
C GLY A 25 -20.63 7.70 -19.48
N LYS A 26 -21.24 6.94 -20.40
CA LYS A 26 -21.96 5.74 -19.97
C LYS A 26 -21.01 4.58 -19.73
N LEU A 27 -20.82 4.28 -18.46
CA LEU A 27 -19.95 3.22 -18.03
C LEU A 27 -20.49 2.61 -16.74
N SER A 28 -20.82 1.32 -16.78
CA SER A 28 -21.34 0.63 -15.61
C SER A 28 -20.32 -0.37 -15.07
N LEU A 29 -19.87 -0.16 -13.83
CA LEU A 29 -18.88 -1.02 -13.22
C LEU A 29 -19.50 -2.13 -12.38
N SER A 30 -18.67 -3.12 -12.08
CA SER A 30 -19.06 -4.23 -11.24
C SER A 30 -18.01 -4.34 -10.14
N MET A 31 -18.31 -5.03 -9.05
CA MET A 31 -17.33 -5.12 -7.97
C MET A 31 -16.87 -6.54 -7.71
N ASN A 32 -15.62 -6.78 -8.07
CA ASN A 32 -14.98 -8.05 -7.83
C ASN A 32 -13.72 -7.78 -7.02
N GLY A 33 -13.65 -8.34 -5.83
CA GLY A 33 -12.52 -8.11 -4.94
C GLY A 33 -11.25 -7.74 -5.69
N ASN A 34 -10.73 -8.70 -6.44
CA ASN A 34 -9.49 -8.49 -7.17
C ASN A 34 -9.71 -7.96 -8.59
N GLN A 35 -10.95 -7.64 -8.97
CA GLN A 35 -11.16 -7.15 -10.33
C GLN A 35 -12.32 -6.19 -10.46
N LEU A 36 -12.10 -5.17 -11.28
CA LEU A 36 -13.13 -4.23 -11.61
C LEU A 36 -13.66 -4.73 -12.94
N LYS A 37 -14.90 -4.50 -13.24
CA LYS A 37 -15.43 -4.98 -14.50
C LYS A 37 -16.59 -4.10 -14.87
N ALA A 38 -16.47 -3.55 -16.03
CA ALA A 38 -17.45 -2.63 -16.49
C ALA A 38 -17.61 -2.66 -18.00
N THR A 39 -18.58 -1.90 -18.45
CA THR A 39 -18.86 -1.77 -19.86
C THR A 39 -19.14 -0.30 -20.13
N SER A 40 -18.69 0.20 -21.27
CA SER A 40 -18.90 1.60 -21.57
C SER A 40 -19.45 1.83 -22.97
N SER A 41 -19.97 3.02 -23.18
CA SER A 41 -20.53 3.41 -24.46
C SER A 41 -20.67 4.92 -24.52
N ASN A 42 -20.31 5.50 -25.65
CA ASN A 42 -20.39 6.94 -25.79
C ASN A 42 -19.91 7.57 -24.49
N ALA A 43 -19.21 6.75 -23.73
CA ALA A 43 -18.69 7.13 -22.44
C ALA A 43 -17.38 7.89 -22.58
N GLY A 44 -17.07 8.20 -23.82
CA GLY A 44 -15.85 8.89 -24.15
C GLY A 44 -15.71 10.24 -23.47
N TYR A 45 -16.22 10.42 -22.24
CA TYR A 45 -16.08 11.71 -21.64
C TYR A 45 -15.74 11.69 -20.16
N GLY A 46 -15.72 12.89 -19.60
CA GLY A 46 -15.39 13.13 -18.21
C GLY A 46 -15.54 14.63 -17.94
N ILE A 47 -16.66 15.15 -18.43
CA ILE A 47 -17.01 16.56 -18.34
C ILE A 47 -17.03 17.16 -16.94
N SER A 48 -18.10 16.88 -16.20
CA SER A 48 -18.28 17.45 -14.86
C SER A 48 -16.96 17.86 -14.28
N TYR A 49 -15.97 17.04 -14.53
CA TYR A 49 -14.61 17.34 -14.06
C TYR A 49 -13.70 17.56 -15.27
N GLU A 50 -13.32 18.82 -15.48
CA GLU A 50 -12.46 19.18 -16.59
C GLU A 50 -11.28 18.22 -16.73
N ASP A 51 -10.08 18.72 -16.52
CA ASP A 51 -8.87 17.90 -16.62
C ASP A 51 -8.13 17.86 -15.30
N LYS A 52 -8.29 16.76 -14.56
CA LYS A 52 -7.62 16.61 -13.28
C LYS A 52 -6.70 15.40 -13.31
N ASN A 53 -5.83 15.28 -12.30
CA ASN A 53 -4.89 14.16 -12.26
C ASN A 53 -5.32 13.07 -11.28
N TRP A 54 -5.11 11.83 -11.70
CA TRP A 54 -5.46 10.68 -10.88
C TRP A 54 -4.27 9.72 -10.80
N GLY A 55 -4.14 9.08 -9.66
CA GLY A 55 -3.07 8.11 -9.44
C GLY A 55 -3.56 7.02 -8.50
N ILE A 56 -3.62 5.79 -9.01
CA ILE A 56 -4.07 4.69 -8.23
C ILE A 56 -2.86 3.83 -7.78
N PHE A 57 -2.85 3.37 -6.51
CA PHE A 57 -1.70 2.58 -5.99
C PHE A 57 -2.07 1.38 -5.14
N VAL A 58 -1.59 0.21 -5.61
CA VAL A 58 -1.78 -1.03 -4.89
C VAL A 58 -0.47 -1.38 -4.22
N ASN A 59 -0.50 -1.99 -3.06
CA ASN A 59 0.74 -2.32 -2.36
C ASN A 59 1.87 -1.33 -2.67
N GLY A 60 1.51 -0.09 -2.91
CA GLY A 60 2.50 0.96 -3.18
C GLY A 60 2.93 0.95 -4.62
N GLU A 61 2.35 0.06 -5.36
CA GLU A 61 2.60 -0.05 -6.76
C GLU A 61 1.44 0.57 -7.49
N LYS A 62 1.71 1.49 -8.39
CA LYS A 62 0.63 2.04 -9.15
C LYS A 62 -0.27 0.86 -9.52
N VAL A 63 -1.37 1.15 -10.13
CA VAL A 63 -2.31 0.15 -10.56
C VAL A 63 -3.02 0.71 -11.76
N TYR A 64 -2.94 2.04 -11.86
CA TYR A 64 -3.59 2.74 -12.93
C TYR A 64 -3.29 4.25 -12.83
N THR A 65 -3.59 5.01 -13.88
CA THR A 65 -3.36 6.45 -13.91
C THR A 65 -4.15 7.06 -15.06
N PHE A 66 -4.98 8.07 -14.77
CA PHE A 66 -5.78 8.71 -15.78
C PHE A 66 -6.08 10.16 -15.48
N ASN A 67 -6.70 10.76 -16.46
CA ASN A 67 -7.10 12.16 -16.42
C ASN A 67 -8.62 12.24 -16.54
N GLU A 68 -9.21 13.18 -15.81
CA GLU A 68 -10.65 13.34 -15.82
C GLU A 68 -11.18 13.49 -17.24
N LYS A 69 -10.44 14.16 -18.10
CA LYS A 69 -10.87 14.33 -19.49
C LYS A 69 -10.55 13.10 -20.31
N SER A 70 -9.43 12.45 -19.99
CA SER A 70 -9.04 11.25 -20.71
C SER A 70 -10.20 10.26 -20.74
N THR A 71 -11.30 10.65 -20.11
CA THR A 71 -12.47 9.80 -20.03
C THR A 71 -12.06 8.40 -19.62
N VAL A 72 -11.92 8.18 -18.32
CA VAL A 72 -11.52 6.88 -17.84
C VAL A 72 -12.19 5.80 -18.65
N GLY A 73 -13.46 6.04 -18.95
CA GLY A 73 -14.27 5.07 -19.67
C GLY A 73 -13.42 4.26 -20.62
N ASN A 74 -12.82 4.94 -21.58
CA ASN A 74 -11.96 4.27 -22.54
C ASN A 74 -10.75 3.71 -21.81
N ILE A 75 -10.29 4.44 -20.79
CA ILE A 75 -9.16 4.01 -20.03
C ILE A 75 -9.50 2.80 -19.16
N SER A 76 -10.23 3.05 -18.08
CA SER A 76 -10.61 2.00 -17.15
C SER A 76 -10.76 0.69 -17.91
N ASN A 77 -11.14 0.79 -19.17
CA ASN A 77 -11.28 -0.39 -20.00
C ASN A 77 -10.00 -1.20 -19.92
N ASP A 78 -8.95 -0.66 -20.50
CA ASP A 78 -7.66 -1.33 -20.48
C ASP A 78 -7.33 -1.74 -19.05
N ILE A 79 -7.36 -0.75 -18.16
CA ILE A 79 -7.09 -0.96 -16.75
C ILE A 79 -7.65 -2.27 -16.23
N ASN A 80 -8.96 -2.32 -16.11
CA ASN A 80 -9.65 -3.50 -15.61
C ASN A 80 -9.02 -4.81 -16.11
N LYS A 81 -8.13 -4.70 -17.08
CA LYS A 81 -7.49 -5.89 -17.66
C LYS A 81 -6.29 -6.38 -16.84
N LEU A 82 -5.78 -5.57 -15.93
CA LEU A 82 -4.63 -5.99 -15.13
C LEU A 82 -5.07 -6.78 -13.91
N ASN A 83 -6.35 -7.10 -13.86
CA ASN A 83 -6.91 -7.86 -12.75
C ASN A 83 -6.35 -7.38 -11.41
N ILE A 84 -6.81 -6.20 -10.99
CA ILE A 84 -6.39 -5.60 -9.73
C ILE A 84 -6.44 -6.59 -8.57
N LYS A 85 -6.20 -6.08 -7.37
CA LYS A 85 -6.24 -6.87 -6.15
C LYS A 85 -7.07 -6.14 -5.10
N GLY A 86 -7.18 -6.69 -3.91
CA GLY A 86 -7.99 -6.05 -2.89
C GLY A 86 -7.15 -5.52 -1.73
N MET A 87 -6.54 -6.43 -0.97
CA MET A 87 -5.77 -6.07 0.18
C MET A 87 -4.28 -6.38 0.03
N TYR A 88 -3.47 -5.37 -0.30
CA TYR A 88 -2.04 -5.62 -0.41
C TYR A 88 -1.21 -4.40 -0.07
N ILE A 89 -0.45 -4.54 0.98
CA ILE A 89 0.45 -3.51 1.42
C ILE A 89 1.82 -4.13 1.56
N GLU A 90 2.92 -3.37 1.69
CA GLU A 90 4.20 -4.09 1.79
C GLU A 90 5.40 -3.21 2.04
N ILE A 91 6.52 -3.91 1.92
CA ILE A 91 7.83 -3.38 2.09
C ILE A 91 8.77 -4.10 1.11
N LYS A 92 9.67 -3.37 0.46
CA LYS A 92 10.58 -4.03 -0.47
C LYS A 92 11.94 -4.26 0.17
N GLN A 93 12.48 -5.44 -0.08
CA GLN A 93 13.79 -5.83 0.47
C GLN A 93 14.82 -5.98 -0.64
N ILE A 94 15.87 -5.16 -0.58
CA ILE A 94 16.94 -5.22 -1.56
C ILE A 94 16.48 -5.90 -2.84
N ASP B 1 -3.81 1.14 25.55
CA ASP B 1 -4.36 -0.24 25.69
C ASP B 1 -3.43 -1.22 25.00
N ASN B 2 -3.90 -2.45 24.80
CA ASN B 2 -3.11 -3.47 24.14
C ASN B 2 -4.00 -4.39 23.31
N GLN B 3 -5.29 -4.37 23.62
CA GLN B 3 -6.24 -5.21 22.89
C GLN B 3 -6.47 -4.67 21.48
N LYS B 4 -6.36 -3.36 21.33
CA LYS B 4 -6.55 -2.72 20.04
C LYS B 4 -5.42 -3.10 19.08
N ALA B 5 -4.24 -3.34 19.63
CA ALA B 5 -3.09 -3.71 18.84
C ALA B 5 -3.39 -4.91 17.95
N LEU B 6 -3.63 -6.06 18.57
CA LEU B 6 -3.94 -7.27 17.82
C LEU B 6 -4.82 -6.95 16.62
N GLU B 7 -5.72 -5.98 16.78
CA GLU B 7 -6.61 -5.58 15.71
C GLU B 7 -5.84 -4.79 14.65
N GLU B 8 -5.08 -3.80 15.10
CA GLU B 8 -4.30 -2.98 14.19
C GLU B 8 -2.96 -3.62 13.89
N GLN B 9 -2.77 -4.82 14.41
CA GLN B 9 -1.52 -5.55 14.20
C GLN B 9 -1.79 -6.88 13.50
N MET B 10 -0.96 -7.19 12.51
CA MET B 10 -1.10 -8.44 11.77
C MET B 10 0.14 -9.31 11.90
N ASN B 11 -0.07 -10.61 11.90
CA ASN B 11 1.01 -11.58 12.02
C ASN B 11 2.29 -11.09 11.34
N SER B 12 2.14 -10.12 10.44
CA SER B 12 3.29 -9.59 9.72
C SER B 12 4.15 -8.74 10.65
N ILE B 13 3.50 -7.85 11.39
CA ILE B 13 4.19 -6.98 12.30
C ILE B 13 5.20 -7.76 13.13
N ASN B 14 5.13 -9.08 13.05
CA ASN B 14 6.03 -9.94 13.80
C ASN B 14 7.26 -10.30 12.97
N SER B 15 7.03 -11.09 11.92
CA SER B 15 8.12 -11.50 11.05
C SER B 15 8.96 -10.30 10.66
N VAL B 16 8.28 -9.18 10.42
CA VAL B 16 8.96 -7.94 10.04
C VAL B 16 10.12 -7.64 10.98
N ASN B 17 9.79 -7.39 12.25
CA ASN B 17 10.80 -7.09 13.25
C ASN B 17 12.08 -7.88 13.00
N ASP B 18 11.94 -9.17 12.73
CA ASP B 18 13.09 -10.03 12.50
C ASP B 18 13.47 -10.07 11.02
N LYS B 19 12.52 -9.75 10.14
CA LYS B 19 12.77 -9.77 8.71
C LYS B 19 13.90 -8.80 8.33
N LEU B 20 13.66 -7.51 8.52
CA LEU B 20 14.64 -6.49 8.19
C LEU B 20 15.86 -6.56 9.11
N ASN B 21 15.66 -7.05 10.35
CA ASN B 21 16.73 -7.13 11.30
C ASN B 21 17.53 -8.42 11.16
N LYS B 22 17.65 -9.17 12.25
CA LYS B 22 18.42 -10.41 12.23
C LYS B 22 19.74 -10.12 11.54
N GLY B 23 20.58 -9.34 12.21
CA GLY B 23 21.83 -8.96 11.62
C GLY B 23 23.04 -9.06 12.50
N LYS B 24 23.41 -7.90 12.97
CA LYS B 24 24.65 -7.75 13.69
C LYS B 24 24.54 -6.73 14.80
N GLY B 25 24.88 -5.48 14.47
CA GLY B 25 24.85 -4.40 15.45
C GLY B 25 23.84 -4.73 16.56
N LYS B 26 24.09 -4.30 17.79
CA LYS B 26 23.16 -4.63 18.86
C LYS B 26 21.97 -3.70 18.86
N LEU B 27 20.85 -4.27 18.45
CA LEU B 27 19.59 -3.56 18.35
C LEU B 27 18.43 -4.52 18.61
N SER B 28 17.66 -4.25 19.66
CA SER B 28 16.53 -5.10 20.00
C SER B 28 15.22 -4.37 19.73
N LEU B 29 14.40 -4.92 18.83
CA LEU B 29 13.14 -4.30 18.47
C LEU B 29 11.97 -4.86 19.27
N SER B 30 10.87 -4.12 19.22
CA SER B 30 9.63 -4.51 19.86
C SER B 30 8.54 -4.44 18.80
N MET B 31 7.41 -5.09 19.02
CA MET B 31 6.36 -5.06 18.01
C MET B 31 5.08 -4.40 18.48
N ASN B 32 4.85 -3.22 17.92
CA ASN B 32 3.64 -2.46 18.19
C ASN B 32 2.96 -2.21 16.87
N GLY B 33 1.74 -2.71 16.73
CA GLY B 33 1.00 -2.57 15.47
C GLY B 33 1.44 -1.35 14.67
N ASN B 34 1.16 -0.17 15.20
CA ASN B 34 1.48 1.06 14.50
C ASN B 34 2.86 1.60 14.87
N GLN B 35 3.65 0.87 15.65
CA GLN B 35 4.96 1.40 16.00
C GLN B 35 6.02 0.35 16.23
N LEU B 36 7.21 0.64 15.74
CA LEU B 36 8.35 -0.20 15.99
C LEU B 36 9.05 0.46 17.15
N LYS B 37 9.73 -0.30 17.98
CA LYS B 37 10.40 0.30 19.11
C LYS B 37 11.54 -0.58 19.49
N ALA B 38 12.68 0.03 19.51
CA ALA B 38 13.89 -0.69 19.76
C ALA B 38 14.92 0.16 20.46
N THR B 39 16.01 -0.50 20.81
CA THR B 39 17.13 0.15 21.46
C THR B 39 18.39 -0.40 20.83
N SER B 40 19.40 0.45 20.64
CA SER B 40 20.62 -0.02 20.01
C SER B 40 21.85 0.40 20.77
N SER B 41 22.96 -0.26 20.44
CA SER B 41 24.24 0.02 21.08
C SER B 41 25.35 -0.59 20.24
N ASN B 42 26.42 0.16 20.06
CA ASN B 42 27.53 -0.32 19.26
C ASN B 42 26.96 -1.04 18.04
N ALA B 43 25.69 -0.74 17.79
CA ALA B 43 24.95 -1.32 16.72
C ALA B 43 25.23 -0.62 15.41
N GLY B 44 26.20 0.26 15.47
CA GLY B 44 26.59 1.06 14.33
C GLY B 44 27.02 0.24 13.13
N TYR B 45 26.43 -0.95 12.90
CA TYR B 45 26.89 -1.70 11.76
C TYR B 45 25.77 -2.39 10.98
N GLY B 46 26.21 -3.15 10.00
CA GLY B 46 25.35 -3.89 9.09
C GLY B 46 26.24 -4.71 8.15
N ILE B 47 27.22 -5.36 8.78
CA ILE B 47 28.22 -6.16 8.08
C ILE B 47 27.69 -7.28 7.18
N SER B 48 27.27 -8.37 7.81
CA SER B 48 26.80 -9.55 7.06
C SER B 48 26.34 -9.15 5.69
N TYR B 49 25.69 -8.01 5.63
CA TYR B 49 25.24 -7.49 4.35
C TYR B 49 25.96 -6.18 4.04
N GLU B 50 26.88 -6.24 3.07
CA GLU B 50 27.67 -5.08 2.68
C GLU B 50 26.78 -3.84 2.55
N ASP B 51 26.68 -3.32 1.33
CA ASP B 51 25.87 -2.13 1.07
C ASP B 51 24.75 -2.44 0.09
N LYS B 52 23.54 -2.61 0.61
CA LYS B 52 22.39 -2.90 -0.24
C LYS B 52 21.34 -1.81 -0.09
N ASN B 53 20.35 -1.81 -0.98
CA ASN B 53 19.32 -0.78 -0.93
C ASN B 53 18.02 -1.30 -0.33
N TRP B 54 17.38 -0.44 0.47
CA TRP B 54 16.13 -0.78 1.12
C TRP B 54 15.11 0.33 0.88
N GLY B 55 13.85 -0.06 0.76
CA GLY B 55 12.78 0.89 0.58
C GLY B 55 11.51 0.36 1.24
N ILE B 56 11.03 1.08 2.23
CA ILE B 56 9.85 0.68 2.93
C ILE B 56 8.65 1.54 2.50
N PHE B 57 7.47 0.91 2.29
CA PHE B 57 6.27 1.66 1.81
C PHE B 57 4.97 1.31 2.50
N VAL B 58 4.36 2.36 3.09
CA VAL B 58 3.06 2.23 3.72
C VAL B 58 2.04 2.83 2.79
N ASN B 59 0.82 2.30 2.75
CA ASN B 59 -0.20 2.84 1.86
C ASN B 59 0.40 3.45 0.59
N GLY B 60 1.53 2.91 0.14
CA GLY B 60 2.17 3.38 -1.08
C GLY B 60 3.03 4.58 -0.83
N GLU B 61 3.07 4.97 0.41
CA GLU B 61 3.88 6.07 0.84
C GLU B 61 5.10 5.50 1.51
N LYS B 62 6.27 5.92 1.09
CA LYS B 62 7.44 5.46 1.77
C LYS B 62 7.11 5.49 3.26
N VAL B 63 8.02 5.01 4.06
CA VAL B 63 7.86 5.00 5.50
C VAL B 63 9.25 5.06 6.08
N TYR B 64 10.19 4.69 5.23
CA TYR B 64 11.58 4.67 5.63
C TYR B 64 12.47 4.26 4.43
N THR B 65 13.79 4.44 4.56
CA THR B 65 14.74 4.10 3.51
C THR B 65 16.16 4.06 4.10
N PHE B 66 16.85 2.94 3.92
CA PHE B 66 18.19 2.80 4.44
C PHE B 66 19.05 1.88 3.61
N ASN B 67 20.30 1.84 4.03
CA ASN B 67 21.33 1.04 3.40
C ASN B 67 21.86 0.04 4.42
N GLU B 68 22.16 -1.16 3.96
CA GLU B 68 22.65 -2.21 4.84
C GLU B 68 23.85 -1.73 5.65
N LYS B 69 24.71 -0.92 5.04
CA LYS B 69 25.88 -0.41 5.76
C LYS B 69 25.51 0.78 6.63
N SER B 70 24.55 1.58 6.16
CA SER B 70 24.11 2.73 6.93
C SER B 70 23.75 2.31 8.34
N THR B 71 23.88 1.02 8.60
CA THR B 71 23.55 0.47 9.90
C THR B 71 22.20 1.00 10.34
N VAL B 72 21.13 0.35 9.89
CA VAL B 72 19.80 0.80 10.26
C VAL B 72 19.78 1.25 11.72
N GLY B 73 20.48 0.47 12.54
CA GLY B 73 20.51 0.71 13.96
C GLY B 73 20.38 2.19 14.25
N ASN B 74 21.35 2.96 13.79
CA ASN B 74 21.32 4.40 13.99
C ASN B 74 20.12 4.98 13.24
N ILE B 75 19.81 4.39 12.09
CA ILE B 75 18.71 4.85 11.30
C ILE B 75 17.38 4.50 11.96
N SER B 76 17.01 3.22 11.89
CA SER B 76 15.75 2.76 12.46
C SER B 76 15.40 3.61 13.66
N ASN B 77 16.42 4.11 14.34
CA ASN B 77 16.21 4.96 15.49
C ASN B 77 15.27 6.08 15.11
N ASP B 78 15.76 6.97 14.28
CA ASP B 78 14.95 8.09 13.82
C ASP B 78 13.62 7.56 13.30
N ILE B 79 13.70 6.64 12.37
CA ILE B 79 12.53 6.00 11.78
C ILE B 79 11.41 5.77 12.79
N ASN B 80 11.64 4.81 13.66
CA ASN B 80 10.67 4.45 14.68
C ASN B 80 9.95 5.66 15.27
N LYS B 81 10.45 6.84 14.97
CA LYS B 81 9.87 8.08 15.50
C LYS B 81 8.67 8.58 14.68
N LEU B 82 8.47 8.05 13.47
CA LEU B 82 7.34 8.50 12.66
C LEU B 82 6.08 7.71 13.00
N ASN B 83 6.16 6.92 14.05
CA ASN B 83 5.03 6.11 14.48
C ASN B 83 4.31 5.47 13.29
N ILE B 84 4.95 4.47 12.71
CA ILE B 84 4.40 3.75 11.56
C ILE B 84 2.94 3.35 11.78
N LYS B 85 2.43 2.57 10.84
CA LYS B 85 1.05 2.07 10.91
C LYS B 85 1.06 0.57 10.60
N GLY B 86 -0.11 -0.06 10.57
CA GLY B 86 -0.14 -1.49 10.32
C GLY B 86 -0.79 -1.83 8.98
N MET B 87 -2.07 -1.57 8.86
CA MET B 87 -2.81 -1.89 7.68
C MET B 87 -3.31 -0.65 6.91
N TYR B 88 -2.59 -0.25 5.86
CA TYR B 88 -3.06 0.89 5.08
C TYR B 88 -2.67 0.81 3.62
N ILE B 89 -3.68 0.71 2.80
CA ILE B 89 -3.49 0.68 1.37
C ILE B 89 -4.38 1.76 0.78
N GLU B 90 -4.22 2.16 -0.49
CA GLU B 90 -5.12 3.25 -0.95
C GLU B 90 -5.00 3.59 -2.41
N ILE B 91 -5.68 4.68 -2.69
CA ILE B 91 -5.77 5.31 -3.98
C ILE B 91 -5.84 6.82 -3.79
N LYS B 92 -5.13 7.59 -4.61
CA LYS B 92 -5.18 9.05 -4.46
C LYS B 92 -6.13 9.66 -5.47
N GLN B 93 -6.92 10.61 -5.00
CA GLN B 93 -7.89 11.31 -5.84
C GLN B 93 -7.51 12.77 -6.03
N ILE B 94 -7.25 13.15 -7.28
CA ILE B 94 -6.91 14.53 -7.60
C ILE B 94 -6.39 15.28 -6.37
N ASP A 1 -21.36 -6.58 4.24
CA ASP A 1 -21.39 -8.05 4.50
C ASP A 1 -20.53 -8.39 5.70
N ASN A 2 -21.11 -8.22 6.89
CA ASN A 2 -20.38 -8.51 8.13
C ASN A 2 -19.03 -7.81 8.13
N GLN A 3 -18.45 -7.65 9.32
CA GLN A 3 -17.16 -6.99 9.45
C GLN A 3 -16.04 -7.88 8.93
N LYS A 4 -16.28 -9.19 8.95
CA LYS A 4 -15.30 -10.15 8.50
C LYS A 4 -14.91 -9.87 7.06
N ALA A 5 -15.77 -9.15 6.34
CA ALA A 5 -15.51 -8.81 4.96
C ALA A 5 -14.44 -7.74 4.84
N LEU A 6 -14.26 -6.97 5.90
CA LEU A 6 -13.25 -5.91 5.90
C LEU A 6 -12.00 -6.37 5.18
N GLU A 7 -11.61 -7.62 5.42
CA GLU A 7 -10.43 -8.18 4.78
C GLU A 7 -10.69 -8.42 3.30
N GLU A 8 -11.93 -8.76 2.98
CA GLU A 8 -12.31 -9.03 1.61
C GLU A 8 -12.69 -7.74 0.90
N GLN A 9 -12.48 -6.63 1.58
CA GLN A 9 -12.81 -5.33 1.01
C GLN A 9 -12.21 -4.20 1.83
N MET A 10 -11.50 -3.29 1.16
CA MET A 10 -10.89 -2.15 1.83
C MET A 10 -11.65 -0.88 1.50
N ASN A 11 -12.21 -0.26 2.53
CA ASN A 11 -13.00 0.96 2.39
C ASN A 11 -12.64 1.79 1.16
N SER A 12 -11.46 1.56 0.64
CA SER A 12 -11.00 2.29 -0.53
C SER A 12 -11.85 1.99 -1.76
N ILE A 13 -12.53 0.84 -1.77
CA ILE A 13 -13.34 0.51 -2.93
C ILE A 13 -14.59 1.38 -3.02
N ASN A 14 -14.98 1.97 -1.89
CA ASN A 14 -16.19 2.80 -1.84
C ASN A 14 -15.91 4.25 -2.22
N SER A 15 -15.20 4.96 -1.36
CA SER A 15 -14.89 6.35 -1.61
C SER A 15 -14.28 6.52 -3.00
N VAL A 16 -13.25 5.74 -3.28
CA VAL A 16 -12.60 5.80 -4.57
C VAL A 16 -13.63 5.75 -5.68
N ASN A 17 -14.35 4.64 -5.74
CA ASN A 17 -15.38 4.48 -6.76
C ASN A 17 -16.05 5.82 -7.07
N ASP A 18 -16.54 6.47 -6.03
CA ASP A 18 -17.20 7.77 -6.21
C ASP A 18 -16.17 8.83 -6.52
N LYS A 19 -14.97 8.64 -6.00
CA LYS A 19 -13.88 9.57 -6.22
C LYS A 19 -13.38 9.46 -7.66
N LEU A 20 -13.63 8.31 -8.28
CA LEU A 20 -13.20 8.08 -9.64
C LEU A 20 -14.16 8.73 -10.65
N ASN A 21 -14.99 9.64 -10.16
CA ASN A 21 -15.94 10.33 -11.03
C ASN A 21 -15.17 11.25 -11.96
N LYS A 22 -14.21 10.68 -12.66
CA LYS A 22 -13.35 11.40 -13.57
C LYS A 22 -14.12 11.93 -14.78
N GLY A 23 -14.55 11.02 -15.65
CA GLY A 23 -15.27 11.43 -16.84
C GLY A 23 -16.70 10.94 -16.83
N LYS A 24 -17.44 11.37 -15.82
CA LYS A 24 -18.84 11.01 -15.72
C LYS A 24 -19.04 9.54 -16.09
N GLY A 25 -19.57 9.30 -17.27
CA GLY A 25 -19.81 7.94 -17.73
C GLY A 25 -20.62 7.17 -16.70
N LYS A 26 -21.69 6.54 -17.17
CA LYS A 26 -22.56 5.77 -16.30
C LYS A 26 -21.98 4.40 -16.08
N LEU A 27 -21.67 4.09 -14.84
CA LEU A 27 -21.05 2.83 -14.53
C LEU A 27 -21.48 2.32 -13.15
N SER A 28 -21.36 0.99 -12.97
CA SER A 28 -21.73 0.34 -11.72
C SER A 28 -20.66 -0.68 -11.30
N LEU A 29 -19.99 -0.42 -10.19
CA LEU A 29 -18.95 -1.30 -9.71
C LEU A 29 -19.52 -2.50 -8.94
N SER A 30 -18.67 -3.49 -8.76
CA SER A 30 -19.01 -4.68 -8.01
C SER A 30 -17.88 -4.91 -7.01
N MET A 31 -18.16 -5.60 -5.92
CA MET A 31 -17.12 -5.83 -4.92
C MET A 31 -16.67 -7.27 -4.83
N ASN A 32 -15.47 -7.51 -5.32
CA ASN A 32 -14.87 -8.83 -5.26
C ASN A 32 -13.54 -8.73 -4.52
N GLY A 33 -13.37 -9.57 -3.50
CA GLY A 33 -12.15 -9.55 -2.68
C GLY A 33 -11.02 -8.76 -3.31
N ASN A 34 -10.27 -9.42 -4.17
CA ASN A 34 -9.12 -8.79 -4.81
C ASN A 34 -9.43 -8.35 -6.23
N GLN A 35 -10.68 -7.99 -6.51
CA GLN A 35 -11.03 -7.55 -7.85
C GLN A 35 -12.19 -6.57 -7.87
N LEU A 36 -12.00 -5.48 -8.59
CA LEU A 36 -13.05 -4.52 -8.79
C LEU A 36 -13.67 -4.89 -10.12
N LYS A 37 -14.93 -4.62 -10.31
CA LYS A 37 -15.56 -4.98 -11.55
C LYS A 37 -16.76 -4.12 -11.77
N ALA A 38 -16.76 -3.47 -12.88
CA ALA A 38 -17.79 -2.55 -13.21
C ALA A 38 -18.05 -2.52 -14.71
N THR A 39 -19.08 -1.80 -15.06
CA THR A 39 -19.44 -1.62 -16.46
C THR A 39 -19.67 -0.13 -16.67
N SER A 40 -19.45 0.38 -17.87
CA SER A 40 -19.63 1.81 -18.07
C SER A 40 -20.17 2.17 -19.44
N SER A 41 -20.86 3.32 -19.49
CA SER A 41 -21.41 3.83 -20.74
C SER A 41 -21.63 5.34 -20.62
N ASN A 42 -22.50 5.88 -21.46
CA ASN A 42 -22.75 7.32 -21.45
C ASN A 42 -21.55 8.02 -22.03
N ALA A 43 -21.27 7.66 -23.27
CA ALA A 43 -20.14 8.18 -24.00
C ALA A 43 -19.90 9.66 -23.68
N GLY A 44 -20.88 10.29 -23.08
CA GLY A 44 -20.74 11.70 -22.70
C GLY A 44 -19.83 11.82 -21.50
N TYR A 45 -18.89 10.90 -21.46
CA TYR A 45 -17.93 10.83 -20.37
C TYR A 45 -17.14 12.13 -20.23
N GLY A 46 -16.11 12.09 -19.38
CA GLY A 46 -15.27 13.25 -19.12
C GLY A 46 -14.95 14.05 -20.37
N ILE A 47 -15.90 14.84 -20.83
CA ILE A 47 -15.71 15.64 -22.01
C ILE A 47 -15.23 17.04 -21.62
N SER A 48 -16.17 17.83 -21.12
CA SER A 48 -15.89 19.19 -20.71
C SER A 48 -14.62 19.29 -19.90
N TYR A 49 -14.42 18.32 -19.04
CA TYR A 49 -13.26 18.28 -18.18
C TYR A 49 -11.96 18.18 -18.99
N GLU A 50 -10.97 18.95 -18.57
CA GLU A 50 -9.68 18.97 -19.27
C GLU A 50 -8.97 17.63 -19.14
N ASP A 51 -7.64 17.66 -19.18
CA ASP A 51 -6.84 16.45 -19.08
C ASP A 51 -6.24 16.31 -17.68
N LYS A 52 -6.99 15.68 -16.79
CA LYS A 52 -6.51 15.46 -15.42
C LYS A 52 -6.19 13.98 -15.24
N ASN A 53 -5.13 13.66 -14.50
CA ASN A 53 -4.75 12.26 -14.33
C ASN A 53 -4.16 11.92 -12.97
N TRP A 54 -4.20 10.62 -12.68
CA TRP A 54 -3.64 10.09 -11.46
C TRP A 54 -3.18 8.67 -11.70
N GLY A 55 -2.69 8.04 -10.63
CA GLY A 55 -2.20 6.68 -10.71
C GLY A 55 -2.51 5.92 -9.44
N ILE A 56 -3.19 4.78 -9.59
CA ILE A 56 -3.54 3.97 -8.46
C ILE A 56 -2.41 3.02 -8.14
N PHE A 57 -1.94 3.01 -6.88
CA PHE A 57 -0.79 2.14 -6.51
C PHE A 57 -1.09 1.12 -5.43
N VAL A 58 -0.54 -0.07 -5.70
CA VAL A 58 -0.70 -1.18 -4.78
C VAL A 58 0.68 -1.64 -4.29
N ASN A 59 0.72 -2.31 -3.14
CA ASN A 59 2.00 -2.77 -2.62
C ASN A 59 3.05 -1.67 -2.71
N GLY A 60 2.61 -0.43 -2.95
CA GLY A 60 3.57 0.67 -3.06
C GLY A 60 4.09 0.74 -4.48
N GLU A 61 3.25 0.28 -5.40
CA GLU A 61 3.60 0.24 -6.79
C GLU A 61 2.40 0.57 -7.66
N LYS A 62 2.65 1.11 -8.82
CA LYS A 62 1.58 1.39 -9.72
C LYS A 62 0.71 0.15 -9.83
N VAL A 63 -0.45 0.31 -10.42
CA VAL A 63 -1.37 -0.79 -10.61
C VAL A 63 -2.39 -0.39 -11.67
N TYR A 64 -2.43 0.92 -11.96
CA TYR A 64 -3.38 1.45 -12.93
C TYR A 64 -3.23 2.98 -13.05
N THR A 65 -3.22 3.50 -14.28
CA THR A 65 -3.09 4.94 -14.49
C THR A 65 -3.94 5.42 -15.67
N PHE A 66 -4.82 6.39 -15.42
CA PHE A 66 -5.68 6.94 -16.44
C PHE A 66 -5.87 8.44 -16.30
N ASN A 67 -6.41 8.96 -17.38
CA ASN A 67 -6.68 10.37 -17.55
C ASN A 67 -8.19 10.63 -17.71
N GLU A 68 -8.66 11.76 -17.19
CA GLU A 68 -10.06 12.14 -17.28
C GLU A 68 -10.59 11.97 -18.69
N LYS A 69 -9.86 12.48 -19.67
CA LYS A 69 -10.29 12.38 -21.06
C LYS A 69 -10.39 10.92 -21.47
N SER A 70 -9.36 10.15 -21.15
CA SER A 70 -9.34 8.73 -21.49
C SER A 70 -10.60 8.04 -20.98
N THR A 71 -11.45 8.81 -20.31
CA THR A 71 -12.68 8.26 -19.74
C THR A 71 -12.41 6.86 -19.23
N VAL A 72 -12.03 6.76 -17.97
CA VAL A 72 -11.70 5.48 -17.39
C VAL A 72 -12.63 4.40 -17.92
N GLY A 73 -13.90 4.78 -18.06
CA GLY A 73 -14.91 3.84 -18.49
C GLY A 73 -14.33 2.80 -19.44
N ASN A 74 -13.77 3.26 -20.55
CA ASN A 74 -13.16 2.37 -21.52
C ASN A 74 -11.92 1.73 -20.92
N ILE A 75 -11.28 2.46 -20.01
CA ILE A 75 -10.09 1.97 -19.38
C ILE A 75 -10.41 0.91 -18.33
N SER A 76 -10.99 1.36 -17.21
CA SER A 76 -11.34 0.45 -16.11
C SER A 76 -11.68 -0.89 -16.72
N ASN A 77 -12.23 -0.81 -17.91
CA ASN A 77 -12.58 -1.98 -18.68
C ASN A 77 -11.38 -2.91 -18.78
N ASP A 78 -10.34 -2.43 -19.44
CA ASP A 78 -9.11 -3.23 -19.58
C ASP A 78 -8.61 -3.62 -18.19
N ILE A 79 -8.33 -2.60 -17.40
CA ILE A 79 -7.88 -2.78 -16.04
C ILE A 79 -8.47 -4.03 -15.43
N ASN A 80 -9.76 -4.00 -15.26
CA ASN A 80 -10.48 -5.14 -14.69
C ASN A 80 -9.93 -6.47 -15.21
N LYS A 81 -9.07 -6.41 -16.22
CA LYS A 81 -8.51 -7.62 -16.82
C LYS A 81 -7.17 -8.04 -16.21
N LEU A 82 -6.49 -7.17 -15.46
CA LEU A 82 -5.22 -7.56 -14.86
C LEU A 82 -5.45 -8.19 -13.50
N ASN A 83 -6.70 -8.57 -13.26
CA ASN A 83 -7.09 -9.21 -12.01
C ASN A 83 -6.51 -8.50 -10.80
N ILE A 84 -6.99 -7.29 -10.58
CA ILE A 84 -6.54 -6.47 -9.45
C ILE A 84 -6.41 -7.31 -8.18
N LYS A 85 -6.08 -6.62 -7.09
CA LYS A 85 -5.95 -7.25 -5.79
C LYS A 85 -6.90 -6.57 -4.81
N GLY A 86 -6.94 -7.02 -3.56
CA GLY A 86 -7.84 -6.41 -2.59
C GLY A 86 -7.04 -5.64 -1.53
N MET A 87 -6.27 -6.37 -0.75
CA MET A 87 -5.51 -5.80 0.31
C MET A 87 -4.00 -6.05 0.14
N TYR A 88 -3.25 -5.07 -0.37
CA TYR A 88 -1.81 -5.27 -0.52
C TYR A 88 -1.00 -3.99 -0.38
N ILE A 89 -0.07 -4.04 0.54
CA ILE A 89 0.83 -2.93 0.79
C ILE A 89 2.25 -3.48 0.78
N GLU A 90 3.31 -2.67 0.92
CA GLU A 90 4.61 -3.33 0.87
C GLU A 90 5.80 -2.48 1.23
N ILE A 91 6.93 -3.11 0.97
CA ILE A 91 8.24 -2.60 1.24
C ILE A 91 9.21 -2.98 0.12
N LYS A 92 9.94 -2.01 -0.42
CA LYS A 92 10.94 -2.33 -1.44
C LYS A 92 12.30 -2.38 -0.79
N GLN A 93 13.06 -3.41 -1.08
CA GLN A 93 14.37 -3.58 -0.46
C GLN A 93 15.54 -3.45 -1.44
N ILE A 94 16.46 -2.53 -1.14
CA ILE A 94 17.65 -2.38 -1.96
C ILE A 94 17.44 -2.92 -3.37
N ASP B 1 -1.90 -14.99 17.01
CA ASP B 1 -3.06 -14.64 17.87
C ASP B 1 -4.34 -14.69 17.03
N ASN B 2 -4.89 -15.88 16.86
CA ASN B 2 -6.11 -16.05 16.08
C ASN B 2 -5.98 -15.38 14.73
N GLN B 3 -6.82 -15.78 13.78
CA GLN B 3 -6.79 -15.22 12.44
C GLN B 3 -7.35 -13.80 12.45
N LYS B 4 -8.19 -13.51 13.42
CA LYS B 4 -8.80 -12.21 13.53
C LYS B 4 -7.72 -11.12 13.64
N ALA B 5 -6.52 -11.52 14.05
CA ALA B 5 -5.41 -10.60 14.18
C ALA B 5 -4.88 -10.17 12.82
N LEU B 6 -5.12 -11.01 11.81
CA LEU B 6 -4.65 -10.70 10.47
C LEU B 6 -4.80 -9.21 10.18
N GLU B 7 -5.92 -8.64 10.62
CA GLU B 7 -6.17 -7.22 10.40
C GLU B 7 -5.27 -6.38 11.29
N GLU B 8 -4.97 -6.90 12.47
CA GLU B 8 -4.12 -6.21 13.42
C GLU B 8 -2.66 -6.49 13.13
N GLN B 9 -2.41 -7.18 12.03
CA GLN B 9 -1.05 -7.52 11.65
C GLN B 9 -0.97 -8.03 10.22
N MET B 10 -0.09 -7.44 9.43
CA MET B 10 0.08 -7.86 8.04
C MET B 10 1.38 -8.64 7.90
N ASN B 11 1.26 -9.91 7.49
CA ASN B 11 2.39 -10.81 7.30
C ASN B 11 3.71 -10.07 7.01
N SER B 12 3.60 -8.85 6.55
CA SER B 12 4.78 -8.06 6.21
C SER B 12 5.62 -7.77 7.45
N ILE B 13 5.03 -7.81 8.64
CA ILE B 13 5.78 -7.52 9.84
C ILE B 13 6.76 -8.64 10.18
N ASN B 14 6.51 -9.82 9.64
CA ASN B 14 7.35 -10.99 9.92
C ASN B 14 8.53 -11.09 8.97
N SER B 15 8.25 -11.39 7.71
CA SER B 15 9.30 -11.53 6.71
C SER B 15 10.20 -10.30 6.73
N VAL B 16 9.59 -9.13 6.62
CA VAL B 16 10.34 -7.90 6.63
C VAL B 16 11.32 -7.89 7.78
N ASN B 17 10.80 -7.94 9.00
CA ASN B 17 11.64 -7.95 10.19
C ASN B 17 12.94 -8.70 9.92
N ASP B 18 12.82 -9.93 9.44
CA ASP B 18 14.00 -10.75 9.14
C ASP B 18 14.68 -10.21 7.89
N LYS B 19 13.87 -9.65 6.99
CA LYS B 19 14.38 -9.10 5.76
C LYS B 19 15.16 -7.82 6.04
N LEU B 20 14.85 -7.17 7.15
CA LEU B 20 15.51 -5.94 7.54
C LEU B 20 16.88 -6.21 8.15
N ASN B 21 17.40 -7.41 7.97
CA ASN B 21 18.71 -7.77 8.51
C ASN B 21 19.78 -6.99 7.76
N LYS B 22 19.59 -5.68 7.73
CA LYS B 22 20.50 -4.78 7.04
C LYS B 22 21.87 -4.73 7.68
N GLY B 23 21.95 -4.16 8.89
CA GLY B 23 23.22 -4.05 9.56
C GLY B 23 23.25 -4.86 10.84
N LYS B 24 23.06 -6.17 10.69
CA LYS B 24 23.11 -7.05 11.83
C LYS B 24 22.39 -6.44 13.02
N GLY B 25 23.17 -5.96 13.99
CA GLY B 25 22.60 -5.36 15.18
C GLY B 25 21.59 -6.28 15.83
N LYS B 26 21.75 -6.50 17.12
CA LYS B 26 20.85 -7.36 17.87
C LYS B 26 19.61 -6.59 18.25
N LEU B 27 18.47 -7.06 17.77
CA LEU B 27 17.23 -6.37 18.02
C LEU B 27 16.05 -7.35 18.11
N SER B 28 15.00 -6.89 18.79
CA SER B 28 13.79 -7.69 18.98
C SER B 28 12.53 -6.85 18.74
N LEU B 29 11.78 -7.19 17.69
CA LEU B 29 10.57 -6.46 17.36
C LEU B 29 9.39 -6.91 18.21
N SER B 30 8.36 -6.07 18.19
CA SER B 30 7.11 -6.34 18.87
C SER B 30 5.99 -6.11 17.88
N MET B 31 4.84 -6.74 18.08
CA MET B 31 3.75 -6.58 17.14
C MET B 31 2.58 -5.80 17.71
N ASN B 32 2.43 -4.58 17.23
CA ASN B 32 1.33 -3.73 17.63
C ASN B 32 0.55 -3.31 16.39
N GLY B 33 -0.76 -3.54 16.41
CA GLY B 33 -1.62 -3.22 15.27
C GLY B 33 -0.93 -2.33 14.24
N ASN B 34 -1.00 -1.03 14.47
CA ASN B 34 -0.43 -0.08 13.54
C ASN B 34 0.92 0.45 14.02
N GLN B 35 1.67 -0.37 14.74
CA GLN B 35 2.98 0.08 15.21
C GLN B 35 3.96 -1.06 15.39
N LEU B 36 5.14 -0.86 14.85
CA LEU B 36 6.21 -1.82 15.04
C LEU B 36 7.02 -1.26 16.19
N LYS B 37 7.67 -2.11 16.95
CA LYS B 37 8.42 -1.63 18.07
C LYS B 37 9.47 -2.64 18.43
N ALA B 38 10.67 -2.17 18.44
CA ALA B 38 11.80 -3.00 18.69
C ALA B 38 12.90 -2.26 19.41
N THR B 39 13.91 -3.00 19.80
CA THR B 39 15.06 -2.44 20.45
C THR B 39 16.29 -3.00 19.76
N SER B 40 17.40 -2.27 19.75
CA SER B 40 18.56 -2.80 19.04
C SER B 40 19.89 -2.43 19.70
N SER B 41 20.88 -3.28 19.46
CA SER B 41 22.22 -3.08 19.99
C SER B 41 23.24 -3.84 19.15
N ASN B 42 24.42 -4.11 19.72
CA ASN B 42 25.45 -4.82 18.98
C ASN B 42 26.02 -3.86 17.94
N ALA B 43 26.54 -2.77 18.45
CA ALA B 43 27.11 -1.72 17.62
C ALA B 43 27.84 -2.29 16.42
N GLY B 44 28.12 -3.58 16.45
CA GLY B 44 28.80 -4.22 15.34
C GLY B 44 27.83 -4.40 14.20
N TYR B 45 26.93 -3.45 14.11
CA TYR B 45 25.90 -3.44 13.09
C TYR B 45 26.49 -3.46 11.68
N GLY B 46 25.62 -3.28 10.69
CA GLY B 46 26.03 -3.27 9.28
C GLY B 46 27.34 -2.55 9.04
N ILE B 47 28.45 -3.21 9.36
CA ILE B 47 29.74 -2.63 9.17
C ILE B 47 30.31 -3.05 7.83
N SER B 48 30.76 -4.29 7.78
CA SER B 48 31.36 -4.86 6.58
C SER B 48 30.55 -4.53 5.34
N TYR B 49 29.24 -4.57 5.50
CA TYR B 49 28.32 -4.30 4.40
C TYR B 49 28.48 -2.87 3.89
N GLU B 50 28.47 -2.72 2.58
CA GLU B 50 28.62 -1.40 1.95
C GLU B 50 27.42 -0.51 2.26
N ASP B 51 27.14 0.42 1.37
CA ASP B 51 26.02 1.34 1.54
C ASP B 51 24.83 0.93 0.69
N LYS B 52 23.97 0.08 1.26
CA LYS B 52 22.78 -0.37 0.55
C LYS B 52 21.55 0.27 1.20
N ASN B 53 20.55 0.66 0.39
CA ASN B 53 19.39 1.31 0.96
C ASN B 53 18.07 0.98 0.26
N TRP B 54 16.99 1.24 0.98
CA TRP B 54 15.65 1.05 0.48
C TRP B 54 14.71 2.03 1.14
N GLY B 55 13.44 1.92 0.81
CA GLY B 55 12.43 2.81 1.37
C GLY B 55 11.12 2.07 1.57
N ILE B 56 10.62 2.11 2.79
CA ILE B 56 9.38 1.45 3.13
C ILE B 56 8.22 2.36 2.83
N PHE B 57 7.24 1.90 2.03
CA PHE B 57 6.09 2.78 1.66
C PHE B 57 4.74 2.26 2.09
N VAL B 58 3.95 3.24 2.58
CA VAL B 58 2.61 2.95 3.02
C VAL B 58 1.61 3.76 2.20
N ASN B 59 0.36 3.30 2.15
CA ASN B 59 -0.65 4.02 1.39
C ASN B 59 -0.10 4.40 0.00
N GLY B 60 1.03 3.81 -0.38
CA GLY B 60 1.61 4.13 -1.68
C GLY B 60 2.48 5.36 -1.53
N GLU B 61 3.01 5.52 -0.32
CA GLU B 61 3.84 6.66 0.00
C GLU B 61 4.96 6.27 0.92
N LYS B 62 6.07 6.97 0.85
CA LYS B 62 7.14 6.70 1.75
C LYS B 62 6.58 6.62 3.16
N VAL B 63 7.39 6.12 4.07
CA VAL B 63 7.01 6.02 5.46
C VAL B 63 8.26 5.83 6.30
N TYR B 64 9.37 5.51 5.62
CA TYR B 64 10.64 5.29 6.30
C TYR B 64 11.73 4.90 5.28
N THR B 65 12.92 5.50 5.41
CA THR B 65 14.03 5.20 4.49
C THR B 65 15.37 5.19 5.22
N PHE B 66 16.09 4.07 5.11
CA PHE B 66 17.39 3.91 5.74
C PHE B 66 18.38 3.17 4.87
N ASN B 67 19.61 3.28 5.32
CA ASN B 67 20.77 2.68 4.67
C ASN B 67 21.43 1.65 5.60
N GLU B 68 21.99 0.61 5.00
CA GLU B 68 22.67 -0.45 5.76
C GLU B 68 23.65 0.13 6.75
N LYS B 69 24.47 1.08 6.31
CA LYS B 69 25.45 1.69 7.19
C LYS B 69 24.76 2.40 8.34
N SER B 70 23.74 3.20 8.00
CA SER B 70 23.00 3.93 9.01
C SER B 70 22.50 3.00 10.10
N THR B 71 22.79 1.70 9.94
CA THR B 71 22.35 0.70 10.91
C THR B 71 20.97 1.08 11.41
N VAL B 72 19.95 0.58 10.73
CA VAL B 72 18.58 0.91 11.10
C VAL B 72 18.44 0.99 12.61
N GLY B 73 19.13 0.08 13.28
CA GLY B 73 19.04 -0.02 14.72
C GLY B 73 18.82 1.35 15.34
N ASN B 74 19.74 2.27 15.09
CA ASN B 74 19.63 3.62 15.62
C ASN B 74 18.45 4.32 14.94
N ILE B 75 18.17 3.93 13.71
CA ILE B 75 17.10 4.53 12.96
C ILE B 75 15.74 4.03 13.45
N SER B 76 15.44 2.77 13.14
CA SER B 76 14.17 2.17 13.53
C SER B 76 13.74 2.80 14.84
N ASN B 77 14.75 3.14 15.61
CA ASN B 77 14.56 3.81 16.87
C ASN B 77 13.67 5.03 16.69
N ASP B 78 14.18 6.00 15.92
CA ASP B 78 13.42 7.22 15.65
C ASP B 78 12.08 6.83 15.03
N ILE B 79 12.15 6.16 13.90
CA ILE B 79 11.00 5.67 13.19
C ILE B 79 9.87 5.34 14.14
N ASN B 80 10.12 4.33 14.94
CA ASN B 80 9.13 3.89 15.93
C ASN B 80 8.43 5.08 16.59
N LYS B 81 8.94 6.28 16.35
CA LYS B 81 8.37 7.49 16.96
C LYS B 81 7.31 8.17 16.07
N LEU B 82 7.23 7.84 14.79
CA LEU B 82 6.23 8.49 13.94
C LEU B 82 4.92 7.71 13.98
N ASN B 83 4.83 6.83 14.97
CA ASN B 83 3.63 6.02 15.17
C ASN B 83 3.16 5.39 13.86
N ILE B 84 3.96 4.48 13.34
CA ILE B 84 3.64 3.79 12.10
C ILE B 84 2.17 3.38 12.05
N LYS B 85 1.84 2.67 10.98
CA LYS B 85 0.48 2.18 10.80
C LYS B 85 0.53 0.65 10.65
N GLY B 86 -0.62 0.01 10.47
CA GLY B 86 -0.62 -1.44 10.33
C GLY B 86 -1.03 -1.85 8.91
N MET B 87 -2.26 -1.55 8.55
CA MET B 87 -2.78 -1.89 7.26
C MET B 87 -3.22 -0.65 6.46
N TYR B 88 -2.39 -0.18 5.52
CA TYR B 88 -2.81 0.98 4.74
C TYR B 88 -2.23 0.99 3.35
N ILE B 89 -3.13 1.07 2.38
CA ILE B 89 -2.77 1.14 0.98
C ILE B 89 -3.50 2.32 0.37
N GLU B 90 -3.31 2.67 -0.91
CA GLU B 90 -4.08 3.83 -1.37
C GLU B 90 -4.04 4.12 -2.85
N ILE B 91 -4.59 5.29 -3.11
CA ILE B 91 -4.75 5.83 -4.43
C ILE B 91 -4.50 7.34 -4.41
N LYS B 92 -3.67 7.83 -5.32
CA LYS B 92 -3.45 9.27 -5.40
C LYS B 92 -4.27 9.81 -6.54
N GLN B 93 -4.99 10.90 -6.30
CA GLN B 93 -5.87 11.47 -7.32
C GLN B 93 -5.41 12.84 -7.82
N ILE B 94 -5.21 12.97 -9.13
CA ILE B 94 -4.87 14.24 -9.73
C ILE B 94 -4.23 15.18 -8.71
N ASP A 1 -17.62 -21.63 7.88
CA ASP A 1 -17.43 -20.15 7.98
C ASP A 1 -17.17 -19.58 6.59
N ASN A 2 -18.13 -19.78 5.69
CA ASN A 2 -18.00 -19.27 4.33
C ASN A 2 -17.91 -17.76 4.32
N GLN A 3 -17.92 -17.16 5.51
CA GLN A 3 -17.83 -15.70 5.63
C GLN A 3 -16.58 -15.18 4.93
N LYS A 4 -15.81 -16.09 4.36
CA LYS A 4 -14.59 -15.72 3.67
C LYS A 4 -14.91 -14.78 2.51
N ALA A 5 -16.08 -14.95 1.91
CA ALA A 5 -16.48 -14.11 0.80
C ALA A 5 -16.47 -12.64 1.20
N LEU A 6 -16.49 -12.39 2.51
CA LEU A 6 -16.47 -11.03 3.02
C LEU A 6 -15.06 -10.62 3.43
N GLU A 7 -14.29 -11.59 3.92
CA GLU A 7 -12.92 -11.32 4.35
C GLU A 7 -12.06 -10.96 3.15
N GLU A 8 -12.40 -11.51 1.99
CA GLU A 8 -11.64 -11.24 0.78
C GLU A 8 -12.01 -9.88 0.22
N GLN A 9 -12.88 -9.19 0.94
CA GLN A 9 -13.31 -7.85 0.53
C GLN A 9 -13.63 -6.99 1.75
N MET A 10 -12.86 -5.92 1.91
CA MET A 10 -13.06 -5.01 3.04
C MET A 10 -13.68 -3.70 2.57
N ASN A 11 -14.86 -3.39 3.10
CA ASN A 11 -15.59 -2.18 2.75
C ASN A 11 -14.67 -1.05 2.26
N SER A 12 -13.40 -1.14 2.63
CA SER A 12 -12.43 -0.14 2.25
C SER A 12 -12.26 -0.09 0.73
N ILE A 13 -12.58 -1.18 0.05
CA ILE A 13 -12.43 -1.18 -1.39
C ILE A 13 -13.54 -0.38 -2.06
N ASN A 14 -14.63 -0.18 -1.34
CA ASN A 14 -15.76 0.56 -1.89
C ASN A 14 -15.49 2.05 -1.94
N SER A 15 -15.40 2.67 -0.78
CA SER A 15 -15.15 4.11 -0.72
C SER A 15 -14.28 4.53 -1.89
N VAL A 16 -13.26 3.73 -2.17
CA VAL A 16 -12.36 4.02 -3.27
C VAL A 16 -13.12 3.89 -4.59
N ASN A 17 -13.62 2.69 -4.84
CA ASN A 17 -14.38 2.42 -6.05
C ASN A 17 -15.36 3.55 -6.32
N ASP A 18 -16.04 4.00 -5.27
CA ASP A 18 -17.01 5.07 -5.42
C ASP A 18 -16.29 6.37 -5.73
N LYS A 19 -15.17 6.57 -5.06
CA LYS A 19 -14.36 7.75 -5.27
C LYS A 19 -14.11 7.97 -6.75
N LEU A 20 -13.46 6.99 -7.37
CA LEU A 20 -13.15 7.05 -8.78
C LEU A 20 -14.43 6.97 -9.63
N ASN A 21 -15.59 7.01 -8.96
CA ASN A 21 -16.86 6.92 -9.69
C ASN A 21 -18.03 7.47 -8.88
N LYS A 22 -18.49 8.65 -9.27
CA LYS A 22 -19.64 9.29 -8.63
C LYS A 22 -20.35 10.21 -9.62
N GLY A 23 -19.97 10.11 -10.89
CA GLY A 23 -20.57 10.94 -11.92
C GLY A 23 -20.25 10.38 -13.31
N LYS A 24 -19.25 10.94 -13.94
CA LYS A 24 -18.83 10.53 -15.25
C LYS A 24 -20.03 10.03 -16.03
N GLY A 25 -19.76 9.19 -17.00
CA GLY A 25 -20.82 8.62 -17.81
C GLY A 25 -21.45 7.44 -17.06
N LYS A 26 -21.68 6.31 -17.74
CA LYS A 26 -22.28 5.17 -17.08
C LYS A 26 -21.34 3.97 -17.04
N LEU A 27 -20.80 3.74 -15.85
CA LEU A 27 -19.88 2.66 -15.61
C LEU A 27 -19.98 2.22 -14.16
N SER A 28 -20.23 0.92 -13.95
CA SER A 28 -20.36 0.40 -12.59
C SER A 28 -19.23 -0.58 -12.29
N LEU A 29 -18.39 -0.24 -11.30
CA LEU A 29 -17.28 -1.08 -10.93
C LEU A 29 -17.64 -2.04 -9.81
N SER A 30 -16.80 -3.05 -9.66
CA SER A 30 -16.95 -4.04 -8.61
C SER A 30 -15.57 -4.41 -8.10
N MET A 31 -15.48 -4.89 -6.88
CA MET A 31 -14.19 -5.23 -6.32
C MET A 31 -14.16 -6.65 -5.77
N ASN A 32 -13.21 -7.41 -6.27
CA ASN A 32 -13.02 -8.79 -5.81
C ASN A 32 -11.59 -8.93 -5.32
N GLY A 33 -11.42 -8.83 -4.01
CA GLY A 33 -10.09 -8.94 -3.41
C GLY A 33 -9.03 -8.25 -4.27
N ASN A 34 -8.42 -9.02 -5.16
CA ASN A 34 -7.36 -8.49 -6.01
C ASN A 34 -7.81 -8.26 -7.45
N GLN A 35 -9.09 -7.97 -7.66
CA GLN A 35 -9.57 -7.74 -9.02
C GLN A 35 -10.70 -6.72 -9.10
N LEU A 36 -10.64 -5.90 -10.15
CA LEU A 36 -11.69 -4.92 -10.39
C LEU A 36 -12.56 -5.51 -11.49
N LYS A 37 -13.81 -5.09 -11.54
CA LYS A 37 -14.71 -5.60 -12.56
C LYS A 37 -15.81 -4.61 -12.71
N ALA A 38 -16.03 -4.20 -13.91
CA ALA A 38 -17.02 -3.22 -14.17
C ALA A 38 -17.68 -3.40 -15.52
N THR A 39 -18.69 -2.59 -15.73
CA THR A 39 -19.42 -2.57 -16.96
C THR A 39 -19.52 -1.12 -17.39
N SER A 40 -19.56 -0.87 -18.68
CA SER A 40 -19.60 0.52 -19.12
C SER A 40 -20.53 0.76 -20.29
N SER A 41 -21.00 1.99 -20.34
CA SER A 41 -21.89 2.46 -21.39
C SER A 41 -21.99 3.97 -21.29
N ASN A 42 -21.89 4.65 -22.40
CA ASN A 42 -21.93 6.11 -22.38
C ASN A 42 -20.91 6.60 -21.35
N ALA A 43 -20.17 5.63 -20.83
CA ALA A 43 -19.14 5.88 -19.84
C ALA A 43 -17.99 6.66 -20.45
N GLY A 44 -18.10 6.87 -21.75
CA GLY A 44 -17.07 7.58 -22.48
C GLY A 44 -16.91 9.00 -21.97
N TYR A 45 -17.11 9.24 -20.68
CA TYR A 45 -16.94 10.60 -20.18
C TYR A 45 -16.46 10.68 -18.74
N GLY A 46 -16.40 11.92 -18.28
CA GLY A 46 -15.96 12.26 -16.93
C GLY A 46 -16.40 13.66 -16.58
N ILE A 47 -17.63 13.98 -16.95
CA ILE A 47 -18.20 15.30 -16.71
C ILE A 47 -18.04 15.75 -15.27
N SER A 48 -18.85 15.16 -14.40
CA SER A 48 -18.85 15.49 -12.98
C SER A 48 -17.55 16.16 -12.58
N TYR A 49 -16.45 15.71 -13.16
CA TYR A 49 -15.15 16.30 -12.90
C TYR A 49 -14.44 16.57 -14.23
N GLU A 50 -14.26 17.84 -14.55
CA GLU A 50 -13.59 18.22 -15.79
C GLU A 50 -12.31 17.43 -15.97
N ASP A 51 -11.50 17.81 -16.95
CA ASP A 51 -10.24 17.13 -17.19
C ASP A 51 -9.40 17.10 -15.91
N LYS A 52 -9.71 16.16 -15.04
CA LYS A 52 -8.99 16.02 -13.79
C LYS A 52 -8.07 14.80 -13.86
N ASN A 53 -7.00 14.81 -13.07
CA ASN A 53 -6.04 13.70 -13.10
C ASN A 53 -6.17 12.74 -11.92
N TRP A 54 -5.82 11.49 -12.20
CA TRP A 54 -5.85 10.44 -11.20
C TRP A 54 -4.52 9.71 -11.20
N GLY A 55 -4.20 9.15 -10.04
CA GLY A 55 -2.97 8.37 -9.89
C GLY A 55 -3.22 7.24 -8.92
N ILE A 56 -3.03 6.02 -9.40
CA ILE A 56 -3.24 4.87 -8.59
C ILE A 56 -1.92 4.17 -8.29
N PHE A 57 -1.71 3.78 -7.02
CA PHE A 57 -0.46 3.12 -6.64
C PHE A 57 -0.69 1.90 -5.77
N VAL A 58 0.06 0.85 -6.09
CA VAL A 58 -0.05 -0.39 -5.36
C VAL A 58 1.29 -0.81 -4.79
N ASN A 59 1.25 -1.63 -3.74
CA ASN A 59 2.48 -2.11 -3.13
C ASN A 59 3.46 -0.97 -2.87
N GLY A 60 3.04 0.28 -3.06
CA GLY A 60 3.97 1.37 -2.82
C GLY A 60 4.39 2.00 -4.15
N GLU A 61 3.71 1.62 -5.22
CA GLU A 61 4.05 2.11 -6.54
C GLU A 61 2.84 2.35 -7.42
N LYS A 62 2.95 3.32 -8.31
CA LYS A 62 1.89 3.56 -9.25
C LYS A 62 1.44 2.21 -9.78
N VAL A 63 0.36 2.21 -10.53
CA VAL A 63 -0.17 0.99 -11.10
C VAL A 63 -1.08 1.34 -12.26
N TYR A 64 -1.38 2.62 -12.40
CA TYR A 64 -2.28 3.08 -13.45
C TYR A 64 -2.39 4.61 -13.41
N THR A 65 -2.92 5.21 -14.47
CA THR A 65 -3.06 6.66 -14.54
C THR A 65 -4.10 7.04 -15.59
N PHE A 66 -5.07 7.87 -15.19
CA PHE A 66 -6.10 8.29 -16.11
C PHE A 66 -6.73 9.63 -15.79
N ASN A 67 -6.95 10.35 -16.86
CA ASN A 67 -7.60 11.65 -16.81
C ASN A 67 -9.11 11.44 -16.99
N GLU A 68 -9.92 12.23 -16.30
CA GLU A 68 -11.36 12.07 -16.42
C GLU A 68 -11.82 12.11 -17.86
N LYS A 69 -11.32 13.08 -18.62
CA LYS A 69 -11.71 13.19 -20.03
C LYS A 69 -11.38 11.88 -20.74
N SER A 70 -10.26 11.28 -20.38
CA SER A 70 -9.89 10.00 -20.98
C SER A 70 -10.95 8.97 -20.60
N THR A 71 -11.93 9.46 -19.85
CA THR A 71 -13.01 8.61 -19.38
C THR A 71 -12.50 7.22 -19.11
N VAL A 72 -12.13 6.96 -17.86
CA VAL A 72 -11.59 5.68 -17.48
C VAL A 72 -12.30 4.55 -18.20
N GLY A 73 -13.60 4.72 -18.36
CA GLY A 73 -14.42 3.69 -18.97
C GLY A 73 -13.62 2.91 -19.99
N ASN A 74 -13.13 3.60 -21.02
CA ASN A 74 -12.34 2.95 -22.04
C ASN A 74 -11.00 2.51 -21.45
N ILE A 75 -10.50 3.30 -20.50
CA ILE A 75 -9.24 3.00 -19.88
C ILE A 75 -9.35 1.80 -18.95
N SER A 76 -9.99 2.01 -17.80
CA SER A 76 -10.14 0.94 -16.82
C SER A 76 -10.22 -0.39 -17.55
N ASN A 77 -10.77 -0.36 -18.76
CA ASN A 77 -10.85 -1.55 -19.57
C ASN A 77 -9.49 -2.21 -19.64
N ASP A 78 -8.59 -1.56 -20.35
CA ASP A 78 -7.23 -2.10 -20.48
C ASP A 78 -6.67 -2.44 -19.11
N ILE A 79 -6.70 -1.47 -18.23
CA ILE A 79 -6.22 -1.62 -16.87
C ILE A 79 -6.57 -2.97 -16.28
N ASN A 80 -7.84 -3.15 -16.00
CA ASN A 80 -8.32 -4.41 -15.39
C ASN A 80 -7.58 -5.63 -15.94
N LYS A 81 -6.83 -5.44 -17.02
CA LYS A 81 -6.12 -6.57 -17.65
C LYS A 81 -4.73 -6.83 -17.03
N LEU A 82 -4.16 -5.86 -16.31
CA LEU A 82 -2.84 -6.10 -15.71
C LEU A 82 -3.01 -6.83 -14.39
N ASN A 83 -4.19 -7.42 -14.23
CA ASN A 83 -4.52 -8.18 -13.04
C ASN A 83 -4.15 -7.45 -11.75
N ILE A 84 -4.83 -6.34 -11.49
CA ILE A 84 -4.62 -5.57 -10.29
C ILE A 84 -4.70 -6.46 -9.05
N LYS A 85 -4.53 -5.83 -7.89
CA LYS A 85 -4.62 -6.52 -6.62
C LYS A 85 -5.47 -5.70 -5.64
N GLY A 86 -5.65 -6.19 -4.42
CA GLY A 86 -6.46 -5.46 -3.46
C GLY A 86 -5.55 -4.81 -2.42
N MET A 87 -5.50 -5.44 -1.26
CA MET A 87 -4.71 -4.96 -0.17
C MET A 87 -3.24 -5.29 -0.36
N TYR A 88 -2.49 -4.39 -0.96
CA TYR A 88 -1.08 -4.65 -1.14
C TYR A 88 -0.24 -3.41 -0.99
N ILE A 89 0.51 -3.43 0.07
CA ILE A 89 1.42 -2.36 0.37
C ILE A 89 2.79 -3.00 0.44
N GLU A 90 3.87 -2.25 0.64
CA GLU A 90 5.12 -2.98 0.67
C GLU A 90 6.36 -2.17 1.00
N ILE A 91 7.44 -2.92 0.82
CA ILE A 91 8.78 -2.49 1.04
C ILE A 91 9.64 -3.11 -0.07
N LYS A 92 10.88 -2.66 -0.23
CA LYS A 92 11.74 -3.25 -1.26
C LYS A 92 12.85 -4.07 -0.60
N GLN A 93 13.34 -5.07 -1.30
CA GLN A 93 14.38 -5.94 -0.77
C GLN A 93 15.73 -5.76 -1.46
N ILE A 94 16.66 -5.15 -0.75
CA ILE A 94 18.02 -4.94 -1.25
C ILE A 94 18.22 -5.55 -2.63
N ASP B 1 -15.67 -9.26 22.58
CA ASP B 1 -14.78 -9.72 21.48
C ASP B 1 -13.51 -8.88 21.48
N ASN B 2 -12.79 -8.90 22.59
CA ASN B 2 -11.55 -8.14 22.71
C ASN B 2 -10.52 -8.62 21.69
N GLN B 3 -10.91 -9.59 20.87
CA GLN B 3 -10.02 -10.13 19.85
C GLN B 3 -9.51 -9.02 18.94
N LYS B 4 -9.95 -7.80 19.21
CA LYS B 4 -9.53 -6.65 18.40
C LYS B 4 -8.02 -6.48 18.47
N ALA B 5 -7.42 -6.85 19.60
CA ALA B 5 -5.99 -6.74 19.77
C ALA B 5 -5.26 -7.52 18.68
N LEU B 6 -5.97 -8.44 18.04
CA LEU B 6 -5.38 -9.24 16.97
C LEU B 6 -5.74 -8.67 15.60
N GLU B 7 -6.95 -8.11 15.50
CA GLU B 7 -7.40 -7.53 14.26
C GLU B 7 -6.56 -6.30 13.89
N GLU B 8 -6.07 -5.61 14.91
CA GLU B 8 -5.26 -4.44 14.69
C GLU B 8 -3.85 -4.84 14.29
N GLN B 9 -3.63 -6.13 14.16
CA GLN B 9 -2.33 -6.65 13.78
C GLN B 9 -2.48 -7.95 12.99
N MET B 10 -2.05 -7.91 11.72
CA MET B 10 -2.14 -9.08 10.86
C MET B 10 -0.76 -9.69 10.64
N ASN B 11 -0.60 -10.95 11.04
CA ASN B 11 0.66 -11.67 10.90
C ASN B 11 1.52 -11.13 9.75
N SER B 12 0.89 -10.47 8.81
CA SER B 12 1.59 -9.91 7.67
C SER B 12 2.60 -8.87 8.10
N ILE B 13 2.40 -8.25 9.26
CA ILE B 13 3.33 -7.24 9.71
C ILE B 13 4.63 -7.88 10.20
N ASN B 14 4.57 -9.16 10.55
CA ASN B 14 5.72 -9.87 11.06
C ASN B 14 6.73 -10.17 9.96
N SER B 15 6.34 -11.07 9.06
CA SER B 15 7.23 -11.46 7.97
C SER B 15 8.08 -10.27 7.55
N VAL B 16 7.45 -9.11 7.47
CA VAL B 16 8.17 -7.91 7.10
C VAL B 16 9.17 -7.55 8.19
N ASN B 17 8.64 -7.31 9.38
CA ASN B 17 9.47 -6.96 10.53
C ASN B 17 10.69 -7.88 10.59
N ASP B 18 10.46 -9.17 10.37
CA ASP B 18 11.56 -10.14 10.41
C ASP B 18 12.47 -9.92 9.22
N LYS B 19 11.86 -9.63 8.08
CA LYS B 19 12.60 -9.39 6.87
C LYS B 19 13.70 -8.35 7.12
N LEU B 20 13.27 -7.15 7.53
CA LEU B 20 14.20 -6.08 7.83
C LEU B 20 15.04 -6.40 9.06
N ASN B 21 14.93 -7.63 9.57
CA ASN B 21 15.68 -8.01 10.75
C ASN B 21 15.82 -9.53 10.91
N LYS B 22 17.01 -10.03 10.61
CA LYS B 22 17.31 -11.46 10.75
C LYS B 22 18.79 -11.66 11.02
N GLY B 23 19.48 -10.56 11.32
CA GLY B 23 20.92 -10.61 11.60
C GLY B 23 21.39 -9.33 12.26
N LYS B 24 21.94 -8.45 11.45
CA LYS B 24 22.44 -7.18 11.94
C LYS B 24 22.95 -7.34 13.36
N GLY B 25 22.96 -6.25 14.07
CA GLY B 25 23.38 -6.25 15.46
C GLY B 25 22.24 -6.73 16.34
N LYS B 26 21.97 -6.05 17.47
CA LYS B 26 20.89 -6.48 18.35
C LYS B 26 19.81 -5.41 18.43
N LEU B 27 18.70 -5.71 17.78
CA LEU B 27 17.55 -4.82 17.73
C LEU B 27 16.29 -5.65 17.53
N SER B 28 15.32 -5.49 18.43
CA SER B 28 14.07 -6.24 18.34
C SER B 28 12.90 -5.30 18.08
N LEU B 29 12.26 -5.46 16.92
CA LEU B 29 11.14 -4.63 16.55
C LEU B 29 9.81 -5.24 16.98
N SER B 30 8.79 -4.39 16.99
CA SER B 30 7.44 -4.79 17.32
C SER B 30 6.48 -4.03 16.42
N MET B 31 5.30 -4.56 16.20
CA MET B 31 4.36 -3.90 15.32
C MET B 31 3.00 -3.71 15.98
N ASN B 32 2.56 -2.47 16.02
CA ASN B 32 1.26 -2.13 16.57
C ASN B 32 0.46 -1.40 15.51
N GLY B 33 -0.41 -2.14 14.83
CA GLY B 33 -1.23 -1.56 13.77
C GLY B 33 -0.46 -0.54 12.95
N ASN B 34 -0.53 0.72 13.36
CA ASN B 34 0.13 1.80 12.63
C ASN B 34 1.39 2.30 13.34
N GLN B 35 2.06 1.44 14.11
CA GLN B 35 3.27 1.89 14.80
C GLN B 35 4.31 0.79 14.95
N LEU B 36 5.57 1.18 14.79
CA LEU B 36 6.68 0.27 14.98
C LEU B 36 7.25 0.57 16.35
N LYS B 37 7.89 -0.40 16.96
CA LYS B 37 8.46 -0.20 18.27
C LYS B 37 9.54 -1.23 18.46
N ALA B 38 10.68 -0.76 18.80
CA ALA B 38 11.80 -1.64 18.95
C ALA B 38 12.75 -1.19 20.02
N THR B 39 13.71 -2.04 20.27
CA THR B 39 14.75 -1.78 21.23
C THR B 39 16.06 -2.09 20.55
N SER B 40 17.13 -1.41 20.92
CA SER B 40 18.38 -1.66 20.23
C SER B 40 19.59 -1.65 21.15
N SER B 41 20.60 -2.39 20.70
CA SER B 41 21.85 -2.51 21.42
C SER B 41 22.85 -3.19 20.50
N ASN B 42 24.05 -2.67 20.42
CA ASN B 42 25.04 -3.24 19.53
C ASN B 42 24.43 -3.36 18.14
N ALA B 43 23.21 -2.82 18.04
CA ALA B 43 22.44 -2.83 16.81
C ALA B 43 23.10 -1.94 15.78
N GLY B 44 24.15 -1.27 16.20
CA GLY B 44 24.87 -0.36 15.34
C GLY B 44 25.46 -1.08 14.13
N TYR B 45 24.80 -2.12 13.64
CA TYR B 45 25.35 -2.81 12.48
C TYR B 45 24.30 -3.41 11.55
N GLY B 46 24.83 -4.11 10.55
CA GLY B 46 24.03 -4.77 9.54
C GLY B 46 24.88 -5.81 8.82
N ILE B 47 25.66 -6.55 9.59
CA ILE B 47 26.55 -7.56 9.07
C ILE B 47 25.84 -8.51 8.11
N SER B 48 25.06 -9.41 8.70
CA SER B 48 24.32 -10.41 7.96
C SER B 48 24.18 -10.02 6.51
N TYR B 49 23.97 -8.73 6.27
CA TYR B 49 23.87 -8.22 4.91
C TYR B 49 24.76 -7.00 4.76
N GLU B 50 25.82 -7.13 3.97
CA GLU B 50 26.74 -6.01 3.75
C GLU B 50 25.98 -4.74 3.43
N ASP B 51 26.71 -3.71 3.02
CA ASP B 51 26.08 -2.44 2.69
C ASP B 51 24.97 -2.64 1.66
N LYS B 52 23.82 -3.08 2.13
CA LYS B 52 22.68 -3.31 1.25
C LYS B 52 21.65 -2.20 1.42
N ASN B 53 20.84 -1.96 0.39
CA ASN B 53 19.87 -0.88 0.46
C ASN B 53 18.43 -1.35 0.69
N TRP B 54 17.68 -0.48 1.35
CA TRP B 54 16.29 -0.76 1.65
C TRP B 54 15.43 0.42 1.22
N GLY B 55 14.18 0.12 0.91
CA GLY B 55 13.23 1.15 0.51
C GLY B 55 11.85 0.78 1.03
N ILE B 56 11.30 1.65 1.84
CA ILE B 56 10.01 1.41 2.41
C ILE B 56 8.98 2.38 1.83
N PHE B 57 7.80 1.87 1.46
CA PHE B 57 6.76 2.73 0.88
C PHE B 57 5.40 2.47 1.47
N VAL B 58 4.70 3.57 1.75
CA VAL B 58 3.37 3.48 2.33
C VAL B 58 2.36 4.21 1.47
N ASN B 59 1.09 3.82 1.61
CA ASN B 59 0.03 4.45 0.86
C ASN B 59 0.37 4.54 -0.63
N GLY B 60 1.47 3.92 -1.07
CA GLY B 60 1.82 4.02 -2.47
C GLY B 60 3.05 4.90 -2.65
N GLU B 61 3.69 5.24 -1.54
CA GLU B 61 4.82 6.14 -1.58
C GLU B 61 5.90 5.78 -0.58
N LYS B 62 7.15 6.06 -0.92
CA LYS B 62 8.23 5.83 0.01
C LYS B 62 7.77 6.34 1.37
N VAL B 63 8.56 6.06 2.37
CA VAL B 63 8.25 6.51 3.72
C VAL B 63 9.51 6.50 4.57
N TYR B 64 10.56 5.91 4.00
CA TYR B 64 11.82 5.79 4.73
C TYR B 64 12.88 5.12 3.82
N THR B 65 14.16 5.21 4.20
CA THR B 65 15.22 4.63 3.41
C THR B 65 16.47 4.43 4.27
N PHE B 66 17.03 3.22 4.26
CA PHE B 66 18.20 2.93 5.04
C PHE B 66 19.06 1.81 4.50
N ASN B 67 20.34 2.06 4.61
CA ASN B 67 21.37 1.12 4.21
C ASN B 67 21.74 0.28 5.43
N GLU B 68 22.02 -0.99 5.22
CA GLU B 68 22.37 -1.87 6.34
C GLU B 68 23.50 -1.28 7.18
N LYS B 69 24.55 -0.81 6.52
CA LYS B 69 25.67 -0.24 7.25
C LYS B 69 25.18 0.91 8.12
N SER B 70 24.22 1.67 7.61
CA SER B 70 23.66 2.77 8.39
C SER B 70 22.97 2.17 9.60
N THR B 71 23.05 0.85 9.68
CA THR B 71 22.42 0.10 10.76
C THR B 71 21.15 0.80 11.19
N VAL B 72 20.04 0.36 10.63
CA VAL B 72 18.75 0.95 10.93
C VAL B 72 18.65 1.33 12.39
N GLY B 73 19.22 0.48 13.23
CA GLY B 73 19.13 0.67 14.66
C GLY B 73 19.08 2.15 15.00
N ASN B 74 20.12 2.87 14.62
CA ASN B 74 20.17 4.31 14.88
C ASN B 74 19.12 5.01 14.03
N ILE B 75 18.89 4.48 12.84
CA ILE B 75 17.93 5.06 11.94
C ILE B 75 16.50 4.83 12.41
N SER B 76 16.03 3.59 12.28
CA SER B 76 14.67 3.25 12.68
C SER B 76 14.28 4.14 13.86
N ASN B 77 15.26 4.52 14.65
CA ASN B 77 15.01 5.39 15.78
C ASN B 77 14.25 6.61 15.30
N ASP B 78 14.94 7.45 14.54
CA ASP B 78 14.32 8.66 14.01
C ASP B 78 13.00 8.31 13.33
N ILE B 79 13.08 7.38 12.39
CA ILE B 79 11.93 6.91 11.66
C ILE B 79 10.70 6.80 12.52
N ASN B 80 10.70 5.80 13.39
CA ASN B 80 9.55 5.55 14.26
C ASN B 80 8.90 6.84 14.75
N LYS B 81 9.57 7.98 14.54
CA LYS B 81 9.04 9.26 15.00
C LYS B 81 8.08 9.92 13.98
N LEU B 82 8.11 9.51 12.71
CA LEU B 82 7.20 10.13 11.74
C LEU B 82 5.84 9.45 11.83
N ASN B 83 5.63 8.74 12.92
CA ASN B 83 4.39 8.04 13.19
C ASN B 83 3.92 7.23 11.99
N ILE B 84 4.68 6.19 11.64
CA ILE B 84 4.34 5.30 10.56
C ILE B 84 2.91 4.79 10.70
N LYS B 85 2.52 3.95 9.75
CA LYS B 85 1.19 3.34 9.76
C LYS B 85 1.32 1.86 9.45
N GLY B 86 0.20 1.13 9.42
CA GLY B 86 0.26 -0.29 9.14
C GLY B 86 -0.24 -0.56 7.73
N MET B 87 -1.47 -1.03 7.64
CA MET B 87 -2.09 -1.33 6.39
C MET B 87 -2.56 -0.08 5.68
N TYR B 88 -1.73 0.48 4.83
CA TYR B 88 -2.15 1.66 4.11
C TYR B 88 -1.62 1.69 2.70
N ILE B 89 -2.55 1.56 1.80
CA ILE B 89 -2.26 1.61 0.40
C ILE B 89 -3.09 2.73 -0.16
N GLU B 90 -2.99 3.08 -1.44
CA GLU B 90 -3.84 4.19 -1.84
C GLU B 90 -3.83 4.53 -3.31
N ILE B 91 -4.49 5.65 -3.50
CA ILE B 91 -4.71 6.30 -4.77
C ILE B 91 -4.60 7.82 -4.54
N LYS B 92 -4.50 8.61 -5.60
CA LYS B 92 -4.43 10.05 -5.42
C LYS B 92 -5.72 10.70 -5.91
N GLN B 93 -6.06 11.85 -5.34
CA GLN B 93 -7.29 12.53 -5.70
C GLN B 93 -7.04 13.83 -6.46
N ILE B 94 -7.35 13.81 -7.76
CA ILE B 94 -7.21 14.98 -8.61
C ILE B 94 -6.75 16.21 -7.83
N ASP A 1 -13.83 -23.32 6.34
CA ASP A 1 -14.67 -22.12 6.10
C ASP A 1 -14.02 -20.91 6.77
N ASN A 2 -13.12 -20.25 6.04
CA ASN A 2 -12.44 -19.08 6.58
C ASN A 2 -13.16 -17.80 6.18
N GLN A 3 -14.23 -17.48 6.92
CA GLN A 3 -15.00 -16.28 6.63
C GLN A 3 -14.15 -15.03 6.83
N LYS A 4 -12.97 -15.21 7.41
CA LYS A 4 -12.07 -14.10 7.67
C LYS A 4 -11.73 -13.38 6.36
N ALA A 5 -12.15 -13.95 5.25
CA ALA A 5 -11.90 -13.37 3.95
C ALA A 5 -12.13 -11.85 3.98
N LEU A 6 -12.88 -11.40 4.97
CA LEU A 6 -13.16 -9.97 5.10
C LEU A 6 -11.93 -9.15 4.75
N GLU A 7 -10.76 -9.69 5.09
CA GLU A 7 -9.51 -9.00 4.80
C GLU A 7 -9.38 -8.75 3.31
N GLU A 8 -9.48 -9.81 2.52
CA GLU A 8 -9.38 -9.69 1.08
C GLU A 8 -10.44 -8.73 0.58
N GLN A 9 -11.34 -8.39 1.48
CA GLN A 9 -12.43 -7.48 1.15
C GLN A 9 -12.63 -6.49 2.29
N MET A 10 -11.81 -5.45 2.32
CA MET A 10 -11.90 -4.43 3.36
C MET A 10 -12.77 -3.28 2.89
N ASN A 11 -13.83 -2.99 3.65
CA ASN A 11 -14.77 -1.91 3.33
C ASN A 11 -14.13 -0.81 2.50
N SER A 12 -12.82 -0.72 2.57
CA SER A 12 -12.09 0.28 1.82
C SER A 12 -12.38 0.16 0.34
N ILE A 13 -12.66 -1.06 -0.11
CA ILE A 13 -12.94 -1.24 -1.52
C ILE A 13 -14.25 -0.57 -1.90
N ASN A 14 -15.09 -0.30 -0.92
CA ASN A 14 -16.37 0.33 -1.15
C ASN A 14 -16.21 1.82 -1.44
N SER A 15 -15.83 2.58 -0.43
CA SER A 15 -15.64 4.00 -0.62
C SER A 15 -14.78 4.22 -1.84
N VAL A 16 -13.69 3.45 -1.91
CA VAL A 16 -12.79 3.52 -3.05
C VAL A 16 -13.60 3.42 -4.32
N ASN A 17 -14.45 2.40 -4.34
CA ASN A 17 -15.32 2.12 -5.48
C ASN A 17 -15.88 3.39 -6.09
N ASP A 18 -16.75 4.06 -5.34
CA ASP A 18 -17.39 5.29 -5.81
C ASP A 18 -16.40 6.45 -5.86
N LYS A 19 -15.35 6.35 -5.05
CA LYS A 19 -14.33 7.38 -4.98
C LYS A 19 -13.90 7.87 -6.38
N LEU A 20 -13.35 6.96 -7.18
CA LEU A 20 -12.88 7.29 -8.52
C LEU A 20 -14.04 7.53 -9.47
N ASN A 21 -15.25 7.65 -8.94
CA ASN A 21 -16.43 7.85 -9.77
C ASN A 21 -17.44 8.74 -9.07
N LYS A 22 -17.54 9.98 -9.53
CA LYS A 22 -18.48 10.93 -8.95
C LYS A 22 -19.21 11.72 -10.05
N GLY A 23 -18.54 11.93 -11.19
CA GLY A 23 -19.16 12.67 -12.28
C GLY A 23 -18.65 12.20 -13.64
N LYS A 24 -17.72 11.25 -13.65
CA LYS A 24 -17.18 10.74 -14.90
C LYS A 24 -18.32 10.30 -15.81
N GLY A 25 -18.44 8.99 -16.02
CA GLY A 25 -19.50 8.47 -16.87
C GLY A 25 -20.16 7.28 -16.22
N LYS A 26 -20.85 6.50 -17.03
CA LYS A 26 -21.52 5.32 -16.54
C LYS A 26 -20.52 4.19 -16.43
N LEU A 27 -20.19 3.79 -15.21
CA LEU A 27 -19.23 2.74 -15.00
C LEU A 27 -19.54 2.02 -13.69
N SER A 28 -19.80 0.72 -13.77
CA SER A 28 -20.12 -0.05 -12.58
C SER A 28 -19.02 -1.07 -12.27
N LEU A 29 -18.22 -0.77 -11.26
CA LEU A 29 -17.15 -1.66 -10.86
C LEU A 29 -17.68 -2.77 -9.98
N SER A 30 -16.87 -3.81 -9.84
CA SER A 30 -17.21 -4.93 -8.99
C SER A 30 -16.04 -5.17 -8.04
N MET A 31 -16.30 -5.77 -6.90
CA MET A 31 -15.23 -6.00 -5.95
C MET A 31 -15.03 -7.48 -5.66
N ASN A 32 -13.97 -8.02 -6.22
CA ASN A 32 -13.63 -9.41 -6.01
C ASN A 32 -12.22 -9.52 -5.44
N GLY A 33 -12.13 -9.64 -4.13
CA GLY A 33 -10.85 -9.74 -3.44
C GLY A 33 -9.71 -9.07 -4.19
N ASN A 34 -9.01 -9.84 -5.01
CA ASN A 34 -7.86 -9.34 -5.75
C ASN A 34 -8.18 -9.09 -7.22
N GLN A 35 -9.41 -8.67 -7.51
CA GLN A 35 -9.81 -8.41 -8.89
C GLN A 35 -10.87 -7.33 -8.99
N LEU A 36 -10.67 -6.43 -9.94
CA LEU A 36 -11.64 -5.39 -10.21
C LEU A 36 -12.34 -5.79 -11.49
N LYS A 37 -13.59 -5.40 -11.64
CA LYS A 37 -14.33 -5.75 -12.83
C LYS A 37 -15.44 -4.76 -13.01
N ALA A 38 -15.49 -4.17 -14.16
CA ALA A 38 -16.47 -3.16 -14.42
C ALA A 38 -16.90 -3.10 -15.87
N THR A 39 -17.91 -2.28 -16.08
CA THR A 39 -18.46 -2.03 -17.40
C THR A 39 -18.63 -0.53 -17.52
N SER A 40 -18.90 0.01 -18.70
CA SER A 40 -19.05 1.47 -18.78
C SER A 40 -19.59 1.99 -20.11
N SER A 41 -20.03 3.24 -20.06
CA SER A 41 -20.52 3.94 -21.25
C SER A 41 -19.81 5.29 -21.35
N ASN A 42 -19.38 5.64 -22.55
CA ASN A 42 -18.63 6.87 -22.76
C ASN A 42 -19.49 7.90 -23.48
N ALA A 43 -20.70 8.11 -23.01
CA ALA A 43 -21.62 9.05 -23.63
C ALA A 43 -21.52 10.46 -23.07
N GLY A 44 -21.71 10.55 -21.77
CA GLY A 44 -21.67 11.84 -21.08
C GLY A 44 -20.61 11.79 -20.00
N TYR A 45 -19.66 10.94 -20.26
CA TYR A 45 -18.56 10.70 -19.34
C TYR A 45 -17.80 11.98 -18.98
N GLY A 46 -17.19 11.96 -17.80
CA GLY A 46 -16.38 13.09 -17.32
C GLY A 46 -16.43 14.29 -18.25
N ILE A 47 -17.46 15.10 -18.08
CA ILE A 47 -17.62 16.30 -18.88
C ILE A 47 -17.10 17.51 -18.13
N SER A 48 -17.89 17.94 -17.17
CA SER A 48 -17.54 19.09 -16.34
C SER A 48 -16.03 19.16 -16.19
N TYR A 49 -15.43 18.00 -16.23
CA TYR A 49 -13.98 17.89 -16.08
C TYR A 49 -13.29 17.86 -17.45
N GLU A 50 -12.07 18.39 -17.50
CA GLU A 50 -11.32 18.41 -18.74
C GLU A 50 -10.21 17.37 -18.68
N ASP A 51 -8.97 17.84 -18.55
CA ASP A 51 -7.82 16.94 -18.48
C ASP A 51 -7.21 16.96 -17.09
N LYS A 52 -7.71 16.09 -16.23
CA LYS A 52 -7.21 15.99 -14.87
C LYS A 52 -6.34 14.75 -14.72
N ASN A 53 -5.50 14.71 -13.71
CA ASN A 53 -4.60 13.56 -13.53
C ASN A 53 -5.07 12.62 -12.42
N TRP A 54 -4.74 11.35 -12.59
CA TRP A 54 -5.07 10.32 -11.61
C TRP A 54 -3.91 9.37 -11.46
N GLY A 55 -3.67 8.99 -10.22
CA GLY A 55 -2.58 8.06 -9.92
C GLY A 55 -3.04 6.98 -8.95
N ILE A 56 -2.95 5.75 -9.40
CA ILE A 56 -3.34 4.62 -8.60
C ILE A 56 -2.11 3.78 -8.27
N PHE A 57 -1.98 3.34 -7.01
CA PHE A 57 -0.79 2.54 -6.63
C PHE A 57 -1.09 1.36 -5.76
N VAL A 58 -0.46 0.24 -6.15
CA VAL A 58 -0.58 -0.99 -5.41
C VAL A 58 0.78 -1.39 -4.87
N ASN A 59 0.79 -2.11 -3.76
CA ASN A 59 2.04 -2.55 -3.17
C ASN A 59 3.11 -1.46 -3.21
N GLY A 60 2.72 -0.20 -3.09
CA GLY A 60 3.71 0.86 -3.10
C GLY A 60 4.16 1.16 -4.51
N GLU A 61 3.34 0.79 -5.48
CA GLU A 61 3.70 1.00 -6.86
C GLU A 61 2.49 1.38 -7.68
N LYS A 62 2.68 2.27 -8.63
CA LYS A 62 1.60 2.62 -9.51
C LYS A 62 0.96 1.31 -9.94
N VAL A 63 -0.11 1.40 -10.67
CA VAL A 63 -0.81 0.23 -11.17
C VAL A 63 -1.68 0.63 -12.34
N TYR A 64 -1.79 1.94 -12.52
CA TYR A 64 -2.63 2.49 -13.57
C TYR A 64 -2.56 4.02 -13.56
N THR A 65 -2.96 4.64 -14.66
CA THR A 65 -2.94 6.10 -14.75
C THR A 65 -3.92 6.56 -15.81
N PHE A 66 -4.83 7.45 -15.43
CA PHE A 66 -5.80 7.96 -16.37
C PHE A 66 -6.09 9.43 -16.20
N ASN A 67 -6.69 9.96 -17.24
CA ASN A 67 -7.08 11.36 -17.35
C ASN A 67 -8.60 11.45 -17.45
N GLU A 68 -9.18 12.40 -16.72
CA GLU A 68 -10.63 12.57 -16.74
C GLU A 68 -11.14 12.58 -18.17
N LYS A 69 -10.44 13.29 -19.05
CA LYS A 69 -10.85 13.35 -20.45
C LYS A 69 -10.74 11.96 -21.08
N SER A 70 -9.73 11.22 -20.67
CA SER A 70 -9.54 9.88 -21.19
C SER A 70 -10.72 9.02 -20.75
N THR A 71 -11.61 9.63 -19.97
CA THR A 71 -12.78 8.95 -19.46
C THR A 71 -12.41 7.51 -19.12
N VAL A 72 -12.10 7.30 -17.85
CA VAL A 72 -11.72 5.98 -17.39
C VAL A 72 -12.54 4.88 -18.03
N GLY A 73 -13.81 5.17 -18.21
CA GLY A 73 -14.74 4.20 -18.75
C GLY A 73 -14.04 3.27 -19.74
N ASN A 74 -13.47 3.85 -20.79
CA ASN A 74 -12.76 3.06 -21.78
C ASN A 74 -11.45 2.56 -21.19
N ILE A 75 -10.90 3.32 -20.25
CA ILE A 75 -9.66 2.93 -19.62
C ILE A 75 -9.86 1.84 -18.60
N SER A 76 -10.43 2.21 -17.45
CA SER A 76 -10.68 1.26 -16.38
C SER A 76 -10.94 -0.09 -16.99
N ASN A 77 -11.52 -0.05 -18.17
CA ASN A 77 -11.82 -1.23 -18.93
C ASN A 77 -10.56 -2.07 -19.07
N ASP A 78 -9.59 -1.55 -19.80
CA ASP A 78 -8.32 -2.25 -19.97
C ASP A 78 -7.75 -2.57 -18.60
N ILE A 79 -7.52 -1.53 -17.82
CA ILE A 79 -7.01 -1.63 -16.47
C ILE A 79 -7.49 -2.89 -15.77
N ASN A 80 -8.77 -2.88 -15.44
CA ASN A 80 -9.39 -4.01 -14.75
C ASN A 80 -8.88 -5.35 -15.28
N LYS A 81 -8.17 -5.31 -16.40
CA LYS A 81 -7.67 -6.54 -17.01
C LYS A 81 -6.23 -6.90 -16.62
N LEU A 82 -5.53 -6.07 -15.85
CA LEU A 82 -4.17 -6.44 -15.47
C LEU A 82 -4.19 -7.29 -14.20
N ASN A 83 -5.40 -7.65 -13.80
CA ASN A 83 -5.61 -8.50 -12.64
C ASN A 83 -5.20 -7.85 -11.31
N ILE A 84 -5.69 -6.63 -11.09
CA ILE A 84 -5.43 -5.90 -9.85
C ILE A 84 -5.48 -6.83 -8.63
N LYS A 85 -5.25 -6.26 -7.46
CA LYS A 85 -5.30 -7.01 -6.21
C LYS A 85 -6.24 -6.33 -5.21
N GLY A 86 -6.33 -6.86 -3.99
CA GLY A 86 -7.22 -6.29 -3.00
C GLY A 86 -6.44 -5.45 -1.98
N MET A 87 -5.75 -6.14 -1.08
CA MET A 87 -5.02 -5.49 -0.04
C MET A 87 -3.53 -5.78 -0.10
N TYR A 88 -2.72 -4.83 -0.57
CA TYR A 88 -1.27 -5.07 -0.59
C TYR A 88 -0.45 -3.81 -0.44
N ILE A 89 0.38 -3.84 0.59
CA ILE A 89 1.28 -2.75 0.88
C ILE A 89 2.65 -3.35 1.15
N GLU A 90 3.73 -2.58 1.31
CA GLU A 90 4.98 -3.31 1.55
C GLU A 90 6.22 -2.48 1.81
N ILE A 91 7.29 -3.26 1.94
CA ILE A 91 8.61 -2.78 2.16
C ILE A 91 9.52 -3.46 1.13
N LYS A 92 10.32 -2.69 0.40
CA LYS A 92 11.18 -3.30 -0.60
C LYS A 92 12.59 -3.45 -0.06
N GLN A 93 13.25 -4.51 -0.51
CA GLN A 93 14.59 -4.82 -0.07
C GLN A 93 15.64 -4.60 -1.14
N ILE A 94 16.79 -4.12 -0.70
CA ILE A 94 17.93 -3.88 -1.57
C ILE A 94 17.74 -4.51 -2.94
N ASP B 1 -16.78 -5.06 21.64
CA ASP B 1 -15.57 -5.92 21.55
C ASP B 1 -15.36 -6.34 20.09
N ASN B 2 -14.65 -5.51 19.34
CA ASN B 2 -14.38 -5.78 17.94
C ASN B 2 -13.04 -6.51 17.79
N GLN B 3 -13.05 -7.81 18.02
CA GLN B 3 -11.82 -8.60 17.89
C GLN B 3 -11.32 -8.60 16.46
N LYS B 4 -12.15 -8.08 15.54
CA LYS B 4 -11.79 -8.02 14.14
C LYS B 4 -10.50 -7.24 13.95
N ALA B 5 -10.03 -6.61 15.03
CA ALA B 5 -8.80 -5.84 14.98
C ALA B 5 -7.73 -6.56 14.17
N LEU B 6 -7.89 -7.87 14.01
CA LEU B 6 -6.93 -8.66 13.27
C LEU B 6 -6.44 -7.88 12.05
N GLU B 7 -7.34 -7.11 11.46
CA GLU B 7 -7.00 -6.31 10.29
C GLU B 7 -5.85 -5.37 10.60
N GLU B 8 -6.01 -4.56 11.65
CA GLU B 8 -4.98 -3.62 12.04
C GLU B 8 -3.71 -4.39 12.36
N GLN B 9 -3.85 -5.70 12.41
CA GLN B 9 -2.73 -6.58 12.70
C GLN B 9 -2.75 -7.79 11.78
N MET B 10 -2.28 -7.62 10.55
CA MET B 10 -2.26 -8.70 9.59
C MET B 10 -0.92 -9.42 9.62
N ASN B 11 -0.97 -10.74 9.88
CA ASN B 11 0.24 -11.57 9.96
C ASN B 11 1.40 -11.00 9.14
N SER B 12 1.08 -10.17 8.17
CA SER B 12 2.08 -9.56 7.33
C SER B 12 3.07 -8.78 8.17
N ILE B 13 2.62 -8.26 9.30
CA ILE B 13 3.51 -7.50 10.14
C ILE B 13 4.58 -8.40 10.75
N ASN B 14 4.31 -9.70 10.77
CA ASN B 14 5.25 -10.66 11.34
C ASN B 14 6.41 -10.91 10.41
N SER B 15 6.15 -11.56 9.28
CA SER B 15 7.21 -11.82 8.33
C SER B 15 7.96 -10.54 8.08
N VAL B 16 7.21 -9.47 7.85
CA VAL B 16 7.78 -8.16 7.62
C VAL B 16 8.80 -7.87 8.73
N ASN B 17 8.33 -8.07 9.94
CA ASN B 17 9.13 -7.86 11.14
C ASN B 17 10.57 -8.33 10.95
N ASP B 18 10.74 -9.63 10.83
CA ASP B 18 12.07 -10.21 10.68
C ASP B 18 12.64 -9.94 9.29
N LYS B 19 11.76 -9.68 8.34
CA LYS B 19 12.16 -9.40 6.97
C LYS B 19 13.33 -8.40 6.90
N LEU B 20 13.10 -7.18 7.40
CA LEU B 20 14.12 -6.14 7.39
C LEU B 20 15.24 -6.43 8.40
N ASN B 21 15.26 -7.63 8.94
CA ASN B 21 16.27 -8.00 9.92
C ASN B 21 16.67 -9.46 9.79
N LYS B 22 17.86 -9.68 9.25
CA LYS B 22 18.36 -11.03 9.07
C LYS B 22 19.84 -11.13 9.47
N GLY B 23 20.57 -10.03 9.33
CA GLY B 23 21.99 -10.03 9.70
C GLY B 23 22.46 -8.67 10.17
N LYS B 24 21.57 -7.68 10.13
CA LYS B 24 21.93 -6.34 10.56
C LYS B 24 22.54 -6.37 11.96
N GLY B 25 21.82 -5.86 12.93
CA GLY B 25 22.31 -5.86 14.31
C GLY B 25 21.21 -6.30 15.27
N LYS B 26 21.41 -5.98 16.52
CA LYS B 26 20.42 -6.32 17.54
C LYS B 26 19.33 -5.29 17.53
N LEU B 27 18.14 -5.69 17.09
CA LEU B 27 17.03 -4.78 17.02
C LEU B 27 15.71 -5.55 17.18
N SER B 28 14.95 -5.22 18.21
CA SER B 28 13.68 -5.91 18.46
C SER B 28 12.50 -4.98 18.24
N LEU B 29 11.81 -5.18 17.13
CA LEU B 29 10.65 -4.37 16.81
C LEU B 29 9.42 -4.88 17.53
N SER B 30 8.40 -4.04 17.58
CA SER B 30 7.14 -4.41 18.19
C SER B 30 6.04 -4.11 17.18
N MET B 31 4.92 -4.79 17.31
CA MET B 31 3.83 -4.56 16.37
C MET B 31 2.57 -4.07 17.05
N ASN B 32 2.30 -2.79 16.89
CA ASN B 32 1.11 -2.20 17.46
C ASN B 32 0.29 -1.54 16.35
N GLY B 33 -0.70 -2.27 15.86
CA GLY B 33 -1.58 -1.78 14.79
C GLY B 33 -0.89 -0.76 13.88
N ASN B 34 -1.05 0.51 14.20
CA ASN B 34 -0.49 1.58 13.39
C ASN B 34 0.75 2.21 14.02
N GLN B 35 1.55 1.39 14.69
CA GLN B 35 2.78 1.89 15.32
C GLN B 35 3.86 0.83 15.40
N LEU B 36 5.07 1.24 15.06
CA LEU B 36 6.22 0.36 15.17
C LEU B 36 7.00 0.83 16.38
N LYS B 37 7.69 -0.08 17.04
CA LYS B 37 8.45 0.30 18.20
C LYS B 37 9.52 -0.72 18.41
N ALA B 38 10.73 -0.23 18.51
CA ALA B 38 11.85 -1.11 18.64
C ALA B 38 12.99 -0.52 19.45
N THR B 39 13.96 -1.38 19.69
CA THR B 39 15.17 -1.01 20.41
C THR B 39 16.33 -1.61 19.62
N SER B 40 17.57 -1.25 19.92
CA SER B 40 18.66 -1.83 19.13
C SER B 40 20.05 -1.54 19.67
N SER B 41 21.01 -2.33 19.17
CA SER B 41 22.42 -2.17 19.52
C SER B 41 23.22 -2.11 18.22
N ASN B 42 24.17 -1.18 18.16
CA ASN B 42 24.97 -0.99 16.97
C ASN B 42 26.39 -1.49 17.18
N ALA B 43 26.53 -2.70 17.69
CA ALA B 43 27.83 -3.27 17.95
C ALA B 43 28.39 -4.07 16.79
N GLY B 44 27.63 -5.06 16.36
CA GLY B 44 28.03 -5.93 15.26
C GLY B 44 27.00 -5.87 14.17
N TYR B 45 26.34 -4.75 14.16
CA TYR B 45 25.28 -4.48 13.21
C TYR B 45 25.72 -4.64 11.75
N GLY B 46 24.75 -4.96 10.90
CA GLY B 46 24.98 -5.10 9.46
C GLY B 46 26.44 -5.00 9.08
N ILE B 47 27.17 -6.11 9.22
CA ILE B 47 28.56 -6.16 8.87
C ILE B 47 28.76 -6.70 7.48
N SER B 48 28.60 -8.01 7.38
CA SER B 48 28.74 -8.70 6.11
C SER B 48 28.31 -7.78 4.98
N TYR B 49 27.37 -6.92 5.32
CA TYR B 49 26.83 -5.97 4.35
C TYR B 49 27.56 -4.64 4.42
N GLU B 50 27.64 -3.96 3.28
CA GLU B 50 28.30 -2.66 3.21
C GLU B 50 27.25 -1.56 3.10
N ASP B 51 27.17 -0.96 1.92
CA ASP B 51 26.22 0.12 1.67
C ASP B 51 25.12 -0.35 0.72
N LYS B 52 24.06 -0.92 1.28
CA LYS B 52 22.95 -1.40 0.49
C LYS B 52 21.77 -0.44 0.62
N ASN B 53 20.83 -0.49 -0.31
CA ASN B 53 19.69 0.43 -0.27
C ASN B 53 18.41 -0.25 0.22
N TRP B 54 17.56 0.54 0.86
CA TRP B 54 16.30 0.07 1.37
C TRP B 54 15.22 1.12 1.11
N GLY B 55 14.06 0.65 0.72
CA GLY B 55 12.93 1.53 0.45
C GLY B 55 11.66 1.01 1.07
N ILE B 56 11.08 1.79 1.96
CA ILE B 56 9.88 1.43 2.62
C ILE B 56 8.75 2.38 2.20
N PHE B 57 7.56 1.84 1.91
CA PHE B 57 6.45 2.70 1.45
C PHE B 57 5.12 2.37 2.08
N VAL B 58 4.46 3.45 2.49
CA VAL B 58 3.14 3.35 3.06
C VAL B 58 2.15 4.10 2.19
N ASN B 59 0.90 3.67 2.22
CA ASN B 59 -0.14 4.31 1.42
C ASN B 59 0.36 4.68 0.03
N GLY B 60 1.25 3.88 -0.55
CA GLY B 60 1.73 4.19 -1.88
C GLY B 60 2.79 5.28 -1.85
N GLU B 61 3.39 5.45 -0.68
CA GLU B 61 4.39 6.50 -0.53
C GLU B 61 5.52 6.04 0.36
N LYS B 62 6.72 6.45 0.02
CA LYS B 62 7.83 6.13 0.88
C LYS B 62 7.40 6.44 2.30
N VAL B 63 8.23 6.12 3.25
CA VAL B 63 7.94 6.38 4.64
C VAL B 63 9.23 6.37 5.42
N TYR B 64 10.29 5.93 4.74
CA TYR B 64 11.59 5.82 5.38
C TYR B 64 12.61 5.31 4.36
N THR B 65 13.90 5.50 4.65
CA THR B 65 14.95 5.04 3.75
C THR B 65 16.25 4.87 4.53
N PHE B 66 16.84 3.68 4.45
CA PHE B 66 18.07 3.42 5.15
C PHE B 66 19.04 2.58 4.36
N ASN B 67 20.28 2.64 4.83
CA ASN B 67 21.41 1.93 4.26
C ASN B 67 21.94 0.91 5.26
N GLU B 68 22.25 -0.29 4.78
CA GLU B 68 22.75 -1.34 5.66
C GLU B 68 23.86 -0.79 6.55
N LYS B 69 24.76 -0.01 5.96
CA LYS B 69 25.86 0.57 6.74
C LYS B 69 25.30 1.53 7.77
N SER B 70 24.25 2.25 7.40
CA SER B 70 23.62 3.19 8.31
C SER B 70 23.04 2.42 9.48
N THR B 71 23.17 1.09 9.41
CA THR B 71 22.66 0.21 10.43
C THR B 71 21.34 0.77 10.96
N VAL B 72 20.25 0.27 10.41
CA VAL B 72 18.92 0.71 10.79
C VAL B 72 18.83 0.95 12.28
N GLY B 73 19.49 0.08 13.04
CA GLY B 73 19.41 0.14 14.49
C GLY B 73 19.25 1.58 14.95
N ASN B 74 20.23 2.41 14.62
CA ASN B 74 20.17 3.81 15.00
C ASN B 74 19.08 4.52 14.20
N ILE B 75 18.83 4.04 13.00
CA ILE B 75 17.82 4.64 12.16
C ILE B 75 16.42 4.25 12.60
N SER B 76 16.05 3.00 12.31
CA SER B 76 14.73 2.50 12.67
C SER B 76 14.28 3.19 13.94
N ASN B 77 15.27 3.52 14.75
CA ASN B 77 15.04 4.23 15.98
C ASN B 77 14.23 5.48 15.71
N ASP B 78 14.84 6.42 14.99
CA ASP B 78 14.13 7.66 14.65
C ASP B 78 12.83 7.30 13.93
N ILE B 79 12.98 6.59 12.83
CA ILE B 79 11.86 6.13 12.04
C ILE B 79 10.65 5.81 12.89
N ASN B 80 10.75 4.73 13.62
CA ASN B 80 9.66 4.28 14.49
C ASN B 80 8.97 5.44 15.20
N LYS B 81 9.58 6.62 15.11
CA LYS B 81 9.01 7.79 15.78
C LYS B 81 8.12 8.67 14.88
N LEU B 82 7.99 8.36 13.59
CA LEU B 82 7.13 9.19 12.75
C LEU B 82 5.69 8.68 12.81
N ASN B 83 5.48 7.73 13.72
CA ASN B 83 4.16 7.17 13.96
C ASN B 83 3.62 6.37 12.77
N ILE B 84 4.43 5.45 12.24
CA ILE B 84 4.02 4.60 11.13
C ILE B 84 2.56 4.13 11.29
N LYS B 85 2.10 3.34 10.33
CA LYS B 85 0.75 2.79 10.35
C LYS B 85 0.78 1.27 10.20
N GLY B 86 -0.39 0.64 10.13
CA GLY B 86 -0.43 -0.81 9.99
C GLY B 86 -0.75 -1.21 8.55
N MET B 87 -2.01 -1.06 8.17
CA MET B 87 -2.45 -1.45 6.88
C MET B 87 -3.01 -0.28 6.06
N TYR B 88 -2.24 0.23 5.10
CA TYR B 88 -2.76 1.32 4.28
C TYR B 88 -2.21 1.33 2.87
N ILE B 89 -3.14 1.28 1.94
CA ILE B 89 -2.81 1.31 0.53
C ILE B 89 -3.77 2.30 -0.13
N GLU B 90 -3.62 2.67 -1.41
CA GLU B 90 -4.62 3.64 -1.89
C GLU B 90 -4.53 4.02 -3.35
N ILE B 91 -5.44 4.96 -3.63
CA ILE B 91 -5.60 5.56 -4.92
C ILE B 91 -5.60 7.08 -4.72
N LYS B 92 -4.79 7.81 -5.45
CA LYS B 92 -4.75 9.25 -5.29
C LYS B 92 -5.58 9.94 -6.35
N GLN B 93 -6.17 11.06 -5.96
CA GLN B 93 -7.04 11.82 -6.85
C GLN B 93 -6.43 13.14 -7.28
N ILE B 94 -6.69 13.47 -8.54
CA ILE B 94 -6.24 14.71 -9.13
C ILE B 94 -5.69 15.67 -8.08
N ASP A 1 -19.13 -16.45 6.68
CA ASP A 1 -19.53 -15.98 5.32
C ASP A 1 -20.96 -15.46 5.36
N ASN A 2 -21.43 -15.14 6.56
CA ASN A 2 -22.79 -14.63 6.72
C ASN A 2 -22.79 -13.11 6.70
N GLN A 3 -23.81 -12.50 7.32
CA GLN A 3 -23.90 -11.05 7.36
C GLN A 3 -22.59 -10.44 7.82
N LYS A 4 -21.79 -11.24 8.52
CA LYS A 4 -20.51 -10.78 9.02
C LYS A 4 -19.51 -10.63 7.89
N ALA A 5 -19.88 -11.11 6.70
CA ALA A 5 -19.01 -11.01 5.54
C ALA A 5 -18.42 -9.61 5.39
N LEU A 6 -18.90 -8.69 6.22
CA LEU A 6 -18.43 -7.31 6.17
C LEU A 6 -16.90 -7.27 6.05
N GLU A 7 -16.23 -8.24 6.66
CA GLU A 7 -14.78 -8.29 6.61
C GLU A 7 -14.28 -8.65 5.22
N GLU A 8 -15.22 -8.81 4.29
CA GLU A 8 -14.87 -9.16 2.92
C GLU A 8 -14.51 -7.91 2.12
N GLN A 9 -14.52 -6.77 2.80
CA GLN A 9 -14.20 -5.51 2.14
C GLN A 9 -13.88 -4.42 3.18
N MET A 10 -13.22 -3.36 2.73
CA MET A 10 -12.86 -2.27 3.62
C MET A 10 -13.54 -0.97 3.20
N ASN A 11 -14.19 -0.32 4.18
CA ASN A 11 -14.92 0.94 3.95
C ASN A 11 -14.35 1.73 2.76
N SER A 12 -13.07 1.51 2.48
CA SER A 12 -12.44 2.19 1.38
C SER A 12 -13.07 1.80 0.06
N ILE A 13 -13.96 0.81 0.09
CA ILE A 13 -14.60 0.37 -1.12
C ILE A 13 -15.18 1.56 -1.89
N ASN A 14 -16.48 1.76 -1.74
CA ASN A 14 -17.16 2.85 -2.40
C ASN A 14 -16.32 4.12 -2.36
N SER A 15 -15.67 4.36 -1.23
CA SER A 15 -14.85 5.55 -1.09
C SER A 15 -13.91 5.69 -2.27
N VAL A 16 -13.38 4.55 -2.72
CA VAL A 16 -12.49 4.54 -3.86
C VAL A 16 -13.27 4.84 -5.12
N ASN A 17 -14.25 4.00 -5.38
CA ASN A 17 -15.11 4.16 -6.55
C ASN A 17 -15.44 5.63 -6.77
N ASP A 18 -15.80 6.31 -5.68
CA ASP A 18 -16.17 7.72 -5.76
C ASP A 18 -14.93 8.58 -5.93
N LYS A 19 -13.80 8.08 -5.44
CA LYS A 19 -12.55 8.81 -5.51
C LYS A 19 -12.01 8.89 -6.95
N LEU A 20 -11.65 7.74 -7.52
CA LEU A 20 -11.11 7.66 -8.87
C LEU A 20 -12.06 8.23 -9.92
N ASN A 21 -13.34 7.89 -9.80
CA ASN A 21 -14.35 8.34 -10.75
C ASN A 21 -14.09 9.77 -11.17
N LYS A 22 -13.23 9.93 -12.16
CA LYS A 22 -12.89 11.25 -12.67
C LYS A 22 -13.04 11.30 -14.19
N GLY A 23 -11.90 11.29 -14.89
CA GLY A 23 -11.85 11.38 -16.35
C GLY A 23 -13.25 11.44 -16.94
N LYS A 24 -13.95 12.50 -16.60
CA LYS A 24 -15.29 12.73 -17.09
C LYS A 24 -15.93 11.43 -17.55
N GLY A 25 -16.32 11.42 -18.83
CA GLY A 25 -16.93 10.26 -19.47
C GLY A 25 -18.00 9.59 -18.59
N LYS A 26 -18.90 8.85 -19.24
CA LYS A 26 -19.95 8.14 -18.55
C LYS A 26 -19.40 6.84 -17.99
N LEU A 27 -19.08 6.82 -16.71
CA LEU A 27 -18.53 5.63 -16.11
C LEU A 27 -19.20 5.32 -14.77
N SER A 28 -19.73 4.11 -14.64
CA SER A 28 -20.39 3.68 -13.41
C SER A 28 -19.62 2.51 -12.82
N LEU A 29 -19.11 2.68 -11.60
CA LEU A 29 -18.33 1.65 -10.95
C LEU A 29 -19.17 0.81 -9.98
N SER A 30 -18.59 -0.32 -9.62
CA SER A 30 -19.20 -1.24 -8.66
C SER A 30 -18.14 -1.56 -7.61
N MET A 31 -18.51 -2.21 -6.52
CA MET A 31 -17.52 -2.49 -5.49
C MET A 31 -17.51 -3.94 -5.03
N ASN A 32 -16.44 -4.63 -5.41
CA ASN A 32 -16.22 -6.00 -5.00
C ASN A 32 -14.86 -6.06 -4.33
N GLY A 33 -14.83 -6.57 -3.09
CA GLY A 33 -13.57 -6.65 -2.34
C GLY A 33 -12.34 -6.53 -3.24
N ASN A 34 -11.89 -7.67 -3.75
CA ASN A 34 -10.71 -7.72 -4.60
C ASN A 34 -10.99 -7.29 -6.04
N GLN A 35 -12.18 -6.76 -6.32
CA GLN A 35 -12.47 -6.36 -7.69
C GLN A 35 -13.35 -5.13 -7.79
N LEU A 36 -13.08 -4.34 -8.82
CA LEU A 36 -13.87 -3.18 -9.14
C LEU A 36 -14.61 -3.57 -10.39
N LYS A 37 -15.71 -2.91 -10.71
CA LYS A 37 -16.43 -3.28 -11.90
C LYS A 37 -17.22 -2.10 -12.35
N ALA A 38 -16.95 -1.72 -13.56
CA ALA A 38 -17.57 -0.56 -14.12
C ALA A 38 -17.75 -0.67 -15.62
N THR A 39 -18.43 0.32 -16.18
CA THR A 39 -18.65 0.41 -17.60
C THR A 39 -18.33 1.84 -18.03
N SER A 40 -18.12 2.10 -19.32
CA SER A 40 -17.79 3.46 -19.69
C SER A 40 -17.99 3.81 -21.16
N SER A 41 -18.32 5.08 -21.38
CA SER A 41 -18.49 5.63 -22.73
C SER A 41 -17.92 7.03 -22.79
N ASN A 42 -18.23 7.77 -23.84
CA ASN A 42 -17.73 9.12 -24.00
C ASN A 42 -16.35 9.09 -24.59
N ALA A 43 -16.25 8.54 -25.77
CA ALA A 43 -14.96 8.46 -26.43
C ALA A 43 -14.13 9.70 -26.11
N GLY A 44 -14.75 10.85 -26.25
CA GLY A 44 -14.09 12.12 -25.93
C GLY A 44 -14.09 12.29 -24.42
N TYR A 45 -13.96 11.14 -23.78
CA TYR A 45 -14.00 11.02 -22.32
C TYR A 45 -12.95 11.86 -21.60
N GLY A 46 -12.89 11.63 -20.28
CA GLY A 46 -11.99 12.33 -19.34
C GLY A 46 -10.79 13.02 -19.97
N ILE A 47 -11.01 13.84 -20.97
CA ILE A 47 -9.93 14.56 -21.59
C ILE A 47 -9.85 15.95 -21.01
N SER A 48 -10.88 16.72 -21.33
CA SER A 48 -11.00 18.11 -20.87
C SER A 48 -9.82 18.51 -20.01
N TYR A 49 -9.68 17.82 -18.89
CA TYR A 49 -8.59 18.08 -17.96
C TYR A 49 -7.30 17.42 -18.43
N GLU A 50 -6.79 17.93 -19.55
CA GLU A 50 -5.55 17.43 -20.13
C GLU A 50 -5.32 15.95 -19.77
N ASP A 51 -4.06 15.53 -19.83
CA ASP A 51 -3.73 14.14 -19.50
C ASP A 51 -3.06 14.07 -18.15
N LYS A 52 -3.82 13.61 -17.15
CA LYS A 52 -3.31 13.49 -15.80
C LYS A 52 -2.98 12.02 -15.53
N ASN A 53 -2.04 11.76 -14.63
CA ASN A 53 -1.64 10.39 -14.35
C ASN A 53 -2.24 9.83 -13.07
N TRP A 54 -2.19 8.51 -12.95
CA TRP A 54 -2.72 7.82 -11.80
C TRP A 54 -1.79 6.69 -11.40
N GLY A 55 -1.49 6.62 -10.12
CA GLY A 55 -0.62 5.58 -9.58
C GLY A 55 -1.38 4.74 -8.58
N ILE A 56 -1.71 3.52 -8.98
CA ILE A 56 -2.47 2.64 -8.15
C ILE A 56 -1.57 1.60 -7.49
N PHE A 57 -1.64 1.49 -6.15
CA PHE A 57 -0.78 0.54 -5.41
C PHE A 57 -1.47 -0.34 -4.40
N VAL A 58 -1.11 -1.61 -4.52
CA VAL A 58 -1.57 -2.61 -3.59
C VAL A 58 -0.32 -3.16 -2.90
N ASN A 59 -0.43 -3.69 -1.70
CA ASN A 59 0.79 -4.13 -1.04
C ASN A 59 1.85 -3.04 -1.18
N GLY A 60 1.39 -1.79 -1.19
CA GLY A 60 2.29 -0.67 -1.37
C GLY A 60 3.10 -0.88 -2.64
N GLU A 61 2.45 -1.52 -3.60
CA GLU A 61 3.07 -1.86 -4.86
C GLU A 61 2.12 -1.61 -6.02
N LYS A 62 2.66 -1.19 -7.15
CA LYS A 62 1.84 -0.99 -8.31
C LYS A 62 0.76 -2.05 -8.36
N VAL A 63 -0.28 -1.77 -9.12
CA VAL A 63 -1.38 -2.69 -9.28
C VAL A 63 -2.18 -2.31 -10.51
N TYR A 64 -1.88 -1.12 -11.04
CA TYR A 64 -2.58 -0.59 -12.21
C TYR A 64 -2.10 0.84 -12.44
N THR A 65 -2.20 1.35 -13.67
CA THR A 65 -1.75 2.71 -13.95
C THR A 65 -2.39 3.25 -15.23
N PHE A 66 -3.08 4.38 -15.12
CA PHE A 66 -3.74 4.98 -16.26
C PHE A 66 -3.63 6.48 -16.26
N ASN A 67 -3.90 7.00 -17.43
CA ASN A 67 -3.88 8.42 -17.71
C ASN A 67 -5.30 8.90 -18.01
N GLU A 68 -5.72 9.98 -17.37
CA GLU A 68 -7.06 10.51 -17.59
C GLU A 68 -7.45 10.34 -19.05
N LYS A 69 -6.47 10.46 -19.94
CA LYS A 69 -6.74 10.29 -21.37
C LYS A 69 -7.24 8.89 -21.63
N SER A 70 -6.39 7.91 -21.37
CA SER A 70 -6.76 6.53 -21.58
C SER A 70 -8.13 6.27 -20.94
N THR A 71 -8.64 7.27 -20.23
CA THR A 71 -9.93 7.15 -19.56
C THR A 71 -10.08 5.75 -19.00
N VAL A 72 -9.93 5.66 -17.70
CA VAL A 72 -10.02 4.39 -17.03
C VAL A 72 -11.15 3.54 -17.59
N GLY A 73 -12.23 4.20 -17.99
CA GLY A 73 -13.38 3.50 -18.48
C GLY A 73 -12.99 2.22 -19.21
N ASN A 74 -12.30 2.40 -20.33
CA ASN A 74 -11.85 1.24 -21.12
C ASN A 74 -10.77 0.48 -20.36
N ILE A 75 -10.03 1.19 -19.53
CA ILE A 75 -8.97 0.57 -18.78
C ILE A 75 -9.52 -0.22 -17.60
N SER A 76 -10.01 0.51 -16.61
CA SER A 76 -10.59 -0.10 -15.41
C SER A 76 -11.21 -1.42 -15.81
N ASN A 77 -11.64 -1.44 -17.06
CA ASN A 77 -12.21 -2.63 -17.64
C ASN A 77 -11.22 -3.77 -17.50
N ASP A 78 -10.08 -3.64 -18.18
CA ASP A 78 -9.03 -4.67 -18.09
C ASP A 78 -8.63 -4.86 -16.63
N ILE A 79 -8.28 -3.75 -15.98
CA ILE A 79 -7.92 -3.76 -14.58
C ILE A 79 -8.84 -4.66 -13.80
N ASN A 80 -10.07 -4.20 -13.70
CA ASN A 80 -11.10 -4.93 -13.00
C ASN A 80 -11.03 -6.44 -13.28
N LYS A 81 -10.33 -6.82 -14.33
CA LYS A 81 -10.24 -8.23 -14.70
C LYS A 81 -9.03 -8.94 -14.08
N LEU A 82 -7.98 -8.20 -13.71
CA LEU A 82 -6.83 -8.86 -13.10
C LEU A 82 -7.15 -9.22 -11.66
N ASN A 83 -8.43 -9.07 -11.34
CA ASN A 83 -8.93 -9.36 -10.01
C ASN A 83 -8.12 -8.65 -8.94
N ILE A 84 -8.21 -7.32 -8.92
CA ILE A 84 -7.50 -6.53 -7.95
C ILE A 84 -7.54 -7.16 -6.57
N LYS A 85 -6.92 -6.48 -5.63
CA LYS A 85 -6.86 -6.96 -4.27
C LYS A 85 -7.58 -6.00 -3.34
N GLY A 86 -7.61 -6.35 -2.07
CA GLY A 86 -8.31 -5.51 -1.11
C GLY A 86 -7.63 -5.43 0.26
N MET A 87 -6.99 -6.52 0.70
CA MET A 87 -6.38 -6.52 2.01
C MET A 87 -4.87 -6.82 1.98
N TYR A 88 -4.07 -5.98 1.33
CA TYR A 88 -2.63 -6.23 1.32
C TYR A 88 -1.83 -4.95 1.22
N ILE A 89 -0.98 -4.76 2.20
CA ILE A 89 -0.11 -3.61 2.23
C ILE A 89 1.32 -4.09 2.28
N GLU A 90 2.30 -3.20 2.13
CA GLU A 90 3.68 -3.66 2.17
C GLU A 90 4.64 -2.52 2.04
N ILE A 91 5.87 -2.90 1.85
CA ILE A 91 6.95 -1.95 1.73
C ILE A 91 8.01 -2.44 0.75
N LYS A 92 8.69 -1.49 0.10
CA LYS A 92 9.73 -1.84 -0.87
C LYS A 92 11.13 -1.69 -0.28
N GLN A 93 12.05 -2.47 -0.83
CA GLN A 93 13.43 -2.44 -0.38
C GLN A 93 14.35 -1.89 -1.47
N ILE A 94 15.14 -0.89 -1.13
CA ILE A 94 16.09 -0.30 -2.07
C ILE A 94 15.75 -0.67 -3.51
N ASP B 1 -10.91 -11.42 20.78
CA ASP B 1 -9.57 -11.00 21.27
C ASP B 1 -8.87 -12.20 21.90
N ASN B 2 -9.34 -13.39 21.57
CA ASN B 2 -8.75 -14.62 22.10
C ASN B 2 -7.68 -15.16 21.16
N GLN B 3 -7.42 -16.45 21.24
CA GLN B 3 -6.42 -17.08 20.38
C GLN B 3 -6.65 -16.68 18.93
N LYS B 4 -7.88 -16.29 18.61
CA LYS B 4 -8.24 -15.89 17.27
C LYS B 4 -7.63 -14.54 16.92
N ALA B 5 -7.04 -13.87 17.92
CA ALA B 5 -6.43 -12.58 17.72
C ALA B 5 -5.51 -12.59 16.50
N LEU B 6 -5.32 -13.77 15.93
CA LEU B 6 -4.45 -13.92 14.76
C LEU B 6 -4.74 -12.81 13.74
N GLU B 7 -5.99 -12.38 13.66
CA GLU B 7 -6.37 -11.34 12.72
C GLU B 7 -5.79 -9.99 13.14
N GLU B 8 -5.04 -9.99 14.24
CA GLU B 8 -4.44 -8.77 14.73
C GLU B 8 -3.14 -8.46 14.01
N GLN B 9 -2.80 -9.30 13.05
CA GLN B 9 -1.57 -9.13 12.28
C GLN B 9 -1.61 -9.95 10.99
N MET B 10 -0.74 -9.61 10.05
CA MET B 10 -0.69 -10.31 8.78
C MET B 10 0.66 -10.99 8.57
N ASN B 11 0.62 -12.29 8.25
CA ASN B 11 1.82 -13.09 8.03
C ASN B 11 3.02 -12.24 7.61
N SER B 12 2.74 -11.11 6.99
CA SER B 12 3.79 -10.22 6.53
C SER B 12 4.58 -9.68 7.73
N ILE B 13 4.11 -9.96 8.93
CA ILE B 13 4.79 -9.48 10.11
C ILE B 13 6.28 -9.81 10.05
N ASN B 14 6.65 -10.87 10.74
CA ASN B 14 8.03 -11.33 10.78
C ASN B 14 8.66 -11.24 9.39
N SER B 15 7.89 -11.59 8.37
CA SER B 15 8.40 -11.55 7.00
C SER B 15 9.06 -10.21 6.74
N VAL B 16 8.44 -9.15 7.25
CA VAL B 16 8.97 -7.82 7.09
C VAL B 16 10.23 -7.66 7.90
N ASN B 17 10.09 -7.87 9.21
CA ASN B 17 11.21 -7.78 10.13
C ASN B 17 12.45 -8.40 9.51
N ASP B 18 12.28 -9.59 8.92
CA ASP B 18 13.40 -10.29 8.32
C ASP B 18 13.79 -9.65 6.99
N LYS B 19 12.82 -9.00 6.36
CA LYS B 19 13.05 -8.35 5.07
C LYS B 19 13.94 -7.11 5.21
N LEU B 20 13.43 -6.10 5.90
CA LEU B 20 14.16 -4.84 6.09
C LEU B 20 15.51 -5.04 6.79
N ASN B 21 15.52 -5.87 7.82
CA ASN B 21 16.74 -6.13 8.58
C ASN B 21 17.95 -6.20 7.67
N LYS B 22 18.50 -5.04 7.36
CA LYS B 22 19.66 -4.96 6.50
C LYS B 22 20.76 -4.13 7.14
N GLY B 23 20.94 -2.91 6.63
CA GLY B 23 21.98 -1.98 7.11
C GLY B 23 22.79 -2.59 8.24
N LYS B 24 23.46 -3.67 7.92
CA LYS B 24 24.31 -4.36 8.88
C LYS B 24 23.88 -4.05 10.31
N GLY B 25 24.84 -3.49 11.05
CA GLY B 25 24.63 -3.11 12.44
C GLY B 25 23.86 -4.15 13.26
N LYS B 26 24.02 -4.09 14.58
CA LYS B 26 23.33 -4.99 15.49
C LYS B 26 21.91 -4.50 15.71
N LEU B 27 20.95 -5.07 15.01
CA LEU B 27 19.58 -4.64 15.17
C LEU B 27 18.63 -5.83 15.30
N SER B 28 17.85 -5.84 16.38
CA SER B 28 16.90 -6.91 16.62
C SER B 28 15.48 -6.33 16.62
N LEU B 29 14.64 -6.81 15.70
CA LEU B 29 13.29 -6.32 15.56
C LEU B 29 12.27 -7.19 16.30
N SER B 30 11.09 -6.61 16.48
CA SER B 30 9.97 -7.31 17.10
C SER B 30 8.77 -7.13 16.17
N MET B 31 7.67 -7.83 16.43
CA MET B 31 6.52 -7.70 15.54
C MET B 31 5.22 -7.45 16.27
N ASN B 32 4.72 -6.23 16.12
CA ASN B 32 3.45 -5.84 16.68
C ASN B 32 2.59 -5.31 15.54
N GLY B 33 1.40 -5.87 15.37
CA GLY B 33 0.52 -5.47 14.27
C GLY B 33 0.89 -4.09 13.71
N ASN B 34 0.34 -3.05 14.30
CA ASN B 34 0.57 -1.68 13.86
C ASN B 34 1.91 -1.12 14.33
N GLN B 35 2.77 -1.95 14.91
CA GLN B 35 4.06 -1.44 15.38
C GLN B 35 5.20 -2.43 15.23
N LEU B 36 6.37 -1.87 14.95
CA LEU B 36 7.59 -2.64 14.88
C LEU B 36 8.36 -2.22 16.11
N LYS B 37 9.30 -3.00 16.56
CA LYS B 37 10.05 -2.63 17.73
C LYS B 37 11.38 -3.30 17.70
N ALA B 38 12.38 -2.50 17.73
CA ALA B 38 13.72 -2.99 17.64
C ALA B 38 14.71 -2.13 18.40
N THR B 39 15.94 -2.60 18.45
CA THR B 39 17.03 -1.90 19.09
C THR B 39 18.22 -1.92 18.14
N SER B 40 19.22 -1.05 18.33
CA SER B 40 20.32 -1.09 17.38
C SER B 40 21.61 -0.43 17.85
N SER B 41 22.72 -0.97 17.36
CA SER B 41 24.05 -0.44 17.66
C SER B 41 24.91 -0.52 16.40
N ASN B 42 26.21 -0.33 16.56
CA ASN B 42 27.12 -0.39 15.42
C ASN B 42 27.13 0.95 14.73
N ALA B 43 27.54 1.96 15.45
CA ALA B 43 27.60 3.29 14.89
C ALA B 43 28.02 3.21 13.42
N GLY B 44 29.08 2.46 13.17
CA GLY B 44 29.56 2.24 11.80
C GLY B 44 28.64 1.24 11.12
N TYR B 45 27.39 1.34 11.51
CA TYR B 45 26.33 0.44 11.06
C TYR B 45 26.15 0.39 9.54
N GLY B 46 25.09 -0.31 9.14
CA GLY B 46 24.69 -0.53 7.74
C GLY B 46 25.28 0.43 6.72
N ILE B 47 26.59 0.62 6.74
CA ILE B 47 27.23 1.48 5.80
C ILE B 47 27.77 0.68 4.65
N SER B 48 28.79 -0.10 4.98
CA SER B 48 29.46 -0.97 4.02
C SER B 48 28.84 -0.86 2.64
N TYR B 49 27.57 -1.22 2.55
CA TYR B 49 26.85 -1.15 1.29
C TYR B 49 26.38 0.27 1.01
N GLU B 50 27.34 1.14 0.77
CA GLU B 50 27.08 2.54 0.47
C GLU B 50 25.77 3.00 1.10
N ASP B 51 25.18 4.06 0.54
CA ASP B 51 23.93 4.58 1.05
C ASP B 51 22.78 4.21 0.13
N LYS B 52 21.99 3.23 0.56
CA LYS B 52 20.86 2.78 -0.22
C LYS B 52 19.57 3.36 0.37
N ASN B 53 18.55 3.54 -0.45
CA ASN B 53 17.31 4.14 0.03
C ASN B 53 16.21 3.12 0.30
N TRP B 54 15.21 3.56 1.05
CA TRP B 54 14.09 2.71 1.41
C TRP B 54 12.79 3.51 1.34
N GLY B 55 11.81 2.94 0.69
CA GLY B 55 10.50 3.57 0.55
C GLY B 55 9.44 2.72 1.21
N ILE B 56 8.95 3.19 2.35
CA ILE B 56 7.98 2.46 3.11
C ILE B 56 6.58 3.04 2.90
N PHE B 57 5.62 2.19 2.51
CA PHE B 57 4.25 2.66 2.23
C PHE B 57 3.14 1.86 2.87
N VAL B 58 2.24 2.65 3.47
CA VAL B 58 1.04 2.10 4.06
C VAL B 58 -0.12 2.73 3.30
N ASN B 59 -1.28 2.09 3.24
CA ASN B 59 -2.34 2.68 2.44
C ASN B 59 -1.76 3.09 1.10
N GLY B 60 -0.77 2.34 0.63
CA GLY B 60 -0.12 2.66 -0.63
C GLY B 60 0.39 4.09 -0.55
N GLU B 61 0.76 4.48 0.65
CA GLU B 61 1.23 5.82 0.92
C GLU B 61 2.43 5.81 1.84
N LYS B 62 3.34 6.75 1.64
CA LYS B 62 4.48 6.84 2.52
C LYS B 62 4.05 6.51 3.94
N VAL B 63 5.03 6.18 4.75
CA VAL B 63 4.79 5.85 6.14
C VAL B 63 6.10 5.94 6.91
N TYR B 64 7.20 6.05 6.17
CA TYR B 64 8.53 6.11 6.75
C TYR B 64 9.56 6.07 5.61
N THR B 65 10.76 6.59 5.82
CA THR B 65 11.77 6.59 4.78
C THR B 65 13.18 6.76 5.36
N PHE B 66 14.05 5.79 5.07
CA PHE B 66 15.41 5.85 5.58
C PHE B 66 16.42 5.39 4.56
N ASN B 67 17.65 5.75 4.87
CA ASN B 67 18.80 5.43 4.07
C ASN B 67 19.71 4.46 4.85
N GLU B 68 20.13 3.38 4.21
CA GLU B 68 20.99 2.41 4.86
C GLU B 68 21.96 3.12 5.79
N LYS B 69 22.38 4.31 5.39
CA LYS B 69 23.31 5.08 6.22
C LYS B 69 22.66 5.41 7.54
N SER B 70 21.59 6.19 7.48
CA SER B 70 20.87 6.57 8.68
C SER B 70 20.62 5.33 9.53
N THR B 71 20.96 4.16 8.98
CA THR B 71 20.75 2.89 9.67
C THR B 71 19.44 2.93 10.44
N VAL B 72 18.46 2.25 9.90
CA VAL B 72 17.15 2.23 10.51
C VAL B 72 17.24 2.11 12.02
N GLY B 73 18.24 1.39 12.49
CA GLY B 73 18.39 1.16 13.91
C GLY B 73 17.90 2.35 14.72
N ASN B 74 18.60 3.46 14.57
CA ASN B 74 18.23 4.69 15.28
C ASN B 74 16.91 5.23 14.74
N ILE B 75 16.65 4.97 13.47
CA ILE B 75 15.43 5.43 12.85
C ILE B 75 14.24 4.60 13.28
N SER B 76 14.19 3.38 12.78
CA SER B 76 13.11 2.45 13.10
C SER B 76 12.64 2.75 14.49
N ASN B 77 13.58 3.26 15.28
CA ASN B 77 13.30 3.66 16.63
C ASN B 77 12.15 4.66 16.62
N ASP B 78 12.40 5.82 16.03
CA ASP B 78 11.38 6.86 15.93
C ASP B 78 10.15 6.29 15.22
N ILE B 79 10.39 5.72 14.05
CA ILE B 79 9.34 5.09 13.27
C ILE B 79 8.43 4.29 14.16
N ASN B 80 8.99 3.21 14.68
CA ASN B 80 8.28 2.32 15.56
C ASN B 80 7.41 3.10 16.56
N LYS B 81 7.68 4.39 16.73
CA LYS B 81 6.94 5.18 17.70
C LYS B 81 5.72 5.89 17.08
N LEU B 82 5.70 6.11 15.77
CA LEU B 82 4.53 6.75 15.18
C LEU B 82 3.41 5.74 15.06
N ASN B 83 3.61 4.62 15.73
CA ASN B 83 2.64 3.54 15.74
C ASN B 83 2.20 3.18 14.33
N ILE B 84 3.12 2.61 13.56
CA ILE B 84 2.83 2.20 12.21
C ILE B 84 1.48 1.54 12.11
N LYS B 85 1.13 1.12 10.90
CA LYS B 85 -0.12 0.48 10.65
C LYS B 85 0.09 -0.95 10.19
N GLY B 86 -1.00 -1.63 9.94
CA GLY B 86 -0.89 -3.03 9.51
C GLY B 86 -1.94 -3.45 8.49
N MET B 87 -3.15 -2.91 8.57
CA MET B 87 -4.20 -3.31 7.67
C MET B 87 -4.78 -2.14 6.83
N TYR B 88 -3.96 -1.48 6.01
CA TYR B 88 -4.50 -0.40 5.18
C TYR B 88 -3.76 -0.26 3.88
N ILE B 89 -4.51 -0.36 2.80
CA ILE B 89 -3.96 -0.20 1.49
C ILE B 89 -4.70 0.94 0.80
N GLU B 90 -4.23 1.38 -0.37
CA GLU B 90 -4.93 2.47 -1.03
C GLU B 90 -4.31 2.79 -2.36
N ILE B 91 -4.76 3.90 -2.88
CA ILE B 91 -4.31 4.36 -4.16
C ILE B 91 -4.24 5.90 -4.21
N LYS B 92 -3.33 6.43 -5.01
CA LYS B 92 -3.18 7.88 -5.13
C LYS B 92 -3.84 8.41 -6.39
N GLN B 93 -4.25 9.67 -6.32
CA GLN B 93 -4.88 10.33 -7.46
C GLN B 93 -4.00 11.45 -8.01
N ILE B 94 -3.75 11.41 -9.31
CA ILE B 94 -2.96 12.44 -9.96
C ILE B 94 -2.15 13.26 -8.96
N ASP A 1 -22.48 -8.85 -0.19
CA ASP A 1 -22.86 -7.42 0.00
C ASP A 1 -23.09 -7.15 1.48
N ASN A 2 -22.21 -7.69 2.32
CA ASN A 2 -22.33 -7.50 3.77
C ASN A 2 -21.23 -6.58 4.26
N GLN A 3 -21.42 -6.04 5.47
CA GLN A 3 -20.42 -5.14 6.06
C GLN A 3 -19.09 -5.86 6.24
N LYS A 4 -19.06 -7.15 5.91
CA LYS A 4 -17.86 -7.94 6.04
C LYS A 4 -16.74 -7.38 5.16
N ALA A 5 -16.96 -7.39 3.85
CA ALA A 5 -15.98 -6.89 2.92
C ALA A 5 -15.67 -5.42 3.18
N LEU A 6 -16.50 -4.78 3.99
CA LEU A 6 -16.29 -3.37 4.29
C LEU A 6 -14.98 -3.17 5.03
N GLU A 7 -14.74 -4.00 6.04
CA GLU A 7 -13.51 -3.90 6.82
C GLU A 7 -12.34 -4.54 6.05
N GLU A 8 -12.67 -5.38 5.07
CA GLU A 8 -11.66 -6.05 4.28
C GLU A 8 -11.23 -5.19 3.09
N GLN A 9 -11.77 -3.98 3.01
CA GLN A 9 -11.43 -3.08 1.92
C GLN A 9 -10.88 -1.77 2.46
N MET A 10 -10.49 -0.89 1.55
CA MET A 10 -9.94 0.39 1.93
C MET A 10 -10.99 1.51 1.83
N ASN A 11 -11.25 2.16 2.95
CA ASN A 11 -12.21 3.24 3.00
C ASN A 11 -12.18 4.08 1.71
N SER A 12 -11.12 3.93 0.95
CA SER A 12 -10.97 4.66 -0.30
C SER A 12 -11.95 4.12 -1.34
N ILE A 13 -12.03 2.80 -1.42
CA ILE A 13 -12.91 2.17 -2.35
C ILE A 13 -14.32 2.72 -2.24
N ASN A 14 -14.55 3.52 -1.20
CA ASN A 14 -15.85 4.11 -0.97
C ASN A 14 -15.98 5.48 -1.61
N SER A 15 -15.25 6.45 -1.08
CA SER A 15 -15.29 7.81 -1.61
C SER A 15 -14.72 7.84 -3.01
N VAL A 16 -13.62 7.12 -3.22
CA VAL A 16 -12.99 7.07 -4.52
C VAL A 16 -13.98 6.50 -5.54
N ASN A 17 -14.39 5.27 -5.30
CA ASN A 17 -15.34 4.60 -6.19
C ASN A 17 -16.35 5.60 -6.73
N ASP A 18 -16.84 6.48 -5.88
CA ASP A 18 -17.81 7.49 -6.28
C ASP A 18 -17.12 8.68 -6.93
N LYS A 19 -15.93 9.01 -6.43
CA LYS A 19 -15.16 10.13 -6.95
C LYS A 19 -14.81 9.89 -8.43
N LEU A 20 -14.16 8.77 -8.70
CA LEU A 20 -13.76 8.42 -10.05
C LEU A 20 -14.89 8.64 -11.05
N ASN A 21 -16.14 8.45 -10.60
CA ASN A 21 -17.28 8.61 -11.46
C ASN A 21 -18.03 9.90 -11.14
N LYS A 22 -17.53 11.01 -11.68
CA LYS A 22 -18.17 12.30 -11.44
C LYS A 22 -19.18 12.61 -12.55
N GLY A 23 -18.68 12.86 -13.75
CA GLY A 23 -19.56 13.15 -14.88
C GLY A 23 -19.14 12.38 -16.12
N LYS A 24 -17.86 12.47 -16.46
CA LYS A 24 -17.31 11.79 -17.62
C LYS A 24 -18.38 11.07 -18.41
N GLY A 25 -18.21 9.77 -18.57
CA GLY A 25 -19.15 8.96 -19.30
C GLY A 25 -20.01 8.15 -18.34
N LYS A 26 -20.64 7.12 -18.88
CA LYS A 26 -21.49 6.25 -18.09
C LYS A 26 -20.68 5.13 -17.48
N LEU A 27 -20.60 5.07 -16.15
CA LEU A 27 -19.85 4.04 -15.49
C LEU A 27 -20.41 3.76 -14.11
N SER A 28 -20.73 2.50 -13.82
CA SER A 28 -21.26 2.11 -12.53
C SER A 28 -20.40 1.00 -11.91
N LEU A 29 -19.72 1.32 -10.82
CA LEU A 29 -18.85 0.38 -10.17
C LEU A 29 -19.57 -0.41 -9.08
N SER A 30 -18.96 -1.51 -8.69
CA SER A 30 -19.46 -2.34 -7.61
C SER A 30 -18.38 -2.43 -6.56
N MET A 31 -18.74 -2.77 -5.33
CA MET A 31 -17.73 -2.83 -4.28
C MET A 31 -17.59 -4.21 -3.67
N ASN A 32 -16.51 -4.87 -4.04
CA ASN A 32 -16.20 -6.19 -3.51
C ASN A 32 -14.80 -6.12 -2.90
N GLY A 33 -14.68 -6.54 -1.65
CA GLY A 33 -13.40 -6.49 -0.94
C GLY A 33 -12.20 -6.32 -1.87
N ASN A 34 -11.71 -7.43 -2.39
CA ASN A 34 -10.55 -7.40 -3.27
C ASN A 34 -10.91 -7.34 -4.75
N GLN A 35 -12.07 -6.78 -5.06
CA GLN A 35 -12.47 -6.69 -6.46
C GLN A 35 -13.37 -5.50 -6.74
N LEU A 36 -13.01 -4.77 -7.79
CA LEU A 36 -13.83 -3.67 -8.24
C LEU A 36 -14.50 -4.18 -9.50
N LYS A 37 -15.69 -3.73 -9.80
CA LYS A 37 -16.35 -4.23 -10.98
C LYS A 37 -17.35 -3.22 -11.44
N ALA A 38 -17.26 -2.89 -12.69
CA ALA A 38 -18.10 -1.88 -13.25
C ALA A 38 -18.40 -2.13 -14.72
N THR A 39 -19.29 -1.31 -15.23
CA THR A 39 -19.68 -1.34 -16.62
C THR A 39 -19.70 0.09 -17.11
N SER A 40 -19.48 0.36 -18.39
CA SER A 40 -19.45 1.76 -18.80
C SER A 40 -19.77 2.01 -20.27
N SER A 41 -20.03 3.28 -20.55
CA SER A 41 -20.29 3.77 -21.91
C SER A 41 -19.47 5.05 -22.08
N ASN A 42 -18.98 5.30 -23.29
CA ASN A 42 -18.14 6.46 -23.51
C ASN A 42 -18.77 7.44 -24.50
N ALA A 43 -20.07 7.70 -24.34
CA ALA A 43 -20.74 8.63 -25.23
C ALA A 43 -20.48 10.08 -24.85
N GLY A 44 -20.81 10.38 -23.61
CA GLY A 44 -20.61 11.73 -23.07
C GLY A 44 -19.45 11.70 -22.12
N TYR A 45 -18.54 10.85 -22.46
CA TYR A 45 -17.33 10.62 -21.68
C TYR A 45 -16.51 11.89 -21.46
N GLY A 46 -15.82 11.94 -20.31
CA GLY A 46 -14.95 13.07 -19.98
C GLY A 46 -15.15 14.26 -20.91
N ILE A 47 -16.27 14.95 -20.73
CA ILE A 47 -16.57 16.11 -21.54
C ILE A 47 -16.12 17.37 -20.86
N SER A 48 -16.89 17.79 -19.87
CA SER A 48 -16.60 18.99 -19.11
C SER A 48 -15.17 18.92 -18.62
N TYR A 49 -14.72 17.70 -18.49
CA TYR A 49 -13.38 17.41 -18.02
C TYR A 49 -12.39 17.32 -19.18
N GLU A 50 -11.34 18.13 -19.12
CA GLU A 50 -10.33 18.16 -20.17
C GLU A 50 -9.50 16.87 -20.12
N ASP A 51 -8.22 17.01 -19.76
CA ASP A 51 -7.34 15.86 -19.69
C ASP A 51 -6.51 15.88 -18.41
N LYS A 52 -6.96 15.12 -17.41
CA LYS A 52 -6.26 15.04 -16.13
C LYS A 52 -5.73 13.63 -15.94
N ASN A 53 -4.83 13.45 -14.98
CA ASN A 53 -4.24 12.12 -14.76
C ASN A 53 -4.82 11.44 -13.52
N TRP A 54 -4.53 10.15 -13.41
CA TRP A 54 -4.99 9.34 -12.30
C TRP A 54 -3.87 8.39 -11.90
N GLY A 55 -3.64 8.31 -10.62
CA GLY A 55 -2.60 7.44 -10.09
C GLY A 55 -3.12 6.58 -8.96
N ILE A 56 -3.18 5.29 -9.24
CA ILE A 56 -3.64 4.33 -8.29
C ILE A 56 -2.46 3.42 -7.92
N PHE A 57 -2.27 3.10 -6.63
CA PHE A 57 -1.12 2.25 -6.26
C PHE A 57 -1.46 1.16 -5.26
N VAL A 58 -0.83 -0.01 -5.51
CA VAL A 58 -1.00 -1.18 -4.66
C VAL A 58 0.35 -1.65 -4.16
N ASN A 59 0.36 -2.47 -3.11
CA ASN A 59 1.61 -2.97 -2.59
C ASN A 59 2.69 -1.89 -2.54
N GLY A 60 2.31 -0.62 -2.76
CA GLY A 60 3.31 0.44 -2.71
C GLY A 60 3.77 0.80 -4.11
N GLU A 61 2.97 0.40 -5.09
CA GLU A 61 3.29 0.64 -6.47
C GLU A 61 2.04 0.95 -7.26
N LYS A 62 2.20 1.64 -8.38
CA LYS A 62 1.05 1.92 -9.22
C LYS A 62 0.29 0.61 -9.38
N VAL A 63 -0.95 0.70 -9.82
CA VAL A 63 -1.76 -0.49 -9.99
C VAL A 63 -2.68 -0.27 -11.18
N TYR A 64 -2.69 0.97 -11.64
CA TYR A 64 -3.54 1.36 -12.75
C TYR A 64 -3.36 2.87 -12.98
N THR A 65 -3.35 3.31 -14.24
CA THR A 65 -3.16 4.73 -14.52
C THR A 65 -3.92 5.18 -15.77
N PHE A 66 -4.80 6.17 -15.60
CA PHE A 66 -5.57 6.67 -16.72
C PHE A 66 -5.60 8.17 -16.78
N ASN A 67 -6.18 8.60 -17.88
CA ASN A 67 -6.36 10.00 -18.21
C ASN A 67 -7.85 10.28 -18.39
N GLU A 68 -8.30 11.43 -17.89
CA GLU A 68 -9.71 11.80 -18.01
C GLU A 68 -10.20 11.59 -19.44
N LYS A 69 -9.41 12.06 -20.41
CA LYS A 69 -9.80 11.91 -21.80
C LYS A 69 -9.89 10.45 -22.16
N SER A 70 -9.01 9.65 -21.57
CA SER A 70 -9.03 8.22 -21.83
C SER A 70 -10.31 7.64 -21.26
N THR A 71 -11.06 8.50 -20.59
CA THR A 71 -12.31 8.10 -19.98
C THR A 71 -12.15 6.72 -19.36
N VAL A 72 -11.95 6.70 -18.06
CA VAL A 72 -11.77 5.45 -17.36
C VAL A 72 -12.77 4.40 -17.82
N GLY A 73 -13.99 4.87 -18.08
CA GLY A 73 -15.06 3.97 -18.47
C GLY A 73 -14.52 2.79 -19.26
N ASN A 74 -13.94 3.09 -20.41
CA ASN A 74 -13.36 2.04 -21.26
C ASN A 74 -12.15 1.43 -20.56
N ILE A 75 -11.44 2.24 -19.80
CA ILE A 75 -10.27 1.76 -19.10
C ILE A 75 -10.66 0.88 -17.93
N SER A 76 -11.20 1.52 -16.90
CA SER A 76 -11.64 0.82 -15.70
C SER A 76 -12.12 -0.55 -16.09
N ASN A 77 -12.58 -0.63 -17.33
CA ASN A 77 -13.04 -1.87 -17.89
C ASN A 77 -11.94 -2.91 -17.74
N ASP A 78 -10.84 -2.69 -18.47
CA ASP A 78 -9.70 -3.60 -18.39
C ASP A 78 -9.26 -3.74 -16.94
N ILE A 79 -9.08 -2.61 -16.29
CA ILE A 79 -8.69 -2.55 -14.89
C ILE A 79 -9.49 -3.55 -14.07
N ASN A 80 -10.75 -3.22 -13.89
CA ASN A 80 -11.65 -4.04 -13.12
C ASN A 80 -11.51 -5.53 -13.45
N LYS A 81 -10.81 -5.84 -14.54
CA LYS A 81 -10.65 -7.23 -14.96
C LYS A 81 -9.43 -7.90 -14.30
N LEU A 82 -8.46 -7.12 -13.83
CA LEU A 82 -7.30 -7.73 -13.18
C LEU A 82 -7.60 -8.05 -11.73
N ASN A 83 -8.89 -8.15 -11.44
CA ASN A 83 -9.34 -8.44 -10.10
C ASN A 83 -8.38 -7.87 -9.06
N ILE A 84 -8.44 -6.54 -8.90
CA ILE A 84 -7.62 -5.85 -7.95
C ILE A 84 -7.65 -6.56 -6.60
N LYS A 85 -7.09 -5.90 -5.61
CA LYS A 85 -7.06 -6.43 -4.25
C LYS A 85 -7.61 -5.40 -3.29
N GLY A 86 -7.63 -5.73 -2.01
CA GLY A 86 -8.15 -4.81 -1.01
C GLY A 86 -7.17 -4.58 0.12
N MET A 87 -6.42 -5.63 0.47
CA MET A 87 -5.47 -5.55 1.56
C MET A 87 -4.05 -5.89 1.10
N TYR A 88 -3.34 -4.96 0.45
CA TYR A 88 -1.97 -5.26 0.07
C TYR A 88 -1.08 -4.05 0.03
N ILE A 89 -0.14 -4.06 0.94
CA ILE A 89 0.84 -3.01 1.04
C ILE A 89 2.20 -3.68 1.14
N GLU A 90 3.32 -2.95 1.19
CA GLU A 90 4.58 -3.71 1.27
C GLU A 90 5.76 -2.90 1.80
N ILE A 91 6.89 -3.57 1.66
CA ILE A 91 8.17 -3.08 2.09
C ILE A 91 9.24 -3.49 1.07
N LYS A 92 10.29 -2.69 0.90
CA LYS A 92 11.33 -3.04 -0.05
C LYS A 92 12.71 -2.97 0.58
N GLN A 93 13.56 -3.89 0.17
CA GLN A 93 14.91 -3.98 0.67
C GLN A 93 15.95 -3.61 -0.39
N ILE A 94 17.01 -2.95 0.05
CA ILE A 94 18.10 -2.55 -0.83
C ILE A 94 17.81 -2.89 -2.29
N ASP B 1 -0.16 -12.14 20.89
CA ASP B 1 0.80 -13.04 20.18
C ASP B 1 0.03 -14.23 19.61
N ASN B 2 -1.13 -13.96 19.03
CA ASN B 2 -1.95 -15.02 18.44
C ASN B 2 -1.94 -14.91 16.92
N GLN B 3 -2.34 -15.98 16.26
CA GLN B 3 -2.38 -16.01 14.80
C GLN B 3 -3.33 -14.94 14.28
N LYS B 4 -4.01 -14.25 15.18
CA LYS B 4 -4.95 -13.21 14.82
C LYS B 4 -4.25 -12.11 14.04
N ALA B 5 -3.32 -11.42 14.69
CA ALA B 5 -2.59 -10.33 14.06
C ALA B 5 -1.83 -10.82 12.83
N LEU B 6 -1.72 -12.14 12.68
CA LEU B 6 -1.02 -12.70 11.54
C LEU B 6 -1.73 -12.33 10.24
N GLU B 7 -3.05 -12.49 10.22
CA GLU B 7 -3.82 -12.17 9.04
C GLU B 7 -4.04 -10.66 8.94
N GLU B 8 -3.86 -9.97 10.06
CA GLU B 8 -4.05 -8.53 10.08
C GLU B 8 -2.77 -7.79 9.71
N GLN B 9 -1.75 -8.56 9.35
CA GLN B 9 -0.47 -7.97 8.97
C GLN B 9 -0.07 -8.41 7.56
N MET B 10 1.04 -7.88 7.09
CA MET B 10 1.52 -8.21 5.76
C MET B 10 2.64 -9.27 5.80
N ASN B 11 2.39 -10.39 5.16
CA ASN B 11 3.36 -11.47 5.11
C ASN B 11 4.79 -10.94 5.06
N SER B 12 4.93 -9.66 4.72
CA SER B 12 6.25 -9.05 4.63
C SER B 12 6.82 -8.87 6.02
N ILE B 13 6.00 -8.40 6.94
CA ILE B 13 6.43 -8.19 8.29
C ILE B 13 7.10 -9.43 8.86
N ASN B 14 7.00 -10.52 8.12
CA ASN B 14 7.58 -11.79 8.55
C ASN B 14 9.00 -11.96 8.01
N SER B 15 9.11 -12.15 6.70
CA SER B 15 10.40 -12.33 6.08
C SER B 15 11.24 -11.07 6.20
N VAL B 16 10.60 -9.93 6.00
CA VAL B 16 11.28 -8.66 6.09
C VAL B 16 11.85 -8.49 7.50
N ASN B 17 10.94 -8.47 8.47
CA ASN B 17 11.32 -8.34 9.86
C ASN B 17 12.64 -9.04 10.13
N ASP B 18 12.79 -10.23 9.58
CA ASP B 18 14.01 -11.01 9.77
C ASP B 18 15.09 -10.56 8.79
N LYS B 19 14.67 -10.18 7.58
CA LYS B 19 15.60 -9.72 6.56
C LYS B 19 16.34 -8.47 7.04
N LEU B 20 15.59 -7.44 7.40
CA LEU B 20 16.16 -6.19 7.85
C LEU B 20 17.29 -6.43 8.87
N ASN B 21 17.16 -7.49 9.67
CA ASN B 21 18.17 -7.80 10.67
C ASN B 21 19.03 -8.97 10.24
N LYS B 22 20.03 -8.70 9.41
CA LYS B 22 20.92 -9.75 8.94
C LYS B 22 22.14 -9.87 9.85
N GLY B 23 22.99 -8.85 9.83
CA GLY B 23 24.19 -8.86 10.66
C GLY B 23 24.40 -7.51 11.33
N LYS B 24 24.35 -6.45 10.53
CA LYS B 24 24.53 -5.09 11.03
C LYS B 24 24.84 -5.07 12.51
N GLY B 25 24.01 -4.38 13.26
CA GLY B 25 24.19 -4.27 14.70
C GLY B 25 23.21 -5.17 15.42
N LYS B 26 23.02 -4.89 16.70
CA LYS B 26 22.12 -5.67 17.53
C LYS B 26 20.71 -5.08 17.45
N LEU B 27 19.76 -5.85 16.93
CA LEU B 27 18.41 -5.37 16.82
C LEU B 27 17.42 -6.53 16.84
N SER B 28 16.45 -6.46 17.74
CA SER B 28 15.43 -7.50 17.87
C SER B 28 14.04 -6.89 17.74
N LEU B 29 13.34 -7.24 16.66
CA LEU B 29 12.01 -6.71 16.41
C LEU B 29 10.93 -7.60 16.99
N SER B 30 9.74 -7.02 17.11
CA SER B 30 8.57 -7.75 17.58
C SER B 30 7.51 -7.64 16.49
N MET B 31 6.54 -8.54 16.47
CA MET B 31 5.53 -8.47 15.43
C MET B 31 4.13 -8.27 15.98
N ASN B 32 3.65 -7.06 15.80
CA ASN B 32 2.31 -6.69 16.20
C ASN B 32 1.57 -6.14 14.99
N GLY B 33 0.41 -6.69 14.69
CA GLY B 33 -0.38 -6.28 13.53
C GLY B 33 0.07 -4.94 12.96
N ASN B 34 -0.46 -3.87 13.53
CA ASN B 34 -0.16 -2.52 13.05
C ASN B 34 0.98 -1.87 13.82
N GLN B 35 1.87 -2.67 14.38
CA GLN B 35 2.99 -2.09 15.12
C GLN B 35 4.24 -2.96 15.09
N LEU B 36 5.35 -2.32 14.79
CA LEU B 36 6.63 -2.99 14.82
C LEU B 36 7.30 -2.48 16.08
N LYS B 37 8.13 -3.28 16.71
CA LYS B 37 8.76 -2.82 17.92
C LYS B 37 10.02 -3.58 18.14
N ALA B 38 11.07 -2.84 18.35
CA ALA B 38 12.35 -3.43 18.50
C ALA B 38 13.26 -2.62 19.42
N THR B 39 14.41 -3.21 19.69
CA THR B 39 15.43 -2.59 20.52
C THR B 39 16.75 -2.82 19.80
N SER B 40 17.74 -1.95 19.98
CA SER B 40 18.98 -2.18 19.24
C SER B 40 20.23 -1.56 19.85
N SER B 41 21.36 -2.02 19.34
CA SER B 41 22.69 -1.54 19.72
C SER B 41 23.47 -1.32 18.43
N ASN B 42 24.33 -0.33 18.40
CA ASN B 42 25.07 -0.03 17.18
C ASN B 42 26.58 -0.19 17.36
N ALA B 43 26.98 -1.27 18.02
CA ALA B 43 28.39 -1.51 18.24
C ALA B 43 29.06 -2.11 17.00
N GLY B 44 28.51 -3.21 16.55
CA GLY B 44 29.03 -3.90 15.37
C GLY B 44 28.08 -3.70 14.24
N TYR B 45 27.48 -2.54 14.29
CA TYR B 45 26.49 -2.12 13.32
C TYR B 45 26.99 -2.16 11.88
N GLY B 46 26.08 -2.43 10.95
CA GLY B 46 26.40 -2.44 9.51
C GLY B 46 27.90 -2.44 9.25
N ILE B 47 28.54 -3.56 9.52
CA ILE B 47 29.96 -3.69 9.30
C ILE B 47 30.26 -4.26 7.93
N SER B 48 30.08 -5.55 7.83
CA SER B 48 30.30 -6.27 6.59
C SER B 48 29.56 -5.56 5.48
N TYR B 49 28.51 -4.90 5.89
CA TYR B 49 27.65 -4.17 4.97
C TYR B 49 28.13 -2.73 4.80
N GLU B 50 28.36 -2.34 3.56
CA GLU B 50 28.83 -1.00 3.25
C GLU B 50 27.71 0.02 3.46
N ASP B 51 27.23 0.61 2.38
CA ASP B 51 26.15 1.60 2.48
C ASP B 51 25.08 1.35 1.42
N LYS B 52 24.01 0.68 1.82
CA LYS B 52 22.91 0.39 0.92
C LYS B 52 21.66 1.15 1.38
N ASN B 53 20.66 1.23 0.52
CA ASN B 53 19.45 1.97 0.86
C ASN B 53 18.28 1.04 1.21
N TRP B 54 17.25 1.64 1.79
CA TRP B 54 16.06 0.92 2.17
C TRP B 54 14.85 1.78 1.88
N GLY B 55 13.86 1.16 1.28
CA GLY B 55 12.64 1.86 0.91
C GLY B 55 11.40 1.11 1.39
N ILE B 56 10.73 1.70 2.34
CA ILE B 56 9.55 1.14 2.90
C ILE B 56 8.35 2.04 2.53
N PHE B 57 7.22 1.47 2.10
CA PHE B 57 6.08 2.34 1.73
C PHE B 57 4.73 1.88 2.25
N VAL B 58 3.94 2.89 2.65
CA VAL B 58 2.60 2.66 3.19
C VAL B 58 1.59 3.45 2.37
N ASN B 59 0.32 3.08 2.48
CA ASN B 59 -0.71 3.80 1.75
C ASN B 59 -0.27 4.11 0.32
N GLY B 60 0.84 3.53 -0.14
CA GLY B 60 1.29 3.81 -1.49
C GLY B 60 2.36 4.88 -1.50
N GLU B 61 2.97 5.08 -0.34
CA GLU B 61 3.98 6.09 -0.18
C GLU B 61 5.06 5.62 0.76
N LYS B 62 6.24 6.18 0.65
CA LYS B 62 7.30 5.82 1.58
C LYS B 62 6.70 5.86 2.97
N VAL B 63 7.37 5.26 3.93
CA VAL B 63 6.90 5.24 5.30
C VAL B 63 8.08 5.27 6.23
N TYR B 64 9.25 5.12 5.63
CA TYR B 64 10.49 5.09 6.39
C TYR B 64 11.64 4.82 5.41
N THR B 65 12.80 5.45 5.60
CA THR B 65 13.91 5.25 4.68
C THR B 65 15.26 5.34 5.39
N PHE B 66 16.06 4.28 5.30
CA PHE B 66 17.36 4.27 5.93
C PHE B 66 18.45 3.74 5.03
N ASN B 67 19.64 3.87 5.58
CA ASN B 67 20.87 3.45 4.95
C ASN B 67 21.58 2.45 5.84
N GLU B 68 22.14 1.40 5.24
CA GLU B 68 22.84 0.38 6.01
C GLU B 68 23.79 1.01 7.01
N LYS B 69 24.56 1.99 6.55
CA LYS B 69 25.51 2.66 7.43
C LYS B 69 24.77 3.36 8.55
N SER B 70 23.58 3.89 8.24
CA SER B 70 22.78 4.55 9.25
C SER B 70 22.34 3.52 10.26
N THR B 71 22.67 2.26 9.97
CA THR B 71 22.30 1.17 10.85
C THR B 71 20.89 1.39 11.37
N VAL B 72 19.94 0.71 10.76
CA VAL B 72 18.55 0.85 11.15
C VAL B 72 18.41 0.83 12.67
N GLY B 73 19.22 0.00 13.30
CA GLY B 73 19.14 -0.18 14.74
C GLY B 73 18.73 1.12 15.42
N ASN B 74 19.56 2.14 15.27
CA ASN B 74 19.27 3.44 15.86
C ASN B 74 18.06 4.07 15.15
N ILE B 75 17.91 3.77 13.87
CA ILE B 75 16.81 4.31 13.11
C ILE B 75 15.51 3.63 13.50
N SER B 76 15.39 2.38 13.06
CA SER B 76 14.21 1.57 13.34
C SER B 76 13.66 1.99 14.68
N ASN B 77 14.56 2.47 15.51
CA ASN B 77 14.21 2.96 16.82
C ASN B 77 13.11 4.01 16.67
N ASP B 78 13.47 5.13 16.06
CA ASP B 78 12.49 6.20 15.84
C ASP B 78 11.29 5.64 15.06
N ILE B 79 11.59 4.95 13.98
CA ILE B 79 10.58 4.32 13.15
C ILE B 79 9.55 3.61 14.02
N ASN B 80 9.98 2.51 14.59
CA ASN B 80 9.12 1.70 15.43
C ASN B 80 8.28 2.55 16.39
N LYS B 81 8.63 3.82 16.52
CA LYS B 81 7.92 4.71 17.44
C LYS B 81 6.69 5.37 16.80
N LEU B 82 6.66 5.45 15.46
CA LEU B 82 5.50 6.07 14.80
C LEU B 82 4.38 5.06 14.67
N ASN B 83 4.44 4.03 15.49
CA ASN B 83 3.45 2.98 15.47
C ASN B 83 2.89 2.77 14.06
N ILE B 84 3.71 2.15 13.22
CA ILE B 84 3.32 1.87 11.86
C ILE B 84 1.93 1.27 11.81
N LYS B 85 1.56 0.78 10.64
CA LYS B 85 0.28 0.14 10.45
C LYS B 85 0.48 -1.22 9.80
N GLY B 86 -0.61 -1.93 9.54
CA GLY B 86 -0.52 -3.24 8.94
C GLY B 86 -1.38 -3.36 7.69
N MET B 87 -2.54 -2.69 7.71
CA MET B 87 -3.46 -2.75 6.62
C MET B 87 -3.75 -1.36 6.03
N TYR B 88 -2.85 -0.80 5.21
CA TYR B 88 -3.16 0.50 4.61
C TYR B 88 -2.53 0.69 3.26
N ILE B 89 -3.40 0.78 2.29
CA ILE B 89 -2.99 0.99 0.92
C ILE B 89 -3.87 2.12 0.38
N GLU B 90 -3.70 2.58 -0.86
CA GLU B 90 -4.59 3.68 -1.27
C GLU B 90 -4.70 3.86 -2.77
N ILE B 91 -5.36 4.97 -3.07
CA ILE B 91 -5.65 5.40 -4.42
C ILE B 91 -5.51 6.93 -4.49
N LYS B 92 -5.12 7.46 -5.64
CA LYS B 92 -4.99 8.90 -5.77
C LYS B 92 -5.72 9.43 -6.99
N GLN B 93 -6.29 10.62 -6.83
CA GLN B 93 -7.04 11.26 -7.88
C GLN B 93 -6.34 12.50 -8.41
N ILE B 94 -6.45 12.72 -9.72
CA ILE B 94 -5.87 13.87 -10.37
C ILE B 94 -5.03 14.72 -9.41
N ASP A 1 -26.75 -7.04 9.95
CA ASP A 1 -25.70 -6.31 9.18
C ASP A 1 -24.38 -7.06 9.27
N ASN A 2 -24.34 -8.22 8.62
CA ASN A 2 -23.13 -9.05 8.62
C ASN A 2 -22.02 -8.36 7.84
N GLN A 3 -21.66 -7.14 8.25
CA GLN A 3 -20.60 -6.40 7.57
C GLN A 3 -19.27 -7.12 7.72
N LYS A 4 -19.27 -8.20 8.49
CA LYS A 4 -18.05 -8.97 8.71
C LYS A 4 -17.38 -9.32 7.39
N ALA A 5 -18.15 -9.25 6.30
CA ALA A 5 -17.63 -9.58 4.98
C ALA A 5 -16.73 -8.45 4.46
N LEU A 6 -16.73 -7.32 5.17
CA LEU A 6 -15.93 -6.17 4.76
C LEU A 6 -14.51 -6.59 4.41
N GLU A 7 -14.17 -7.84 4.71
CA GLU A 7 -12.82 -8.34 4.42
C GLU A 7 -12.46 -8.13 2.95
N GLU A 8 -13.33 -8.56 2.05
CA GLU A 8 -13.09 -8.42 0.63
C GLU A 8 -13.47 -7.05 0.12
N GLN A 9 -13.90 -6.19 1.03
CA GLN A 9 -14.29 -4.84 0.66
C GLN A 9 -14.33 -3.92 1.88
N MET A 10 -13.59 -2.82 1.79
CA MET A 10 -13.53 -1.87 2.89
C MET A 10 -14.24 -0.55 2.54
N ASN A 11 -14.84 0.07 3.55
CA ASN A 11 -15.56 1.31 3.36
C ASN A 11 -14.68 2.37 2.69
N SER A 12 -13.37 2.24 2.84
CA SER A 12 -12.45 3.19 2.24
C SER A 12 -12.51 3.09 0.73
N ILE A 13 -12.68 1.87 0.26
CA ILE A 13 -12.75 1.62 -1.15
C ILE A 13 -13.97 2.29 -1.75
N ASN A 14 -14.91 2.66 -0.88
CA ASN A 14 -16.14 3.31 -1.31
C ASN A 14 -15.87 4.74 -1.77
N SER A 15 -15.53 5.59 -0.80
CA SER A 15 -15.25 6.97 -1.10
C SER A 15 -14.55 7.06 -2.46
N VAL A 16 -13.60 6.16 -2.65
CA VAL A 16 -12.87 6.10 -3.90
C VAL A 16 -13.85 5.92 -5.05
N ASN A 17 -14.58 4.81 -4.98
CA ASN A 17 -15.57 4.50 -5.99
C ASN A 17 -16.29 5.76 -6.46
N ASP A 18 -16.82 6.49 -5.49
CA ASP A 18 -17.54 7.73 -5.79
C ASP A 18 -16.55 8.75 -6.33
N LYS A 19 -15.31 8.65 -5.88
CA LYS A 19 -14.28 9.56 -6.32
C LYS A 19 -13.88 9.26 -7.77
N LEU A 20 -13.28 8.10 -7.99
CA LEU A 20 -12.87 7.68 -9.34
C LEU A 20 -14.05 7.82 -10.30
N ASN A 21 -15.22 8.09 -9.75
CA ASN A 21 -16.44 8.25 -10.55
C ASN A 21 -16.67 9.69 -10.93
N LYS A 22 -15.87 10.17 -11.87
CA LYS A 22 -15.98 11.54 -12.33
C LYS A 22 -15.57 11.66 -13.80
N GLY A 23 -16.39 11.07 -14.68
CA GLY A 23 -16.11 11.11 -16.11
C GLY A 23 -17.42 11.24 -16.90
N LYS A 24 -18.05 12.41 -16.78
CA LYS A 24 -19.32 12.67 -17.47
C LYS A 24 -19.98 11.36 -17.90
N GLY A 25 -19.51 10.78 -18.99
CA GLY A 25 -20.06 9.53 -19.48
C GLY A 25 -20.61 8.69 -18.32
N LYS A 26 -21.60 7.85 -18.61
CA LYS A 26 -22.23 7.02 -17.58
C LYS A 26 -21.41 5.77 -17.27
N LEU A 27 -20.86 5.72 -16.06
CA LEU A 27 -20.04 4.60 -15.63
C LEU A 27 -20.12 4.43 -14.10
N SER A 28 -20.43 3.22 -13.65
CA SER A 28 -20.53 2.95 -12.21
C SER A 28 -19.58 1.82 -11.80
N LEU A 29 -18.60 2.18 -10.97
CA LEU A 29 -17.60 1.22 -10.51
C LEU A 29 -18.11 0.34 -9.36
N SER A 30 -17.38 -0.74 -9.11
CA SER A 30 -17.69 -1.67 -8.03
C SER A 30 -16.39 -2.16 -7.41
N MET A 31 -16.45 -2.72 -6.20
CA MET A 31 -15.22 -3.19 -5.54
C MET A 31 -15.33 -4.61 -5.00
N ASN A 32 -14.51 -5.49 -5.56
CA ASN A 32 -14.46 -6.89 -5.13
C ASN A 32 -13.02 -7.23 -4.74
N GLY A 33 -12.78 -7.49 -3.45
CA GLY A 33 -11.41 -7.77 -3.01
C GLY A 33 -10.58 -6.51 -3.13
N ASN A 34 -11.19 -5.51 -3.77
CA ASN A 34 -10.60 -4.21 -4.01
C ASN A 34 -10.31 -4.03 -5.49
N GLN A 35 -10.98 -4.84 -6.31
CA GLN A 35 -10.82 -4.79 -7.75
C GLN A 35 -11.79 -3.80 -8.36
N LEU A 36 -11.43 -3.28 -9.52
CA LEU A 36 -12.28 -2.36 -10.22
C LEU A 36 -13.17 -3.12 -11.19
N LYS A 37 -14.45 -2.83 -11.14
CA LYS A 37 -15.43 -3.45 -12.01
C LYS A 37 -16.56 -2.48 -12.12
N ALA A 38 -16.96 -2.20 -13.30
CA ALA A 38 -17.96 -1.22 -13.50
C ALA A 38 -18.85 -1.51 -14.68
N THR A 39 -19.86 -0.68 -14.81
CA THR A 39 -20.79 -0.76 -15.90
C THR A 39 -20.94 0.63 -16.46
N SER A 40 -21.11 0.74 -17.76
CA SER A 40 -21.20 2.06 -18.35
C SER A 40 -22.14 2.10 -19.55
N SER A 41 -22.52 3.33 -19.92
CA SER A 41 -23.40 3.54 -21.05
C SER A 41 -23.05 4.86 -21.72
N ASN A 42 -22.97 4.86 -23.05
CA ASN A 42 -22.60 6.09 -23.75
C ASN A 42 -21.37 6.66 -23.05
N ALA A 43 -20.83 5.83 -22.17
CA ALA A 43 -19.67 6.17 -21.37
C ALA A 43 -18.44 6.37 -22.22
N GLY A 44 -18.64 6.41 -23.52
CA GLY A 44 -17.54 6.58 -24.44
C GLY A 44 -16.78 7.86 -24.13
N TYR A 45 -17.01 8.42 -22.96
CA TYR A 45 -16.34 9.63 -22.58
C TYR A 45 -16.08 9.66 -21.08
N GLY A 46 -15.14 10.48 -20.68
CA GLY A 46 -14.78 10.62 -19.27
C GLY A 46 -14.18 11.98 -18.97
N ILE A 47 -14.38 12.91 -19.88
CA ILE A 47 -13.90 14.25 -19.73
C ILE A 47 -13.95 14.71 -18.29
N SER A 48 -15.15 15.01 -17.84
CA SER A 48 -15.36 15.51 -16.50
C SER A 48 -15.10 17.00 -16.49
N TYR A 49 -13.84 17.36 -16.36
CA TYR A 49 -13.45 18.75 -16.39
C TYR A 49 -11.97 18.85 -16.78
N GLU A 50 -11.76 18.97 -18.08
CA GLU A 50 -10.43 19.02 -18.66
C GLU A 50 -9.80 17.65 -18.57
N ASP A 51 -8.51 17.58 -18.84
CA ASP A 51 -7.82 16.30 -18.79
C ASP A 51 -7.14 16.10 -17.45
N LYS A 52 -7.75 15.28 -16.61
CA LYS A 52 -7.18 15.01 -15.29
C LYS A 52 -6.50 13.64 -15.29
N ASN A 53 -5.64 13.39 -14.30
CA ASN A 53 -4.92 12.11 -14.26
C ASN A 53 -5.14 11.36 -12.93
N TRP A 54 -4.87 10.07 -12.96
CA TRP A 54 -5.02 9.22 -11.79
C TRP A 54 -3.84 8.27 -11.68
N GLY A 55 -3.51 7.91 -10.46
CA GLY A 55 -2.43 6.98 -10.20
C GLY A 55 -2.87 5.97 -9.16
N ILE A 56 -2.83 4.71 -9.52
CA ILE A 56 -3.25 3.66 -8.64
C ILE A 56 -2.04 2.84 -8.17
N PHE A 57 -1.93 2.57 -6.85
CA PHE A 57 -0.79 1.81 -6.32
C PHE A 57 -1.18 0.76 -5.29
N VAL A 58 -0.53 -0.39 -5.44
CA VAL A 58 -0.75 -1.50 -4.53
C VAL A 58 0.57 -1.95 -3.95
N ASN A 59 0.52 -2.68 -2.84
CA ASN A 59 1.75 -3.16 -2.24
C ASN A 59 2.78 -2.04 -2.13
N GLY A 60 2.34 -0.78 -2.28
CA GLY A 60 3.27 0.33 -2.20
C GLY A 60 3.85 0.61 -3.57
N GLU A 61 3.15 0.13 -4.60
CA GLU A 61 3.60 0.28 -5.96
C GLU A 61 2.46 0.53 -6.91
N LYS A 62 2.68 1.35 -7.92
CA LYS A 62 1.68 1.57 -8.93
C LYS A 62 1.03 0.23 -9.23
N VAL A 63 -0.08 0.25 -9.92
CA VAL A 63 -0.77 -0.98 -10.28
C VAL A 63 -1.62 -0.75 -11.51
N TYR A 64 -1.74 0.53 -11.88
CA TYR A 64 -2.56 0.92 -13.01
C TYR A 64 -2.48 2.43 -13.18
N THR A 65 -2.91 2.96 -14.32
CA THR A 65 -2.87 4.40 -14.54
C THR A 65 -3.78 4.84 -15.69
N PHE A 66 -4.65 5.81 -15.40
CA PHE A 66 -5.56 6.34 -16.39
C PHE A 66 -5.94 7.77 -16.07
N ASN A 67 -6.48 8.42 -17.06
CA ASN A 67 -6.93 9.79 -16.96
C ASN A 67 -8.44 9.87 -17.21
N GLU A 68 -9.04 10.99 -16.83
CA GLU A 68 -10.46 11.17 -16.98
C GLU A 68 -10.93 11.08 -18.45
N LYS A 69 -10.08 11.49 -19.39
CA LYS A 69 -10.46 11.44 -20.81
C LYS A 69 -10.37 10.03 -21.38
N SER A 70 -9.32 9.30 -21.03
CA SER A 70 -9.13 7.95 -21.55
C SER A 70 -10.37 7.08 -21.27
N THR A 71 -11.33 7.64 -20.56
CA THR A 71 -12.53 6.90 -20.22
C THR A 71 -12.15 5.55 -19.63
N VAL A 72 -11.76 5.57 -18.36
CA VAL A 72 -11.37 4.34 -17.69
C VAL A 72 -12.17 3.18 -18.20
N GLY A 73 -13.45 3.45 -18.45
CA GLY A 73 -14.36 2.43 -18.89
C GLY A 73 -13.65 1.40 -19.74
N ASN A 74 -13.10 1.85 -20.86
CA ASN A 74 -12.37 0.96 -21.74
C ASN A 74 -11.12 0.46 -21.03
N ILE A 75 -10.57 1.30 -20.18
CA ILE A 75 -9.38 0.94 -19.46
C ILE A 75 -9.69 -0.05 -18.34
N SER A 76 -10.30 0.46 -17.28
CA SER A 76 -10.67 -0.36 -16.13
C SER A 76 -11.01 -1.75 -16.63
N ASN A 77 -11.52 -1.77 -17.83
CA ASN A 77 -11.88 -3.00 -18.49
C ASN A 77 -10.72 -3.97 -18.41
N ASP A 78 -9.63 -3.62 -19.07
CA ASP A 78 -8.44 -4.49 -19.02
C ASP A 78 -8.04 -4.67 -17.56
N ILE A 79 -7.74 -3.57 -16.91
CA ILE A 79 -7.36 -3.54 -15.50
C ILE A 79 -8.04 -4.63 -14.70
N ASN A 80 -9.33 -4.45 -14.47
CA ASN A 80 -10.09 -5.41 -13.67
C ASN A 80 -9.66 -6.86 -13.93
N LYS A 81 -8.86 -7.05 -14.96
CA LYS A 81 -8.41 -8.39 -15.34
C LYS A 81 -7.14 -8.86 -14.60
N LEU A 82 -6.43 -7.96 -13.91
CA LEU A 82 -5.21 -8.40 -13.21
C LEU A 82 -5.57 -8.93 -11.82
N ASN A 83 -6.86 -9.03 -11.57
CA ASN A 83 -7.36 -9.55 -10.31
C ASN A 83 -6.78 -8.80 -9.11
N ILE A 84 -7.18 -7.54 -8.99
CA ILE A 84 -6.73 -6.64 -7.91
C ILE A 84 -7.50 -6.91 -6.64
N LYS A 85 -7.67 -8.16 -6.35
CA LYS A 85 -8.41 -8.54 -5.14
C LYS A 85 -7.52 -8.60 -3.93
N GLY A 86 -8.10 -8.22 -2.80
CA GLY A 86 -7.37 -8.21 -1.57
C GLY A 86 -6.24 -7.21 -1.65
N MET A 87 -6.38 -6.12 -0.93
CA MET A 87 -5.41 -5.09 -0.94
C MET A 87 -4.10 -5.56 -0.35
N TYR A 88 -3.02 -4.96 -0.81
CA TYR A 88 -1.70 -5.32 -0.34
C TYR A 88 -0.83 -4.10 -0.22
N ILE A 89 -0.07 -4.08 0.83
CA ILE A 89 0.81 -2.98 1.12
C ILE A 89 2.22 -3.52 1.26
N GLU A 90 3.25 -2.67 1.44
CA GLU A 90 4.57 -3.27 1.56
C GLU A 90 5.68 -2.32 1.88
N ILE A 91 6.85 -2.92 1.76
CA ILE A 91 8.12 -2.31 2.02
C ILE A 91 9.17 -2.81 1.04
N LYS A 92 10.11 -1.97 0.64
CA LYS A 92 11.15 -2.41 -0.28
C LYS A 92 12.41 -2.72 0.49
N GLN A 93 13.00 -3.85 0.15
CA GLN A 93 14.21 -4.32 0.80
C GLN A 93 15.41 -4.29 -0.13
N ILE A 94 16.40 -3.50 0.24
CA ILE A 94 17.62 -3.39 -0.54
C ILE A 94 17.40 -3.85 -1.98
N ASP B 1 -4.68 -22.12 18.81
CA ASP B 1 -3.93 -21.19 17.93
C ASP B 1 -4.84 -20.05 17.48
N ASN B 2 -5.21 -19.19 18.42
CA ASN B 2 -6.09 -18.07 18.11
C ASN B 2 -5.38 -17.05 17.22
N GLN B 3 -4.92 -17.51 16.07
CA GLN B 3 -4.22 -16.63 15.13
C GLN B 3 -5.16 -15.54 14.62
N LYS B 4 -6.42 -15.63 15.01
CA LYS B 4 -7.42 -14.66 14.58
C LYS B 4 -6.93 -13.24 14.85
N ALA B 5 -5.96 -13.10 15.75
CA ALA B 5 -5.42 -11.80 16.09
C ALA B 5 -4.52 -11.27 14.98
N LEU B 6 -4.22 -12.12 14.01
CA LEU B 6 -3.37 -11.73 12.88
C LEU B 6 -3.78 -10.38 12.32
N GLU B 7 -4.93 -9.88 12.76
CA GLU B 7 -5.42 -8.59 12.27
C GLU B 7 -4.38 -7.49 12.45
N GLU B 8 -3.84 -7.37 13.66
CA GLU B 8 -2.85 -6.35 13.95
C GLU B 8 -1.46 -6.79 13.53
N GLN B 9 -1.37 -7.97 12.94
CA GLN B 9 -0.09 -8.49 12.49
C GLN B 9 -0.28 -9.62 11.48
N MET B 10 0.35 -9.47 10.32
CA MET B 10 0.25 -10.45 9.26
C MET B 10 1.57 -11.20 9.05
N ASN B 11 1.47 -12.47 8.69
CA ASN B 11 2.64 -13.30 8.46
C ASN B 11 3.61 -12.65 7.45
N SER B 12 3.07 -11.80 6.60
CA SER B 12 3.89 -11.14 5.59
C SER B 12 4.85 -10.19 6.27
N ILE B 13 4.38 -9.56 7.34
CA ILE B 13 5.18 -8.65 8.08
C ILE B 13 6.37 -9.36 8.71
N ASN B 14 6.27 -10.67 8.78
CA ASN B 14 7.34 -11.47 9.37
C ASN B 14 8.55 -11.53 8.47
N SER B 15 8.40 -12.21 7.34
CA SER B 15 9.49 -12.33 6.39
C SER B 15 10.27 -11.03 6.37
N VAL B 16 9.55 -9.92 6.37
CA VAL B 16 10.16 -8.61 6.38
C VAL B 16 11.06 -8.49 7.60
N ASN B 17 10.45 -8.64 8.77
CA ASN B 17 11.17 -8.57 10.02
C ASN B 17 12.54 -9.24 9.89
N ASP B 18 12.54 -10.47 9.42
CA ASP B 18 13.77 -11.22 9.24
C ASP B 18 14.58 -10.59 8.14
N LYS B 19 13.89 -9.97 7.19
CA LYS B 19 14.56 -9.31 6.08
C LYS B 19 15.22 -8.02 6.55
N LEU B 20 14.41 -7.04 6.96
CA LEU B 20 14.93 -5.77 7.45
C LEU B 20 16.00 -6.02 8.52
N ASN B 21 16.11 -7.28 8.95
CA ASN B 21 17.07 -7.66 9.98
C ASN B 21 18.38 -8.10 9.37
N LYS B 22 19.14 -7.13 8.88
CA LYS B 22 20.43 -7.41 8.28
C LYS B 22 21.40 -6.25 8.48
N GLY B 23 21.81 -6.06 9.73
CA GLY B 23 22.73 -4.98 10.07
C GLY B 23 23.69 -5.42 11.16
N LYS B 24 24.57 -6.36 10.82
CA LYS B 24 25.55 -6.88 11.77
C LYS B 24 25.12 -6.61 13.21
N GLY B 25 25.33 -5.38 13.67
CA GLY B 25 24.94 -5.00 15.02
C GLY B 25 23.73 -5.80 15.48
N LYS B 26 23.60 -6.00 16.79
CA LYS B 26 22.50 -6.77 17.35
C LYS B 26 21.21 -5.95 17.46
N LEU B 27 20.21 -6.32 16.66
CA LEU B 27 18.93 -5.62 16.64
C LEU B 27 17.81 -6.57 16.22
N SER B 28 16.75 -6.64 17.03
CA SER B 28 15.61 -7.51 16.73
C SER B 28 14.31 -6.71 16.62
N LEU B 29 13.74 -6.68 15.42
CA LEU B 29 12.50 -5.94 15.17
C LEU B 29 11.26 -6.70 15.63
N SER B 30 10.15 -5.96 15.72
CA SER B 30 8.86 -6.52 16.11
C SER B 30 7.76 -5.83 15.30
N MET B 31 6.57 -6.44 15.23
CA MET B 31 5.50 -5.85 14.44
C MET B 31 4.18 -5.73 15.20
N ASN B 32 3.74 -4.49 15.42
CA ASN B 32 2.48 -4.23 16.10
C ASN B 32 1.60 -3.37 15.18
N GLY B 33 0.49 -3.91 14.69
CA GLY B 33 -0.37 -3.15 13.77
C GLY B 33 0.37 -2.97 12.46
N ASN B 34 1.65 -3.34 12.50
CA ASN B 34 2.56 -3.26 11.36
C ASN B 34 3.61 -2.18 11.62
N GLN B 35 3.78 -1.83 12.90
CA GLN B 35 4.76 -0.83 13.30
C GLN B 35 6.10 -1.47 13.57
N LEU B 36 7.15 -0.69 13.44
CA LEU B 36 8.47 -1.17 13.69
C LEU B 36 8.84 -0.89 15.15
N LYS B 37 9.34 -1.91 15.81
CA LYS B 37 9.76 -1.81 17.20
C LYS B 37 10.78 -2.88 17.40
N ALA B 38 11.88 -2.50 17.94
CA ALA B 38 12.96 -3.43 18.09
C ALA B 38 13.78 -3.18 19.32
N THR B 39 14.70 -4.09 19.53
CA THR B 39 15.62 -4.02 20.62
C THR B 39 17.01 -4.28 20.06
N SER B 40 18.00 -3.61 20.60
CA SER B 40 19.34 -3.78 20.06
C SER B 40 20.42 -3.70 21.12
N SER B 41 21.61 -4.16 20.76
CA SER B 41 22.76 -4.13 21.65
C SER B 41 24.03 -3.94 20.84
N ASN B 42 24.91 -3.06 21.29
CA ASN B 42 26.13 -2.80 20.53
C ASN B 42 25.73 -2.60 19.07
N ALA B 43 24.42 -2.50 18.87
CA ALA B 43 23.81 -2.32 17.58
C ALA B 43 24.21 -1.01 16.94
N GLY B 44 25.17 -0.34 17.55
CA GLY B 44 25.63 0.94 17.04
C GLY B 44 26.10 0.80 15.60
N TYR B 45 25.75 -0.30 14.96
CA TYR B 45 26.16 -0.52 13.60
C TYR B 45 25.09 -1.29 12.84
N GLY B 46 25.15 -1.19 11.52
CA GLY B 46 24.19 -1.89 10.67
C GLY B 46 24.76 -2.16 9.28
N ILE B 47 26.07 -2.06 9.19
CA ILE B 47 26.77 -2.31 7.97
C ILE B 47 26.12 -3.41 7.16
N SER B 48 26.34 -4.64 7.61
CA SER B 48 25.82 -5.81 6.93
C SER B 48 26.78 -6.18 5.81
N TYR B 49 26.61 -5.51 4.69
CA TYR B 49 27.49 -5.73 3.55
C TYR B 49 27.42 -4.51 2.64
N GLU B 50 28.35 -3.58 2.91
CA GLU B 50 28.44 -2.33 2.21
C GLU B 50 27.27 -1.45 2.60
N ASP B 51 27.06 -0.37 1.88
CA ASP B 51 25.97 0.54 2.19
C ASP B 51 24.75 0.22 1.35
N LYS B 52 23.76 -0.42 1.96
CA LYS B 52 22.54 -0.77 1.24
C LYS B 52 21.43 0.21 1.64
N ASN B 53 20.36 0.26 0.85
CA ASN B 53 19.27 1.19 1.14
C ASN B 53 17.92 0.48 1.26
N TRP B 54 16.97 1.16 1.91
CA TRP B 54 15.63 0.62 2.09
C TRP B 54 14.60 1.71 1.84
N GLY B 55 13.44 1.29 1.38
CA GLY B 55 12.34 2.21 1.13
C GLY B 55 11.05 1.62 1.67
N ILE B 56 10.42 2.33 2.58
CA ILE B 56 9.21 1.87 3.19
C ILE B 56 8.01 2.71 2.70
N PHE B 57 6.91 2.05 2.30
CA PHE B 57 5.73 2.77 1.80
C PHE B 57 4.42 2.24 2.33
N VAL B 58 3.55 3.19 2.67
CA VAL B 58 2.23 2.85 3.18
C VAL B 58 1.18 3.58 2.34
N ASN B 59 -0.05 3.11 2.41
CA ASN B 59 -1.11 3.74 1.66
C ASN B 59 -0.68 3.97 0.21
N GLY B 60 0.41 3.31 -0.23
CA GLY B 60 0.87 3.51 -1.59
C GLY B 60 1.84 4.67 -1.63
N GLU B 61 2.40 5.00 -0.48
CA GLU B 61 3.30 6.11 -0.36
C GLU B 61 4.42 5.83 0.63
N LYS B 62 5.60 6.34 0.33
CA LYS B 62 6.71 6.19 1.26
C LYS B 62 6.15 6.43 2.66
N VAL B 63 6.92 6.09 3.67
CA VAL B 63 6.49 6.28 5.04
C VAL B 63 7.71 6.38 5.94
N TYR B 64 8.86 6.09 5.36
CA TYR B 64 10.10 6.09 6.10
C TYR B 64 11.25 5.69 5.15
N THR B 65 12.50 5.92 5.56
CA THR B 65 13.63 5.58 4.69
C THR B 65 14.94 5.52 5.48
N PHE B 66 15.63 4.39 5.35
CA PHE B 66 16.90 4.18 6.01
C PHE B 66 17.77 3.20 5.25
N ASN B 67 19.04 3.23 5.59
CA ASN B 67 20.02 2.36 4.98
C ASN B 67 20.63 1.45 6.05
N GLU B 68 21.30 0.39 5.61
CA GLU B 68 21.90 -0.56 6.52
C GLU B 68 22.95 0.08 7.45
N LYS B 69 23.66 1.10 6.98
CA LYS B 69 24.68 1.75 7.80
C LYS B 69 24.08 2.69 8.85
N SER B 70 23.06 3.45 8.46
CA SER B 70 22.43 4.39 9.38
C SER B 70 21.97 3.69 10.66
N THR B 71 22.12 2.37 10.68
CA THR B 71 21.69 1.60 11.84
C THR B 71 20.27 1.98 12.21
N VAL B 72 19.31 1.44 11.46
CA VAL B 72 17.92 1.73 11.69
C VAL B 72 17.68 1.93 13.18
N GLY B 73 18.36 1.11 13.96
CA GLY B 73 18.19 1.12 15.39
C GLY B 73 17.87 2.52 15.88
N ASN B 74 18.80 3.43 15.66
CA ASN B 74 18.59 4.82 16.05
C ASN B 74 17.45 5.42 15.25
N ILE B 75 17.31 4.95 14.01
CA ILE B 75 16.26 5.45 13.15
C ILE B 75 14.91 4.90 13.57
N SER B 76 14.68 3.62 13.26
CA SER B 76 13.45 2.94 13.60
C SER B 76 12.91 3.52 14.88
N ASN B 77 13.85 3.94 15.71
CA ASN B 77 13.54 4.54 16.97
C ASN B 77 12.52 5.65 16.77
N ASP B 78 12.92 6.69 16.05
CA ASP B 78 11.98 7.78 15.77
C ASP B 78 10.76 7.21 15.07
N ILE B 79 11.01 6.60 13.92
CA ILE B 79 9.98 5.97 13.12
C ILE B 79 8.85 5.39 13.96
N ASN B 80 9.15 4.30 14.63
CA ASN B 80 8.15 3.61 15.45
C ASN B 80 7.22 4.60 16.16
N LYS B 81 7.58 5.87 16.13
CA LYS B 81 6.79 6.90 16.81
C LYS B 81 5.65 7.47 15.96
N LEU B 82 5.61 7.22 14.65
CA LEU B 82 4.51 7.76 13.84
C LEU B 82 3.31 6.84 13.89
N ASN B 83 3.40 5.83 14.73
CA ASN B 83 2.31 4.88 14.91
C ASN B 83 1.87 4.24 13.60
N ILE B 84 2.76 3.44 13.02
CA ILE B 84 2.52 2.75 11.75
C ILE B 84 1.68 1.52 11.96
N LYS B 85 0.67 1.67 12.75
CA LYS B 85 -0.21 0.54 13.04
C LYS B 85 -1.31 0.41 12.00
N GLY B 86 -1.66 -0.83 11.73
CA GLY B 86 -2.69 -1.12 10.76
C GLY B 86 -2.24 -0.65 9.40
N MET B 87 -1.94 -1.59 8.54
CA MET B 87 -1.48 -1.31 7.23
C MET B 87 -2.54 -0.59 6.42
N TYR B 88 -2.09 0.22 5.48
CA TYR B 88 -2.99 0.96 4.64
C TYR B 88 -2.45 1.04 3.24
N ILE B 89 -3.36 0.89 2.30
CA ILE B 89 -3.02 0.92 0.90
C ILE B 89 -3.85 2.00 0.23
N GLU B 90 -3.65 2.28 -1.07
CA GLU B 90 -4.50 3.33 -1.63
C GLU B 90 -4.34 3.55 -3.11
N ILE B 91 -4.98 4.65 -3.47
CA ILE B 91 -5.06 5.13 -4.83
C ILE B 91 -5.01 6.66 -4.84
N LYS B 92 -4.40 7.25 -5.87
CA LYS B 92 -4.35 8.71 -5.94
C LYS B 92 -5.41 9.21 -6.90
N GLN B 93 -6.11 10.23 -6.45
CA GLN B 93 -7.19 10.82 -7.21
C GLN B 93 -6.85 12.22 -7.70
N ILE B 94 -6.81 12.38 -9.02
CA ILE B 94 -6.52 13.67 -9.62
C ILE B 94 -5.80 14.59 -8.63
N ASP A 1 -30.81 -7.66 -0.66
CA ASP A 1 -30.39 -7.52 0.77
C ASP A 1 -29.60 -6.23 0.94
N ASN A 2 -30.20 -5.11 0.52
CA ASN A 2 -29.56 -3.82 0.65
C ASN A 2 -28.09 -3.88 0.23
N GLN A 3 -27.43 -2.73 0.22
CA GLN A 3 -26.03 -2.67 -0.18
C GLN A 3 -25.14 -3.46 0.78
N LYS A 4 -25.77 -4.08 1.78
CA LYS A 4 -25.03 -4.87 2.75
C LYS A 4 -24.02 -5.77 2.04
N ALA A 5 -24.12 -5.84 0.72
CA ALA A 5 -23.22 -6.65 -0.09
C ALA A 5 -21.76 -6.38 0.29
N LEU A 6 -21.55 -5.41 1.16
CA LEU A 6 -20.19 -5.06 1.58
C LEU A 6 -19.33 -6.31 1.75
N GLU A 7 -19.97 -7.46 1.82
CA GLU A 7 -19.25 -8.72 1.98
C GLU A 7 -18.11 -8.84 0.98
N GLU A 8 -18.33 -8.35 -0.24
CA GLU A 8 -17.32 -8.45 -1.28
C GLU A 8 -16.43 -7.21 -1.35
N GLN A 9 -16.64 -6.27 -0.45
CA GLN A 9 -15.84 -5.06 -0.44
C GLN A 9 -15.88 -4.33 0.90
N MET A 10 -14.80 -3.63 1.23
CA MET A 10 -14.74 -2.90 2.48
C MET A 10 -15.16 -1.44 2.29
N ASN A 11 -15.80 -0.87 3.30
CA ASN A 11 -16.26 0.50 3.25
C ASN A 11 -15.24 1.40 2.57
N SER A 12 -13.98 1.00 2.61
CA SER A 12 -12.92 1.79 2.01
C SER A 12 -12.97 1.65 0.50
N ILE A 13 -13.04 0.42 0.03
CA ILE A 13 -13.09 0.16 -1.38
C ILE A 13 -14.22 0.95 -2.02
N ASN A 14 -15.10 1.49 -1.19
CA ASN A 14 -16.25 2.26 -1.68
C ASN A 14 -15.83 3.67 -2.08
N SER A 15 -15.49 4.47 -1.07
CA SER A 15 -15.11 5.84 -1.32
C SER A 15 -14.34 5.94 -2.64
N VAL A 16 -13.47 4.97 -2.87
CA VAL A 16 -12.68 4.93 -4.09
C VAL A 16 -13.60 4.96 -5.31
N ASN A 17 -14.41 3.91 -5.45
CA ASN A 17 -15.34 3.83 -6.57
C ASN A 17 -15.89 5.20 -6.90
N ASP A 18 -16.27 5.94 -5.87
CA ASP A 18 -16.82 7.27 -6.04
C ASP A 18 -15.70 8.27 -6.30
N LYS A 19 -14.55 8.04 -5.67
CA LYS A 19 -13.41 8.91 -5.83
C LYS A 19 -12.90 8.90 -7.27
N LEU A 20 -12.40 7.74 -7.69
CA LEU A 20 -11.90 7.57 -9.05
C LEU A 20 -12.94 7.95 -10.10
N ASN A 21 -14.15 8.34 -9.66
CA ASN A 21 -15.22 8.68 -10.61
C ASN A 21 -16.06 9.87 -10.20
N LYS A 22 -15.71 11.03 -10.75
CA LYS A 22 -16.46 12.26 -10.48
C LYS A 22 -16.27 13.29 -11.62
N GLY A 23 -15.35 13.01 -12.55
CA GLY A 23 -15.10 13.94 -13.65
C GLY A 23 -14.93 13.27 -15.00
N LYS A 24 -15.91 12.47 -15.38
CA LYS A 24 -15.88 11.79 -16.66
C LYS A 24 -17.16 12.07 -17.42
N GLY A 25 -17.46 11.21 -18.38
CA GLY A 25 -18.66 11.33 -19.15
C GLY A 25 -19.77 10.53 -18.48
N LYS A 26 -20.06 9.36 -19.05
CA LYS A 26 -21.07 8.48 -18.48
C LYS A 26 -20.42 7.14 -18.16
N LEU A 27 -20.25 6.87 -16.88
CA LEU A 27 -19.60 5.66 -16.44
C LEU A 27 -20.26 5.07 -15.19
N SER A 28 -20.22 3.75 -15.07
CA SER A 28 -20.80 3.04 -13.92
C SER A 28 -19.85 1.93 -13.46
N LEU A 29 -19.36 2.04 -12.22
CA LEU A 29 -18.42 1.07 -11.68
C LEU A 29 -19.11 -0.06 -10.91
N SER A 30 -18.33 -1.11 -10.68
CA SER A 30 -18.78 -2.27 -9.91
C SER A 30 -17.71 -2.59 -8.88
N MET A 31 -18.05 -3.37 -7.86
CA MET A 31 -17.07 -3.69 -6.82
C MET A 31 -16.97 -5.18 -6.52
N ASN A 32 -15.83 -5.75 -6.86
CA ASN A 32 -15.56 -7.17 -6.60
C ASN A 32 -14.28 -7.33 -5.78
N GLY A 33 -14.41 -7.51 -4.46
CA GLY A 33 -13.23 -7.65 -3.60
C GLY A 33 -12.36 -6.40 -3.70
N ASN A 34 -11.75 -6.21 -4.85
CA ASN A 34 -10.87 -5.08 -5.05
C ASN A 34 -10.74 -4.73 -6.52
N GLN A 35 -11.48 -5.45 -7.35
CA GLN A 35 -11.43 -5.21 -8.77
C GLN A 35 -12.45 -4.17 -9.18
N LEU A 36 -12.01 -3.30 -10.07
CA LEU A 36 -12.89 -2.29 -10.60
C LEU A 36 -13.43 -2.81 -11.91
N LYS A 37 -14.70 -2.62 -12.11
CA LYS A 37 -15.32 -3.06 -13.33
C LYS A 37 -16.43 -2.09 -13.61
N ALA A 38 -16.29 -1.46 -14.72
CA ALA A 38 -17.19 -0.43 -15.10
C ALA A 38 -17.35 -0.34 -16.61
N THR A 39 -18.25 0.54 -17.00
CA THR A 39 -18.49 0.80 -18.39
C THR A 39 -18.51 2.30 -18.57
N SER A 40 -18.05 2.79 -19.71
CA SER A 40 -18.02 4.23 -19.90
C SER A 40 -18.46 4.65 -21.28
N SER A 41 -18.80 5.92 -21.40
CA SER A 41 -19.24 6.48 -22.66
C SER A 41 -18.53 7.79 -22.91
N ASN A 42 -18.70 8.33 -24.11
CA ASN A 42 -18.08 9.58 -24.48
C ASN A 42 -19.09 10.71 -24.42
N ALA A 43 -20.13 10.51 -23.64
CA ALA A 43 -21.16 11.52 -23.50
C ALA A 43 -20.52 12.87 -23.33
N GLY A 44 -19.69 12.97 -22.32
CA GLY A 44 -18.96 14.19 -22.04
C GLY A 44 -17.47 13.91 -21.92
N TYR A 45 -17.14 12.70 -21.46
CA TYR A 45 -15.74 12.34 -21.29
C TYR A 45 -15.54 10.96 -20.68
N GLY A 46 -14.28 10.68 -20.43
CA GLY A 46 -13.86 9.44 -19.79
C GLY A 46 -12.44 9.59 -19.24
N ILE A 47 -12.00 10.84 -19.09
CA ILE A 47 -10.68 11.13 -18.59
C ILE A 47 -10.55 10.86 -17.13
N SER A 48 -11.44 11.52 -16.42
CA SER A 48 -11.49 11.49 -14.97
C SER A 48 -11.45 12.89 -14.46
N TYR A 49 -10.33 13.50 -14.68
CA TYR A 49 -10.11 14.87 -14.24
C TYR A 49 -8.90 15.46 -14.95
N GLU A 50 -9.16 16.22 -16.01
CA GLU A 50 -8.08 16.83 -16.79
C GLU A 50 -6.89 15.88 -16.88
N ASP A 51 -5.72 16.44 -17.17
CA ASP A 51 -4.51 15.64 -17.28
C ASP A 51 -3.84 15.46 -15.92
N LYS A 52 -4.16 14.37 -15.24
CA LYS A 52 -3.57 14.08 -13.95
C LYS A 52 -3.16 12.62 -13.88
N ASN A 53 -2.45 12.25 -12.81
CA ASN A 53 -1.99 10.88 -12.68
C ASN A 53 -2.67 10.16 -11.51
N TRP A 54 -2.81 8.85 -11.65
CA TRP A 54 -3.42 8.03 -10.61
C TRP A 54 -2.45 6.96 -10.19
N GLY A 55 -2.48 6.65 -8.90
CA GLY A 55 -1.61 5.62 -8.36
C GLY A 55 -2.37 4.67 -7.47
N ILE A 56 -2.48 3.44 -7.91
CA ILE A 56 -3.18 2.44 -7.18
C ILE A 56 -2.19 1.44 -6.58
N PHE A 57 -2.35 1.11 -5.29
CA PHE A 57 -1.41 0.18 -4.62
C PHE A 57 -2.06 -0.84 -3.71
N VAL A 58 -1.59 -2.07 -3.90
CA VAL A 58 -2.01 -3.19 -3.09
C VAL A 58 -0.78 -3.71 -2.36
N ASN A 59 -0.91 -4.18 -1.15
CA ASN A 59 0.26 -4.63 -0.39
C ASN A 59 1.32 -3.54 -0.40
N GLY A 60 0.89 -2.30 -0.38
CA GLY A 60 1.83 -1.20 -0.42
C GLY A 60 2.59 -1.25 -1.73
N GLU A 61 2.05 -2.02 -2.65
CA GLU A 61 2.66 -2.19 -3.95
C GLU A 61 1.69 -1.74 -5.03
N LYS A 62 2.20 -0.97 -5.97
CA LYS A 62 1.36 -0.54 -7.06
C LYS A 62 0.50 -1.72 -7.48
N VAL A 63 -0.52 -1.44 -8.27
CA VAL A 63 -1.41 -2.48 -8.74
C VAL A 63 -2.03 -2.03 -10.05
N TYR A 64 -1.86 -0.74 -10.34
CA TYR A 64 -2.39 -0.14 -11.54
C TYR A 64 -2.12 1.37 -11.53
N THR A 65 -1.80 1.94 -12.69
CA THR A 65 -1.51 3.38 -12.75
C THR A 65 -1.94 3.95 -14.10
N PHE A 66 -2.78 4.99 -14.06
CA PHE A 66 -3.25 5.59 -15.30
C PHE A 66 -3.40 7.09 -15.23
N ASN A 67 -2.96 7.68 -16.31
CA ASN A 67 -3.12 9.10 -16.50
C ASN A 67 -4.61 9.33 -16.68
N GLU A 68 -5.11 10.47 -16.29
CA GLU A 68 -6.53 10.72 -16.39
C GLU A 68 -7.02 10.81 -17.83
N LYS A 69 -6.31 11.53 -18.68
CA LYS A 69 -6.73 11.64 -20.07
C LYS A 69 -6.67 10.27 -20.76
N SER A 70 -5.73 9.44 -20.33
CA SER A 70 -5.57 8.11 -20.91
C SER A 70 -6.92 7.41 -21.02
N THR A 71 -7.96 8.04 -20.48
CA THR A 71 -9.27 7.44 -20.48
C THR A 71 -9.22 6.07 -19.82
N VAL A 72 -9.17 6.07 -18.48
CA VAL A 72 -9.09 4.83 -17.73
C VAL A 72 -10.04 3.78 -18.31
N GLY A 73 -11.25 4.23 -18.64
CA GLY A 73 -12.28 3.34 -19.15
C GLY A 73 -11.63 2.27 -20.00
N ASN A 74 -10.82 2.72 -20.91
CA ASN A 74 -10.08 1.87 -21.78
C ASN A 74 -9.09 1.06 -20.96
N ILE A 75 -8.42 1.77 -20.07
CA ILE A 75 -7.45 1.17 -19.20
C ILE A 75 -8.13 0.23 -18.20
N SER A 76 -8.80 0.82 -17.21
CA SER A 76 -9.50 0.05 -16.19
C SER A 76 -9.96 -1.27 -16.75
N ASN A 77 -10.26 -1.28 -18.04
CA ASN A 77 -10.69 -2.49 -18.69
C ASN A 77 -9.65 -3.57 -18.45
N ASP A 78 -8.50 -3.40 -19.05
CA ASP A 78 -7.42 -4.37 -18.88
C ASP A 78 -7.22 -4.63 -17.39
N ILE A 79 -6.96 -3.55 -16.66
CA ILE A 79 -6.77 -3.60 -15.23
C ILE A 79 -7.60 -4.68 -14.59
N ASN A 80 -8.89 -4.44 -14.48
CA ASN A 80 -9.79 -5.40 -13.86
C ASN A 80 -9.48 -6.84 -14.29
N LYS A 81 -8.61 -6.99 -15.28
CA LYS A 81 -8.28 -8.31 -15.82
C LYS A 81 -7.07 -8.99 -15.12
N LEU A 82 -6.26 -8.25 -14.36
CA LEU A 82 -5.13 -8.89 -13.71
C LEU A 82 -5.56 -9.54 -12.40
N ASN A 83 -6.86 -9.53 -12.18
CA ASN A 83 -7.44 -10.13 -10.99
C ASN A 83 -6.76 -9.63 -9.70
N ILE A 84 -6.96 -8.35 -9.41
CA ILE A 84 -6.37 -7.75 -8.21
C ILE A 84 -6.77 -8.51 -6.95
N LYS A 85 -6.32 -7.97 -5.82
CA LYS A 85 -6.63 -8.56 -4.52
C LYS A 85 -7.08 -7.47 -3.56
N GLY A 86 -7.65 -7.86 -2.42
CA GLY A 86 -8.17 -6.88 -1.48
C GLY A 86 -7.25 -6.69 -0.28
N MET A 87 -7.60 -7.32 0.83
CA MET A 87 -6.87 -7.21 2.07
C MET A 87 -5.40 -7.61 1.96
N TYR A 88 -4.58 -6.70 1.44
CA TYR A 88 -3.16 -6.97 1.40
C TYR A 88 -2.38 -5.69 1.51
N ILE A 89 -1.69 -5.56 2.60
CA ILE A 89 -0.89 -4.39 2.85
C ILE A 89 0.55 -4.83 2.95
N GLU A 90 1.55 -3.91 2.89
CA GLU A 90 2.92 -4.42 2.97
C GLU A 90 3.99 -3.35 2.98
N ILE A 91 5.19 -3.86 2.83
CA ILE A 91 6.40 -3.08 2.81
C ILE A 91 7.30 -3.51 1.64
N LYS A 92 7.92 -2.54 0.96
CA LYS A 92 8.81 -2.89 -0.14
C LYS A 92 10.25 -2.85 0.31
N GLN A 93 11.04 -3.77 -0.24
CA GLN A 93 12.46 -3.85 0.09
C GLN A 93 13.32 -3.51 -1.13
N ILE A 94 14.11 -2.45 -1.03
CA ILE A 94 14.99 -2.06 -2.10
C ILE A 94 14.50 -2.59 -3.45
N ASP B 1 3.13 -18.01 25.95
CA ASP B 1 2.14 -18.67 25.05
C ASP B 1 2.72 -18.71 23.63
N ASN B 2 3.92 -19.26 23.50
CA ASN B 2 4.56 -19.37 22.20
C ASN B 2 4.42 -18.07 21.40
N GLN B 3 5.06 -18.02 20.24
CA GLN B 3 5.00 -16.83 19.39
C GLN B 3 3.58 -16.54 18.95
N LYS B 4 2.63 -17.37 19.36
CA LYS B 4 1.25 -17.19 18.99
C LYS B 4 0.84 -15.72 19.15
N ALA B 5 1.72 -14.94 19.76
CA ALA B 5 1.48 -13.51 19.96
C ALA B 5 1.03 -12.84 18.67
N LEU B 6 1.06 -13.59 17.57
CA LEU B 6 0.65 -13.06 16.27
C LEU B 6 -0.54 -12.12 16.41
N GLU B 7 -1.22 -12.18 17.55
CA GLU B 7 -2.38 -11.33 17.79
C GLU B 7 -2.07 -9.87 17.48
N GLU B 8 -0.85 -9.44 17.77
CA GLU B 8 -0.47 -8.06 17.55
C GLU B 8 0.19 -7.84 16.19
N GLN B 9 0.29 -8.90 15.40
CA GLN B 9 0.90 -8.79 14.09
C GLN B 9 0.51 -9.93 13.16
N MET B 10 0.49 -9.65 11.86
CA MET B 10 0.12 -10.66 10.87
C MET B 10 1.38 -11.34 10.31
N ASN B 11 1.24 -12.63 10.02
CA ASN B 11 2.34 -13.42 9.48
C ASN B 11 3.16 -12.62 8.48
N SER B 12 2.53 -11.63 7.86
CA SER B 12 3.20 -10.80 6.88
C SER B 12 4.14 -9.83 7.56
N ILE B 13 3.62 -9.15 8.57
CA ILE B 13 4.42 -8.20 9.31
C ILE B 13 5.69 -8.85 9.82
N ASN B 14 5.74 -10.18 9.76
CA ASN B 14 6.89 -10.93 10.24
C ASN B 14 8.02 -10.92 9.21
N SER B 15 7.80 -11.60 8.10
CA SER B 15 8.82 -11.68 7.06
C SER B 15 9.58 -10.36 7.00
N VAL B 16 8.84 -9.26 7.10
CA VAL B 16 9.44 -7.94 7.06
C VAL B 16 10.52 -7.83 8.12
N ASN B 17 10.11 -7.90 9.38
CA ASN B 17 11.04 -7.81 10.50
C ASN B 17 12.36 -8.47 10.12
N ASP B 18 12.27 -9.66 9.53
CA ASP B 18 13.45 -10.40 9.13
C ASP B 18 14.02 -9.83 7.84
N LYS B 19 13.12 -9.36 6.97
CA LYS B 19 13.54 -8.78 5.70
C LYS B 19 14.38 -7.53 5.92
N LEU B 20 13.75 -6.50 6.47
CA LEU B 20 14.42 -5.24 6.74
C LEU B 20 15.66 -5.43 7.61
N ASN B 21 15.95 -6.68 8.02
CA ASN B 21 17.09 -6.93 8.89
C ASN B 21 17.86 -8.21 8.56
N LYS B 22 18.94 -8.05 7.80
CA LYS B 22 19.80 -9.17 7.44
C LYS B 22 21.22 -8.70 7.10
N GLY B 23 21.42 -7.37 7.00
CA GLY B 23 22.75 -6.85 6.64
C GLY B 23 23.15 -5.64 7.48
N LYS B 24 23.12 -5.79 8.79
CA LYS B 24 23.51 -4.71 9.68
C LYS B 24 24.56 -5.22 10.67
N GLY B 25 24.68 -4.50 11.77
CA GLY B 25 25.61 -4.90 12.81
C GLY B 25 24.88 -5.79 13.81
N LYS B 26 24.53 -5.21 14.96
CA LYS B 26 23.81 -5.94 15.97
C LYS B 26 22.50 -5.21 16.25
N LEU B 27 21.40 -5.80 15.83
CA LEU B 27 20.10 -5.19 15.97
C LEU B 27 19.02 -6.23 16.32
N SER B 28 18.01 -5.79 17.08
CA SER B 28 16.91 -6.66 17.49
C SER B 28 15.58 -5.90 17.36
N LEU B 29 14.69 -6.37 16.50
CA LEU B 29 13.42 -5.71 16.26
C LEU B 29 12.29 -6.26 17.13
N SER B 30 11.21 -5.48 17.20
CA SER B 30 10.01 -5.87 17.93
C SER B 30 8.81 -5.66 17.01
N MET B 31 7.67 -6.26 17.35
CA MET B 31 6.49 -6.13 16.49
C MET B 31 5.23 -5.71 17.25
N ASN B 32 4.78 -4.49 16.95
CA ASN B 32 3.56 -3.96 17.58
C ASN B 32 2.57 -3.54 16.48
N GLY B 33 1.58 -4.38 16.19
CA GLY B 33 0.60 -4.06 15.15
C GLY B 33 1.29 -3.86 13.82
N ASN B 34 2.06 -2.79 13.72
CA ASN B 34 2.73 -2.47 12.48
C ASN B 34 3.93 -1.57 12.74
N GLN B 35 4.20 -1.31 14.00
CA GLN B 35 5.32 -0.47 14.36
C GLN B 35 6.57 -1.27 14.56
N LEU B 36 7.66 -0.74 14.04
CA LEU B 36 8.93 -1.37 14.20
C LEU B 36 9.60 -0.73 15.40
N LYS B 37 10.21 -1.54 16.21
CA LYS B 37 10.90 -1.05 17.37
C LYS B 37 12.03 -1.98 17.63
N ALA B 38 13.18 -1.42 17.56
CA ALA B 38 14.39 -2.17 17.67
C ALA B 38 15.51 -1.38 18.29
N THR B 39 16.61 -2.06 18.49
CA THR B 39 17.79 -1.44 19.03
C THR B 39 18.95 -1.89 18.16
N SER B 40 19.94 -1.03 17.98
CA SER B 40 21.05 -1.42 17.11
C SER B 40 22.39 -1.00 17.68
N SER B 41 23.44 -1.63 17.16
CA SER B 41 24.79 -1.33 17.58
C SER B 41 25.69 -1.16 16.37
N ASN B 42 26.90 -0.72 16.61
CA ASN B 42 27.86 -0.51 15.53
C ASN B 42 28.86 -1.64 15.48
N ALA B 43 28.46 -2.79 16.02
CA ALA B 43 29.32 -3.94 16.03
C ALA B 43 29.98 -4.10 14.68
N GLY B 44 29.14 -4.21 13.67
CA GLY B 44 29.60 -4.32 12.31
C GLY B 44 28.95 -3.27 11.44
N TYR B 45 27.72 -2.89 11.78
CA TYR B 45 27.00 -1.90 11.00
C TYR B 45 25.59 -1.65 11.51
N GLY B 46 24.89 -0.84 10.72
CA GLY B 46 23.50 -0.50 10.98
C GLY B 46 22.86 0.07 9.71
N ILE B 47 23.50 -0.17 8.58
CA ILE B 47 23.02 0.33 7.31
C ILE B 47 21.82 -0.41 6.83
N SER B 48 22.02 -1.70 6.75
CA SER B 48 21.02 -2.65 6.26
C SER B 48 21.64 -3.45 5.16
N TYR B 49 21.91 -2.76 4.09
CA TYR B 49 22.50 -3.38 2.91
C TYR B 49 23.08 -2.31 2.00
N GLU B 50 24.39 -2.10 2.09
CA GLU B 50 25.05 -1.09 1.28
C GLU B 50 24.15 0.13 1.09
N ASP B 51 24.43 0.91 0.06
CA ASP B 51 23.63 2.11 -0.21
C ASP B 51 22.42 1.78 -1.07
N LYS B 52 21.30 1.52 -0.43
CA LYS B 52 20.07 1.21 -1.14
C LYS B 52 18.91 1.99 -0.52
N ASN B 53 17.76 1.94 -1.18
CA ASN B 53 16.60 2.66 -0.68
C ASN B 53 15.49 1.72 -0.21
N TRP B 54 14.72 2.18 0.76
CA TRP B 54 13.61 1.41 1.29
C TRP B 54 12.33 2.20 1.16
N GLY B 55 11.26 1.49 0.89
CA GLY B 55 9.95 2.12 0.73
C GLY B 55 8.89 1.37 1.51
N ILE B 56 8.37 2.02 2.53
CA ILE B 56 7.37 1.44 3.35
C ILE B 56 6.01 2.11 3.09
N PHE B 57 4.96 1.31 2.90
CA PHE B 57 3.63 1.87 2.60
C PHE B 57 2.47 1.22 3.33
N VAL B 58 1.63 2.11 3.86
CA VAL B 58 0.42 1.71 4.55
C VAL B 58 -0.75 2.29 3.75
N ASN B 59 -1.87 1.60 3.68
CA ASN B 59 -2.98 2.11 2.89
C ASN B 59 -2.51 2.45 1.48
N GLY B 60 -1.55 1.68 0.99
CA GLY B 60 -1.01 1.96 -0.33
C GLY B 60 -0.35 3.32 -0.32
N GLU B 61 -0.12 3.81 0.88
CA GLU B 61 0.48 5.11 1.08
C GLU B 61 1.77 4.96 1.85
N LYS B 62 2.81 5.62 1.39
CA LYS B 62 4.07 5.57 2.10
C LYS B 62 3.76 5.67 3.58
N VAL B 63 4.74 5.37 4.40
CA VAL B 63 4.59 5.43 5.85
C VAL B 63 5.95 5.66 6.47
N TYR B 64 6.98 5.50 5.65
CA TYR B 64 8.35 5.66 6.10
C TYR B 64 9.30 5.30 4.95
N THR B 65 10.41 6.03 4.82
CA THR B 65 11.36 5.76 3.74
C THR B 65 12.78 6.11 4.18
N PHE B 66 13.69 5.13 4.09
CA PHE B 66 15.06 5.36 4.50
C PHE B 66 16.08 4.67 3.64
N ASN B 67 17.11 5.43 3.38
CA ASN B 67 18.25 4.95 2.67
C ASN B 67 18.92 3.95 3.60
N GLU B 68 19.57 2.94 3.06
CA GLU B 68 20.17 1.93 3.91
C GLU B 68 21.34 2.47 4.74
N LYS B 69 22.24 3.24 4.13
CA LYS B 69 23.36 3.77 4.87
C LYS B 69 22.87 4.75 5.95
N SER B 70 21.75 5.42 5.67
CA SER B 70 21.20 6.38 6.63
C SER B 70 21.14 5.78 8.02
N THR B 71 21.47 4.50 8.13
CA THR B 71 21.41 3.82 9.40
C THR B 71 20.00 3.93 9.97
N VAL B 72 19.07 3.12 9.42
CA VAL B 72 17.69 3.15 9.87
C VAL B 72 17.61 3.24 11.40
N GLY B 73 18.46 2.45 12.06
CA GLY B 73 18.46 2.39 13.50
C GLY B 73 18.12 3.75 14.06
N ASN B 74 18.85 4.72 13.56
CA ASN B 74 18.66 6.08 13.93
C ASN B 74 17.28 6.54 13.46
N ILE B 75 17.00 6.19 12.23
CA ILE B 75 15.74 6.53 11.61
C ILE B 75 14.60 5.77 12.28
N SER B 76 14.51 4.47 11.99
CA SER B 76 13.47 3.62 12.56
C SER B 76 13.06 4.14 13.92
N ASN B 77 14.01 4.75 14.62
CA ASN B 77 13.73 5.31 15.92
C ASN B 77 12.55 6.26 15.80
N ASP B 78 12.78 7.36 15.14
CA ASP B 78 11.71 8.35 14.95
C ASP B 78 10.48 7.65 14.41
N ILE B 79 10.66 6.99 13.29
CA ILE B 79 9.60 6.23 12.64
C ILE B 79 8.62 5.63 13.64
N ASN B 80 9.06 4.60 14.32
CA ASN B 80 8.21 3.93 15.31
C ASN B 80 7.44 4.94 16.16
N LYS B 81 7.78 6.22 16.04
CA LYS B 81 7.15 7.27 16.85
C LYS B 81 5.90 7.90 16.20
N LEU B 82 5.67 7.71 14.90
CA LEU B 82 4.50 8.32 14.28
C LEU B 82 3.28 7.43 14.48
N ASN B 83 3.46 6.39 15.27
CA ASN B 83 2.40 5.46 15.59
C ASN B 83 1.71 4.94 14.34
N ILE B 84 2.43 4.16 13.54
CA ILE B 84 1.88 3.58 12.32
C ILE B 84 0.60 2.80 12.59
N LYS B 85 0.09 2.20 11.52
CA LYS B 85 -1.11 1.38 11.61
C LYS B 85 -0.90 0.07 10.86
N GLY B 86 -1.79 -0.90 11.06
CA GLY B 86 -1.63 -2.19 10.43
C GLY B 86 -2.54 -2.39 9.23
N MET B 87 -3.64 -3.10 9.45
CA MET B 87 -4.59 -3.41 8.41
C MET B 87 -5.17 -2.20 7.70
N TYR B 88 -4.41 -1.64 6.77
CA TYR B 88 -4.92 -0.52 5.99
C TYR B 88 -4.32 -0.52 4.62
N ILE B 89 -5.15 -0.79 3.66
CA ILE B 89 -4.72 -0.81 2.29
C ILE B 89 -5.47 0.28 1.54
N GLU B 90 -5.05 0.66 0.32
CA GLU B 90 -5.81 1.74 -0.33
C GLU B 90 -5.36 2.08 -1.73
N ILE B 91 -5.92 3.20 -2.17
CA ILE B 91 -5.68 3.76 -3.47
C ILE B 91 -5.41 5.26 -3.36
N LYS B 92 -4.45 5.77 -4.13
CA LYS B 92 -4.16 7.20 -4.10
C LYS B 92 -4.81 7.90 -5.28
N GLN B 93 -5.28 9.11 -5.03
CA GLN B 93 -5.93 9.91 -6.05
C GLN B 93 -5.08 11.14 -6.39
N ILE B 94 -4.63 11.24 -7.63
CA ILE B 94 -3.86 12.39 -8.07
C ILE B 94 -3.18 13.08 -6.88
N ASP A 1 -15.57 -0.70 16.62
CA ASP A 1 -16.57 -1.75 16.30
C ASP A 1 -16.47 -2.11 14.82
N ASN A 2 -16.59 -1.10 13.97
CA ASN A 2 -16.51 -1.33 12.52
C ASN A 2 -15.05 -1.34 12.06
N GLN A 3 -14.13 -1.24 13.02
CA GLN A 3 -12.71 -1.23 12.71
C GLN A 3 -12.33 -2.47 11.91
N LYS A 4 -13.21 -3.48 11.93
CA LYS A 4 -12.97 -4.70 11.20
C LYS A 4 -12.90 -4.43 9.70
N ALA A 5 -14.02 -4.00 9.13
CA ALA A 5 -14.07 -3.70 7.70
C ALA A 5 -13.02 -2.68 7.33
N LEU A 6 -12.79 -1.71 8.21
CA LEU A 6 -11.80 -0.66 7.96
C LEU A 6 -10.54 -1.26 7.36
N GLU A 7 -10.16 -2.44 7.83
CA GLU A 7 -8.96 -3.11 7.34
C GLU A 7 -9.23 -3.77 5.99
N GLU A 8 -10.26 -4.62 5.95
CA GLU A 8 -10.61 -5.32 4.72
C GLU A 8 -11.22 -4.34 3.74
N GLN A 9 -11.30 -3.08 4.15
CA GLN A 9 -11.86 -2.03 3.32
C GLN A 9 -11.36 -0.67 3.77
N MET A 10 -10.79 0.10 2.84
CA MET A 10 -10.28 1.41 3.16
C MET A 10 -11.26 2.51 2.74
N ASN A 11 -11.76 3.25 3.72
CA ASN A 11 -12.71 4.34 3.51
C ASN A 11 -12.56 4.99 2.13
N SER A 12 -11.40 4.83 1.53
CA SER A 12 -11.12 5.42 0.23
C SER A 12 -12.03 4.88 -0.85
N ILE A 13 -12.55 3.66 -0.67
CA ILE A 13 -13.40 3.09 -1.69
C ILE A 13 -14.47 4.09 -2.14
N ASN A 14 -15.31 4.49 -1.20
CA ASN A 14 -16.39 5.42 -1.48
C ASN A 14 -15.87 6.75 -2.01
N SER A 15 -15.10 7.43 -1.18
CA SER A 15 -14.55 8.73 -1.56
C SER A 15 -13.92 8.64 -2.94
N VAL A 16 -13.09 7.63 -3.12
CA VAL A 16 -12.44 7.43 -4.40
C VAL A 16 -13.49 7.06 -5.43
N ASN A 17 -14.17 5.96 -5.17
CA ASN A 17 -15.23 5.47 -6.03
C ASN A 17 -15.98 6.65 -6.65
N ASP A 18 -16.26 7.65 -5.83
CA ASP A 18 -16.98 8.83 -6.30
C ASP A 18 -16.03 9.80 -6.99
N LYS A 19 -14.78 9.79 -6.55
CA LYS A 19 -13.77 10.68 -7.12
C LYS A 19 -13.40 10.25 -8.54
N LEU A 20 -12.79 9.07 -8.66
CA LEU A 20 -12.37 8.55 -9.95
C LEU A 20 -13.52 8.64 -10.96
N ASN A 21 -14.69 9.08 -10.50
CA ASN A 21 -15.86 9.20 -11.38
C ASN A 21 -16.49 10.57 -11.19
N LYS A 22 -17.80 10.60 -10.97
CA LYS A 22 -18.55 11.83 -10.76
C LYS A 22 -18.55 12.71 -11.99
N GLY A 23 -19.21 12.25 -13.05
CA GLY A 23 -19.31 13.04 -14.27
C GLY A 23 -19.18 12.20 -15.53
N LYS A 24 -18.20 11.30 -15.57
CA LYS A 24 -17.98 10.49 -16.74
C LYS A 24 -19.28 9.88 -17.24
N GLY A 25 -19.10 8.94 -18.15
CA GLY A 25 -20.23 8.25 -18.75
C GLY A 25 -20.89 7.30 -17.74
N LYS A 26 -21.55 6.24 -18.22
CA LYS A 26 -22.22 5.29 -17.33
C LYS A 26 -21.25 4.25 -16.78
N LEU A 27 -20.95 4.35 -15.49
CA LEU A 27 -20.05 3.43 -14.83
C LEU A 27 -20.39 3.30 -13.35
N SER A 28 -20.74 2.08 -12.92
CA SER A 28 -21.09 1.84 -11.53
C SER A 28 -20.01 0.99 -10.85
N LEU A 29 -19.35 1.54 -9.83
CA LEU A 29 -18.31 0.85 -9.10
C LEU A 29 -18.88 0.08 -7.92
N SER A 30 -18.06 -0.85 -7.40
CA SER A 30 -18.43 -1.65 -6.24
C SER A 30 -17.24 -1.74 -5.29
N MET A 31 -17.49 -2.18 -4.06
CA MET A 31 -16.39 -2.27 -3.09
C MET A 31 -16.31 -3.63 -2.40
N ASN A 32 -15.37 -4.42 -2.87
CA ASN A 32 -15.08 -5.74 -2.33
C ASN A 32 -13.59 -5.79 -2.00
N GLY A 33 -13.13 -6.75 -1.20
CA GLY A 33 -11.69 -6.87 -0.86
C GLY A 33 -10.88 -5.68 -1.35
N ASN A 34 -11.31 -4.51 -0.99
CA ASN A 34 -10.63 -3.27 -1.36
C ASN A 34 -10.39 -3.18 -2.87
N GLN A 35 -11.04 -4.05 -3.62
CA GLN A 35 -10.91 -4.07 -5.08
C GLN A 35 -11.93 -3.18 -5.74
N LEU A 36 -11.50 -2.48 -6.78
CA LEU A 36 -12.43 -1.70 -7.53
C LEU A 36 -13.04 -2.64 -8.54
N LYS A 37 -14.33 -2.58 -8.66
CA LYS A 37 -15.01 -3.43 -9.60
C LYS A 37 -16.26 -2.71 -9.99
N ALA A 38 -16.44 -2.60 -11.26
CA ALA A 38 -17.51 -1.82 -11.78
C ALA A 38 -18.06 -2.33 -13.08
N THR A 39 -19.13 -1.69 -13.50
CA THR A 39 -19.78 -1.99 -14.75
C THR A 39 -20.02 -0.67 -15.46
N SER A 40 -19.95 -0.67 -16.78
CA SER A 40 -20.11 0.59 -17.49
C SER A 40 -20.72 0.39 -18.86
N SER A 41 -21.15 1.51 -19.45
CA SER A 41 -21.73 1.49 -20.78
C SER A 41 -21.41 2.79 -21.49
N ASN A 42 -20.98 2.71 -22.72
CA ASN A 42 -20.62 3.90 -23.48
C ASN A 42 -19.88 4.84 -22.54
N ALA A 43 -19.40 4.25 -21.46
CA ALA A 43 -18.67 4.96 -20.43
C ALA A 43 -17.36 5.49 -20.96
N GLY A 44 -17.19 5.37 -22.25
CA GLY A 44 -15.99 5.82 -22.91
C GLY A 44 -15.76 7.31 -22.73
N TYR A 45 -16.15 7.88 -21.60
CA TYR A 45 -15.92 9.32 -21.44
C TYR A 45 -15.48 9.74 -20.03
N GLY A 46 -15.39 11.05 -19.88
CA GLY A 46 -14.94 11.69 -18.65
C GLY A 46 -14.97 13.21 -18.82
N ILE A 47 -16.06 13.71 -19.40
CA ILE A 47 -16.22 15.13 -19.66
C ILE A 47 -15.72 15.97 -18.49
N SER A 48 -16.54 16.04 -17.45
CA SER A 48 -16.20 16.81 -16.27
C SER A 48 -14.70 16.81 -16.10
N TYR A 49 -14.11 15.72 -16.55
CA TYR A 49 -12.66 15.55 -16.47
C TYR A 49 -12.04 15.60 -17.86
N GLU A 50 -11.66 16.80 -18.28
CA GLU A 50 -11.05 16.98 -19.59
C GLU A 50 -9.90 15.98 -19.80
N ASP A 51 -8.69 16.41 -19.48
CA ASP A 51 -7.53 15.55 -19.64
C ASP A 51 -6.58 15.71 -18.45
N LYS A 52 -6.72 14.82 -17.47
CA LYS A 52 -5.87 14.86 -16.29
C LYS A 52 -5.21 13.51 -16.08
N ASN A 53 -4.21 13.45 -15.20
CA ASN A 53 -3.51 12.21 -14.96
C ASN A 53 -3.91 11.53 -13.64
N TRP A 54 -3.76 10.22 -13.62
CA TRP A 54 -4.08 9.43 -12.45
C TRP A 54 -2.98 8.42 -12.23
N GLY A 55 -2.70 8.17 -10.97
CA GLY A 55 -1.68 7.21 -10.59
C GLY A 55 -2.17 6.30 -9.48
N ILE A 56 -2.18 5.02 -9.74
CA ILE A 56 -2.62 4.04 -8.80
C ILE A 56 -1.44 3.18 -8.36
N PHE A 57 -1.31 2.92 -7.06
CA PHE A 57 -0.16 2.13 -6.58
C PHE A 57 -0.53 1.06 -5.55
N VAL A 58 0.17 -0.07 -5.69
CA VAL A 58 0.00 -1.19 -4.78
C VAL A 58 1.34 -1.59 -4.23
N ASN A 59 1.35 -2.33 -3.12
CA ASN A 59 2.61 -2.75 -2.53
C ASN A 59 3.57 -1.56 -2.43
N GLY A 60 3.09 -0.35 -2.72
CA GLY A 60 3.94 0.82 -2.67
C GLY A 60 4.50 1.13 -4.05
N GLU A 61 3.86 0.56 -5.06
CA GLU A 61 4.28 0.73 -6.44
C GLU A 61 3.08 0.94 -7.34
N LYS A 62 3.30 1.58 -8.48
CA LYS A 62 2.22 1.73 -9.43
C LYS A 62 1.51 0.39 -9.55
N VAL A 63 0.35 0.39 -10.16
CA VAL A 63 -0.43 -0.82 -10.35
C VAL A 63 -1.36 -0.63 -11.53
N TYR A 64 -1.39 0.60 -12.02
CA TYR A 64 -2.27 0.96 -13.12
C TYR A 64 -2.08 2.45 -13.43
N THR A 65 -2.56 2.91 -14.58
CA THR A 65 -2.39 4.32 -14.93
C THR A 65 -3.37 4.72 -16.04
N PHE A 66 -4.11 5.79 -15.79
CA PHE A 66 -5.08 6.26 -16.76
C PHE A 66 -5.27 7.76 -16.74
N ASN A 67 -5.76 8.20 -17.88
CA ASN A 67 -6.05 9.59 -18.14
C ASN A 67 -7.56 9.82 -18.09
N GLU A 68 -7.97 11.02 -17.71
CA GLU A 68 -9.39 11.35 -17.61
C GLU A 68 -10.12 11.08 -18.93
N LYS A 69 -9.56 11.56 -20.04
CA LYS A 69 -10.20 11.36 -21.34
C LYS A 69 -10.19 9.89 -21.72
N SER A 70 -9.09 9.21 -21.41
CA SER A 70 -8.98 7.79 -21.71
C SER A 70 -10.21 7.07 -21.18
N THR A 71 -11.10 7.83 -20.56
CA THR A 71 -12.32 7.28 -19.99
C THR A 71 -12.02 5.96 -19.32
N VAL A 72 -11.48 6.04 -18.11
CA VAL A 72 -11.16 4.84 -17.37
C VAL A 72 -12.14 3.75 -17.70
N GLY A 73 -13.40 4.14 -17.84
CA GLY A 73 -14.45 3.21 -18.10
C GLY A 73 -13.94 2.03 -18.91
N ASN A 74 -13.42 2.32 -20.09
CA ASN A 74 -12.87 1.27 -20.94
C ASN A 74 -11.62 0.69 -20.28
N ILE A 75 -10.87 1.57 -19.60
CA ILE A 75 -9.67 1.14 -18.92
C ILE A 75 -10.03 0.32 -17.69
N SER A 76 -10.48 1.00 -16.65
CA SER A 76 -10.85 0.33 -15.40
C SER A 76 -11.40 -1.06 -15.72
N ASN A 77 -11.98 -1.20 -16.90
CA ASN A 77 -12.51 -2.49 -17.31
C ASN A 77 -11.42 -3.54 -17.18
N ASP A 78 -10.43 -3.41 -18.04
CA ASP A 78 -9.29 -4.33 -18.02
C ASP A 78 -8.76 -4.41 -16.60
N ILE A 79 -8.36 -3.25 -16.08
CA ILE A 79 -7.87 -3.16 -14.73
C ILE A 79 -8.68 -4.04 -13.80
N ASN A 80 -9.89 -3.59 -13.54
CA ASN A 80 -10.79 -4.30 -12.66
C ASN A 80 -10.66 -5.82 -12.82
N LYS A 81 -10.04 -6.26 -13.91
CA LYS A 81 -9.88 -7.69 -14.14
C LYS A 81 -8.80 -8.27 -13.23
N LEU A 82 -7.77 -7.49 -12.91
CA LEU A 82 -6.73 -8.02 -12.03
C LEU A 82 -7.28 -8.06 -10.60
N ASN A 83 -8.58 -7.83 -10.52
CA ASN A 83 -9.27 -7.84 -9.26
C ASN A 83 -8.35 -7.43 -8.12
N ILE A 84 -8.09 -6.14 -8.02
CA ILE A 84 -7.25 -5.61 -6.98
C ILE A 84 -7.86 -5.95 -5.62
N LYS A 85 -7.93 -7.23 -5.30
CA LYS A 85 -8.54 -7.63 -4.04
C LYS A 85 -7.55 -7.58 -2.88
N GLY A 86 -8.09 -7.28 -1.72
CA GLY A 86 -7.26 -7.18 -0.54
C GLY A 86 -5.97 -6.55 -0.95
N MET A 87 -5.94 -5.23 -0.91
CA MET A 87 -4.82 -4.50 -1.34
C MET A 87 -3.57 -4.92 -0.60
N TYR A 88 -2.45 -4.60 -1.22
CA TYR A 88 -1.16 -4.94 -0.70
C TYR A 88 -0.31 -3.69 -0.61
N ILE A 89 0.50 -3.68 0.40
CA ILE A 89 1.38 -2.56 0.65
C ILE A 89 2.78 -3.10 0.84
N GLU A 90 3.81 -2.25 0.99
CA GLU A 90 5.14 -2.85 1.15
C GLU A 90 6.26 -1.86 1.39
N ILE A 91 7.42 -2.47 1.30
CA ILE A 91 8.70 -1.82 1.49
C ILE A 91 9.63 -2.19 0.32
N LYS A 92 10.69 -1.40 0.10
CA LYS A 92 11.62 -1.73 -0.98
C LYS A 92 12.95 -2.18 -0.40
N GLN A 93 13.61 -3.09 -1.13
CA GLN A 93 14.88 -3.62 -0.69
C GLN A 93 16.04 -3.17 -1.57
N ILE A 94 16.84 -2.24 -1.05
CA ILE A 94 18.01 -1.76 -1.76
C ILE A 94 17.98 -2.14 -3.24
N ASP B 1 -7.75 -20.90 4.68
CA ASP B 1 -7.99 -21.02 6.15
C ASP B 1 -7.26 -19.89 6.86
N ASN B 2 -5.95 -19.78 6.63
CA ASN B 2 -5.15 -18.75 7.27
C ASN B 2 -5.22 -17.45 6.46
N GLN B 3 -6.03 -17.46 5.41
CA GLN B 3 -6.19 -16.28 4.56
C GLN B 3 -6.60 -15.07 5.39
N LYS B 4 -7.07 -15.32 6.61
CA LYS B 4 -7.49 -14.26 7.49
C LYS B 4 -6.30 -13.36 7.85
N ALA B 5 -5.33 -13.93 8.55
CA ALA B 5 -4.15 -13.18 8.94
C ALA B 5 -3.45 -12.59 7.73
N LEU B 6 -3.45 -13.34 6.62
CA LEU B 6 -2.81 -12.88 5.40
C LEU B 6 -3.14 -11.41 5.14
N GLU B 7 -4.38 -11.02 5.45
CA GLU B 7 -4.81 -9.65 5.24
C GLU B 7 -4.28 -8.75 6.36
N GLU B 8 -4.56 -9.12 7.60
CA GLU B 8 -4.12 -8.35 8.74
C GLU B 8 -2.62 -8.50 8.92
N GLN B 9 -2.03 -9.27 8.02
CA GLN B 9 -0.59 -9.51 8.06
C GLN B 9 -0.10 -9.94 6.68
N MET B 10 0.92 -9.24 6.18
CA MET B 10 1.47 -9.57 4.87
C MET B 10 2.76 -10.37 5.02
N ASN B 11 2.74 -11.61 4.51
CA ASN B 11 3.88 -12.52 4.55
C ASN B 11 5.22 -11.79 4.57
N SER B 12 5.23 -10.55 4.11
CA SER B 12 6.44 -9.75 4.03
C SER B 12 7.03 -9.49 5.42
N ILE B 13 6.21 -9.54 6.46
CA ILE B 13 6.74 -9.27 7.78
C ILE B 13 8.00 -10.09 8.04
N ASN B 14 7.86 -11.40 8.02
CA ASN B 14 8.96 -12.31 8.26
C ASN B 14 10.10 -12.10 7.27
N SER B 15 9.81 -12.33 6.00
CA SER B 15 10.82 -12.19 4.97
C SER B 15 11.53 -10.85 5.11
N VAL B 16 10.74 -9.80 5.27
CA VAL B 16 11.30 -8.47 5.43
C VAL B 16 12.02 -8.42 6.77
N ASN B 17 11.25 -8.65 7.82
CA ASN B 17 11.79 -8.66 9.17
C ASN B 17 13.21 -9.22 9.18
N ASP B 18 13.41 -10.30 8.43
CA ASP B 18 14.72 -10.92 8.36
C ASP B 18 15.61 -10.18 7.36
N LYS B 19 14.99 -9.60 6.35
CA LYS B 19 15.72 -8.86 5.33
C LYS B 19 16.30 -7.56 5.89
N LEU B 20 15.41 -6.63 6.25
CA LEU B 20 15.83 -5.35 6.80
C LEU B 20 16.87 -5.53 7.89
N ASN B 21 17.16 -6.79 8.24
CA ASN B 21 18.14 -7.09 9.28
C ASN B 21 19.12 -8.14 8.78
N LYS B 22 19.32 -9.18 9.58
CA LYS B 22 20.22 -10.28 9.21
C LYS B 22 21.67 -9.82 9.14
N GLY B 23 22.24 -9.44 10.27
CA GLY B 23 23.63 -9.03 10.31
C GLY B 23 23.88 -7.85 11.23
N LYS B 24 23.03 -6.82 11.14
CA LYS B 24 23.22 -5.64 11.96
C LYS B 24 23.46 -5.99 13.40
N GLY B 25 23.39 -4.97 14.23
CA GLY B 25 23.61 -5.12 15.65
C GLY B 25 22.45 -5.86 16.31
N LYS B 26 22.22 -5.62 17.61
CA LYS B 26 21.14 -6.31 18.32
C LYS B 26 19.79 -5.61 18.11
N LEU B 27 18.91 -6.25 17.36
CA LEU B 27 17.60 -5.71 17.07
C LEU B 27 16.58 -6.83 16.82
N SER B 28 15.55 -6.90 17.66
CA SER B 28 14.51 -7.93 17.52
C SER B 28 13.19 -7.31 17.07
N LEU B 29 12.72 -7.70 15.89
CA LEU B 29 11.49 -7.18 15.34
C LEU B 29 10.28 -8.04 15.76
N SER B 30 9.10 -7.47 15.59
CA SER B 30 7.85 -8.17 15.91
C SER B 30 6.84 -7.91 14.80
N MET B 31 5.76 -8.70 14.77
CA MET B 31 4.76 -8.51 13.72
C MET B 31 3.34 -8.40 14.26
N ASN B 32 2.88 -7.17 14.29
CA ASN B 32 1.52 -6.83 14.73
C ASN B 32 0.89 -6.00 13.62
N GLY B 33 -0.45 -5.84 13.62
CA GLY B 33 -1.12 -5.02 12.59
C GLY B 33 -0.19 -4.57 11.46
N ASN B 34 0.49 -5.52 10.88
CA ASN B 34 1.42 -5.26 9.78
C ASN B 34 2.45 -4.18 10.13
N GLN B 35 2.52 -3.84 11.42
CA GLN B 35 3.46 -2.84 11.90
C GLN B 35 4.78 -3.45 12.28
N LEU B 36 5.85 -2.76 11.94
CA LEU B 36 7.15 -3.20 12.35
C LEU B 36 7.34 -2.65 13.75
N LYS B 37 7.80 -3.47 14.63
CA LYS B 37 8.02 -3.06 15.99
C LYS B 37 9.11 -3.92 16.53
N ALA B 38 10.09 -3.29 17.06
CA ALA B 38 11.25 -3.98 17.50
C ALA B 38 11.92 -3.35 18.69
N THR B 39 12.93 -4.06 19.17
CA THR B 39 13.74 -3.62 20.27
C THR B 39 15.19 -3.81 19.87
N SER B 40 16.07 -2.94 20.32
CA SER B 40 17.46 -3.06 19.91
C SER B 40 18.42 -2.54 20.97
N SER B 41 19.69 -2.87 20.78
CA SER B 41 20.73 -2.42 21.69
C SER B 41 22.03 -2.24 20.93
N ASN B 42 22.69 -1.12 21.16
CA ASN B 42 23.93 -0.84 20.45
C ASN B 42 23.75 -1.26 19.00
N ALA B 43 22.48 -1.39 18.64
CA ALA B 43 22.09 -1.80 17.31
C ALA B 43 22.48 -0.76 16.28
N GLY B 44 23.22 0.21 16.74
CA GLY B 44 23.67 1.30 15.89
C GLY B 44 24.52 0.80 14.73
N TYR B 45 24.24 -0.39 14.19
CA TYR B 45 25.06 -0.85 13.08
C TYR B 45 24.29 -1.57 11.98
N GLY B 46 25.06 -2.09 11.04
CA GLY B 46 24.55 -2.78 9.86
C GLY B 46 25.71 -3.25 8.98
N ILE B 47 26.73 -3.81 9.64
CA ILE B 47 27.92 -4.28 8.95
C ILE B 47 27.59 -4.97 7.63
N SER B 48 27.14 -6.21 7.75
CA SER B 48 26.77 -7.00 6.59
C SER B 48 26.28 -6.07 5.50
N TYR B 49 25.68 -4.98 5.96
CA TYR B 49 25.14 -3.99 5.06
C TYR B 49 25.95 -2.70 5.13
N GLU B 50 26.97 -2.60 4.28
CA GLU B 50 27.82 -1.42 4.25
C GLU B 50 26.98 -0.15 4.19
N ASP B 51 26.75 0.33 2.97
CA ASP B 51 25.95 1.54 2.78
C ASP B 51 25.02 1.39 1.59
N LYS B 52 23.78 1.01 1.87
CA LYS B 52 22.79 0.83 0.81
C LYS B 52 21.54 1.64 1.14
N ASN B 53 20.65 1.80 0.17
CA ASN B 53 19.44 2.58 0.39
C ASN B 53 18.20 1.72 0.58
N TRP B 54 17.24 2.27 1.30
CA TRP B 54 15.99 1.61 1.57
C TRP B 54 14.85 2.60 1.37
N GLY B 55 13.76 2.09 0.87
CA GLY B 55 12.57 2.90 0.64
C GLY B 55 11.33 2.19 1.11
N ILE B 56 10.62 2.82 2.03
CA ILE B 56 9.44 2.27 2.58
C ILE B 56 8.23 3.12 2.15
N PHE B 57 7.13 2.49 1.74
CA PHE B 57 5.97 3.26 1.29
C PHE B 57 4.63 2.75 1.80
N VAL B 58 3.77 3.73 2.09
CA VAL B 58 2.43 3.44 2.58
C VAL B 58 1.41 4.16 1.70
N ASN B 59 0.17 3.74 1.73
CA ASN B 59 -0.85 4.39 0.92
C ASN B 59 -0.35 4.56 -0.52
N GLY B 60 0.81 3.97 -0.83
CA GLY B 60 1.36 4.09 -2.18
C GLY B 60 2.37 5.24 -2.23
N GLU B 61 2.83 5.65 -1.05
CA GLU B 61 3.77 6.73 -0.91
C GLU B 61 4.83 6.41 0.11
N LYS B 62 5.99 7.04 0.00
CA LYS B 62 7.01 6.83 0.99
C LYS B 62 6.36 6.92 2.36
N VAL B 63 7.08 6.49 3.38
CA VAL B 63 6.57 6.52 4.74
C VAL B 63 7.74 6.54 5.70
N TYR B 64 8.93 6.40 5.13
CA TYR B 64 10.14 6.35 5.92
C TYR B 64 11.33 6.14 4.98
N THR B 65 12.55 6.36 5.44
CA THR B 65 13.72 6.18 4.59
C THR B 65 14.99 6.05 5.42
N PHE B 66 15.76 5.00 5.15
CA PHE B 66 16.99 4.78 5.87
C PHE B 66 18.05 4.10 5.05
N ASN B 67 19.25 4.31 5.54
CA ASN B 67 20.47 3.78 4.96
C ASN B 67 20.97 2.62 5.83
N GLU B 68 21.66 1.66 5.20
CA GLU B 68 22.17 0.51 5.93
C GLU B 68 23.07 0.93 7.09
N LYS B 69 24.02 1.83 6.83
CA LYS B 69 24.92 2.29 7.87
C LYS B 69 24.16 3.06 8.94
N SER B 70 23.20 3.88 8.50
CA SER B 70 22.40 4.66 9.45
C SER B 70 21.86 3.74 10.53
N THR B 71 22.20 2.46 10.42
CA THR B 71 21.75 1.46 11.37
C THR B 71 20.30 1.72 11.75
N VAL B 72 19.40 1.31 10.87
CA VAL B 72 17.99 1.50 11.11
C VAL B 72 17.71 1.43 12.60
N GLY B 73 18.41 0.50 13.25
CA GLY B 73 18.21 0.28 14.67
C GLY B 73 17.83 1.57 15.36
N ASN B 74 18.68 2.56 15.27
CA ASN B 74 18.40 3.85 15.88
C ASN B 74 17.23 4.50 15.15
N ILE B 75 17.18 4.28 13.84
CA ILE B 75 16.13 4.83 13.04
C ILE B 75 14.81 4.12 13.32
N SER B 76 14.68 2.90 12.80
CA SER B 76 13.48 2.11 13.01
C SER B 76 12.88 2.42 14.36
N ASN B 77 13.73 2.82 15.31
CA ASN B 77 13.26 3.18 16.62
C ASN B 77 12.17 4.23 16.49
N ASP B 78 12.58 5.41 16.08
CA ASP B 78 11.64 6.51 15.88
C ASP B 78 10.49 6.00 15.02
N ILE B 79 10.83 5.54 13.83
CA ILE B 79 9.84 4.99 12.93
C ILE B 79 8.82 4.17 13.67
N ASN B 80 9.27 3.01 14.11
CA ASN B 80 8.42 2.08 14.84
C ASN B 80 7.45 2.82 15.76
N LYS B 81 7.73 4.10 16.03
CA LYS B 81 6.85 4.88 16.92
C LYS B 81 5.55 5.26 16.20
N LEU B 82 5.60 5.48 14.89
CA LEU B 82 4.38 5.84 14.18
C LEU B 82 3.54 4.58 14.03
N ASN B 83 3.96 3.55 14.74
CA ASN B 83 3.28 2.28 14.73
C ASN B 83 2.55 2.06 13.43
N ILE B 84 3.30 1.69 12.40
CA ILE B 84 2.75 1.43 11.10
C ILE B 84 1.74 0.29 11.21
N LYS B 85 0.66 0.49 11.94
CA LYS B 85 -0.31 -0.57 12.12
C LYS B 85 -1.31 -0.64 10.99
N GLY B 86 -1.77 -1.85 10.72
CA GLY B 86 -2.70 -2.06 9.64
C GLY B 86 -2.32 -1.13 8.53
N MET B 87 -1.45 -1.62 7.67
CA MET B 87 -0.95 -0.84 6.61
C MET B 87 -2.06 -0.30 5.73
N TYR B 88 -1.71 0.76 5.02
CA TYR B 88 -2.62 1.43 4.16
C TYR B 88 -2.04 1.51 2.77
N ILE B 89 -2.93 1.42 1.83
CA ILE B 89 -2.57 1.47 0.43
C ILE B 89 -3.43 2.51 -0.25
N GLU B 90 -3.20 2.82 -1.55
CA GLU B 90 -4.06 3.85 -2.13
C GLU B 90 -3.85 4.11 -3.60
N ILE B 91 -4.49 5.19 -3.97
CA ILE B 91 -4.51 5.72 -5.32
C ILE B 91 -4.21 7.23 -5.27
N LYS B 92 -3.80 7.81 -6.39
CA LYS B 92 -3.53 9.25 -6.41
C LYS B 92 -4.57 9.96 -7.25
N GLN B 93 -4.87 11.19 -6.85
CA GLN B 93 -5.87 12.00 -7.55
C GLN B 93 -5.26 13.18 -8.28
N ILE B 94 -5.18 13.08 -9.60
CA ILE B 94 -4.67 14.15 -10.43
C ILE B 94 -3.92 15.20 -9.61
N ASP A 1 -11.11 -19.07 -1.26
CA ASP A 1 -12.06 -20.23 -1.28
C ASP A 1 -13.11 -20.04 -0.20
N ASN A 2 -12.68 -19.63 0.99
CA ASN A 2 -13.60 -19.41 2.10
C ASN A 2 -13.92 -17.92 2.24
N GLN A 3 -14.41 -17.54 3.41
CA GLN A 3 -14.76 -16.14 3.66
C GLN A 3 -13.57 -15.24 3.36
N LYS A 4 -12.45 -15.85 2.95
CA LYS A 4 -11.25 -15.11 2.63
C LYS A 4 -11.55 -14.04 1.59
N ALA A 5 -12.59 -14.26 0.80
CA ALA A 5 -12.98 -13.32 -0.24
C ALA A 5 -13.43 -11.98 0.36
N LEU A 6 -13.52 -11.92 1.69
CA LEU A 6 -13.93 -10.69 2.36
C LEU A 6 -12.77 -9.74 2.50
N GLU A 7 -11.82 -10.09 3.37
CA GLU A 7 -10.65 -9.25 3.60
C GLU A 7 -10.04 -8.81 2.27
N GLU A 8 -9.97 -9.74 1.32
CA GLU A 8 -9.41 -9.42 0.02
C GLU A 8 -10.24 -8.34 -0.64
N GLN A 9 -11.33 -8.00 0.03
CA GLN A 9 -12.23 -6.97 -0.45
C GLN A 9 -12.31 -5.83 0.57
N MET A 10 -11.89 -4.64 0.17
CA MET A 10 -11.92 -3.50 1.07
C MET A 10 -13.00 -2.51 0.67
N ASN A 11 -13.97 -2.31 1.58
CA ASN A 11 -15.07 -1.38 1.35
C ASN A 11 -14.66 -0.20 0.49
N SER A 12 -13.35 0.01 0.39
CA SER A 12 -12.81 1.10 -0.39
C SER A 12 -13.34 1.06 -1.80
N ILE A 13 -13.73 -0.13 -2.27
CA ILE A 13 -14.24 -0.22 -3.62
C ILE A 13 -15.63 0.40 -3.72
N ASN A 14 -16.28 0.54 -2.58
CA ASN A 14 -17.63 1.10 -2.53
C ASN A 14 -17.61 2.62 -2.70
N SER A 15 -17.09 3.31 -1.70
CA SER A 15 -17.04 4.76 -1.74
C SER A 15 -16.30 5.20 -2.99
N VAL A 16 -15.20 4.53 -3.28
CA VAL A 16 -14.41 4.84 -4.46
C VAL A 16 -15.26 4.64 -5.70
N ASN A 17 -15.76 3.42 -5.86
CA ASN A 17 -16.61 3.09 -6.98
C ASN A 17 -17.47 4.28 -7.37
N ASP A 18 -18.08 4.90 -6.37
CA ASP A 18 -18.95 6.06 -6.61
C ASP A 18 -18.10 7.33 -6.75
N LYS A 19 -16.96 7.34 -6.08
CA LYS A 19 -16.07 8.49 -6.12
C LYS A 19 -15.42 8.66 -7.49
N LEU A 20 -15.17 7.56 -8.17
CA LEU A 20 -14.54 7.61 -9.48
C LEU A 20 -15.43 8.25 -10.54
N ASN A 21 -16.73 8.29 -10.28
CA ASN A 21 -17.69 8.87 -11.23
C ASN A 21 -17.08 10.07 -11.93
N LYS A 22 -16.32 9.78 -12.96
CA LYS A 22 -15.65 10.83 -13.73
C LYS A 22 -16.19 10.91 -15.15
N GLY A 23 -15.83 9.96 -16.01
CA GLY A 23 -16.33 9.99 -17.40
C GLY A 23 -17.85 9.80 -17.39
N LYS A 24 -18.51 10.34 -16.36
CA LYS A 24 -19.96 10.23 -16.22
C LYS A 24 -20.48 9.10 -17.08
N GLY A 25 -21.19 9.46 -18.14
CA GLY A 25 -21.73 8.48 -19.06
C GLY A 25 -22.34 7.31 -18.31
N LYS A 26 -22.90 6.35 -19.05
CA LYS A 26 -23.49 5.17 -18.42
C LYS A 26 -22.41 4.17 -18.11
N LEU A 27 -21.94 4.15 -16.87
CA LEU A 27 -20.89 3.20 -16.48
C LEU A 27 -21.29 2.46 -15.22
N SER A 28 -21.36 1.13 -15.32
CA SER A 28 -21.74 0.31 -14.18
C SER A 28 -20.56 -0.57 -13.75
N LEU A 29 -20.05 -0.33 -12.55
CA LEU A 29 -18.93 -1.08 -12.04
C LEU A 29 -19.39 -2.30 -11.25
N SER A 30 -18.47 -3.22 -11.05
CA SER A 30 -18.73 -4.42 -10.27
C SER A 30 -17.67 -4.53 -9.19
N MET A 31 -17.86 -5.41 -8.22
CA MET A 31 -16.88 -5.52 -7.15
C MET A 31 -16.41 -6.96 -6.94
N ASN A 32 -15.18 -7.20 -7.35
CA ASN A 32 -14.55 -8.49 -7.17
C ASN A 32 -13.26 -8.26 -6.39
N GLY A 33 -13.10 -8.95 -5.27
CA GLY A 33 -11.92 -8.78 -4.42
C GLY A 33 -10.74 -8.17 -5.17
N ASN A 34 -10.08 -8.99 -5.98
CA ASN A 34 -8.90 -8.53 -6.71
C ASN A 34 -9.24 -7.94 -8.07
N GLN A 35 -10.53 -7.72 -8.36
CA GLN A 35 -10.88 -7.18 -9.66
C GLN A 35 -12.09 -6.25 -9.63
N LEU A 36 -12.04 -5.27 -10.53
CA LEU A 36 -13.14 -4.37 -10.73
C LEU A 36 -13.69 -4.74 -12.09
N LYS A 37 -14.92 -4.43 -12.38
CA LYS A 37 -15.45 -4.79 -13.67
C LYS A 37 -16.62 -3.90 -13.99
N ALA A 38 -16.49 -3.24 -15.10
CA ALA A 38 -17.49 -2.31 -15.50
C ALA A 38 -17.63 -2.22 -17.01
N THR A 39 -18.62 -1.47 -17.43
CA THR A 39 -18.88 -1.24 -18.83
C THR A 39 -19.49 0.13 -18.98
N SER A 40 -19.24 0.84 -20.07
CA SER A 40 -19.81 2.18 -20.17
C SER A 40 -20.06 2.69 -21.58
N SER A 41 -20.96 3.67 -21.66
CA SER A 41 -21.29 4.33 -22.92
C SER A 41 -21.36 5.83 -22.69
N ASN A 42 -22.05 6.54 -23.58
CA ASN A 42 -22.16 7.99 -23.45
C ASN A 42 -20.90 8.64 -23.98
N ALA A 43 -20.61 8.37 -25.23
CA ALA A 43 -19.44 8.93 -25.85
C ALA A 43 -19.19 10.34 -25.33
N GLY A 44 -20.28 11.06 -25.15
CA GLY A 44 -20.22 12.41 -24.63
C GLY A 44 -20.07 12.33 -23.13
N TYR A 45 -19.35 11.30 -22.73
CA TYR A 45 -19.13 10.99 -21.32
C TYR A 45 -18.53 12.18 -20.54
N GLY A 46 -18.18 11.92 -19.28
CA GLY A 46 -17.64 12.94 -18.39
C GLY A 46 -16.62 13.85 -19.08
N ILE A 47 -17.13 14.82 -19.84
CA ILE A 47 -16.28 15.76 -20.52
C ILE A 47 -16.09 17.02 -19.69
N SER A 48 -17.14 17.84 -19.68
CA SER A 48 -17.15 19.10 -18.94
C SER A 48 -15.96 19.20 -18.01
N TYR A 49 -15.85 18.20 -17.16
CA TYR A 49 -14.76 18.13 -16.19
C TYR A 49 -13.41 18.25 -16.88
N GLU A 50 -12.69 19.31 -16.56
CA GLU A 50 -11.38 19.53 -17.16
C GLU A 50 -10.57 18.24 -17.19
N ASP A 51 -9.34 18.32 -17.67
CA ASP A 51 -8.49 17.15 -17.75
C ASP A 51 -7.68 16.99 -16.48
N LYS A 52 -8.20 16.22 -15.53
CA LYS A 52 -7.49 15.99 -14.28
C LYS A 52 -6.85 14.60 -14.32
N ASN A 53 -5.94 14.32 -13.39
CA ASN A 53 -5.24 13.04 -13.39
C ASN A 53 -5.57 12.19 -12.16
N TRP A 54 -5.19 10.90 -12.24
CA TRP A 54 -5.41 9.96 -11.16
C TRP A 54 -4.18 9.10 -10.98
N GLY A 55 -3.91 8.73 -9.74
CA GLY A 55 -2.78 7.87 -9.42
C GLY A 55 -3.18 6.85 -8.38
N ILE A 56 -3.57 5.68 -8.85
CA ILE A 56 -4.01 4.62 -7.99
C ILE A 56 -2.87 3.63 -7.76
N PHE A 57 -2.43 3.49 -6.50
CA PHE A 57 -1.27 2.59 -6.21
C PHE A 57 -1.57 1.46 -5.23
N VAL A 58 -0.84 0.37 -5.48
CA VAL A 58 -0.96 -0.81 -4.63
C VAL A 58 0.42 -1.35 -4.30
N ASN A 59 0.50 -2.19 -3.27
CA ASN A 59 1.78 -2.75 -2.88
C ASN A 59 2.86 -1.67 -2.82
N GLY A 60 2.48 -0.39 -2.80
CA GLY A 60 3.49 0.65 -2.75
C GLY A 60 3.88 1.08 -4.16
N GLU A 61 3.05 0.73 -5.13
CA GLU A 61 3.33 1.04 -6.51
C GLU A 61 2.08 1.37 -7.28
N LYS A 62 2.23 2.18 -8.31
CA LYS A 62 1.11 2.45 -9.15
C LYS A 62 0.39 1.14 -9.41
N VAL A 63 -0.77 1.22 -10.01
CA VAL A 63 -1.55 0.04 -10.34
C VAL A 63 -2.54 0.40 -11.44
N TYR A 64 -2.69 1.70 -11.67
CA TYR A 64 -3.60 2.20 -12.68
C TYR A 64 -3.57 3.73 -12.65
N THR A 65 -3.58 4.37 -13.82
CA THR A 65 -3.54 5.83 -13.86
C THR A 65 -4.31 6.39 -15.05
N PHE A 66 -5.26 7.28 -14.77
CA PHE A 66 -6.06 7.89 -15.81
C PHE A 66 -6.39 9.34 -15.49
N ASN A 67 -7.09 9.93 -16.42
CA ASN A 67 -7.52 11.30 -16.30
C ASN A 67 -9.04 11.38 -16.47
N GLU A 68 -9.54 12.62 -16.45
CA GLU A 68 -10.96 12.90 -16.60
C GLU A 68 -11.44 12.71 -18.03
N LYS A 69 -10.85 13.45 -18.96
CA LYS A 69 -11.25 13.36 -20.36
C LYS A 69 -11.24 11.91 -20.81
N SER A 70 -10.21 11.18 -20.38
CA SER A 70 -10.06 9.79 -20.74
C SER A 70 -11.29 8.99 -20.28
N THR A 71 -12.21 9.65 -19.60
CA THR A 71 -13.40 8.98 -19.08
C THR A 71 -13.02 7.58 -18.67
N VAL A 72 -12.51 7.44 -17.46
CA VAL A 72 -12.09 6.15 -16.97
C VAL A 72 -12.95 5.04 -17.58
N GLY A 73 -14.23 5.33 -17.71
CA GLY A 73 -15.16 4.35 -18.23
C GLY A 73 -14.49 3.43 -19.23
N ASN A 74 -14.00 4.01 -20.32
CA ASN A 74 -13.32 3.23 -21.34
C ASN A 74 -12.05 2.62 -20.74
N ILE A 75 -11.44 3.37 -19.83
CA ILE A 75 -10.24 2.91 -19.19
C ILE A 75 -10.54 1.75 -18.25
N SER A 76 -11.18 2.06 -17.13
CA SER A 76 -11.52 1.05 -16.15
C SER A 76 -11.71 -0.29 -16.85
N ASN A 77 -12.24 -0.22 -18.06
CA ASN A 77 -12.43 -1.42 -18.84
C ASN A 77 -11.14 -2.24 -18.83
N ASP A 78 -10.12 -1.68 -19.47
CA ASP A 78 -8.81 -2.33 -19.53
C ASP A 78 -8.37 -2.67 -18.11
N ILE A 79 -8.22 -1.63 -17.30
CA ILE A 79 -7.86 -1.77 -15.91
C ILE A 79 -8.39 -3.09 -15.37
N ASN A 80 -9.69 -3.18 -15.32
CA ASN A 80 -10.36 -4.37 -14.83
C ASN A 80 -9.63 -5.65 -15.28
N LYS A 81 -9.04 -5.63 -16.47
CA LYS A 81 -8.35 -6.81 -17.02
C LYS A 81 -6.83 -6.76 -16.78
N LEU A 82 -6.36 -5.71 -16.11
CA LEU A 82 -4.95 -5.56 -15.84
C LEU A 82 -4.56 -6.44 -14.66
N ASN A 83 -5.56 -7.15 -14.17
CA ASN A 83 -5.43 -8.07 -13.05
C ASN A 83 -5.40 -7.38 -11.69
N ILE A 84 -6.08 -6.23 -11.56
CA ILE A 84 -6.13 -5.52 -10.29
C ILE A 84 -6.03 -6.45 -9.08
N LYS A 85 -5.81 -5.84 -7.93
CA LYS A 85 -5.72 -6.57 -6.67
C LYS A 85 -6.66 -5.94 -5.66
N GLY A 86 -6.70 -6.44 -4.43
CA GLY A 86 -7.59 -5.88 -3.43
C GLY A 86 -6.85 -5.29 -2.24
N MET A 87 -6.23 -6.15 -1.45
CA MET A 87 -5.55 -5.73 -0.26
C MET A 87 -4.06 -6.05 -0.28
N TYR A 88 -3.22 -5.08 -0.63
CA TYR A 88 -1.78 -5.36 -0.59
C TYR A 88 -0.95 -4.14 -0.31
N ILE A 89 -0.16 -4.26 0.74
CA ILE A 89 0.76 -3.23 1.16
C ILE A 89 2.08 -3.91 1.44
N GLU A 90 3.17 -3.19 1.70
CA GLU A 90 4.37 -3.95 1.97
C GLU A 90 5.57 -3.14 2.37
N ILE A 91 6.63 -3.90 2.53
CA ILE A 91 7.91 -3.41 2.89
C ILE A 91 8.94 -4.10 2.00
N LYS A 92 9.68 -3.33 1.22
CA LYS A 92 10.67 -3.91 0.32
C LYS A 92 12.07 -3.83 0.89
N GLN A 93 12.78 -4.94 0.77
CA GLN A 93 14.14 -5.04 1.26
C GLN A 93 15.13 -5.12 0.11
N ILE A 94 16.30 -4.53 0.33
CA ILE A 94 17.37 -4.55 -0.66
C ILE A 94 16.90 -5.08 -2.00
N ASP B 1 -9.40 0.05 20.01
CA ASP B 1 -9.94 -0.16 21.39
C ASP B 1 -10.27 -1.64 21.58
N ASN B 2 -10.90 -2.24 20.58
CA ASN B 2 -11.27 -3.64 20.63
C ASN B 2 -10.25 -4.50 19.87
N GLN B 3 -10.66 -5.71 19.52
CA GLN B 3 -9.79 -6.61 18.77
C GLN B 3 -9.26 -5.93 17.51
N LYS B 4 -9.69 -4.68 17.30
CA LYS B 4 -9.27 -3.92 16.13
C LYS B 4 -7.75 -3.87 16.06
N ALA B 5 -7.10 -4.00 17.21
CA ALA B 5 -5.65 -3.96 17.28
C ALA B 5 -5.03 -5.13 16.50
N LEU B 6 -5.86 -6.05 16.03
CA LEU B 6 -5.36 -7.20 15.29
C LEU B 6 -5.10 -6.82 13.83
N GLU B 7 -6.18 -6.61 13.08
CA GLU B 7 -6.05 -6.24 11.67
C GLU B 7 -5.02 -5.14 11.49
N GLU B 8 -5.02 -4.17 12.39
CA GLU B 8 -4.06 -3.08 12.31
C GLU B 8 -2.66 -3.63 12.42
N GLN B 9 -2.60 -4.92 12.70
CA GLN B 9 -1.32 -5.61 12.84
C GLN B 9 -1.23 -6.71 11.80
N MET B 10 -0.23 -6.61 10.93
CA MET B 10 -0.05 -7.61 9.88
C MET B 10 1.17 -8.46 10.14
N ASN B 11 0.95 -9.77 10.32
CA ASN B 11 2.02 -10.72 10.58
C ASN B 11 3.31 -10.32 9.87
N SER B 12 3.18 -9.43 8.90
CA SER B 12 4.32 -8.96 8.14
C SER B 12 5.39 -8.43 9.06
N ILE B 13 5.00 -7.97 10.25
CA ILE B 13 5.97 -7.45 11.18
C ILE B 13 6.83 -8.56 11.76
N ASN B 14 6.32 -9.78 11.67
CA ASN B 14 7.02 -10.93 12.22
C ASN B 14 8.18 -11.37 11.32
N SER B 15 7.84 -11.89 10.15
CA SER B 15 8.85 -12.35 9.21
C SER B 15 9.82 -11.22 8.91
N VAL B 16 9.26 -10.03 8.71
CA VAL B 16 10.07 -8.86 8.42
C VAL B 16 10.99 -8.59 9.60
N ASN B 17 10.39 -8.41 10.75
CA ASN B 17 11.14 -8.16 11.98
C ASN B 17 12.45 -8.94 11.96
N ASP B 18 12.36 -10.22 11.61
CA ASP B 18 13.54 -11.07 11.55
C ASP B 18 14.29 -10.86 10.23
N LYS B 19 13.54 -10.50 9.19
CA LYS B 19 14.13 -10.28 7.88
C LYS B 19 15.02 -9.04 7.85
N LEU B 20 14.66 -8.03 8.64
CA LEU B 20 15.41 -6.79 8.67
C LEU B 20 16.81 -6.97 9.29
N ASN B 21 17.00 -8.05 10.04
CA ASN B 21 18.28 -8.32 10.68
C ASN B 21 19.43 -7.90 9.78
N LYS B 22 19.72 -6.62 9.83
CA LYS B 22 20.80 -6.05 9.02
C LYS B 22 21.97 -5.56 9.87
N GLY B 23 21.80 -4.42 10.55
CA GLY B 23 22.88 -3.91 11.41
C GLY B 23 23.14 -4.89 12.55
N LYS B 24 23.00 -6.19 12.26
CA LYS B 24 23.19 -7.23 13.26
C LYS B 24 23.13 -6.63 14.65
N GLY B 25 24.28 -6.59 15.31
CA GLY B 25 24.37 -6.04 16.65
C GLY B 25 23.21 -6.50 17.52
N LYS B 26 23.19 -6.09 18.77
CA LYS B 26 22.13 -6.45 19.67
C LYS B 26 20.93 -5.54 19.45
N LEU B 27 19.95 -5.99 18.68
CA LEU B 27 18.78 -5.18 18.42
C LEU B 27 17.51 -5.97 18.68
N SER B 28 16.68 -5.48 19.59
CA SER B 28 15.44 -6.15 19.94
C SER B 28 14.24 -5.30 19.53
N LEU B 29 13.46 -5.79 18.57
CA LEU B 29 12.30 -5.07 18.08
C LEU B 29 11.05 -5.44 18.87
N SER B 30 10.04 -4.59 18.75
CA SER B 30 8.76 -4.83 19.38
C SER B 30 7.68 -4.73 18.32
N MET B 31 6.47 -5.16 18.64
CA MET B 31 5.40 -5.11 17.64
C MET B 31 4.16 -4.41 18.14
N ASN B 32 3.95 -3.22 17.62
CA ASN B 32 2.78 -2.43 17.93
C ASN B 32 2.08 -2.11 16.61
N GLY B 33 0.80 -2.45 16.52
CA GLY B 33 0.04 -2.24 15.29
C GLY B 33 0.66 -1.18 14.39
N ASN B 34 0.48 0.08 14.76
CA ASN B 34 0.98 1.19 13.95
C ASN B 34 2.40 1.60 14.33
N GLN B 35 3.08 0.81 15.17
CA GLN B 35 4.42 1.19 15.56
C GLN B 35 5.35 0.00 15.79
N LEU B 36 6.62 0.24 15.49
CA LEU B 36 7.66 -0.71 15.73
C LEU B 36 8.48 -0.10 16.85
N LYS B 37 9.20 -0.88 17.61
CA LYS B 37 9.96 -0.31 18.69
C LYS B 37 11.09 -1.22 19.04
N ALA B 38 12.26 -0.68 18.96
CA ALA B 38 13.43 -1.45 19.21
C ALA B 38 14.56 -0.63 19.82
N THR B 39 15.62 -1.32 20.18
CA THR B 39 16.80 -0.69 20.74
C THR B 39 17.99 -1.52 20.34
N SER B 40 19.16 -0.92 20.15
CA SER B 40 20.30 -1.73 19.72
C SER B 40 21.66 -1.20 20.12
N SER B 41 22.63 -2.13 20.14
CA SER B 41 24.02 -1.81 20.43
C SER B 41 24.92 -2.54 19.44
N ASN B 42 26.19 -2.72 19.79
CA ASN B 42 27.12 -3.39 18.92
C ASN B 42 27.60 -2.43 17.85
N ALA B 43 28.19 -1.35 18.30
CA ALA B 43 28.69 -0.35 17.38
C ALA B 43 29.26 -1.02 16.14
N GLY B 44 29.91 -2.14 16.35
CA GLY B 44 30.46 -2.93 15.26
C GLY B 44 29.34 -3.73 14.64
N TYR B 45 28.18 -3.11 14.65
CA TYR B 45 26.97 -3.73 14.16
C TYR B 45 27.09 -4.24 12.71
N GLY B 46 25.97 -4.70 12.16
CA GLY B 46 25.93 -5.25 10.81
C GLY B 46 26.77 -4.45 9.81
N ILE B 47 28.07 -4.68 9.82
CA ILE B 47 28.96 -3.99 8.93
C ILE B 47 29.21 -4.85 7.69
N SER B 48 30.04 -5.87 7.88
CA SER B 48 30.41 -6.80 6.81
C SER B 48 29.54 -6.61 5.58
N TYR B 49 28.25 -6.70 5.82
CA TYR B 49 27.27 -6.54 4.75
C TYR B 49 27.46 -5.21 4.04
N GLU B 50 27.79 -5.30 2.75
CA GLU B 50 28.01 -4.10 1.95
C GLU B 50 26.94 -3.06 2.23
N ASP B 51 27.01 -1.95 1.53
CA ASP B 51 26.03 -0.89 1.72
C ASP B 51 24.84 -1.07 0.78
N LYS B 52 23.81 -1.75 1.26
CA LYS B 52 22.61 -1.96 0.45
C LYS B 52 21.53 -0.99 0.91
N ASN B 53 20.47 -0.84 0.11
CA ASN B 53 19.40 0.10 0.44
C ASN B 53 18.07 -0.59 0.74
N TRP B 54 17.15 0.18 1.32
CA TRP B 54 15.82 -0.31 1.65
C TRP B 54 14.79 0.74 1.29
N GLY B 55 13.62 0.28 0.87
CA GLY B 55 12.53 1.17 0.52
C GLY B 55 11.21 0.61 1.03
N ILE B 56 10.84 1.05 2.21
CA ILE B 56 9.63 0.61 2.85
C ILE B 56 8.51 1.59 2.61
N PHE B 57 7.43 1.17 1.93
CA PHE B 57 6.32 2.09 1.60
C PHE B 57 4.97 1.69 2.13
N VAL B 58 4.18 2.75 2.42
CA VAL B 58 2.84 2.55 2.92
C VAL B 58 1.87 3.47 2.20
N ASN B 59 0.59 3.20 2.28
CA ASN B 59 -0.40 4.04 1.62
C ASN B 59 0.02 4.36 0.19
N GLY B 60 0.99 3.62 -0.37
CA GLY B 60 1.42 3.90 -1.73
C GLY B 60 2.56 4.90 -1.73
N GLU B 61 3.19 5.07 -0.57
CA GLU B 61 4.27 6.02 -0.44
C GLU B 61 5.35 5.51 0.50
N LYS B 62 6.56 5.98 0.28
CA LYS B 62 7.60 5.63 1.19
C LYS B 62 7.07 5.78 2.60
N VAL B 63 7.83 5.32 3.55
CA VAL B 63 7.44 5.42 4.95
C VAL B 63 8.69 5.30 5.83
N TYR B 64 9.78 4.89 5.19
CA TYR B 64 11.05 4.70 5.88
C TYR B 64 12.08 4.15 4.89
N THR B 65 13.31 4.65 4.93
CA THR B 65 14.33 4.17 4.00
C THR B 65 15.72 4.20 4.63
N PHE B 66 16.39 3.04 4.59
CA PHE B 66 17.73 2.91 5.15
C PHE B 66 18.57 1.96 4.35
N ASN B 67 19.80 1.86 4.80
CA ASN B 67 20.77 0.99 4.19
C ASN B 67 21.34 0.02 5.23
N GLU B 68 22.30 -0.77 4.79
CA GLU B 68 22.96 -1.77 5.62
C GLU B 68 23.92 -1.13 6.62
N LYS B 69 24.92 -0.41 6.10
CA LYS B 69 25.91 0.23 6.97
C LYS B 69 25.21 1.05 8.04
N SER B 70 24.15 1.74 7.64
CA SER B 70 23.39 2.58 8.56
C SER B 70 22.85 1.73 9.71
N THR B 71 23.09 0.43 9.66
CA THR B 71 22.58 -0.47 10.69
C THR B 71 21.24 0.05 11.15
N VAL B 72 20.19 -0.32 10.44
CA VAL B 72 18.87 0.13 10.78
C VAL B 72 18.74 0.32 12.28
N GLY B 73 19.35 -0.58 13.03
CA GLY B 73 19.27 -0.54 14.47
C GLY B 73 19.14 0.88 14.98
N ASN B 74 20.15 1.69 14.69
CA ASN B 74 20.13 3.08 15.11
C ASN B 74 18.98 3.80 14.41
N ILE B 75 18.72 3.38 13.17
CA ILE B 75 17.66 3.97 12.41
C ILE B 75 16.30 3.59 12.98
N SER B 76 15.92 2.33 12.79
CA SER B 76 14.65 1.84 13.29
C SER B 76 14.26 2.64 14.52
N ASN B 77 15.26 3.01 15.31
CA ASN B 77 15.01 3.81 16.50
C ASN B 77 14.11 4.99 16.12
N ASP B 78 14.67 5.89 15.32
CA ASP B 78 13.91 7.06 14.86
C ASP B 78 12.60 6.60 14.24
N ILE B 79 12.73 5.82 13.18
CA ILE B 79 11.59 5.24 12.50
C ILE B 79 10.46 5.00 13.47
N ASN B 80 10.71 4.11 14.39
CA ASN B 80 9.73 3.78 15.41
C ASN B 80 8.96 5.02 15.89
N LYS B 81 9.64 6.18 15.94
CA LYS B 81 9.02 7.42 16.41
C LYS B 81 8.50 8.30 15.26
N LEU B 82 8.65 7.82 14.04
CA LEU B 82 8.19 8.58 12.87
C LEU B 82 6.69 8.42 12.72
N ASN B 83 6.13 7.68 13.66
CA ASN B 83 4.70 7.40 13.73
C ASN B 83 4.24 6.31 12.74
N ILE B 84 5.13 5.34 12.44
CA ILE B 84 4.77 4.25 11.55
C ILE B 84 3.28 3.90 11.61
N LYS B 85 2.86 3.11 10.64
CA LYS B 85 1.48 2.65 10.55
C LYS B 85 1.48 1.12 10.41
N GLY B 86 0.30 0.51 10.26
CA GLY B 86 0.25 -0.94 10.16
C GLY B 86 -0.35 -1.38 8.82
N MET B 87 -1.65 -1.15 8.65
CA MET B 87 -2.33 -1.58 7.48
C MET B 87 -2.93 -0.43 6.67
N TYR B 88 -2.24 0.03 5.62
CA TYR B 88 -2.82 1.09 4.81
C TYR B 88 -2.40 1.04 3.36
N ILE B 89 -3.39 0.98 2.51
CA ILE B 89 -3.21 0.96 1.09
C ILE B 89 -4.21 1.95 0.51
N GLU B 90 -4.17 2.27 -0.78
CA GLU B 90 -5.19 3.21 -1.23
C GLU B 90 -5.20 3.49 -2.70
N ILE B 91 -6.12 4.39 -3.00
CA ILE B 91 -6.34 4.87 -4.32
C ILE B 91 -6.48 6.39 -4.24
N LYS B 92 -5.62 7.10 -4.93
CA LYS B 92 -5.66 8.56 -4.89
C LYS B 92 -6.36 9.14 -6.11
N GLN B 93 -7.22 10.10 -5.85
CA GLN B 93 -7.97 10.77 -6.89
C GLN B 93 -7.50 12.20 -7.08
N ILE B 94 -7.55 12.66 -8.33
CA ILE B 94 -7.17 14.03 -8.66
C ILE B 94 -6.49 14.73 -7.50
N ASP A 1 -9.34 3.98 17.87
CA ASP A 1 -8.75 3.52 16.58
C ASP A 1 -9.88 3.13 15.62
N ASN A 2 -11.10 3.53 15.97
CA ASN A 2 -12.25 3.22 15.14
C ASN A 2 -12.37 4.21 13.99
N GLN A 3 -12.38 5.51 14.34
CA GLN A 3 -12.50 6.55 13.33
C GLN A 3 -11.31 6.51 12.38
N LYS A 4 -10.11 6.35 12.93
CA LYS A 4 -8.90 6.30 12.12
C LYS A 4 -8.83 5.00 11.33
N ALA A 5 -9.39 3.93 11.90
CA ALA A 5 -9.38 2.64 11.25
C ALA A 5 -10.09 2.71 9.91
N LEU A 6 -11.12 3.54 9.81
CA LEU A 6 -11.86 3.69 8.56
C LEU A 6 -10.92 3.65 7.37
N GLU A 7 -9.98 4.59 7.32
CA GLU A 7 -9.01 4.65 6.23
C GLU A 7 -8.49 3.26 5.90
N GLU A 8 -7.97 2.58 6.92
CA GLU A 8 -7.43 1.25 6.74
C GLU A 8 -8.56 0.24 6.57
N GLN A 9 -9.77 0.76 6.54
CA GLN A 9 -10.94 -0.07 6.39
C GLN A 9 -11.61 0.13 5.02
N MET A 10 -12.50 -0.79 4.67
CA MET A 10 -13.22 -0.72 3.40
C MET A 10 -14.55 0.00 3.58
N ASN A 11 -14.76 1.03 2.77
CA ASN A 11 -15.97 1.84 2.83
C ASN A 11 -15.60 3.29 2.55
N SER A 12 -14.73 3.84 3.39
CA SER A 12 -14.26 5.18 3.17
C SER A 12 -13.55 5.19 1.83
N ILE A 13 -13.15 3.99 1.44
CA ILE A 13 -12.47 3.77 0.20
C ILE A 13 -13.47 3.82 -0.95
N ASN A 14 -14.73 3.55 -0.62
CA ASN A 14 -15.80 3.54 -1.61
C ASN A 14 -15.93 4.91 -2.27
N SER A 15 -16.03 5.95 -1.44
CA SER A 15 -16.18 7.29 -1.96
C SER A 15 -15.50 7.40 -3.31
N VAL A 16 -14.42 6.65 -3.49
CA VAL A 16 -13.71 6.64 -4.75
C VAL A 16 -14.65 6.25 -5.87
N ASN A 17 -15.15 5.02 -5.81
CA ASN A 17 -16.08 4.54 -6.82
C ASN A 17 -16.99 5.66 -7.28
N ASP A 18 -17.48 6.43 -6.32
CA ASP A 18 -18.36 7.56 -6.63
C ASP A 18 -17.52 8.72 -7.14
N LYS A 19 -16.32 8.84 -6.60
CA LYS A 19 -15.42 9.89 -7.02
C LYS A 19 -14.97 9.63 -8.46
N LEU A 20 -14.25 8.54 -8.66
CA LEU A 20 -13.77 8.15 -9.97
C LEU A 20 -14.95 7.92 -10.92
N ASN A 21 -16.13 8.40 -10.53
CA ASN A 21 -17.33 8.22 -11.34
C ASN A 21 -18.41 9.23 -10.95
N LYS A 22 -18.59 10.26 -11.77
CA LYS A 22 -19.61 11.29 -11.50
C LYS A 22 -20.05 11.98 -12.79
N GLY A 23 -20.45 11.18 -13.77
CA GLY A 23 -20.92 11.75 -15.04
C GLY A 23 -20.16 11.19 -16.22
N LYS A 24 -20.62 10.08 -16.76
CA LYS A 24 -19.95 9.50 -17.90
C LYS A 24 -20.92 8.80 -18.80
N GLY A 25 -20.35 8.19 -19.82
CA GLY A 25 -21.14 7.45 -20.78
C GLY A 25 -21.77 6.25 -20.08
N LYS A 26 -21.56 5.06 -20.63
CA LYS A 26 -22.12 3.85 -20.04
C LYS A 26 -21.11 3.18 -19.12
N LEU A 27 -21.22 3.37 -17.81
CA LEU A 27 -20.29 2.75 -16.89
C LEU A 27 -20.91 2.57 -15.50
N SER A 28 -20.69 1.40 -14.89
CA SER A 28 -21.22 1.11 -13.55
C SER A 28 -20.17 0.35 -12.72
N LEU A 29 -19.66 1.00 -11.67
CA LEU A 29 -18.64 0.40 -10.82
C LEU A 29 -19.23 -0.52 -9.76
N SER A 30 -18.33 -1.33 -9.19
CA SER A 30 -18.67 -2.24 -8.12
C SER A 30 -17.60 -2.09 -7.04
N MET A 31 -17.89 -2.51 -5.81
CA MET A 31 -16.91 -2.34 -4.73
C MET A 31 -16.51 -3.66 -4.08
N ASN A 32 -15.29 -4.09 -4.39
CA ASN A 32 -14.71 -5.30 -3.82
C ASN A 32 -13.38 -4.94 -3.19
N GLY A 33 -13.32 -4.83 -1.86
CA GLY A 33 -12.08 -4.45 -1.21
C GLY A 33 -11.76 -3.02 -1.60
N ASN A 34 -10.53 -2.78 -2.02
CA ASN A 34 -10.17 -1.45 -2.47
C ASN A 34 -9.99 -1.50 -3.98
N GLN A 35 -10.59 -2.55 -4.56
CA GLN A 35 -10.51 -2.78 -5.99
C GLN A 35 -11.69 -2.13 -6.71
N LEU A 36 -11.54 -1.98 -8.02
CA LEU A 36 -12.60 -1.41 -8.83
C LEU A 36 -13.06 -2.46 -9.82
N LYS A 37 -14.35 -2.46 -10.12
CA LYS A 37 -14.90 -3.39 -11.08
C LYS A 37 -16.15 -2.81 -11.62
N ALA A 38 -16.13 -2.62 -12.90
CA ALA A 38 -17.23 -2.02 -13.57
C ALA A 38 -17.37 -2.55 -14.98
N THR A 39 -18.42 -2.13 -15.61
CA THR A 39 -18.68 -2.47 -16.97
C THR A 39 -18.99 -1.18 -17.68
N SER A 40 -18.53 -1.01 -18.90
CA SER A 40 -18.79 0.27 -19.54
C SER A 40 -18.56 0.26 -21.04
N SER A 41 -19.09 1.31 -21.68
CA SER A 41 -18.92 1.49 -23.10
C SER A 41 -18.40 2.91 -23.35
N ASN A 42 -17.42 3.02 -24.23
CA ASN A 42 -16.82 4.31 -24.57
C ASN A 42 -17.48 4.85 -25.82
N ALA A 43 -18.78 4.69 -25.87
CA ALA A 43 -19.57 5.11 -26.99
C ALA A 43 -19.70 6.61 -27.09
N GLY A 44 -20.17 7.19 -26.01
CA GLY A 44 -20.36 8.62 -25.98
C GLY A 44 -19.36 9.29 -25.06
N TYR A 45 -18.93 8.61 -24.01
CA TYR A 45 -17.96 9.26 -23.13
C TYR A 45 -17.55 8.52 -21.88
N GLY A 46 -16.80 9.28 -21.08
CA GLY A 46 -16.28 8.88 -19.80
C GLY A 46 -15.56 10.07 -19.17
N ILE A 47 -16.29 11.18 -19.13
CA ILE A 47 -15.76 12.44 -18.64
C ILE A 47 -16.05 12.69 -17.17
N SER A 48 -17.30 13.07 -16.92
CA SER A 48 -17.74 13.45 -15.57
C SER A 48 -16.87 14.57 -15.08
N TYR A 49 -15.67 14.16 -14.74
CA TYR A 49 -14.64 15.05 -14.23
C TYR A 49 -13.88 15.69 -15.39
N GLU A 50 -13.68 17.01 -15.32
CA GLU A 50 -12.99 17.75 -16.38
C GLU A 50 -11.66 17.09 -16.74
N ASP A 51 -10.61 17.91 -16.91
CA ASP A 51 -9.30 17.40 -17.28
C ASP A 51 -8.36 17.42 -16.07
N LYS A 52 -8.28 16.28 -15.39
CA LYS A 52 -7.42 16.15 -14.21
C LYS A 52 -6.70 14.80 -14.22
N ASN A 53 -5.77 14.63 -13.28
CA ASN A 53 -4.99 13.40 -13.19
C ASN A 53 -5.46 12.50 -12.05
N TRP A 54 -5.18 11.20 -12.21
CA TRP A 54 -5.53 10.20 -11.22
C TRP A 54 -4.40 9.20 -11.12
N GLY A 55 -4.31 8.53 -9.98
CA GLY A 55 -3.27 7.53 -9.78
C GLY A 55 -3.68 6.54 -8.71
N ILE A 56 -3.48 5.29 -9.02
CA ILE A 56 -3.82 4.23 -8.13
C ILE A 56 -2.54 3.47 -7.72
N PHE A 57 -2.41 3.10 -6.43
CA PHE A 57 -1.21 2.39 -5.98
C PHE A 57 -1.50 1.23 -5.06
N VAL A 58 -0.77 0.14 -5.32
CA VAL A 58 -0.92 -1.07 -4.54
C VAL A 58 0.43 -1.55 -4.05
N ASN A 59 0.44 -2.39 -3.04
CA ASN A 59 1.69 -2.91 -2.51
C ASN A 59 2.68 -1.78 -2.23
N GLY A 60 2.24 -0.52 -2.31
CA GLY A 60 3.17 0.56 -2.05
C GLY A 60 3.61 1.18 -3.36
N GLU A 61 2.95 0.78 -4.43
CA GLU A 61 3.32 1.25 -5.75
C GLU A 61 2.13 1.47 -6.64
N LYS A 62 2.30 2.27 -7.68
CA LYS A 62 1.24 2.46 -8.63
C LYS A 62 0.63 1.10 -8.94
N VAL A 63 -0.50 1.11 -9.59
CA VAL A 63 -1.17 -0.12 -9.96
C VAL A 63 -1.99 0.14 -11.21
N TYR A 64 -2.04 1.42 -11.57
CA TYR A 64 -2.80 1.88 -12.71
C TYR A 64 -2.71 3.41 -12.78
N THR A 65 -3.04 4.01 -13.92
CA THR A 65 -2.96 5.45 -14.05
C THR A 65 -3.80 5.98 -15.20
N PHE A 66 -4.63 6.98 -14.91
CA PHE A 66 -5.47 7.58 -15.91
C PHE A 66 -5.84 8.99 -15.52
N ASN A 67 -6.37 9.69 -16.49
CA ASN A 67 -6.80 11.05 -16.30
C ASN A 67 -8.32 11.10 -16.37
N GLU A 68 -8.88 12.29 -16.24
CA GLU A 68 -10.34 12.45 -16.25
C GLU A 68 -10.91 12.47 -17.67
N LYS A 69 -10.08 12.75 -18.67
CA LYS A 69 -10.58 12.80 -20.05
C LYS A 69 -10.30 11.50 -20.79
N SER A 70 -9.15 10.90 -20.53
CA SER A 70 -8.78 9.65 -21.18
C SER A 70 -9.96 8.70 -21.22
N THR A 71 -11.04 9.06 -20.54
CA THR A 71 -12.20 8.23 -20.50
C THR A 71 -11.86 6.91 -19.83
N VAL A 72 -11.55 6.97 -18.52
CA VAL A 72 -11.19 5.75 -17.81
C VAL A 72 -11.96 4.59 -18.39
N GLY A 73 -13.23 4.85 -18.68
CA GLY A 73 -14.10 3.83 -19.19
C GLY A 73 -13.32 2.85 -20.05
N ASN A 74 -12.72 3.36 -21.11
CA ASN A 74 -11.92 2.52 -22.00
C ASN A 74 -10.72 2.00 -21.22
N ILE A 75 -10.23 2.82 -20.30
CA ILE A 75 -9.10 2.43 -19.51
C ILE A 75 -9.51 1.41 -18.45
N SER A 76 -10.19 1.91 -17.41
CA SER A 76 -10.66 1.06 -16.31
C SER A 76 -11.06 -0.28 -16.88
N ASN A 77 -11.34 -0.28 -18.17
CA ASN A 77 -11.70 -1.48 -18.88
C ASN A 77 -10.60 -2.51 -18.68
N ASP A 78 -9.45 -2.24 -19.29
CA ASP A 78 -8.31 -3.15 -19.16
C ASP A 78 -8.05 -3.42 -17.68
N ILE A 79 -7.94 -2.34 -16.93
CA ILE A 79 -7.72 -2.41 -15.51
C ILE A 79 -8.65 -3.44 -14.87
N ASN A 80 -9.90 -3.08 -14.81
CA ASN A 80 -10.91 -3.95 -14.22
C ASN A 80 -10.72 -5.41 -14.64
N LYS A 81 -9.93 -5.62 -15.69
CA LYS A 81 -9.70 -6.97 -16.19
C LYS A 81 -8.53 -7.65 -15.46
N LEU A 82 -7.56 -6.86 -14.99
CA LEU A 82 -6.43 -7.46 -14.27
C LEU A 82 -6.81 -7.68 -12.82
N ASN A 83 -8.10 -7.54 -12.55
CA ASN A 83 -8.64 -7.72 -11.22
C ASN A 83 -7.69 -7.18 -10.16
N ILE A 84 -7.63 -5.86 -10.04
CA ILE A 84 -6.80 -5.22 -9.06
C ILE A 84 -6.98 -5.87 -7.70
N LYS A 85 -6.31 -5.31 -6.69
CA LYS A 85 -6.40 -5.83 -5.32
C LYS A 85 -6.54 -4.68 -4.33
N GLY A 86 -6.74 -4.99 -3.05
CA GLY A 86 -6.91 -3.94 -2.05
C GLY A 86 -5.90 -4.10 -0.91
N MET A 87 -6.26 -4.94 0.05
CA MET A 87 -5.45 -5.17 1.21
C MET A 87 -4.05 -5.65 0.86
N TYR A 88 -3.28 -4.80 0.18
CA TYR A 88 -1.92 -5.18 -0.15
C TYR A 88 -1.00 -4.00 -0.17
N ILE A 89 -0.11 -4.02 0.79
CA ILE A 89 0.89 -2.98 0.92
C ILE A 89 2.22 -3.68 1.03
N GLU A 90 3.36 -2.99 0.93
CA GLU A 90 4.59 -3.77 1.02
C GLU A 90 5.84 -2.96 1.36
N ILE A 91 6.92 -3.71 1.32
CA ILE A 91 8.26 -3.25 1.61
C ILE A 91 9.25 -3.93 0.67
N LYS A 92 10.39 -3.30 0.41
CA LYS A 92 11.37 -3.93 -0.46
C LYS A 92 12.64 -4.25 0.31
N GLN A 93 13.19 -5.42 0.02
CA GLN A 93 14.39 -5.87 0.69
C GLN A 93 15.57 -5.90 -0.27
N ILE A 94 16.46 -4.93 -0.12
CA ILE A 94 17.66 -4.87 -0.95
C ILE A 94 17.48 -5.65 -2.24
N ASP B 1 -6.96 -19.12 -2.96
CA ASP B 1 -6.56 -17.74 -2.58
C ASP B 1 -5.88 -17.77 -1.21
N ASN B 2 -5.53 -18.98 -0.75
CA ASN B 2 -4.88 -19.13 0.53
C ASN B 2 -3.38 -18.85 0.43
N GLN B 3 -2.73 -19.55 -0.50
CA GLN B 3 -1.30 -19.37 -0.70
C GLN B 3 -0.98 -17.93 -1.12
N LYS B 4 -1.78 -17.40 -2.05
CA LYS B 4 -1.58 -16.05 -2.53
C LYS B 4 -1.96 -15.03 -1.45
N ALA B 5 -2.93 -15.39 -0.63
CA ALA B 5 -3.39 -14.51 0.43
C ALA B 5 -2.24 -14.16 1.38
N LEU B 6 -1.33 -15.11 1.58
CA LEU B 6 -0.19 -14.89 2.47
C LEU B 6 0.34 -13.48 2.31
N GLU B 7 0.77 -13.15 1.10
CA GLU B 7 1.31 -11.82 0.82
C GLU B 7 0.43 -10.74 1.46
N GLU B 8 -0.86 -10.77 1.15
CA GLU B 8 -1.79 -9.81 1.69
C GLU B 8 -2.08 -10.11 3.15
N GLN B 9 -1.38 -11.11 3.66
CA GLN B 9 -1.55 -11.53 5.05
C GLN B 9 -0.32 -11.20 5.88
N MET B 10 -0.48 -11.27 7.20
CA MET B 10 0.61 -10.97 8.12
C MET B 10 1.34 -12.27 8.50
N ASN B 11 2.64 -12.27 8.31
CA ASN B 11 3.48 -13.43 8.60
C ASN B 11 4.56 -13.54 7.55
N SER B 12 4.14 -13.65 6.29
CA SER B 12 5.10 -13.69 5.21
C SER B 12 5.83 -12.36 5.23
N ILE B 13 5.17 -11.41 5.86
CA ILE B 13 5.68 -10.08 6.02
C ILE B 13 6.75 -10.05 7.09
N ASN B 14 6.66 -11.03 8.00
CA ASN B 14 7.61 -11.15 9.10
C ASN B 14 9.03 -11.31 8.59
N SER B 15 9.21 -12.27 7.69
CA SER B 15 10.52 -12.53 7.14
C SER B 15 11.35 -11.26 7.12
N VAL B 16 10.67 -10.13 6.93
CA VAL B 16 11.33 -8.85 6.92
C VAL B 16 12.06 -8.65 8.24
N ASN B 17 11.32 -8.59 9.34
CA ASN B 17 11.90 -8.42 10.66
C ASN B 17 13.22 -9.16 10.73
N ASP B 18 13.23 -10.39 10.22
CA ASP B 18 14.44 -11.19 10.22
C ASP B 18 15.36 -10.71 9.13
N LYS B 19 14.77 -10.28 8.02
CA LYS B 19 15.55 -9.77 6.91
C LYS B 19 16.24 -8.47 7.31
N LEU B 20 15.42 -7.45 7.58
CA LEU B 20 15.92 -6.16 8.01
C LEU B 20 16.71 -6.28 9.31
N ASN B 21 17.08 -7.51 9.66
CA ASN B 21 17.82 -7.77 10.90
C ASN B 21 18.53 -9.13 10.85
N LYS B 22 19.84 -9.09 10.64
CA LYS B 22 20.62 -10.34 10.58
C LYS B 22 22.09 -10.09 10.95
N GLY B 23 22.31 -9.45 12.09
CA GLY B 23 23.68 -9.18 12.52
C GLY B 23 23.91 -7.71 12.81
N LYS B 24 23.61 -7.29 14.02
CA LYS B 24 23.82 -5.91 14.36
C LYS B 24 24.21 -5.75 15.82
N GLY B 25 24.33 -4.49 16.20
CA GLY B 25 24.67 -4.16 17.56
C GLY B 25 23.54 -4.60 18.47
N LYS B 26 23.03 -3.68 19.29
CA LYS B 26 21.95 -4.01 20.20
C LYS B 26 20.60 -3.64 19.59
N LEU B 27 19.86 -4.61 19.04
CA LEU B 27 18.59 -4.32 18.45
C LEU B 27 17.67 -5.56 18.46
N SER B 28 16.40 -5.36 18.82
CA SER B 28 15.43 -6.47 18.85
C SER B 28 14.07 -6.01 18.30
N LEU B 29 13.68 -6.54 17.14
CA LEU B 29 12.42 -6.16 16.50
C LEU B 29 11.22 -6.89 17.08
N SER B 30 10.05 -6.34 16.76
CA SER B 30 8.78 -6.92 17.16
C SER B 30 7.88 -6.92 15.92
N MET B 31 6.84 -7.75 15.92
CA MET B 31 5.96 -7.81 14.75
C MET B 31 4.51 -7.47 15.06
N ASN B 32 4.11 -6.28 14.61
CA ASN B 32 2.74 -5.81 14.76
C ASN B 32 2.22 -5.41 13.39
N GLY B 33 1.37 -6.25 12.78
CA GLY B 33 0.87 -5.95 11.45
C GLY B 33 2.04 -6.00 10.48
N ASN B 34 2.18 -4.97 9.66
CA ASN B 34 3.30 -4.92 8.74
C ASN B 34 4.24 -3.83 9.23
N GLN B 35 4.08 -3.50 10.51
CA GLN B 35 4.87 -2.47 11.15
C GLN B 35 6.10 -3.05 11.82
N LEU B 36 7.05 -2.18 12.12
CA LEU B 36 8.27 -2.60 12.78
C LEU B 36 8.34 -1.92 14.14
N LYS B 37 8.88 -2.62 15.12
CA LYS B 37 9.02 -2.05 16.44
C LYS B 37 10.12 -2.78 17.14
N ALA B 38 11.10 -2.03 17.49
CA ALA B 38 12.26 -2.58 18.11
C ALA B 38 12.88 -1.60 19.07
N THR B 39 13.87 -2.08 19.76
CA THR B 39 14.63 -1.27 20.67
C THR B 39 16.07 -1.51 20.34
N SER B 40 16.90 -0.49 20.39
CA SER B 40 18.27 -0.73 20.00
C SER B 40 19.23 0.38 20.42
N SER B 41 20.53 0.03 20.36
CA SER B 41 21.57 0.98 20.66
C SER B 41 22.58 0.98 19.51
N ASN B 42 23.01 2.18 19.13
CA ASN B 42 23.96 2.33 18.04
C ASN B 42 25.35 2.47 18.61
N ALA B 43 25.61 1.67 19.63
CA ALA B 43 26.87 1.67 20.33
C ALA B 43 27.99 1.11 19.51
N GLY B 44 27.79 -0.10 19.05
CA GLY B 44 28.80 -0.78 18.27
C GLY B 44 28.39 -0.91 16.82
N TYR B 45 27.08 -1.03 16.55
CA TYR B 45 26.70 -1.15 15.15
C TYR B 45 25.23 -1.39 14.87
N GLY B 46 25.02 -1.64 13.57
CA GLY B 46 23.73 -1.95 12.99
C GLY B 46 23.94 -2.28 11.52
N ILE B 47 24.86 -3.22 11.29
CA ILE B 47 25.26 -3.62 9.96
C ILE B 47 24.52 -4.84 9.43
N SER B 48 24.93 -5.98 9.95
CA SER B 48 24.40 -7.27 9.51
C SER B 48 24.61 -7.39 8.02
N TYR B 49 23.79 -6.62 7.33
CA TYR B 49 23.79 -6.57 5.88
C TYR B 49 24.82 -5.55 5.40
N GLU B 50 25.63 -5.93 4.41
CA GLU B 50 26.67 -5.05 3.87
C GLU B 50 26.13 -3.67 3.53
N ASP B 51 26.53 -3.15 2.38
CA ASP B 51 26.09 -1.83 1.93
C ASP B 51 25.04 -1.95 0.83
N LYS B 52 23.77 -1.91 1.23
CA LYS B 52 22.67 -2.02 0.28
C LYS B 52 21.56 -1.03 0.64
N ASN B 53 20.57 -0.92 -0.24
CA ASN B 53 19.46 0.01 -0.03
C ASN B 53 18.18 -0.70 0.42
N TRP B 54 17.32 0.06 1.11
CA TRP B 54 16.05 -0.44 1.59
C TRP B 54 15.00 0.64 1.41
N GLY B 55 13.75 0.22 1.35
CA GLY B 55 12.66 1.17 1.20
C GLY B 55 11.37 0.58 1.69
N ILE B 56 10.65 1.37 2.46
CA ILE B 56 9.41 0.95 3.01
C ILE B 56 8.28 1.85 2.47
N PHE B 57 7.12 1.26 2.13
CA PHE B 57 6.01 2.06 1.58
C PHE B 57 4.67 1.70 2.17
N VAL B 58 3.89 2.76 2.45
CA VAL B 58 2.58 2.60 3.01
C VAL B 58 1.57 3.40 2.21
N ASN B 59 0.30 3.07 2.35
CA ASN B 59 -0.73 3.79 1.62
C ASN B 59 -0.40 3.87 0.14
N GLY B 60 0.62 3.17 -0.32
CA GLY B 60 0.96 3.26 -1.73
C GLY B 60 2.16 4.16 -1.93
N GLU B 61 2.78 4.53 -0.82
CA GLU B 61 3.90 5.44 -0.86
C GLU B 61 4.96 5.10 0.15
N LYS B 62 6.17 5.58 -0.08
CA LYS B 62 7.22 5.38 0.89
C LYS B 62 6.65 5.66 2.27
N VAL B 63 7.39 5.28 3.29
CA VAL B 63 6.98 5.49 4.65
C VAL B 63 8.22 5.63 5.52
N TYR B 64 9.35 5.35 4.88
CA TYR B 64 10.63 5.39 5.55
C TYR B 64 11.71 4.94 4.55
N THR B 65 12.98 5.22 4.83
CA THR B 65 14.04 4.82 3.90
C THR B 65 15.40 4.78 4.60
N PHE B 66 16.11 3.67 4.42
CA PHE B 66 17.42 3.51 4.99
C PHE B 66 18.22 2.50 4.20
N ASN B 67 19.50 2.48 4.49
CA ASN B 67 20.42 1.57 3.86
C ASN B 67 20.89 0.55 4.89
N GLU B 68 21.76 -0.34 4.47
CA GLU B 68 22.25 -1.38 5.36
C GLU B 68 23.38 -0.90 6.28
N LYS B 69 24.04 0.19 5.92
CA LYS B 69 25.14 0.71 6.74
C LYS B 69 24.67 1.83 7.66
N SER B 70 23.78 2.68 7.15
CA SER B 70 23.27 3.80 7.94
C SER B 70 22.95 3.35 9.35
N THR B 71 23.01 2.05 9.59
CA THR B 71 22.72 1.53 10.90
C THR B 71 21.26 1.81 11.23
N VAL B 72 20.33 1.19 10.49
CA VAL B 72 18.93 1.42 10.74
C VAL B 72 18.72 1.68 12.22
N GLY B 73 19.40 0.90 13.01
CA GLY B 73 19.29 0.99 14.45
C GLY B 73 19.00 2.42 14.87
N ASN B 74 19.90 3.32 14.54
CA ASN B 74 19.73 4.73 14.86
C ASN B 74 18.53 5.26 14.07
N ILE B 75 18.35 4.72 12.88
CA ILE B 75 17.25 5.13 12.04
C ILE B 75 15.93 4.55 12.57
N SER B 76 15.74 3.25 12.33
CA SER B 76 14.54 2.55 12.76
C SER B 76 14.10 3.11 14.10
N ASN B 77 15.04 3.74 14.76
CA ASN B 77 14.79 4.37 16.04
C ASN B 77 13.67 5.38 15.87
N ASP B 78 13.97 6.45 15.15
CA ASP B 78 12.97 7.48 14.89
C ASP B 78 11.71 6.82 14.32
N ILE B 79 11.91 6.04 13.28
CA ILE B 79 10.84 5.31 12.64
C ILE B 79 9.93 4.66 13.67
N ASN B 80 10.47 3.62 14.28
CA ASN B 80 9.73 2.87 15.28
C ASN B 80 8.97 3.79 16.23
N LYS B 81 9.33 5.08 16.23
CA LYS B 81 8.68 6.03 17.12
C LYS B 81 7.42 6.63 16.46
N LEU B 82 7.39 6.71 15.13
CA LEU B 82 6.20 7.26 14.48
C LEU B 82 5.16 6.16 14.31
N ASN B 83 5.41 5.05 15.00
CA ASN B 83 4.52 3.91 14.97
C ASN B 83 3.93 3.70 13.58
N ILE B 84 4.75 3.18 12.67
CA ILE B 84 4.31 2.91 11.32
C ILE B 84 2.97 2.16 11.34
N LYS B 85 2.51 1.78 10.16
CA LYS B 85 1.25 1.05 10.02
C LYS B 85 1.41 -0.09 9.02
N GLY B 86 0.37 -0.92 8.87
CA GLY B 86 0.46 -2.04 7.94
C GLY B 86 -0.68 -2.02 6.93
N MET B 87 -1.82 -2.56 7.32
CA MET B 87 -2.98 -2.64 6.49
C MET B 87 -3.41 -1.29 5.97
N TYR B 88 -2.58 -0.64 5.17
CA TYR B 88 -2.97 0.65 4.62
C TYR B 88 -2.38 0.86 3.25
N ILE B 89 -3.27 0.88 2.29
CA ILE B 89 -2.91 1.09 0.92
C ILE B 89 -3.81 2.20 0.41
N GLU B 90 -3.55 2.79 -0.76
CA GLU B 90 -4.47 3.87 -1.14
C GLU B 90 -4.47 4.21 -2.62
N ILE B 91 -5.23 5.26 -2.87
CA ILE B 91 -5.46 5.82 -4.19
C ILE B 91 -5.54 7.35 -4.07
N LYS B 92 -5.23 8.07 -5.14
CA LYS B 92 -5.33 9.52 -5.09
C LYS B 92 -6.39 10.02 -6.03
N GLN B 93 -7.15 11.00 -5.56
CA GLN B 93 -8.22 11.57 -6.34
C GLN B 93 -7.89 13.00 -6.77
N ILE B 94 -7.55 13.16 -8.04
CA ILE B 94 -7.26 14.48 -8.58
C ILE B 94 -6.87 15.46 -7.47
N ASP A 1 -23.71 -10.10 -2.27
CA ASP A 1 -24.89 -10.23 -1.38
C ASP A 1 -24.43 -10.32 0.07
N ASN A 2 -23.91 -11.49 0.46
CA ASN A 2 -23.45 -11.70 1.82
C ASN A 2 -22.60 -10.51 2.27
N GLN A 3 -23.09 -9.80 3.28
CA GLN A 3 -22.39 -8.64 3.81
C GLN A 3 -21.03 -9.03 4.38
N LYS A 4 -20.71 -10.31 4.32
CA LYS A 4 -19.46 -10.81 4.83
C LYS A 4 -18.29 -10.38 3.94
N ALA A 5 -18.62 -10.02 2.70
CA ALA A 5 -17.60 -9.60 1.75
C ALA A 5 -17.11 -8.19 2.07
N LEU A 6 -17.76 -7.54 3.04
CA LEU A 6 -17.39 -6.19 3.43
C LEU A 6 -15.97 -6.15 3.99
N GLU A 7 -15.63 -7.13 4.81
CA GLU A 7 -14.31 -7.18 5.42
C GLU A 7 -13.21 -6.98 4.38
N GLU A 8 -13.32 -7.70 3.27
CA GLU A 8 -12.34 -7.60 2.21
C GLU A 8 -12.58 -6.34 1.40
N GLN A 9 -13.56 -5.56 1.84
CA GLN A 9 -13.91 -4.32 1.17
C GLN A 9 -13.68 -3.13 2.11
N MET A 10 -12.61 -2.38 1.86
CA MET A 10 -12.30 -1.23 2.69
C MET A 10 -12.83 0.06 2.07
N ASN A 11 -13.75 0.70 2.80
CA ASN A 11 -14.39 1.95 2.37
C ASN A 11 -13.51 2.81 1.47
N SER A 12 -12.21 2.56 1.50
CA SER A 12 -11.28 3.33 0.69
C SER A 12 -11.63 3.23 -0.79
N ILE A 13 -12.34 2.16 -1.17
CA ILE A 13 -12.70 2.01 -2.55
C ILE A 13 -13.86 2.92 -2.92
N ASN A 14 -14.61 3.36 -1.92
CA ASN A 14 -15.76 4.21 -2.14
C ASN A 14 -15.33 5.61 -2.60
N SER A 15 -14.69 6.34 -1.70
CA SER A 15 -14.25 7.69 -2.02
C SER A 15 -13.58 7.70 -3.39
N VAL A 16 -12.67 6.76 -3.60
CA VAL A 16 -12.00 6.64 -4.87
C VAL A 16 -13.01 6.30 -5.95
N ASN A 17 -13.68 5.17 -5.76
CA ASN A 17 -14.70 4.72 -6.70
C ASN A 17 -15.46 5.90 -7.28
N ASP A 18 -15.82 6.85 -6.40
CA ASP A 18 -16.55 8.03 -6.86
C ASP A 18 -15.58 8.98 -7.54
N LYS A 19 -14.41 9.10 -6.92
CA LYS A 19 -13.36 9.95 -7.43
C LYS A 19 -13.07 9.64 -8.91
N LEU A 20 -12.58 8.43 -9.17
CA LEU A 20 -12.27 7.98 -10.51
C LEU A 20 -13.50 8.00 -11.42
N ASN A 21 -14.56 8.69 -11.01
CA ASN A 21 -15.78 8.72 -11.82
C ASN A 21 -16.24 10.15 -12.15
N LYS A 22 -15.58 11.15 -11.61
CA LYS A 22 -15.96 12.54 -11.88
C LYS A 22 -15.46 12.96 -13.25
N GLY A 23 -15.39 12.01 -14.17
CA GLY A 23 -14.91 12.29 -15.52
C GLY A 23 -16.03 12.45 -16.54
N LYS A 24 -17.05 13.22 -16.19
CA LYS A 24 -18.16 13.44 -17.11
C LYS A 24 -18.70 12.12 -17.63
N GLY A 25 -17.99 11.53 -18.60
CA GLY A 25 -18.41 10.27 -19.20
C GLY A 25 -19.28 9.49 -18.22
N LYS A 26 -20.26 8.74 -18.74
CA LYS A 26 -21.15 8.00 -17.88
C LYS A 26 -20.64 6.59 -17.62
N LEU A 27 -20.33 6.35 -16.35
CA LEU A 27 -19.79 5.09 -15.92
C LEU A 27 -20.14 4.83 -14.45
N SER A 28 -20.82 3.71 -14.18
CA SER A 28 -21.20 3.37 -12.80
C SER A 28 -20.42 2.15 -12.33
N LEU A 29 -19.60 2.33 -11.29
CA LEU A 29 -18.78 1.26 -10.75
C LEU A 29 -19.47 0.53 -9.60
N SER A 30 -18.93 -0.64 -9.29
CA SER A 30 -19.40 -1.46 -8.19
C SER A 30 -18.17 -1.91 -7.40
N MET A 31 -18.32 -2.14 -6.10
CA MET A 31 -17.17 -2.53 -5.30
C MET A 31 -17.33 -3.91 -4.67
N ASN A 32 -16.48 -4.83 -5.11
CA ASN A 32 -16.46 -6.18 -4.57
C ASN A 32 -15.06 -6.49 -4.05
N GLY A 33 -14.88 -6.38 -2.73
CA GLY A 33 -13.55 -6.62 -2.14
C GLY A 33 -12.51 -5.79 -2.85
N ASN A 34 -11.89 -6.37 -3.87
CA ASN A 34 -10.87 -5.68 -4.61
C ASN A 34 -11.19 -5.62 -6.10
N GLN A 35 -12.26 -6.28 -6.49
CA GLN A 35 -12.64 -6.28 -7.90
C GLN A 35 -13.54 -5.11 -8.23
N LEU A 36 -13.33 -4.57 -9.41
CA LEU A 36 -14.12 -3.47 -9.89
C LEU A 36 -15.11 -4.01 -10.90
N LYS A 37 -16.24 -3.37 -11.01
CA LYS A 37 -17.26 -3.78 -11.96
C LYS A 37 -18.13 -2.59 -12.23
N ALA A 38 -18.19 -2.26 -13.48
CA ALA A 38 -18.91 -1.09 -13.87
C ALA A 38 -19.53 -1.22 -15.25
N THR A 39 -20.30 -0.19 -15.59
CA THR A 39 -20.94 -0.09 -16.88
C THR A 39 -20.79 1.34 -17.35
N SER A 40 -20.67 1.55 -18.66
CA SER A 40 -20.49 2.91 -19.14
C SER A 40 -21.05 3.12 -20.55
N SER A 41 -21.17 4.38 -20.90
CA SER A 41 -21.63 4.77 -22.23
C SER A 41 -21.00 6.12 -22.58
N ASN A 42 -21.10 6.53 -23.83
CA ASN A 42 -20.45 7.78 -24.21
C ASN A 42 -19.04 7.75 -23.63
N ALA A 43 -18.65 6.52 -23.29
CA ALA A 43 -17.37 6.19 -22.69
C ALA A 43 -16.20 6.98 -23.25
N GLY A 44 -16.46 7.87 -24.17
CA GLY A 44 -15.37 8.68 -24.74
C GLY A 44 -14.68 9.45 -23.64
N TYR A 45 -15.05 9.14 -22.40
CA TYR A 45 -14.49 9.79 -21.23
C TYR A 45 -15.07 9.15 -19.99
N GLY A 46 -14.64 9.59 -18.83
CA GLY A 46 -15.18 9.05 -17.60
C GLY A 46 -14.14 8.88 -16.52
N ILE A 47 -13.18 9.77 -16.52
CA ILE A 47 -12.13 9.75 -15.53
C ILE A 47 -12.37 10.77 -14.46
N SER A 48 -12.11 11.98 -14.90
CA SER A 48 -12.20 13.17 -14.07
C SER A 48 -12.29 14.40 -14.94
N TYR A 49 -11.18 14.68 -15.61
CA TYR A 49 -11.13 15.86 -16.46
C TYR A 49 -9.94 15.83 -17.45
N GLU A 50 -9.94 16.81 -18.35
CA GLU A 50 -8.90 16.95 -19.37
C GLU A 50 -7.98 15.73 -19.43
N ASP A 51 -6.67 16.00 -19.47
CA ASP A 51 -5.68 14.93 -19.55
C ASP A 51 -4.77 14.94 -18.32
N LYS A 52 -5.06 14.04 -17.38
CA LYS A 52 -4.27 13.95 -16.16
C LYS A 52 -3.94 12.49 -15.87
N ASN A 53 -3.05 12.26 -14.92
CA ASN A 53 -2.64 10.89 -14.62
C ASN A 53 -3.28 10.36 -13.34
N TRP A 54 -3.25 9.05 -13.22
CA TRP A 54 -3.80 8.37 -12.07
C TRP A 54 -2.86 7.25 -11.67
N GLY A 55 -2.72 7.07 -10.37
CA GLY A 55 -1.87 6.03 -9.84
C GLY A 55 -2.58 5.22 -8.78
N ILE A 56 -2.77 3.95 -9.08
CA ILE A 56 -3.43 3.06 -8.18
C ILE A 56 -2.39 2.13 -7.55
N PHE A 57 -2.46 1.88 -6.24
CA PHE A 57 -1.45 1.02 -5.60
C PHE A 57 -2.01 -0.06 -4.71
N VAL A 58 -1.52 -1.27 -5.00
CA VAL A 58 -1.90 -2.44 -4.24
C VAL A 58 -0.66 -2.94 -3.53
N ASN A 59 -0.79 -3.66 -2.43
CA ASN A 59 0.41 -4.09 -1.76
C ASN A 59 1.38 -2.89 -1.71
N GLY A 60 0.78 -1.69 -1.70
CA GLY A 60 1.55 -0.45 -1.65
C GLY A 60 2.45 -0.31 -2.85
N GLU A 61 1.97 -0.83 -3.95
CA GLU A 61 2.69 -0.79 -5.20
C GLU A 61 1.72 -0.53 -6.32
N LYS A 62 2.19 0.12 -7.36
CA LYS A 62 1.32 0.35 -8.48
C LYS A 62 0.50 -0.92 -8.71
N VAL A 63 -0.54 -0.80 -9.49
CA VAL A 63 -1.40 -1.93 -9.76
C VAL A 63 -2.18 -1.65 -11.03
N TYR A 64 -2.05 -0.41 -11.50
CA TYR A 64 -2.77 0.03 -12.68
C TYR A 64 -2.41 1.50 -12.95
N THR A 65 -2.68 1.98 -14.16
CA THR A 65 -2.35 3.37 -14.50
C THR A 65 -3.13 3.83 -15.74
N PHE A 66 -3.83 4.95 -15.60
CA PHE A 66 -4.60 5.50 -16.70
C PHE A 66 -4.69 7.01 -16.66
N ASN A 67 -4.55 7.55 -17.85
CA ASN A 67 -4.59 8.99 -18.09
C ASN A 67 -6.02 9.41 -18.44
N GLU A 68 -6.47 10.51 -17.86
CA GLU A 68 -7.82 11.02 -18.08
C GLU A 68 -8.17 11.12 -19.56
N LYS A 69 -7.20 10.90 -20.40
CA LYS A 69 -7.42 10.97 -21.84
C LYS A 69 -7.75 9.59 -22.42
N SER A 70 -7.65 8.56 -21.59
CA SER A 70 -7.87 7.19 -22.03
C SER A 70 -9.28 6.66 -21.72
N THR A 71 -10.09 7.40 -20.97
CA THR A 71 -11.42 6.92 -20.61
C THR A 71 -11.29 5.52 -20.02
N VAL A 72 -10.88 5.49 -18.77
CA VAL A 72 -10.68 4.24 -18.06
C VAL A 72 -11.69 3.18 -18.47
N GLY A 73 -12.92 3.63 -18.70
CA GLY A 73 -13.99 2.73 -19.04
C GLY A 73 -13.46 1.59 -19.87
N ASN A 74 -12.71 1.97 -20.88
CA ASN A 74 -12.09 1.05 -21.78
C ASN A 74 -10.97 0.30 -21.07
N ILE A 75 -10.26 1.06 -20.27
CA ILE A 75 -9.15 0.52 -19.51
C ILE A 75 -9.64 -0.38 -18.38
N SER A 76 -10.23 0.25 -17.36
CA SER A 76 -10.75 -0.48 -16.21
C SER A 76 -11.22 -1.82 -16.69
N ASN A 77 -11.68 -1.82 -17.93
CA ASN A 77 -12.14 -3.02 -18.58
C ASN A 77 -11.08 -4.10 -18.43
N ASP A 78 -9.92 -3.86 -19.02
CA ASP A 78 -8.82 -4.82 -18.91
C ASP A 78 -8.53 -5.05 -17.44
N ILE A 79 -8.14 -3.98 -16.77
CA ILE A 79 -7.87 -4.02 -15.35
C ILE A 79 -8.75 -5.00 -14.63
N ASN A 80 -10.01 -4.65 -14.56
CA ASN A 80 -11.02 -5.46 -13.88
C ASN A 80 -10.78 -6.97 -14.05
N LYS A 81 -9.90 -7.35 -14.96
CA LYS A 81 -9.67 -8.78 -15.21
C LYS A 81 -8.44 -9.32 -14.45
N LEU A 82 -7.59 -8.45 -13.88
CA LEU A 82 -6.44 -8.98 -13.14
C LEU A 82 -6.78 -9.14 -11.66
N ASN A 83 -8.08 -9.20 -11.39
CA ASN A 83 -8.59 -9.39 -10.05
C ASN A 83 -7.69 -8.76 -8.98
N ILE A 84 -7.69 -7.44 -8.94
CA ILE A 84 -6.90 -6.71 -7.96
C ILE A 84 -7.01 -7.31 -6.57
N LYS A 85 -6.34 -6.66 -5.63
CA LYS A 85 -6.40 -7.09 -4.25
C LYS A 85 -7.03 -6.03 -3.40
N GLY A 86 -7.39 -6.41 -2.20
CA GLY A 86 -8.10 -5.49 -1.31
C GLY A 86 -7.38 -5.23 0.01
N MET A 87 -6.83 -6.27 0.64
CA MET A 87 -6.21 -6.11 1.92
C MET A 87 -4.72 -6.47 1.93
N TYR A 88 -3.88 -5.71 1.23
CA TYR A 88 -2.44 -6.01 1.26
C TYR A 88 -1.59 -4.78 1.10
N ILE A 89 -0.65 -4.65 2.03
CA ILE A 89 0.30 -3.55 2.04
C ILE A 89 1.66 -4.12 2.38
N GLU A 90 2.74 -3.34 2.31
CA GLU A 90 4.05 -3.93 2.63
C GLU A 90 5.12 -2.89 2.86
N ILE A 91 6.34 -3.42 2.98
CA ILE A 91 7.52 -2.63 3.19
C ILE A 91 8.60 -3.10 2.21
N LYS A 92 9.20 -2.16 1.47
CA LYS A 92 10.21 -2.54 0.48
C LYS A 92 11.62 -2.32 0.99
N GLN A 93 12.53 -3.12 0.45
CA GLN A 93 13.95 -3.05 0.79
C GLN A 93 14.77 -2.61 -0.41
N ILE A 94 15.67 -1.64 -0.20
CA ILE A 94 16.55 -1.17 -1.25
C ILE A 94 16.09 -1.62 -2.63
N ASP B 1 0.71 -11.23 23.29
CA ASP B 1 0.32 -12.55 23.84
C ASP B 1 -0.85 -13.11 23.03
N ASN B 2 -2.04 -12.58 23.28
CA ASN B 2 -3.23 -13.04 22.56
C ASN B 2 -2.94 -13.17 21.08
N GLN B 3 -3.01 -14.41 20.57
CA GLN B 3 -2.74 -14.67 19.16
C GLN B 3 -3.76 -13.95 18.27
N LYS B 4 -4.68 -13.23 18.89
CA LYS B 4 -5.70 -12.51 18.16
C LYS B 4 -5.09 -11.31 17.44
N ALA B 5 -3.92 -10.87 17.91
CA ALA B 5 -3.25 -9.73 17.32
C ALA B 5 -2.62 -10.11 15.98
N LEU B 6 -2.67 -11.40 15.63
CA LEU B 6 -2.09 -11.87 14.38
C LEU B 6 -2.81 -11.28 13.18
N GLU B 7 -4.13 -11.20 13.26
CA GLU B 7 -4.92 -10.65 12.16
C GLU B 7 -4.36 -9.31 11.69
N GLU B 8 -4.08 -8.43 12.64
CA GLU B 8 -3.55 -7.12 12.31
C GLU B 8 -2.06 -7.24 11.99
N GLN B 9 -1.58 -8.48 11.99
CA GLN B 9 -0.17 -8.74 11.70
C GLN B 9 -0.05 -9.61 10.45
N MET B 10 0.35 -8.99 9.34
CA MET B 10 0.51 -9.71 8.09
C MET B 10 1.94 -10.16 7.88
N ASN B 11 2.13 -11.48 7.82
CA ASN B 11 3.44 -12.10 7.63
C ASN B 11 4.42 -11.23 6.83
N SER B 12 3.90 -10.26 6.10
CA SER B 12 4.74 -9.40 5.29
C SER B 12 5.75 -8.67 6.16
N ILE B 13 5.47 -8.54 7.45
CA ILE B 13 6.39 -7.86 8.32
C ILE B 13 7.57 -8.76 8.68
N ASN B 14 7.38 -10.06 8.53
CA ASN B 14 8.42 -11.03 8.85
C ASN B 14 9.58 -10.94 7.86
N SER B 15 9.31 -11.33 6.62
CA SER B 15 10.34 -11.31 5.60
C SER B 15 11.11 -10.00 5.66
N VAL B 16 10.35 -8.90 5.72
CA VAL B 16 10.97 -7.60 5.81
C VAL B 16 11.73 -7.50 7.12
N ASN B 17 11.00 -7.65 8.21
CA ASN B 17 11.58 -7.61 9.55
C ASN B 17 12.98 -8.20 9.55
N ASP B 18 13.15 -9.33 8.86
CA ASP B 18 14.45 -9.97 8.78
C ASP B 18 15.30 -9.23 7.78
N LYS B 19 14.68 -8.86 6.68
CA LYS B 19 15.33 -8.11 5.63
C LYS B 19 16.05 -6.88 6.19
N LEU B 20 15.26 -5.95 6.71
CA LEU B 20 15.79 -4.71 7.30
C LEU B 20 16.73 -5.01 8.46
N ASN B 21 17.20 -6.24 8.59
CA ASN B 21 18.09 -6.58 9.70
C ASN B 21 19.41 -7.21 9.25
N LYS B 22 19.56 -7.45 7.96
CA LYS B 22 20.80 -8.04 7.46
C LYS B 22 21.90 -6.99 7.37
N GLY B 23 21.85 -6.02 8.27
CA GLY B 23 22.83 -4.95 8.27
C GLY B 23 23.91 -5.13 9.33
N LYS B 24 24.48 -6.33 9.40
CA LYS B 24 25.54 -6.60 10.36
C LYS B 24 25.14 -6.17 11.76
N GLY B 25 25.20 -4.85 12.02
CA GLY B 25 24.83 -4.31 13.33
C GLY B 25 23.86 -5.24 14.03
N LYS B 26 23.95 -5.31 15.36
CA LYS B 26 23.08 -6.20 16.11
C LYS B 26 21.81 -5.51 16.55
N LEU B 27 20.72 -6.00 16.01
CA LEU B 27 19.41 -5.45 16.27
C LEU B 27 18.32 -6.51 16.11
N SER B 28 17.55 -6.76 17.18
CA SER B 28 16.47 -7.75 17.13
C SER B 28 15.11 -7.07 17.18
N LEU B 29 14.32 -7.22 16.12
CA LEU B 29 13.00 -6.62 16.03
C LEU B 29 11.89 -7.55 16.52
N SER B 30 10.75 -6.94 16.78
CA SER B 30 9.55 -7.67 17.18
C SER B 30 8.39 -7.15 16.34
N MET B 31 7.39 -7.99 16.09
CA MET B 31 6.28 -7.57 15.25
C MET B 31 4.95 -7.58 15.99
N ASN B 32 4.40 -6.38 16.15
CA ASN B 32 3.10 -6.21 16.80
C ASN B 32 2.17 -5.47 15.84
N GLY B 33 1.30 -6.20 15.14
CA GLY B 33 0.39 -5.59 14.17
C GLY B 33 1.19 -4.72 13.20
N ASN B 34 1.31 -3.44 13.54
CA ASN B 34 2.03 -2.52 12.69
C ASN B 34 3.16 -1.83 13.44
N GLN B 35 3.25 -2.09 14.74
CA GLN B 35 4.30 -1.46 15.53
C GLN B 35 5.56 -2.29 15.53
N LEU B 36 6.67 -1.60 15.49
CA LEU B 36 7.96 -2.24 15.52
C LEU B 36 8.54 -2.08 16.90
N LYS B 37 9.34 -3.04 17.32
CA LYS B 37 9.97 -2.99 18.62
C LYS B 37 11.19 -3.84 18.57
N ALA B 38 12.28 -3.22 18.88
CA ALA B 38 13.53 -3.89 18.78
C ALA B 38 14.55 -3.40 19.80
N THR B 39 15.67 -4.09 19.81
CA THR B 39 16.78 -3.76 20.68
C THR B 39 18.05 -3.88 19.86
N SER B 40 19.05 -3.05 20.13
CA SER B 40 20.27 -3.11 19.34
C SER B 40 21.51 -2.68 20.13
N SER B 41 22.66 -3.00 19.54
CA SER B 41 23.94 -2.64 20.11
C SER B 41 24.94 -2.47 18.97
N ASN B 42 26.10 -1.89 19.25
CA ASN B 42 27.06 -1.66 18.17
C ASN B 42 26.27 -1.05 17.03
N ALA B 43 25.10 -0.54 17.41
CA ALA B 43 24.13 0.08 16.51
C ALA B 43 24.75 0.96 15.43
N GLY B 44 26.05 1.03 15.39
CA GLY B 44 26.72 1.84 14.37
C GLY B 44 26.32 1.35 12.99
N TYR B 45 25.37 0.42 12.97
CA TYR B 45 24.88 -0.15 11.74
C TYR B 45 23.75 -1.11 12.07
N GLY B 46 23.16 -1.70 11.05
CA GLY B 46 22.08 -2.65 11.29
C GLY B 46 20.96 -2.55 10.28
N ILE B 47 21.32 -2.22 9.07
CA ILE B 47 20.38 -2.10 8.01
C ILE B 47 20.41 -3.32 7.11
N SER B 48 21.46 -3.30 6.34
CA SER B 48 21.75 -4.31 5.34
C SER B 48 23.21 -4.27 4.96
N TYR B 49 23.58 -3.19 4.27
CA TYR B 49 24.95 -3.04 3.82
C TYR B 49 25.29 -1.60 3.41
N GLU B 50 26.58 -1.39 3.13
CA GLU B 50 27.10 -0.07 2.73
C GLU B 50 26.07 1.03 2.90
N ASP B 51 25.93 1.87 1.86
CA ASP B 51 25.00 2.98 1.90
C ASP B 51 23.94 2.83 0.81
N LYS B 52 22.76 2.36 1.20
CA LYS B 52 21.66 2.18 0.26
C LYS B 52 20.37 2.75 0.85
N ASN B 53 19.34 2.86 0.03
CA ASN B 53 18.09 3.44 0.50
C ASN B 53 17.03 2.39 0.77
N TRP B 54 16.03 2.81 1.53
CA TRP B 54 14.92 1.95 1.90
C TRP B 54 13.64 2.75 1.81
N GLY B 55 12.61 2.10 1.33
CA GLY B 55 11.31 2.72 1.21
C GLY B 55 10.22 1.86 1.81
N ILE B 56 9.60 2.37 2.85
CA ILE B 56 8.54 1.68 3.52
C ILE B 56 7.20 2.34 3.14
N PHE B 57 6.16 1.55 2.85
CA PHE B 57 4.87 2.16 2.47
C PHE B 57 3.68 1.61 3.20
N VAL B 58 2.91 2.56 3.73
CA VAL B 58 1.69 2.25 4.43
C VAL B 58 0.55 2.83 3.63
N ASN B 59 -0.66 2.32 3.76
CA ASN B 59 -1.72 2.87 2.97
C ASN B 59 -1.19 3.07 1.54
N GLY B 60 -0.20 2.22 1.17
CA GLY B 60 0.41 2.27 -0.14
C GLY B 60 1.09 3.60 -0.39
N GLU B 61 1.60 4.14 0.68
CA GLU B 61 2.28 5.41 0.65
C GLU B 61 3.47 5.35 1.56
N LYS B 62 4.52 6.09 1.24
CA LYS B 62 5.65 6.12 2.11
C LYS B 62 5.15 6.16 3.54
N VAL B 63 6.01 5.88 4.47
CA VAL B 63 5.65 5.87 5.88
C VAL B 63 6.90 6.04 6.70
N TYR B 64 8.05 5.97 6.01
CA TYR B 64 9.33 6.05 6.68
C TYR B 64 10.44 5.95 5.62
N THR B 65 11.66 6.34 5.95
CA THR B 65 12.76 6.28 4.99
C THR B 65 14.11 6.37 5.69
N PHE B 66 14.97 5.39 5.41
CA PHE B 66 16.30 5.36 6.00
C PHE B 66 17.34 4.72 5.11
N ASN B 67 18.49 5.37 5.11
CA ASN B 67 19.63 4.97 4.34
C ASN B 67 20.53 4.05 5.17
N GLU B 68 21.01 2.97 4.56
CA GLU B 68 21.86 2.00 5.24
C GLU B 68 23.03 2.65 5.98
N LYS B 69 23.19 3.94 5.78
CA LYS B 69 24.28 4.66 6.44
C LYS B 69 23.80 5.30 7.74
N SER B 70 22.51 5.22 8.00
CA SER B 70 21.93 5.84 9.19
C SER B 70 21.71 4.87 10.35
N THR B 71 21.93 3.57 10.15
CA THR B 71 21.69 2.60 11.23
C THR B 71 20.29 2.83 11.80
N VAL B 72 19.32 2.33 11.05
CA VAL B 72 17.93 2.48 11.44
C VAL B 72 17.74 2.43 12.95
N GLY B 73 18.52 1.56 13.58
CA GLY B 73 18.40 1.36 15.00
C GLY B 73 18.05 2.66 15.68
N ASN B 74 18.80 3.68 15.32
CA ASN B 74 18.62 5.00 15.82
C ASN B 74 17.34 5.59 15.26
N ILE B 75 17.11 5.31 13.99
CA ILE B 75 15.95 5.79 13.29
C ILE B 75 14.69 5.06 13.76
N SER B 76 14.59 3.79 13.37
CA SER B 76 13.44 2.98 13.75
C SER B 76 12.97 3.44 15.10
N ASN B 77 13.92 3.90 15.87
CA ASN B 77 13.66 4.42 17.19
C ASN B 77 12.55 5.45 17.10
N ASP B 78 12.81 6.53 16.38
CA ASP B 78 11.78 7.57 16.20
C ASP B 78 10.55 6.93 15.59
N ILE B 79 10.73 6.38 14.40
CA ILE B 79 9.68 5.70 13.69
C ILE B 79 8.73 4.99 14.64
N ASN B 80 9.26 3.95 15.24
CA ASN B 80 8.50 3.12 16.18
C ASN B 80 7.52 3.93 17.02
N LYS B 81 7.65 5.26 17.03
CA LYS B 81 6.77 6.10 17.85
C LYS B 81 5.56 6.65 17.07
N LEU B 82 5.55 6.57 15.74
CA LEU B 82 4.39 7.08 15.01
C LEU B 82 3.37 5.98 14.78
N ASN B 83 3.48 4.93 15.59
CA ASN B 83 2.57 3.81 15.55
C ASN B 83 2.04 3.53 14.14
N ILE B 84 2.92 3.02 13.30
CA ILE B 84 2.57 2.69 11.92
C ILE B 84 1.24 1.96 11.85
N LYS B 85 0.88 1.59 10.63
CA LYS B 85 -0.34 0.84 10.42
C LYS B 85 -0.02 -0.52 9.85
N GLY B 86 -1.01 -1.38 9.89
CA GLY B 86 -0.80 -2.76 9.44
C GLY B 86 -1.71 -3.20 8.30
N MET B 87 -2.98 -2.84 8.34
CA MET B 87 -3.90 -3.27 7.33
C MET B 87 -4.54 -2.12 6.54
N TYR B 88 -3.76 -1.37 5.75
CA TYR B 88 -4.37 -0.30 4.96
C TYR B 88 -3.63 -0.05 3.66
N ILE B 89 -4.40 -0.03 2.60
CA ILE B 89 -3.90 0.22 1.26
C ILE B 89 -4.88 1.14 0.57
N GLU B 90 -4.57 1.64 -0.63
CA GLU B 90 -5.54 2.56 -1.26
C GLU B 90 -5.25 2.77 -2.75
N ILE B 91 -6.01 3.73 -3.28
CA ILE B 91 -5.92 4.13 -4.65
C ILE B 91 -5.85 5.65 -4.72
N LYS B 92 -4.86 6.18 -5.43
CA LYS B 92 -4.72 7.64 -5.51
C LYS B 92 -5.27 8.22 -6.80
N GLN B 93 -5.68 9.48 -6.70
CA GLN B 93 -6.24 10.21 -7.83
C GLN B 93 -5.32 11.37 -8.23
N ILE B 94 -5.04 11.50 -9.52
CA ILE B 94 -4.23 12.60 -10.01
C ILE B 94 -3.47 13.31 -8.89
#